data_8WDU
#
_entry.id   8WDU
#
_cell.length_a   1.00
_cell.length_b   1.00
_cell.length_c   1.00
_cell.angle_alpha   90.00
_cell.angle_beta   90.00
_cell.angle_gamma   90.00
#
_symmetry.space_group_name_H-M   'P 1'
#
loop_
_entity.id
_entity.type
_entity.pdbx_description
1 polymer 'Photosynthetic reaction center cytochrome c subunit'
2 polymer 'Reaction center protein L chain'
3 polymer 'Reaction center protein M chain'
4 polymer 'Photosynthetic reaction center H subunit'
5 polymer 'Antenna complex alpha/beta subunit'
6 polymer 'Antenna complex alpha/beta subunit'
7 polymer 'Antenna complex alpha/beta subunit'
8 polymer 'Antenna complex alpha/beta subunit'
9 polymer 'Antenna complex alpha/beta subunit'
10 non-polymer 'PROTOPORPHYRIN IX CONTAINING FE'
11 non-polymer 'MAGNESIUM ION'
12 non-polymer '(2S)-3-hydroxypropane-1,2-diyl dihexadecanoate'
13 non-polymer 'PALMITIC ACID'
14 non-polymer '(1R)-2-{[{[(2S)-2,3-DIHYDROXYPROPYL]OXY}(HYDROXY)PHOSPHORYL]OXY}-1-[(PALMITOYLOXY)METHYL]ETHYL (11E)-OCTADEC-11-ENOATE'
15 non-polymer 'BACTERIOCHLOROPHYLL A'
16 non-polymer 'BACTERIOPHEOPHYTIN A'
17 non-polymer Ubiquinone-8
18 non-polymer DODECYL-BETA-D-MALTOSIDE
19 non-polymer CARDIOLIPIN
20 non-polymer 'FE (III) ION'
21 non-polymer 'MENAQUINONE 8'
22 non-polymer SPIRILLOXANTHIN
23 non-polymer 'CALCIUM ION'
24 non-polymer 'LAURYL DIMETHYLAMINE-N-OXIDE'
25 water water
#
loop_
_entity_poly.entity_id
_entity_poly.type
_entity_poly.pdbx_seq_one_letter_code
_entity_poly.pdbx_strand_id
1 'polypeptide(L)'
;MNLGKQLTLPAVAVVASVVLLGCERPPPEVVQKGYRGVAMEQNYNPRLLEASIKANLPVESLPAAAPGGPSVSDVYENVQ
VLKDLSVAEFTRTMVAVTTWVAPKEGCNYCHVPGNWASDDIYTKVVSRRMFELVRATNSNWKDHVAETGVTCYTCHRGNP
VPKYVWVTDPGPNQPSGVTPTGQNYASSTVAYSALPLDPYTPFLDQSNEIRVIGQTALPAGNTTSLKQAEWTYGLMMQIS
DSLGVNCTFCHNSRSFYDWKQSTPQRTTAWYAIRHVRDINQNYIWPLNDALPASRKGPYGDPFKVGCMTCHQGAYKPLYG
AQMAKDYPALYESAPAEAAPATEEAPAAEAEAVEAAPVEEAAPAPVEQAAAPVEDAAPAPQQL
;
C
2 'polypeptide(L)'
;MAMLSFERKYRVRGGTLIGGDLFDFWVGPFYVGFFGVAGFFFALLGVLLIVWGATIGPNAELQTYNIWQISIAPPDLSYG
LGMAPMTEGGLWQIITICAIGAFVSWALREVEICRKLGIGFHIPFAFAFAIGAYLVLVVVRPILMGAWGHGFPYGILSHL
DWVSNVGYQFLHFHYNPAHMLAITFFFTNCLALSMHGSLILSVTNPQKGEEVKTSEHENTFFRDIVGYSIGALAIHRLGL
FLALSAVFWSAVCIVISGPFWTRGWPEWWNWWLELPLW
;
L
3 'polypeptide(L)'
;MPEYQNIFTTVQVRAPAYPGVPLPKGSLPRIGKPIFSYWAGKIGDAQIGPIYLGFTGTLSIIFGFMAIFIIGFNMLASVD
WNIIQFVKHFFWLGLEPPAPQYGLTIPPLSEGGWWLMAGFFLTMSILLWWVRTYKRAEALGMSQHLSWAFAAAIFFYLSL
GFIRPVMMGSWAEAVPFGIFPHLDWTAAFSIRYGNLYYNPFHMLSIAFLYGSALLFAMHGATILAVSRFGGDREIDQITD
RGTAAERAAIFWRWTMGFNASMESIHRWAWWCAVLTVITAGIGILLTGTVVENWYLWAIKHGVAPAYPEVVTAVDPYATA
TGVTQ
;
M
4 'polypeptide(L)'
;(FME)SAAITEYMDVAQLTIWAFWFFFAGLIIYLRREDKREGYPLDSDRTERSGGRVKVVGFPDLAEPKTFVLPHNAGTV
MAPRVEAPTSINATPVAPFPGAPFEPNGDPMLSGFGPSASPDRAKHCDLTFEGLPKIVPLRVATDFSIAERDPDPRGMTV
VGLDGEVAGTVSDVWVDRSEPQIRYLEVKVAAGGKNVLLPIGFSRFDKKARKVKVAAIKAAHFANVPTLAKPDQITLYEE
DKVCAYYAGGKLYATAERAGPLL
;
H
5 'polypeptide(L)' (FME)HKIWQIFDPRRTLVALFGFLFVLGLLIHFILLSSPAFNWLSGS A,I,K,O,Q,1,5,7,9
6 'polypeptide(L)' MANSSMTGLTEQEAQEFHGIFVQSMTAFFGIVVIAHILAWLWRPWL B,J,N,P,R,2,4,6,8,0
7 'polypeptide(L)' (FME)SPDLWKIWLLVDPRRILIAVFAFLTVLGLAIHMILLSTAEFNWLEDGVPAATVQQVTPVVPQR D,F,S,U,W,Y
8 'polypeptide(L)' MADQKSMTGLTEEEAKEFHGIFTQSMTMFFGIVIIAHILAWLWRPWL E,G,T,V,X,Z
9 'polypeptide(L)' MMPQLYKIWLAFDPRMALIGLGAFLFALALFIHYMLLRSPEFDWLLGPDYAPVTLSAGMSALPAGR 3
#
loop_
_chem_comp.id
_chem_comp.type
_chem_comp.name
_chem_comp.formula
BCL non-polymer 'BACTERIOCHLOROPHYLL A' 'C55 H74 Mg N4 O6'
BPH non-polymer 'BACTERIOPHEOPHYTIN A' 'C55 H76 N4 O6'
CA non-polymer 'CALCIUM ION' 'Ca 2'
CDL non-polymer CARDIOLIPIN 'C81 H156 O17 P2 -2'
CRT non-polymer SPIRILLOXANTHIN 'C42 H60 O2'
FE non-polymer 'FE (III) ION' 'Fe 3'
HEM non-polymer 'PROTOPORPHYRIN IX CONTAINING FE' 'C34 H32 Fe N4 O4'
LDA non-polymer 'LAURYL DIMETHYLAMINE-N-OXIDE' 'C14 H31 N O'
LMT D-saccharide DODECYL-BETA-D-MALTOSIDE 'C24 H46 O11'
MG non-polymer 'MAGNESIUM ION' 'Mg 2'
MQ8 non-polymer 'MENAQUINONE 8' 'C51 H72 O2'
PGV non-polymer '(1R)-2-{[{[(2S)-2,3-DIHYDROXYPROPYL]OXY}(HYDROXY)PHOSPHORYL]OXY}-1-[(PALMITOYLOXY)METHYL]ETHYL (11E)-OCTADEC-11-ENOATE' 'C40 H77 O10 P'
PLM non-polymer 'PALMITIC ACID' 'C16 H32 O2'
UQ8 non-polymer Ubiquinone-8 'C49 H74 O4'
Z41 non-polymer '(2S)-3-hydroxypropane-1,2-diyl dihexadecanoate' 'C35 H68 O5'
#
# COMPACT_ATOMS: atom_id res chain seq x y z
N CYS A 23 -23.45 3.50 0.78
CA CYS A 23 -23.37 3.45 -0.68
C CYS A 23 -24.31 4.47 -1.29
N GLU A 24 -23.74 5.39 -2.07
CA GLU A 24 -24.50 6.44 -2.72
C GLU A 24 -24.33 6.32 -4.23
N ARG A 25 -25.27 6.91 -4.97
CA ARG A 25 -25.26 6.85 -6.42
C ARG A 25 -24.68 8.12 -7.01
N PRO A 26 -23.68 8.04 -7.88
CA PRO A 26 -23.13 9.24 -8.51
C PRO A 26 -24.03 9.75 -9.62
N PRO A 27 -23.83 10.99 -10.09
CA PRO A 27 -22.85 11.98 -9.65
C PRO A 27 -23.33 12.82 -8.47
N PRO A 28 -22.42 13.29 -7.65
CA PRO A 28 -22.79 14.29 -6.64
C PRO A 28 -22.78 15.68 -7.23
N GLU A 29 -23.45 16.60 -6.53
CA GLU A 29 -23.36 18.00 -6.86
C GLU A 29 -22.08 18.57 -6.24
N VAL A 30 -21.19 19.08 -7.08
CA VAL A 30 -19.86 19.50 -6.64
C VAL A 30 -19.76 21.01 -6.75
N VAL A 31 -19.23 21.63 -5.71
CA VAL A 31 -18.99 23.07 -5.67
C VAL A 31 -17.48 23.27 -5.56
N GLN A 32 -16.87 23.82 -6.60
CA GLN A 32 -15.45 24.11 -6.57
C GLN A 32 -15.23 25.43 -5.83
N LYS A 33 -14.30 25.42 -4.88
CA LYS A 33 -13.98 26.62 -4.11
C LYS A 33 -12.53 27.06 -4.27
N GLY A 34 -11.66 26.24 -4.84
CA GLY A 34 -10.27 26.63 -5.02
C GLY A 34 -9.82 26.59 -6.46
N TYR A 35 -8.51 26.68 -6.65
CA TYR A 35 -7.91 26.60 -7.98
C TYR A 35 -8.12 25.21 -8.57
N ARG A 36 -8.20 25.15 -9.89
CA ARG A 36 -8.38 23.87 -10.56
C ARG A 36 -7.19 22.94 -10.26
N GLY A 37 -7.50 21.69 -9.94
CA GLY A 37 -6.49 20.72 -9.58
C GLY A 37 -6.08 20.73 -8.13
N VAL A 38 -6.52 21.72 -7.35
CA VAL A 38 -6.23 21.74 -5.92
C VAL A 38 -7.23 20.89 -5.14
N ALA A 39 -8.37 20.55 -5.75
CA ALA A 39 -9.37 19.65 -5.16
C ALA A 39 -9.96 20.22 -3.88
N MET A 40 -10.23 21.52 -3.88
CA MET A 40 -10.97 22.18 -2.81
C MET A 40 -12.43 22.25 -3.26
N GLU A 41 -13.18 21.19 -2.98
CA GLU A 41 -14.52 21.03 -3.50
C GLU A 41 -15.46 20.53 -2.42
N GLN A 42 -16.72 20.91 -2.52
CA GLN A 42 -17.79 20.40 -1.69
C GLN A 42 -18.62 19.41 -2.50
N ASN A 43 -18.78 18.20 -1.99
CA ASN A 43 -19.57 17.17 -2.66
C ASN A 43 -20.88 16.99 -1.92
N TYR A 44 -21.99 17.06 -2.65
CA TYR A 44 -23.32 16.86 -2.08
C TYR A 44 -24.04 15.77 -2.86
N ASN A 45 -24.53 14.77 -2.14
CA ASN A 45 -25.45 13.82 -2.71
C ASN A 45 -26.76 14.55 -3.00
N PRO A 46 -27.24 14.57 -4.25
CA PRO A 46 -28.46 15.35 -4.54
C PRO A 46 -29.66 14.92 -3.73
N ARG A 47 -29.80 13.61 -3.48
CA ARG A 47 -30.95 13.13 -2.72
C ARG A 47 -30.78 13.40 -1.23
N LEU A 48 -29.57 13.23 -0.71
CA LEU A 48 -29.30 13.62 0.68
C LEU A 48 -29.47 15.11 0.88
N LEU A 49 -29.02 15.91 -0.10
CA LEU A 49 -29.23 17.35 -0.04
C LEU A 49 -30.71 17.68 -0.05
N GLU A 50 -31.48 16.99 -0.89
CA GLU A 50 -32.92 17.23 -0.97
C GLU A 50 -33.59 16.99 0.38
N ALA A 51 -33.26 15.88 1.04
CA ALA A 51 -33.86 15.57 2.34
C ALA A 51 -33.46 16.61 3.39
N SER A 52 -32.20 17.03 3.37
CA SER A 52 -31.74 18.02 4.34
C SER A 52 -32.46 19.35 4.14
N ILE A 53 -32.67 19.77 2.90
CA ILE A 53 -33.35 21.03 2.64
C ILE A 53 -34.79 20.96 3.13
N LYS A 54 -35.47 19.83 2.87
CA LYS A 54 -36.84 19.65 3.34
C LYS A 54 -36.90 19.63 4.86
N ALA A 55 -35.83 19.23 5.53
CA ALA A 55 -35.80 19.24 6.99
C ALA A 55 -35.34 20.57 7.57
N ASN A 56 -35.01 21.54 6.73
CA ASN A 56 -34.46 22.82 7.17
C ASN A 56 -35.17 23.97 6.45
N LEU A 57 -36.48 23.86 6.32
CA LEU A 57 -37.28 24.88 5.64
C LEU A 57 -37.65 25.99 6.62
N PRO A 58 -37.61 27.23 6.17
CA PRO A 58 -37.98 28.35 7.03
C PRO A 58 -39.48 28.44 7.25
N VAL A 59 -39.86 29.23 8.24
CA VAL A 59 -41.25 29.56 8.51
C VAL A 59 -41.58 30.85 7.77
N GLU A 60 -42.72 30.86 7.07
CA GLU A 60 -43.15 32.06 6.38
C GLU A 60 -43.38 33.19 7.36
N SER A 61 -42.94 34.39 6.97
CA SER A 61 -43.09 35.56 7.83
C SER A 61 -44.54 35.95 7.96
N LEU A 62 -44.87 36.56 9.09
CA LEU A 62 -46.20 37.10 9.31
C LEU A 62 -46.40 38.34 8.44
N PRO A 63 -47.65 38.67 8.09
CA PRO A 63 -47.90 39.94 7.40
C PRO A 63 -47.47 41.12 8.25
N ALA A 64 -46.92 42.13 7.59
CA ALA A 64 -46.38 43.28 8.31
C ALA A 64 -47.46 43.99 9.09
N ALA A 65 -47.10 44.48 10.28
CA ALA A 65 -48.06 45.12 11.17
C ALA A 65 -48.51 46.46 10.62
N ALA A 66 -49.72 46.86 11.03
CA ALA A 66 -50.28 48.12 10.57
C ALA A 66 -49.44 49.28 11.09
N PRO A 67 -49.17 50.30 10.27
CA PRO A 67 -48.33 51.41 10.72
C PRO A 67 -48.99 52.22 11.82
N GLY A 68 -48.16 52.80 12.68
CA GLY A 68 -48.65 53.63 13.76
C GLY A 68 -49.25 52.82 14.90
N GLY A 69 -50.16 53.45 15.64
CA GLY A 69 -50.83 52.81 16.75
C GLY A 69 -50.18 53.10 18.07
N PRO A 70 -50.78 52.62 19.15
CA PRO A 70 -50.21 52.85 20.49
C PRO A 70 -48.87 52.16 20.65
N SER A 71 -48.03 52.74 21.49
CA SER A 71 -46.67 52.26 21.71
C SER A 71 -46.62 51.25 22.85
N VAL A 72 -45.53 50.48 22.89
CA VAL A 72 -45.37 49.47 23.93
C VAL A 72 -45.27 50.12 25.30
N SER A 73 -44.49 51.19 25.42
CA SER A 73 -44.23 51.79 26.72
C SER A 73 -45.51 52.33 27.35
N ASP A 74 -46.40 52.92 26.54
CA ASP A 74 -47.64 53.46 27.06
C ASP A 74 -48.54 52.37 27.66
N VAL A 75 -48.60 51.22 27.01
CA VAL A 75 -49.59 50.20 27.38
C VAL A 75 -49.03 49.22 28.38
N TYR A 76 -47.87 48.65 28.10
CA TYR A 76 -47.35 47.51 28.85
C TYR A 76 -46.40 47.96 29.96
N GLU A 77 -46.48 47.26 31.08
CA GLU A 77 -45.73 47.63 32.28
C GLU A 77 -44.36 46.97 32.31
N ASN A 78 -44.32 45.65 32.24
CA ASN A 78 -43.09 44.88 32.41
C ASN A 78 -42.49 44.46 31.08
N VAL A 79 -42.18 45.45 30.25
CA VAL A 79 -41.44 45.24 29.01
C VAL A 79 -40.08 45.90 29.18
N GLN A 80 -39.03 45.08 29.20
CA GLN A 80 -37.67 45.57 29.45
C GLN A 80 -36.77 45.53 28.23
N VAL A 81 -37.12 44.78 27.20
CA VAL A 81 -36.29 44.63 26.01
C VAL A 81 -36.95 45.26 24.79
N LEU A 82 -38.19 44.88 24.50
CA LEU A 82 -38.89 45.35 23.31
C LEU A 82 -39.68 46.62 23.59
N LYS A 83 -38.98 47.64 24.12
CA LYS A 83 -39.63 48.88 24.52
C LYS A 83 -39.94 49.76 23.32
N ASP A 84 -39.09 49.76 22.30
CA ASP A 84 -39.22 50.66 21.16
C ASP A 84 -40.28 50.21 20.16
N LEU A 85 -41.09 49.20 20.49
CA LEU A 85 -42.02 48.63 19.53
C LEU A 85 -43.38 49.30 19.61
N SER A 86 -44.09 49.27 18.48
CA SER A 86 -45.52 49.55 18.53
C SER A 86 -46.27 48.33 19.03
N VAL A 87 -47.49 48.55 19.51
CA VAL A 87 -48.28 47.44 20.04
C VAL A 87 -48.58 46.43 18.94
N ALA A 88 -48.86 46.92 17.73
CA ALA A 88 -49.09 46.00 16.61
C ALA A 88 -47.85 45.17 16.32
N GLU A 89 -46.68 45.80 16.31
CA GLU A 89 -45.44 45.06 16.06
C GLU A 89 -45.12 44.14 17.22
N PHE A 90 -45.39 44.58 18.46
CA PHE A 90 -45.16 43.73 19.62
C PHE A 90 -46.04 42.49 19.59
N THR A 91 -47.32 42.65 19.26
CA THR A 91 -48.21 41.51 19.15
C THR A 91 -47.76 40.57 18.04
N ARG A 92 -47.29 41.14 16.92
CA ARG A 92 -46.77 40.34 15.83
C ARG A 92 -45.58 39.51 16.29
N THR A 93 -44.71 40.09 17.12
CA THR A 93 -43.55 39.37 17.62
C THR A 93 -43.96 38.20 18.51
N MET A 94 -44.92 38.43 19.42
CA MET A 94 -45.38 37.36 20.31
C MET A 94 -46.01 36.23 19.53
N VAL A 95 -46.78 36.55 18.49
CA VAL A 95 -47.33 35.50 17.63
C VAL A 95 -46.21 34.76 16.93
N ALA A 96 -45.16 35.49 16.49
CA ALA A 96 -44.05 34.85 15.80
C ALA A 96 -43.27 33.93 16.71
N VAL A 97 -42.90 34.40 17.90
CA VAL A 97 -42.08 33.57 18.79
C VAL A 97 -42.88 32.39 19.29
N THR A 98 -44.20 32.50 19.39
CA THR A 98 -45.01 31.36 19.76
C THR A 98 -44.89 30.25 18.72
N THR A 99 -44.97 30.59 17.43
CA THR A 99 -44.77 29.59 16.39
C THR A 99 -43.34 29.07 16.40
N TRP A 100 -42.37 29.94 16.71
CA TRP A 100 -40.97 29.59 16.62
C TRP A 100 -40.50 28.71 17.77
N VAL A 101 -41.06 28.88 18.96
CA VAL A 101 -40.55 28.26 20.18
C VAL A 101 -41.54 27.24 20.74
N ALA A 102 -42.78 27.65 20.98
CA ALA A 102 -43.76 26.79 21.63
C ALA A 102 -45.09 26.81 20.86
N PRO A 103 -45.10 26.28 19.63
CA PRO A 103 -46.37 26.20 18.91
C PRO A 103 -47.36 25.24 19.54
N LYS A 104 -46.89 24.17 20.16
CA LYS A 104 -47.76 23.19 20.79
C LYS A 104 -48.17 23.57 22.19
N GLU A 105 -47.64 24.66 22.73
CA GLU A 105 -47.95 25.09 24.09
C GLU A 105 -48.59 26.46 24.16
N GLY A 106 -48.48 27.28 23.12
CA GLY A 106 -49.13 28.57 23.10
C GLY A 106 -48.41 29.61 23.93
N CYS A 107 -49.09 30.75 24.09
CA CYS A 107 -48.54 31.85 24.88
C CYS A 107 -48.31 31.47 26.33
N ASN A 108 -49.10 30.53 26.87
CA ASN A 108 -48.97 30.16 28.27
C ASN A 108 -47.68 29.42 28.58
N TYR A 109 -46.91 29.00 27.56
CA TYR A 109 -45.62 28.38 27.83
C TYR A 109 -44.68 29.35 28.53
N CYS A 110 -44.70 30.62 28.13
CA CYS A 110 -43.82 31.63 28.68
C CYS A 110 -44.55 32.67 29.54
N HIS A 111 -45.83 32.45 29.84
CA HIS A 111 -46.62 33.43 30.56
C HIS A 111 -47.41 32.75 31.67
N VAL A 112 -47.51 33.42 32.80
CA VAL A 112 -48.46 33.01 33.83
C VAL A 112 -49.87 33.22 33.30
N PRO A 113 -50.77 32.24 33.40
CA PRO A 113 -52.12 32.42 32.84
C PRO A 113 -52.85 33.57 33.51
N GLY A 114 -53.44 34.43 32.69
CA GLY A 114 -54.16 35.60 33.15
C GLY A 114 -53.32 36.86 33.33
N ASN A 115 -52.03 36.68 33.64
CA ASN A 115 -51.14 37.80 33.95
C ASN A 115 -50.03 37.84 32.90
N TRP A 116 -50.06 38.84 32.02
CA TRP A 116 -49.07 38.96 30.96
C TRP A 116 -47.74 39.49 31.48
N ALA A 117 -47.78 40.41 32.44
CA ALA A 117 -46.58 41.10 32.90
C ALA A 117 -45.83 40.34 33.98
N SER A 118 -46.37 39.24 34.48
CA SER A 118 -45.70 38.51 35.55
C SER A 118 -44.47 37.78 35.02
N ASP A 119 -43.38 37.85 35.78
CA ASP A 119 -42.16 37.10 35.48
C ASP A 119 -42.03 35.86 36.35
N ASP A 120 -43.15 35.34 36.84
CA ASP A 120 -43.15 34.25 37.82
C ASP A 120 -43.03 32.88 37.16
N ILE A 121 -42.49 32.82 35.95
CA ILE A 121 -42.20 31.55 35.29
C ILE A 121 -40.84 31.67 34.63
N TYR A 122 -40.03 30.61 34.73
CA TYR A 122 -38.65 30.70 34.26
C TYR A 122 -38.57 30.90 32.75
N THR A 123 -39.55 30.36 32.00
CA THR A 123 -39.50 30.47 30.55
C THR A 123 -39.59 31.91 30.09
N LYS A 124 -40.25 32.78 30.86
CA LYS A 124 -40.29 34.19 30.51
C LYS A 124 -38.96 34.87 30.80
N VAL A 125 -38.33 34.54 31.93
CA VAL A 125 -37.02 35.09 32.25
C VAL A 125 -36.00 34.66 31.20
N VAL A 126 -36.04 33.38 30.82
CA VAL A 126 -35.12 32.89 29.79
C VAL A 126 -35.41 33.56 28.45
N SER A 127 -36.68 33.62 28.04
CA SER A 127 -37.01 34.14 26.72
C SER A 127 -36.71 35.63 26.61
N ARG A 128 -36.81 36.36 27.71
CA ARG A 128 -36.39 37.77 27.69
C ARG A 128 -34.89 37.86 27.41
N ARG A 129 -34.11 37.02 28.07
CA ARG A 129 -32.68 36.95 27.78
C ARG A 129 -32.43 36.43 26.37
N MET A 130 -33.29 35.54 25.88
CA MET A 130 -33.14 35.04 24.52
C MET A 130 -33.42 36.12 23.49
N PHE A 131 -34.32 37.05 23.80
CA PHE A 131 -34.52 38.21 22.93
C PHE A 131 -33.24 39.04 22.82
N GLU A 132 -32.57 39.26 23.95
CA GLU A 132 -31.29 39.98 23.94
C GLU A 132 -30.24 39.22 23.15
N LEU A 133 -30.22 37.89 23.30
CA LEU A 133 -29.29 37.07 22.53
C LEU A 133 -29.50 37.26 21.04
N VAL A 134 -30.77 37.26 20.60
CA VAL A 134 -31.06 37.40 19.17
C VAL A 134 -30.74 38.81 18.69
N ARG A 135 -31.13 39.82 19.47
CA ARG A 135 -30.88 41.20 19.06
C ARG A 135 -29.39 41.51 19.00
N ALA A 136 -28.62 41.00 19.96
CA ALA A 136 -27.18 41.19 19.92
C ALA A 136 -26.56 40.48 18.72
N THR A 137 -27.05 39.28 18.41
CA THR A 137 -26.52 38.53 17.27
C THR A 137 -26.79 39.26 15.96
N ASN A 138 -28.04 39.68 15.76
CA ASN A 138 -28.42 40.34 14.51
C ASN A 138 -27.78 41.71 14.35
N SER A 139 -27.35 42.34 15.44
CA SER A 139 -26.84 43.69 15.37
C SER A 139 -25.32 43.78 15.48
N ASN A 140 -24.68 42.89 16.24
CA ASN A 140 -23.26 42.99 16.52
C ASN A 140 -22.43 41.82 16.01
N TRP A 141 -23.04 40.80 15.43
CA TRP A 141 -22.30 39.64 14.95
C TRP A 141 -22.52 39.42 13.46
N LYS A 142 -22.66 40.53 12.72
CA LYS A 142 -22.82 40.45 11.27
C LYS A 142 -21.58 39.95 10.57
N ASP A 143 -20.42 39.98 11.23
CA ASP A 143 -19.24 39.33 10.67
C ASP A 143 -19.48 37.84 10.45
N HIS A 144 -20.45 37.28 11.15
CA HIS A 144 -20.86 35.89 11.03
C HIS A 144 -22.23 35.73 10.39
N VAL A 145 -23.24 36.44 10.87
CA VAL A 145 -24.61 36.20 10.42
C VAL A 145 -25.03 37.08 9.23
N ALA A 146 -24.30 38.15 8.95
CA ALA A 146 -24.25 38.81 7.64
C ALA A 146 -25.63 39.04 7.01
N GLU A 147 -26.42 39.91 7.63
CA GLU A 147 -27.67 40.42 7.05
C GLU A 147 -28.75 39.34 6.97
N THR A 148 -28.37 38.09 7.17
CA THR A 148 -29.34 37.00 7.27
C THR A 148 -29.90 36.91 8.67
N GLY A 149 -29.03 37.09 9.66
CA GLY A 149 -29.46 37.15 11.03
C GLY A 149 -30.01 35.82 11.53
N VAL A 150 -30.48 35.84 12.76
CA VAL A 150 -31.06 34.67 13.37
C VAL A 150 -32.44 35.02 13.90
N THR A 151 -33.21 33.98 14.17
CA THR A 151 -34.56 34.08 14.69
C THR A 151 -34.68 32.96 15.71
N CYS A 152 -35.62 33.10 16.65
CA CYS A 152 -35.81 32.01 17.61
C CYS A 152 -36.06 30.68 16.92
N TYR A 153 -36.64 30.72 15.72
CA TYR A 153 -36.82 29.51 14.93
C TYR A 153 -35.49 28.87 14.53
N THR A 154 -34.44 29.68 14.33
CA THR A 154 -33.17 29.16 13.83
C THR A 154 -32.62 28.07 14.73
N CYS A 155 -32.76 28.23 16.04
CA CYS A 155 -32.36 27.18 16.97
C CYS A 155 -33.51 26.28 17.39
N HIS A 156 -34.63 26.88 17.77
CA HIS A 156 -35.72 26.12 18.37
C HIS A 156 -36.49 25.30 17.33
N ARG A 157 -36.73 25.87 16.15
CA ARG A 157 -37.45 25.19 15.07
C ARG A 157 -38.81 24.66 15.52
N GLY A 158 -39.50 25.45 16.34
CA GLY A 158 -40.78 25.03 16.87
C GLY A 158 -40.70 24.09 18.05
N ASN A 159 -39.54 23.96 18.68
CA ASN A 159 -39.37 23.16 19.88
C ASN A 159 -38.93 24.05 21.03
N PRO A 160 -39.53 23.93 22.21
CA PRO A 160 -39.04 24.72 23.36
C PRO A 160 -37.59 24.44 23.71
N VAL A 161 -37.13 23.22 23.50
CA VAL A 161 -35.74 22.83 23.68
C VAL A 161 -35.12 22.65 22.30
N PRO A 162 -34.11 23.42 21.92
CA PRO A 162 -33.46 23.20 20.63
C PRO A 162 -32.91 21.78 20.53
N LYS A 163 -33.08 21.19 19.35
CA LYS A 163 -32.76 19.77 19.17
C LYS A 163 -31.27 19.51 19.32
N TYR A 164 -30.44 20.42 18.81
CA TYR A 164 -29.00 20.20 18.74
C TYR A 164 -28.32 21.13 19.73
N VAL A 165 -28.22 20.68 20.98
CA VAL A 165 -27.50 21.39 22.02
C VAL A 165 -26.45 20.45 22.59
N TRP A 166 -25.57 20.99 23.42
CA TRP A 166 -24.51 20.18 23.98
C TRP A 166 -24.30 20.52 25.44
N VAL A 167 -23.82 19.53 26.18
CA VAL A 167 -23.36 19.70 27.55
C VAL A 167 -21.98 19.08 27.65
N THR A 168 -21.26 19.44 28.70
CA THR A 168 -19.93 18.88 28.92
C THR A 168 -20.02 17.36 29.04
N ASP A 169 -19.31 16.67 28.15
CA ASP A 169 -19.45 15.23 28.02
C ASP A 169 -18.41 14.51 28.89
N PRO A 170 -18.83 13.70 29.86
CA PRO A 170 -17.87 12.88 30.60
C PRO A 170 -17.31 11.73 29.79
N GLY A 171 -17.75 11.54 28.55
CA GLY A 171 -17.40 10.38 27.77
C GLY A 171 -18.11 9.15 28.30
N PRO A 172 -17.71 7.97 27.83
CA PRO A 172 -18.30 6.74 28.36
C PRO A 172 -17.91 6.53 29.81
N ASN A 173 -18.75 5.82 30.53
CA ASN A 173 -18.47 5.49 31.92
C ASN A 173 -17.14 4.76 32.04
N GLN A 174 -16.40 5.08 33.08
CA GLN A 174 -15.10 4.48 33.34
C GLN A 174 -15.10 3.87 34.72
N PRO A 175 -14.24 2.89 34.97
CA PRO A 175 -14.02 2.42 36.34
C PRO A 175 -13.54 3.57 37.21
N SER A 176 -13.97 3.53 38.48
CA SER A 176 -13.77 4.68 39.36
C SER A 176 -12.31 5.06 39.51
N GLY A 177 -11.40 4.09 39.40
CA GLY A 177 -9.98 4.36 39.48
C GLY A 177 -9.27 4.63 38.17
N VAL A 178 -10.01 4.85 37.09
CA VAL A 178 -9.43 5.08 35.77
C VAL A 178 -9.75 6.52 35.36
N THR A 179 -8.70 7.27 35.03
CA THR A 179 -8.89 8.62 34.51
C THR A 179 -9.33 8.56 33.05
N PRO A 180 -10.42 9.23 32.69
CA PRO A 180 -10.88 9.19 31.29
C PRO A 180 -9.87 9.81 30.35
N THR A 181 -9.79 9.25 29.14
CA THR A 181 -9.01 9.87 28.09
C THR A 181 -9.80 10.91 27.31
N GLY A 182 -11.14 10.83 27.34
CA GLY A 182 -11.96 11.70 26.55
C GLY A 182 -12.00 11.39 25.08
N GLN A 183 -11.48 10.24 24.68
CA GLN A 183 -11.36 9.90 23.27
C GLN A 183 -11.34 8.38 23.14
N ASN A 184 -10.93 7.91 21.96
CA ASN A 184 -10.83 6.47 21.66
C ASN A 184 -12.17 5.80 21.91
N TYR A 185 -13.22 6.40 21.38
CA TYR A 185 -14.59 5.96 21.58
C TYR A 185 -15.42 6.53 20.43
N ALA A 186 -16.11 5.66 19.70
CA ALA A 186 -16.87 6.10 18.55
C ALA A 186 -17.96 7.08 18.98
N SER A 187 -17.86 8.32 18.53
CA SER A 187 -18.80 9.36 18.91
C SER A 187 -19.23 10.15 17.68
N SER A 188 -20.54 10.36 17.55
CA SER A 188 -21.06 11.21 16.48
C SER A 188 -20.61 12.66 16.63
N THR A 189 -20.21 13.08 17.84
CA THR A 189 -19.76 14.45 18.04
C THR A 189 -18.51 14.76 17.22
N VAL A 190 -17.69 13.76 16.95
CA VAL A 190 -16.50 13.93 16.12
C VAL A 190 -16.68 13.13 14.84
N ALA A 191 -17.93 13.02 14.39
CA ALA A 191 -18.30 12.35 13.14
C ALA A 191 -17.83 10.90 13.11
N TYR A 192 -18.00 10.20 14.24
CA TYR A 192 -17.80 8.77 14.37
C TYR A 192 -16.34 8.35 14.26
N SER A 193 -15.42 9.26 14.55
CA SER A 193 -14.00 8.92 14.66
C SER A 193 -13.67 8.66 16.13
N ALA A 194 -12.39 8.36 16.40
CA ALA A 194 -11.92 8.11 17.74
C ALA A 194 -11.24 9.33 18.36
N LEU A 195 -11.45 10.50 17.77
CA LEU A 195 -10.86 11.73 18.26
C LEU A 195 -11.52 12.17 19.56
N PRO A 196 -10.87 13.08 20.33
CA PRO A 196 -11.50 13.61 21.55
C PRO A 196 -12.94 14.05 21.33
N LEU A 197 -13.88 13.37 22.00
CA LEU A 197 -15.29 13.46 21.67
C LEU A 197 -15.99 14.68 22.28
N ASP A 198 -15.30 15.49 23.08
CA ASP A 198 -15.89 16.69 23.67
C ASP A 198 -15.04 17.89 23.32
N PRO A 199 -15.12 18.37 22.08
CA PRO A 199 -14.45 19.62 21.72
C PRO A 199 -15.27 20.87 22.04
N TYR A 200 -16.55 20.73 22.36
CA TYR A 200 -17.37 21.89 22.67
C TYR A 200 -16.83 22.63 23.90
N THR A 201 -16.58 21.89 24.97
CA THR A 201 -16.19 22.52 26.24
C THR A 201 -14.91 23.32 26.13
N PRO A 202 -13.80 22.81 25.57
CA PRO A 202 -12.59 23.64 25.52
C PRO A 202 -12.66 24.79 24.53
N PHE A 203 -13.41 24.66 23.43
CA PHE A 203 -13.30 25.60 22.33
C PHE A 203 -14.55 26.45 22.09
N LEU A 204 -15.74 25.93 22.37
CA LEU A 204 -16.98 26.67 22.13
C LEU A 204 -17.59 27.25 23.39
N ASP A 205 -17.09 26.88 24.55
CA ASP A 205 -17.50 27.48 25.82
C ASP A 205 -16.34 28.21 26.47
N GLN A 206 -15.24 27.50 26.74
CA GLN A 206 -13.98 28.13 27.08
C GLN A 206 -13.32 28.64 25.80
N SER A 207 -12.18 29.31 25.95
CA SER A 207 -11.52 29.90 24.79
C SER A 207 -10.13 29.32 24.61
N ASN A 208 -10.01 28.00 24.68
CA ASN A 208 -8.72 27.36 24.47
C ASN A 208 -8.22 27.60 23.05
N GLU A 209 -6.91 27.70 22.92
CA GLU A 209 -6.30 27.97 21.63
C GLU A 209 -6.57 26.81 20.67
N ILE A 210 -7.08 27.14 19.48
CA ILE A 210 -7.36 26.12 18.49
C ILE A 210 -6.12 25.84 17.63
N ARG A 211 -5.32 26.87 17.37
CA ARG A 211 -4.14 26.70 16.53
C ARG A 211 -3.11 25.82 17.21
N VAL A 212 -2.52 24.92 16.43
CA VAL A 212 -1.54 23.97 16.96
C VAL A 212 -0.30 23.96 16.07
N ILE A 213 -0.43 24.50 14.86
CA ILE A 213 0.58 24.37 13.83
C ILE A 213 1.60 25.50 13.99
N GLY A 214 2.89 25.15 13.99
CA GLY A 214 3.93 26.16 13.98
C GLY A 214 3.95 26.91 12.66
N GLN A 215 4.28 28.21 12.75
CA GLN A 215 4.27 29.08 11.58
C GLN A 215 5.69 29.44 11.15
N THR A 216 6.65 28.56 11.44
CA THR A 216 8.01 28.68 10.96
C THR A 216 8.45 27.33 10.40
N ALA A 217 9.39 27.37 9.45
CA ALA A 217 9.92 26.12 8.90
C ALA A 217 10.70 25.35 9.96
N LEU A 218 11.56 26.02 10.67
CA LEU A 218 12.38 25.43 11.70
C LEU A 218 11.76 25.68 13.07
N PRO A 219 12.00 24.81 14.06
CA PRO A 219 11.38 25.01 15.37
C PRO A 219 11.76 26.34 15.98
N ALA A 220 10.75 27.00 16.56
CA ALA A 220 10.94 28.33 17.14
C ALA A 220 10.17 28.50 18.44
N GLY A 221 9.90 27.41 19.17
CA GLY A 221 9.27 27.50 20.48
C GLY A 221 7.84 27.00 20.56
N ASN A 222 7.24 26.58 19.45
CA ASN A 222 5.91 26.00 19.49
C ASN A 222 5.99 24.65 20.17
N THR A 223 5.64 24.61 21.45
CA THR A 223 5.66 23.38 22.23
C THR A 223 4.31 22.67 22.23
N THR A 224 3.43 23.00 21.29
CA THR A 224 2.12 22.35 21.23
C THR A 224 2.30 20.86 21.00
N SER A 225 1.62 20.06 21.82
CA SER A 225 1.71 18.62 21.71
C SER A 225 0.92 18.10 20.52
N LEU A 226 1.28 16.90 20.08
CA LEU A 226 0.50 16.21 19.07
C LEU A 226 -0.93 15.94 19.55
N LYS A 227 -1.09 15.72 20.85
CA LYS A 227 -2.42 15.47 21.40
C LYS A 227 -3.34 16.66 21.21
N GLN A 228 -2.81 17.88 21.34
CA GLN A 228 -3.62 19.06 21.13
C GLN A 228 -4.10 19.17 19.68
N ALA A 229 -3.31 18.65 18.73
CA ALA A 229 -3.77 18.60 17.35
C ALA A 229 -4.99 17.70 17.20
N GLU A 230 -5.05 16.61 17.96
CA GLU A 230 -6.22 15.75 17.93
C GLU A 230 -7.44 16.46 18.47
N TRP A 231 -7.26 17.32 19.48
CA TRP A 231 -8.38 18.09 20.01
C TRP A 231 -8.90 19.09 18.99
N THR A 232 -7.99 19.79 18.30
CA THR A 232 -8.43 20.67 17.23
C THR A 232 -9.09 19.90 16.11
N TYR A 233 -8.52 18.75 15.73
CA TYR A 233 -9.13 17.89 14.73
C TYR A 233 -10.55 17.50 15.13
N GLY A 234 -10.75 17.19 16.41
CA GLY A 234 -12.09 16.88 16.88
C GLY A 234 -13.05 18.04 16.73
N LEU A 235 -12.61 19.25 17.06
CA LEU A 235 -13.46 20.43 16.90
C LEU A 235 -13.81 20.66 15.45
N MET A 236 -12.82 20.56 14.56
CA MET A 236 -13.09 20.71 13.13
C MET A 236 -13.95 19.59 12.57
N MET A 237 -13.86 18.39 13.13
CA MET A 237 -14.80 17.35 12.73
C MET A 237 -16.22 17.74 13.10
N GLN A 238 -16.40 18.33 14.28
CA GLN A 238 -17.72 18.80 14.70
C GLN A 238 -18.18 19.98 13.86
N ILE A 239 -17.26 20.90 13.55
CA ILE A 239 -17.61 22.06 12.72
C ILE A 239 -18.06 21.61 11.34
N SER A 240 -17.29 20.70 10.72
CA SER A 240 -17.62 20.25 9.38
C SER A 240 -18.94 19.47 9.36
N ASP A 241 -19.16 18.63 10.37
CA ASP A 241 -20.45 17.93 10.47
C ASP A 241 -21.59 18.90 10.70
N SER A 242 -21.36 19.95 11.50
CA SER A 242 -22.41 20.91 11.82
C SER A 242 -22.84 21.69 10.59
N LEU A 243 -21.90 22.00 9.71
CA LEU A 243 -22.21 22.75 8.50
C LEU A 243 -22.45 21.85 7.29
N GLY A 244 -22.29 20.54 7.44
CA GLY A 244 -22.44 19.64 6.31
C GLY A 244 -21.43 19.86 5.21
N VAL A 245 -20.22 20.30 5.55
CA VAL A 245 -19.17 20.59 4.58
C VAL A 245 -17.95 19.77 4.96
N ASN A 246 -16.96 19.76 4.07
CA ASN A 246 -15.68 19.12 4.37
C ASN A 246 -14.65 20.19 4.70
N CYS A 247 -13.44 19.74 5.04
CA CYS A 247 -12.41 20.66 5.50
C CYS A 247 -12.00 21.68 4.43
N THR A 248 -12.11 21.32 3.15
CA THR A 248 -11.72 22.24 2.09
C THR A 248 -12.73 23.36 1.89
N PHE A 249 -13.87 23.31 2.57
CA PHE A 249 -14.80 24.44 2.59
C PHE A 249 -14.14 25.70 3.15
N CYS A 250 -13.17 25.53 4.05
CA CYS A 250 -12.49 26.65 4.68
C CYS A 250 -10.99 26.59 4.58
N HIS A 251 -10.40 25.44 4.24
CA HIS A 251 -8.96 25.25 4.24
C HIS A 251 -8.47 24.76 2.88
N ASN A 252 -7.25 25.14 2.57
CA ASN A 252 -6.40 24.32 1.70
C ASN A 252 -5.63 23.39 2.62
N SER A 253 -5.95 22.09 2.57
CA SER A 253 -5.40 21.15 3.53
C SER A 253 -3.89 21.01 3.43
N ARG A 254 -3.28 21.46 2.34
CA ARG A 254 -1.83 21.46 2.26
C ARG A 254 -1.21 22.42 3.28
N SER A 255 -1.95 23.46 3.68
CA SER A 255 -1.51 24.37 4.74
C SER A 255 -2.75 24.80 5.54
N PHE A 256 -3.07 24.04 6.58
CA PHE A 256 -4.25 24.34 7.38
C PHE A 256 -4.11 25.68 8.09
N TYR A 257 -2.90 26.02 8.52
CA TYR A 257 -2.67 27.26 9.25
C TYR A 257 -2.89 28.49 8.37
N ASP A 258 -2.57 28.39 7.07
CA ASP A 258 -2.36 29.56 6.23
C ASP A 258 -3.69 30.21 5.86
N TRP A 259 -3.89 31.45 6.31
CA TRP A 259 -5.12 32.18 5.98
C TRP A 259 -5.14 32.61 4.52
N LYS A 260 -3.97 32.85 3.93
CA LYS A 260 -3.91 33.29 2.54
C LYS A 260 -4.46 32.23 1.58
N GLN A 261 -4.25 30.97 1.90
CA GLN A 261 -4.76 29.88 1.06
C GLN A 261 -6.11 29.36 1.50
N SER A 262 -6.70 29.96 2.53
CA SER A 262 -8.00 29.56 3.02
C SER A 262 -9.11 30.23 2.21
N THR A 263 -10.34 29.95 2.57
CA THR A 263 -11.52 30.51 1.92
C THR A 263 -12.12 31.60 2.80
N PRO A 264 -12.97 32.47 2.23
CA PRO A 264 -13.64 33.47 3.07
C PRO A 264 -14.49 32.87 4.16
N GLN A 265 -14.98 31.63 3.98
CA GLN A 265 -15.79 31.00 4.99
C GLN A 265 -14.99 30.67 6.24
N ARG A 266 -13.67 30.50 6.11
CA ARG A 266 -12.84 30.34 7.30
C ARG A 266 -12.87 31.57 8.17
N THR A 267 -12.85 32.76 7.56
CA THR A 267 -12.98 33.98 8.34
C THR A 267 -14.32 34.05 9.04
N THR A 268 -15.40 33.69 8.35
CA THR A 268 -16.71 33.68 8.98
C THR A 268 -16.76 32.67 10.13
N ALA A 269 -16.15 31.50 9.93
CA ALA A 269 -16.12 30.49 10.99
C ALA A 269 -15.31 30.97 12.20
N TRP A 270 -14.27 31.76 11.97
CA TRP A 270 -13.49 32.29 13.08
C TRP A 270 -14.34 33.21 13.96
N TYR A 271 -15.11 34.09 13.34
CA TYR A 271 -16.01 34.95 14.11
C TYR A 271 -17.13 34.13 14.75
N ALA A 272 -17.62 33.10 14.05
CA ALA A 272 -18.68 32.26 14.59
C ALA A 272 -18.25 31.59 15.88
N ILE A 273 -16.99 31.15 15.95
CA ILE A 273 -16.49 30.53 17.18
C ILE A 273 -16.57 31.51 18.34
N ARG A 274 -16.08 32.74 18.12
CA ARG A 274 -16.17 33.76 19.15
C ARG A 274 -17.62 34.13 19.44
N HIS A 275 -18.46 34.15 18.41
CA HIS A 275 -19.88 34.41 18.60
C HIS A 275 -20.52 33.33 19.45
N VAL A 276 -20.17 32.06 19.21
CA VAL A 276 -20.71 30.96 20.01
C VAL A 276 -20.22 31.07 21.45
N ARG A 277 -18.95 31.41 21.64
CA ARG A 277 -18.42 31.59 23.00
C ARG A 277 -19.17 32.68 23.74
N ASP A 278 -19.46 33.79 23.06
CA ASP A 278 -20.21 34.87 23.68
C ASP A 278 -21.63 34.40 24.03
N ILE A 279 -22.26 33.64 23.14
CA ILE A 279 -23.62 33.15 23.40
C ILE A 279 -23.63 32.27 24.64
N ASN A 280 -22.66 31.35 24.74
CA ASN A 280 -22.67 30.40 25.83
C ASN A 280 -22.22 31.03 27.14
N GLN A 281 -21.18 31.87 27.11
CA GLN A 281 -20.67 32.45 28.33
C GLN A 281 -21.56 33.56 28.87
N ASN A 282 -22.12 34.39 27.99
CA ASN A 282 -22.80 35.59 28.43
C ASN A 282 -24.32 35.51 28.40
N TYR A 283 -24.89 34.48 27.76
CA TYR A 283 -26.34 34.38 27.70
C TYR A 283 -26.86 33.07 28.27
N ILE A 284 -26.21 31.94 27.99
CA ILE A 284 -26.71 30.65 28.44
C ILE A 284 -26.25 30.34 29.86
N TRP A 285 -24.97 30.54 30.13
CA TRP A 285 -24.43 30.25 31.46
C TRP A 285 -25.08 31.08 32.57
N PRO A 286 -25.28 32.39 32.42
CA PRO A 286 -25.95 33.14 33.50
C PRO A 286 -27.40 32.75 33.70
N LEU A 287 -28.01 32.03 32.76
CA LEU A 287 -29.39 31.57 32.87
C LEU A 287 -29.49 30.22 33.59
N ASN A 288 -28.38 29.68 34.10
CA ASN A 288 -28.38 28.32 34.61
C ASN A 288 -29.29 28.17 35.84
N ASP A 289 -29.32 29.19 36.69
CA ASP A 289 -30.13 29.10 37.91
C ASP A 289 -31.62 29.11 37.60
N ALA A 290 -32.04 29.88 36.59
CA ALA A 290 -33.43 29.87 36.20
C ALA A 290 -33.85 28.55 35.58
N LEU A 291 -32.93 27.90 34.87
CA LEU A 291 -33.25 26.68 34.14
C LEU A 291 -33.47 25.52 35.12
N PRO A 292 -34.40 24.61 34.79
CA PRO A 292 -34.60 23.43 35.64
C PRO A 292 -33.50 22.39 35.46
N ALA A 293 -33.55 21.32 36.25
CA ALA A 293 -32.51 20.30 36.17
C ALA A 293 -32.53 19.56 34.84
N SER A 294 -33.70 19.45 34.20
CA SER A 294 -33.80 18.72 32.94
C SER A 294 -33.03 19.40 31.82
N ARG A 295 -32.75 20.70 31.94
CA ARG A 295 -31.99 21.43 30.94
C ARG A 295 -30.51 21.52 31.27
N LYS A 296 -30.01 20.57 32.06
CA LYS A 296 -28.63 20.57 32.51
C LYS A 296 -28.01 19.21 32.26
N GLY A 297 -26.69 19.20 32.04
CA GLY A 297 -25.97 17.97 31.81
C GLY A 297 -25.52 17.31 33.10
N PRO A 298 -24.82 16.19 32.99
CA PRO A 298 -24.30 15.52 34.21
C PRO A 298 -23.40 16.41 35.05
N TYR A 299 -22.55 17.23 34.42
CA TYR A 299 -21.69 18.14 35.15
C TYR A 299 -22.44 19.32 35.76
N GLY A 300 -23.71 19.49 35.44
CA GLY A 300 -24.48 20.62 35.92
C GLY A 300 -24.47 21.83 35.01
N ASP A 301 -23.79 21.77 33.87
CA ASP A 301 -23.81 22.89 32.95
C ASP A 301 -25.09 22.88 32.12
N PRO A 302 -25.58 24.05 31.71
CA PRO A 302 -26.81 24.10 30.92
C PRO A 302 -26.61 23.57 29.51
N PHE A 303 -27.74 23.23 28.88
CA PHE A 303 -27.75 22.96 27.44
C PHE A 303 -27.17 24.16 26.71
N LYS A 304 -26.06 23.94 26.01
CA LYS A 304 -25.31 25.04 25.41
C LYS A 304 -25.41 25.04 23.89
N VAL A 305 -25.14 26.19 23.33
CA VAL A 305 -25.18 26.40 21.88
C VAL A 305 -23.84 26.04 21.28
N GLY A 306 -23.88 25.25 20.21
CA GLY A 306 -22.69 25.05 19.41
C GLY A 306 -23.01 25.30 17.96
N CYS A 307 -22.06 25.03 17.08
CA CYS A 307 -22.44 24.82 15.70
C CYS A 307 -23.36 23.60 15.65
N MET A 308 -24.21 23.57 14.63
CA MET A 308 -25.29 22.61 14.43
C MET A 308 -26.52 22.95 15.27
N THR A 309 -26.43 23.85 16.24
CA THR A 309 -27.64 24.35 16.88
C THR A 309 -28.42 25.25 15.94
N CYS A 310 -27.72 26.10 15.19
CA CYS A 310 -28.31 26.87 14.11
C CYS A 310 -28.19 26.18 12.76
N HIS A 311 -27.01 25.67 12.44
CA HIS A 311 -26.75 25.15 11.11
C HIS A 311 -27.47 23.84 10.86
N GLN A 312 -27.43 22.93 11.82
CA GLN A 312 -28.15 21.66 11.76
C GLN A 312 -27.77 20.88 10.49
N GLY A 313 -26.49 20.84 10.20
CA GLY A 313 -25.98 20.11 9.06
C GLY A 313 -25.96 20.85 7.74
N ALA A 314 -26.23 22.14 7.73
CA ALA A 314 -26.27 22.94 6.52
C ALA A 314 -25.24 24.06 6.59
N TYR A 315 -24.69 24.42 5.43
CA TYR A 315 -23.64 25.43 5.38
C TYR A 315 -24.12 26.78 5.88
N LYS A 316 -25.41 27.07 5.71
CA LYS A 316 -26.07 28.19 6.34
C LYS A 316 -27.34 27.68 7.00
N PRO A 317 -27.69 28.20 8.17
CA PRO A 317 -28.94 27.78 8.81
C PRO A 317 -30.13 28.02 7.89
N LEU A 318 -30.98 27.01 7.76
CA LEU A 318 -32.13 27.04 6.85
C LEU A 318 -31.69 27.34 5.42
N TYR A 319 -30.46 26.97 5.09
CA TYR A 319 -29.87 27.19 3.77
C TYR A 319 -29.93 28.66 3.37
N GLY A 320 -29.64 29.53 4.34
CA GLY A 320 -29.59 30.95 4.07
C GLY A 320 -30.92 31.65 3.99
N ALA A 321 -32.00 31.02 4.46
CA ALA A 321 -33.30 31.67 4.48
C ALA A 321 -33.25 32.93 5.34
N GLN A 322 -33.86 34.00 4.83
CA GLN A 322 -33.80 35.30 5.48
C GLN A 322 -35.13 35.58 6.17
N MET A 323 -35.20 35.25 7.46
CA MET A 323 -36.41 35.48 8.25
C MET A 323 -36.30 36.66 9.19
N ALA A 324 -35.11 36.94 9.73
CA ALA A 324 -34.98 37.97 10.77
C ALA A 324 -35.30 39.36 10.23
N LYS A 325 -35.06 39.61 8.94
CA LYS A 325 -35.26 40.94 8.38
C LYS A 325 -36.71 41.40 8.45
N ASP A 326 -37.67 40.48 8.57
CA ASP A 326 -39.07 40.85 8.63
C ASP A 326 -39.57 41.15 10.03
N TYR A 327 -38.71 41.08 11.04
CA TYR A 327 -39.12 41.28 12.43
C TYR A 327 -38.22 42.33 13.09
N PRO A 328 -38.68 43.58 13.19
CA PRO A 328 -37.86 44.62 13.82
C PRO A 328 -37.53 44.37 15.28
N ALA A 329 -38.30 43.54 15.98
CA ALA A 329 -38.02 43.24 17.37
C ALA A 329 -36.74 42.45 17.58
N LEU A 330 -36.14 41.92 16.50
CA LEU A 330 -34.98 41.06 16.61
C LEU A 330 -33.67 41.81 16.38
N TYR A 331 -33.71 43.14 16.40
CA TYR A 331 -32.52 43.96 16.22
C TYR A 331 -32.41 44.93 17.39
N GLU A 332 -31.17 45.21 17.79
CA GLU A 332 -30.94 46.18 18.86
C GLU A 332 -31.35 47.57 18.42
N SER A 333 -31.90 48.34 19.36
CA SER A 333 -32.34 49.70 19.08
C SER A 333 -31.15 50.61 18.80
N ALA B 2 23.05 -2.98 -28.00
CA ALA B 2 23.86 -4.15 -27.68
C ALA B 2 23.06 -5.13 -26.84
N MET B 3 23.21 -6.42 -27.12
CA MET B 3 22.47 -7.46 -26.43
C MET B 3 23.31 -8.11 -25.35
N LEU B 4 22.62 -8.77 -24.42
CA LEU B 4 23.30 -9.63 -23.47
C LEU B 4 24.02 -10.75 -24.22
N SER B 5 25.05 -11.28 -23.58
CA SER B 5 25.89 -12.29 -24.25
C SER B 5 25.11 -13.56 -24.59
N PHE B 6 23.94 -13.78 -23.98
CA PHE B 6 23.11 -14.92 -24.28
C PHE B 6 21.84 -14.56 -25.04
N GLU B 7 21.69 -13.30 -25.46
CA GLU B 7 20.43 -12.79 -25.95
C GLU B 7 20.20 -13.04 -27.44
N ARG B 8 21.27 -13.18 -28.24
CA ARG B 8 21.11 -13.22 -29.68
C ARG B 8 20.22 -14.37 -30.12
N LYS B 9 20.35 -15.52 -29.46
CA LYS B 9 19.55 -16.68 -29.84
C LYS B 9 18.07 -16.50 -29.52
N TYR B 10 17.67 -15.40 -28.90
CA TYR B 10 16.27 -15.14 -28.59
C TYR B 10 15.66 -14.04 -29.46
N ARG B 11 16.45 -13.30 -30.23
CA ARG B 11 15.94 -12.19 -31.02
C ARG B 11 15.30 -12.74 -32.30
N VAL B 12 14.11 -13.30 -32.14
CA VAL B 12 13.40 -13.97 -33.21
C VAL B 12 12.45 -12.99 -33.88
N ARG B 13 12.20 -13.22 -35.16
CA ARG B 13 11.19 -12.48 -35.91
C ARG B 13 9.79 -12.99 -35.55
N GLY B 14 8.84 -12.06 -35.51
CA GLY B 14 7.45 -12.42 -35.30
C GLY B 14 6.99 -12.24 -33.88
N GLY B 15 5.76 -12.70 -33.62
CA GLY B 15 5.13 -12.52 -32.34
C GLY B 15 4.46 -11.19 -32.14
N THR B 16 4.41 -10.34 -33.15
CA THR B 16 3.76 -9.05 -33.04
C THR B 16 2.25 -9.20 -33.00
N LEU B 17 1.60 -8.28 -32.30
CA LEU B 17 0.14 -8.17 -32.34
C LEU B 17 -0.32 -7.37 -33.56
N ILE B 18 0.31 -6.22 -33.78
CA ILE B 18 0.06 -5.38 -34.94
C ILE B 18 1.40 -5.07 -35.57
N GLY B 19 1.45 -5.03 -36.90
CA GLY B 19 2.59 -4.51 -37.62
C GLY B 19 3.39 -5.56 -38.36
N GLY B 20 3.43 -6.79 -37.87
CA GLY B 20 4.19 -7.82 -38.57
C GLY B 20 5.66 -7.47 -38.63
N ASP B 21 6.18 -7.36 -39.85
CA ASP B 21 7.59 -7.04 -40.04
C ASP B 21 7.87 -5.55 -40.17
N LEU B 22 6.83 -4.72 -40.22
CA LEU B 22 7.03 -3.29 -40.46
C LEU B 22 7.92 -2.67 -39.39
N PHE B 23 7.58 -2.89 -38.12
CA PHE B 23 8.34 -2.31 -37.01
C PHE B 23 9.04 -3.38 -36.17
N ASP B 24 9.10 -4.61 -36.66
CA ASP B 24 9.68 -5.72 -35.89
C ASP B 24 11.20 -5.59 -35.91
N PHE B 25 11.73 -4.78 -35.00
CA PHE B 25 13.18 -4.63 -34.89
C PHE B 25 13.50 -4.06 -33.50
N TRP B 26 14.78 -4.01 -33.21
CA TRP B 26 15.29 -3.50 -31.95
C TRP B 26 16.06 -2.21 -32.19
N VAL B 27 15.96 -1.29 -31.25
CA VAL B 27 16.78 -0.08 -31.21
C VAL B 27 17.59 -0.14 -29.93
N GLY B 28 18.88 -0.40 -30.05
CA GLY B 28 19.70 -0.69 -28.90
C GLY B 28 19.15 -1.90 -28.17
N PRO B 29 18.98 -1.77 -26.84
CA PRO B 29 18.37 -2.86 -26.08
C PRO B 29 16.87 -3.01 -26.27
N PHE B 30 16.18 -1.94 -26.65
CA PHE B 30 14.72 -1.96 -26.69
C PHE B 30 14.20 -2.74 -27.88
N TYR B 31 13.16 -3.53 -27.66
CA TYR B 31 12.31 -3.97 -28.75
C TYR B 31 11.32 -2.86 -29.08
N VAL B 32 11.11 -2.62 -30.37
CA VAL B 32 10.23 -1.51 -30.72
C VAL B 32 8.85 -2.05 -31.06
N GLY B 33 8.71 -2.74 -32.18
CA GLY B 33 7.40 -3.15 -32.64
C GLY B 33 6.48 -1.98 -32.94
N PHE B 34 5.23 -2.29 -33.28
CA PHE B 34 4.25 -1.25 -33.57
C PHE B 34 3.98 -0.38 -32.34
N PHE B 35 3.86 -1.01 -31.18
CA PHE B 35 3.50 -0.26 -29.98
C PHE B 35 4.71 0.38 -29.32
N GLY B 36 5.92 0.03 -29.76
CA GLY B 36 7.09 0.83 -29.40
C GLY B 36 7.11 2.16 -30.12
N VAL B 37 6.78 2.14 -31.42
CA VAL B 37 6.68 3.38 -32.18
C VAL B 37 5.56 4.24 -31.63
N ALA B 38 4.38 3.65 -31.46
CA ALA B 38 3.23 4.40 -30.96
C ALA B 38 3.50 4.90 -29.54
N GLY B 39 4.03 4.02 -28.68
CA GLY B 39 4.26 4.40 -27.30
C GLY B 39 5.31 5.47 -27.15
N PHE B 40 6.40 5.38 -27.92
CA PHE B 40 7.47 6.36 -27.81
C PHE B 40 6.99 7.76 -28.18
N PHE B 41 6.24 7.87 -29.28
CA PHE B 41 5.82 9.19 -29.73
C PHE B 41 4.57 9.65 -29.00
N PHE B 42 3.85 8.74 -28.34
CA PHE B 42 2.86 9.15 -27.34
C PHE B 42 3.56 9.78 -26.14
N ALA B 43 4.61 9.11 -25.65
CA ALA B 43 5.35 9.65 -24.52
C ALA B 43 6.09 10.92 -24.90
N LEU B 44 6.72 10.93 -26.08
CA LEU B 44 7.48 12.10 -26.49
C LEU B 44 6.58 13.33 -26.59
N LEU B 45 5.41 13.18 -27.20
CA LEU B 45 4.48 14.30 -27.30
C LEU B 45 3.98 14.73 -25.92
N GLY B 46 3.62 13.76 -25.09
CA GLY B 46 3.14 14.09 -23.75
C GLY B 46 4.19 14.78 -22.91
N VAL B 47 5.44 14.32 -23.00
CA VAL B 47 6.53 14.95 -22.27
C VAL B 47 6.76 16.37 -22.77
N LEU B 48 6.78 16.56 -24.09
CA LEU B 48 7.00 17.89 -24.64
C LEU B 48 5.87 18.84 -24.28
N LEU B 49 4.63 18.34 -24.27
CA LEU B 49 3.51 19.18 -23.88
C LEU B 49 3.57 19.54 -22.40
N ILE B 50 4.06 18.63 -21.55
CA ILE B 50 4.28 18.98 -20.16
C ILE B 50 5.32 20.08 -20.03
N VAL B 51 6.42 19.97 -20.77
CA VAL B 51 7.43 21.02 -20.78
C VAL B 51 6.81 22.32 -21.29
N TRP B 52 6.01 22.25 -22.36
CA TRP B 52 5.29 23.43 -22.82
C TRP B 52 4.33 23.95 -21.76
N GLY B 53 3.62 23.04 -21.08
CA GLY B 53 2.76 23.46 -19.99
C GLY B 53 3.53 24.14 -18.87
N ALA B 54 4.77 23.69 -18.63
CA ALA B 54 5.62 24.37 -17.66
C ALA B 54 6.15 25.69 -18.19
N THR B 55 6.27 25.82 -19.51
CA THR B 55 6.81 27.04 -20.11
C THR B 55 5.83 28.21 -19.95
N ILE B 56 4.54 27.94 -20.01
CA ILE B 56 3.56 29.01 -19.81
C ILE B 56 3.06 29.07 -18.38
N GLY B 57 3.11 27.96 -17.65
CA GLY B 57 2.77 27.94 -16.24
C GLY B 57 1.31 28.22 -15.98
N PRO B 58 0.94 28.38 -14.70
CA PRO B 58 -0.43 28.84 -14.40
C PRO B 58 -0.69 30.22 -14.98
N ASN B 59 0.32 31.07 -14.94
CA ASN B 59 0.34 32.36 -15.62
C ASN B 59 1.79 32.78 -15.73
N ALA B 60 2.03 33.92 -16.39
CA ALA B 60 3.40 34.36 -16.61
C ALA B 60 4.10 34.73 -15.32
N GLU B 61 3.35 35.23 -14.33
CA GLU B 61 3.96 35.61 -13.06
C GLU B 61 4.43 34.39 -12.26
N LEU B 62 3.61 33.35 -12.22
CA LEU B 62 3.91 32.16 -11.43
C LEU B 62 4.68 31.11 -12.20
N GLN B 63 4.94 31.31 -13.49
CA GLN B 63 5.59 30.30 -14.29
C GLN B 63 6.96 29.96 -13.74
N THR B 64 7.26 28.66 -13.68
CA THR B 64 8.50 28.21 -13.09
C THR B 64 8.96 26.93 -13.78
N TYR B 65 10.28 26.76 -13.86
CA TYR B 65 10.86 25.51 -14.32
C TYR B 65 11.36 24.65 -13.16
N ASN B 66 11.14 25.09 -11.93
CA ASN B 66 11.43 24.27 -10.76
C ASN B 66 10.73 22.93 -10.87
N ILE B 67 11.50 21.84 -10.83
CA ILE B 67 10.95 20.53 -11.12
C ILE B 67 9.91 20.12 -10.08
N TRP B 68 10.05 20.60 -8.85
CA TRP B 68 9.05 20.32 -7.83
C TRP B 68 7.77 21.09 -8.08
N GLN B 69 7.86 22.28 -8.67
CA GLN B 69 6.74 23.20 -8.75
C GLN B 69 6.02 23.18 -10.09
N ILE B 70 6.59 22.54 -11.11
CA ILE B 70 5.91 22.44 -12.40
C ILE B 70 4.60 21.70 -12.21
N SER B 71 3.52 22.25 -12.75
CA SER B 71 2.20 21.66 -12.56
C SER B 71 1.33 21.97 -13.77
N ILE B 72 0.82 20.93 -14.40
CA ILE B 72 -0.17 21.06 -15.47
C ILE B 72 -1.51 20.66 -14.86
N ALA B 73 -2.39 21.60 -14.76
CA ALA B 73 -3.59 21.37 -13.98
C ALA B 73 -4.76 20.96 -14.88
N PRO B 74 -5.68 20.17 -14.35
CA PRO B 74 -6.88 19.80 -15.10
C PRO B 74 -7.79 21.00 -15.27
N PRO B 75 -8.85 20.90 -16.08
CA PRO B 75 -9.77 22.02 -16.24
C PRO B 75 -10.48 22.36 -14.94
N ASP B 76 -11.13 23.52 -14.96
CA ASP B 76 -12.10 23.83 -13.92
C ASP B 76 -13.28 22.87 -14.01
N LEU B 77 -13.93 22.64 -12.87
CA LEU B 77 -15.08 21.75 -12.85
C LEU B 77 -16.24 22.28 -13.70
N SER B 78 -16.30 23.60 -13.92
CA SER B 78 -17.35 24.20 -14.74
C SER B 78 -17.27 23.74 -16.19
N TYR B 79 -16.14 23.21 -16.64
CA TYR B 79 -16.05 22.69 -17.99
C TYR B 79 -16.68 21.31 -18.12
N GLY B 80 -17.07 20.70 -17.01
CA GLY B 80 -17.74 19.41 -17.06
C GLY B 80 -16.90 18.35 -17.72
N LEU B 81 -17.54 17.55 -18.56
CA LEU B 81 -16.86 16.48 -19.28
C LEU B 81 -16.54 16.87 -20.72
N GLY B 82 -16.62 18.15 -21.05
CA GLY B 82 -16.20 18.64 -22.34
C GLY B 82 -14.72 18.97 -22.38
N MET B 83 -14.29 19.52 -23.51
CA MET B 83 -12.91 19.90 -23.71
C MET B 83 -12.71 21.36 -23.30
N ALA B 84 -11.64 21.61 -22.60
CA ALA B 84 -11.29 22.94 -22.13
C ALA B 84 -10.26 23.58 -23.03
N PRO B 85 -10.14 24.91 -23.02
CA PRO B 85 -9.07 25.57 -23.77
C PRO B 85 -7.71 25.11 -23.28
N MET B 86 -6.74 25.11 -24.19
CA MET B 86 -5.43 24.52 -23.92
C MET B 86 -4.79 25.08 -22.66
N THR B 87 -4.86 26.40 -22.48
CA THR B 87 -4.27 27.03 -21.31
C THR B 87 -5.19 26.99 -20.09
N GLU B 88 -6.37 26.37 -20.20
CA GLU B 88 -7.29 26.28 -19.08
C GLU B 88 -7.65 24.82 -18.77
N GLY B 89 -6.68 23.91 -18.90
CA GLY B 89 -6.89 22.51 -18.64
C GLY B 89 -6.96 21.64 -19.87
N GLY B 90 -7.06 22.24 -21.07
CA GLY B 90 -7.06 21.43 -22.28
C GLY B 90 -5.75 20.71 -22.50
N LEU B 91 -4.63 21.36 -22.14
CA LEU B 91 -3.33 20.70 -22.23
C LEU B 91 -3.27 19.47 -21.33
N TRP B 92 -3.85 19.57 -20.13
CA TRP B 92 -3.94 18.42 -19.24
C TRP B 92 -4.72 17.29 -19.89
N GLN B 93 -5.83 17.61 -20.55
CA GLN B 93 -6.63 16.59 -21.21
C GLN B 93 -5.85 15.94 -22.34
N ILE B 94 -5.07 16.72 -23.10
CA ILE B 94 -4.27 16.13 -24.16
C ILE B 94 -3.16 15.26 -23.58
N ILE B 95 -2.49 15.72 -22.53
CA ILE B 95 -1.43 14.94 -21.91
C ILE B 95 -2.00 13.63 -21.36
N THR B 96 -3.18 13.70 -20.74
CA THR B 96 -3.82 12.50 -20.23
C THR B 96 -4.07 11.48 -21.34
N ILE B 97 -4.53 11.96 -22.50
CA ILE B 97 -4.73 11.08 -23.64
C ILE B 97 -3.40 10.47 -24.08
N CYS B 98 -2.35 11.28 -24.16
CA CYS B 98 -1.03 10.77 -24.50
C CYS B 98 -0.54 9.77 -23.48
N ALA B 99 -0.77 10.05 -22.19
CA ALA B 99 -0.35 9.13 -21.15
C ALA B 99 -1.05 7.79 -21.28
N ILE B 100 -2.36 7.80 -21.55
CA ILE B 100 -3.10 6.56 -21.76
C ILE B 100 -2.56 5.84 -22.99
N GLY B 101 -2.31 6.59 -24.07
CA GLY B 101 -1.73 5.98 -25.25
C GLY B 101 -0.38 5.36 -24.99
N ALA B 102 0.47 6.06 -24.23
CA ALA B 102 1.79 5.53 -23.91
C ALA B 102 1.70 4.31 -22.99
N PHE B 103 0.87 4.39 -21.94
CA PHE B 103 0.80 3.28 -20.98
C PHE B 103 0.26 2.03 -21.64
N VAL B 104 -0.82 2.15 -22.42
CA VAL B 104 -1.40 0.99 -23.08
C VAL B 104 -0.43 0.42 -24.11
N SER B 105 0.21 1.29 -24.89
CA SER B 105 1.20 0.83 -25.87
C SER B 105 2.34 0.09 -25.18
N TRP B 106 2.76 0.58 -24.01
CA TRP B 106 3.79 -0.12 -23.25
C TRP B 106 3.32 -1.52 -22.85
N ALA B 107 2.08 -1.63 -22.40
CA ALA B 107 1.55 -2.95 -22.03
C ALA B 107 1.45 -3.85 -23.25
N LEU B 108 0.99 -3.33 -24.38
CA LEU B 108 0.87 -4.14 -25.59
C LEU B 108 2.23 -4.50 -26.16
N ARG B 109 3.21 -3.62 -26.05
CA ARG B 109 4.57 -3.97 -26.45
C ARG B 109 5.11 -5.08 -25.57
N GLU B 110 4.76 -5.08 -24.29
CA GLU B 110 5.17 -6.17 -23.40
C GLU B 110 4.52 -7.48 -23.83
N VAL B 111 3.29 -7.42 -24.33
CA VAL B 111 2.63 -8.63 -24.82
C VAL B 111 3.38 -9.22 -26.01
N GLU B 112 3.81 -8.37 -26.94
CA GLU B 112 4.57 -8.85 -28.09
C GLU B 112 5.90 -9.45 -27.67
N ILE B 113 6.56 -8.84 -26.68
CA ILE B 113 7.80 -9.41 -26.16
C ILE B 113 7.53 -10.78 -25.51
N CYS B 114 6.44 -10.87 -24.74
CA CYS B 114 6.07 -12.16 -24.15
C CYS B 114 5.85 -13.22 -25.21
N ARG B 115 5.20 -12.86 -26.32
CA ARG B 115 4.99 -13.80 -27.41
C ARG B 115 6.32 -14.21 -28.04
N LYS B 116 7.24 -13.27 -28.19
CA LYS B 116 8.54 -13.59 -28.77
C LYS B 116 9.29 -14.59 -27.90
N LEU B 117 9.26 -14.39 -26.59
CA LEU B 117 10.01 -15.21 -25.65
C LEU B 117 9.28 -16.47 -25.23
N GLY B 118 7.99 -16.59 -25.57
CA GLY B 118 7.23 -17.77 -25.18
C GLY B 118 7.03 -17.91 -23.69
N ILE B 119 6.80 -16.80 -22.99
CA ILE B 119 6.60 -16.80 -21.56
C ILE B 119 5.14 -16.48 -21.26
N GLY B 120 4.78 -16.62 -19.99
CA GLY B 120 3.46 -16.21 -19.56
C GLY B 120 3.26 -14.71 -19.68
N PHE B 121 2.00 -14.30 -19.74
CA PHE B 121 1.63 -12.90 -19.88
C PHE B 121 1.36 -12.24 -18.53
N HIS B 122 2.00 -12.73 -17.47
CA HIS B 122 1.76 -12.19 -16.14
C HIS B 122 2.19 -10.73 -16.03
N ILE B 123 3.34 -10.38 -16.60
CA ILE B 123 3.83 -9.01 -16.48
C ILE B 123 2.89 -7.99 -17.12
N PRO B 124 2.51 -8.11 -18.39
CA PRO B 124 1.53 -7.15 -18.94
C PRO B 124 0.21 -7.17 -18.20
N PHE B 125 -0.22 -8.35 -17.75
CA PHE B 125 -1.44 -8.42 -16.95
C PHE B 125 -1.29 -7.64 -15.65
N ALA B 126 -0.15 -7.81 -14.97
CA ALA B 126 0.11 -7.06 -13.75
C ALA B 126 0.20 -5.57 -14.01
N PHE B 127 0.85 -5.19 -15.12
CA PHE B 127 0.95 -3.77 -15.46
C PHE B 127 -0.42 -3.18 -15.75
N ALA B 128 -1.36 -3.97 -16.27
CA ALA B 128 -2.71 -3.48 -16.51
C ALA B 128 -3.38 -3.01 -15.23
N PHE B 129 -3.05 -3.61 -14.09
CA PHE B 129 -3.60 -3.15 -12.82
C PHE B 129 -3.13 -1.73 -12.49
N ALA B 130 -1.85 -1.45 -12.69
CA ALA B 130 -1.35 -0.08 -12.49
C ALA B 130 -2.00 0.88 -13.48
N ILE B 131 -2.15 0.47 -14.73
CA ILE B 131 -2.84 1.29 -15.72
C ILE B 131 -4.29 1.49 -15.32
N GLY B 132 -4.95 0.42 -14.86
CA GLY B 132 -6.32 0.54 -14.41
C GLY B 132 -6.48 1.53 -13.26
N ALA B 133 -5.53 1.52 -12.33
CA ALA B 133 -5.56 2.50 -11.25
C ALA B 133 -5.43 3.92 -11.77
N TYR B 134 -4.53 4.14 -12.73
CA TYR B 134 -4.40 5.46 -13.34
C TYR B 134 -5.66 5.83 -14.10
N LEU B 135 -6.24 4.88 -14.83
CA LEU B 135 -7.48 5.15 -15.55
C LEU B 135 -8.61 5.49 -14.60
N VAL B 136 -8.68 4.82 -13.44
CA VAL B 136 -9.69 5.15 -12.44
C VAL B 136 -9.51 6.58 -11.98
N LEU B 137 -8.26 7.00 -11.76
CA LEU B 137 -8.00 8.33 -11.20
C LEU B 137 -8.35 9.44 -12.19
N VAL B 138 -8.01 9.27 -13.47
CA VAL B 138 -8.15 10.35 -14.45
C VAL B 138 -9.33 10.17 -15.39
N VAL B 139 -9.94 8.99 -15.45
CA VAL B 139 -11.04 8.79 -16.38
C VAL B 139 -12.30 8.36 -15.63
N VAL B 140 -12.24 7.20 -14.97
CA VAL B 140 -13.45 6.61 -14.40
C VAL B 140 -14.03 7.51 -13.32
N ARG B 141 -13.20 7.92 -12.36
CA ARG B 141 -13.68 8.79 -11.30
C ARG B 141 -14.11 10.16 -11.80
N PRO B 142 -13.36 10.86 -12.66
CA PRO B 142 -13.86 12.14 -13.19
C PRO B 142 -15.18 12.01 -13.93
N ILE B 143 -15.37 10.92 -14.68
CA ILE B 143 -16.63 10.73 -15.40
C ILE B 143 -17.78 10.47 -14.43
N LEU B 144 -17.53 9.65 -13.40
CA LEU B 144 -18.56 9.41 -12.39
C LEU B 144 -18.94 10.69 -11.65
N MET B 145 -17.95 11.52 -11.34
CA MET B 145 -18.23 12.83 -10.74
C MET B 145 -18.78 13.82 -11.74
N GLY B 146 -18.53 13.65 -13.03
CA GLY B 146 -19.08 14.51 -14.04
C GLY B 146 -18.20 15.64 -14.53
N ALA B 147 -16.90 15.63 -14.24
CA ALA B 147 -16.03 16.68 -14.73
C ALA B 147 -14.60 16.16 -14.82
N TRP B 148 -13.91 16.54 -15.89
CA TRP B 148 -12.50 16.19 -16.04
C TRP B 148 -11.63 16.88 -14.99
N GLY B 149 -12.10 17.98 -14.41
CA GLY B 149 -11.36 18.68 -13.39
C GLY B 149 -11.15 17.89 -12.11
N HIS B 150 -11.83 16.76 -11.95
CA HIS B 150 -11.61 15.91 -10.79
C HIS B 150 -10.32 15.11 -10.89
N GLY B 151 -9.68 15.07 -12.06
CA GLY B 151 -8.41 14.38 -12.18
C GLY B 151 -7.29 15.12 -11.47
N PHE B 152 -6.24 14.39 -11.13
CA PHE B 152 -5.15 15.02 -10.42
C PHE B 152 -4.24 15.80 -11.37
N PRO B 153 -3.67 16.91 -10.91
CA PRO B 153 -2.78 17.70 -11.77
C PRO B 153 -1.48 16.98 -12.02
N TYR B 154 -0.84 17.31 -13.14
CA TYR B 154 0.43 16.70 -13.51
C TYR B 154 1.55 17.58 -12.99
N GLY B 155 2.00 17.27 -11.79
CA GLY B 155 3.06 17.99 -11.13
C GLY B 155 3.59 17.20 -9.95
N ILE B 156 4.91 17.20 -9.77
CA ILE B 156 5.54 16.30 -8.81
C ILE B 156 5.02 16.57 -7.41
N LEU B 157 4.89 17.84 -7.03
CA LEU B 157 4.33 18.18 -5.73
C LEU B 157 2.85 18.57 -5.80
N SER B 158 2.40 19.13 -6.92
CA SER B 158 1.03 19.60 -6.99
C SER B 158 0.03 18.45 -6.88
N HIS B 159 0.37 17.28 -7.40
CA HIS B 159 -0.56 16.15 -7.28
C HIS B 159 -0.60 15.61 -5.86
N LEU B 160 0.38 15.96 -5.01
CA LEU B 160 0.27 15.66 -3.59
C LEU B 160 -0.74 16.57 -2.91
N ASP B 161 -0.80 17.84 -3.32
CA ASP B 161 -1.82 18.74 -2.81
C ASP B 161 -3.21 18.25 -3.21
N TRP B 162 -3.34 17.71 -4.42
CA TRP B 162 -4.60 17.11 -4.84
C TRP B 162 -4.96 15.92 -3.95
N VAL B 163 -4.00 15.03 -3.70
CA VAL B 163 -4.27 13.88 -2.84
C VAL B 163 -4.66 14.34 -1.44
N SER B 164 -3.93 15.32 -0.91
CA SER B 164 -4.23 15.84 0.43
C SER B 164 -5.65 16.37 0.50
N ASN B 165 -6.03 17.22 -0.46
CA ASN B 165 -7.34 17.86 -0.40
C ASN B 165 -8.47 16.88 -0.69
N VAL B 166 -8.25 15.93 -1.60
CA VAL B 166 -9.26 14.90 -1.82
C VAL B 166 -9.48 14.11 -0.55
N GLY B 167 -8.40 13.77 0.15
CA GLY B 167 -8.53 13.05 1.40
C GLY B 167 -9.34 13.81 2.43
N TYR B 168 -9.10 15.12 2.54
CA TYR B 168 -9.80 15.93 3.51
C TYR B 168 -11.18 16.37 3.03
N GLN B 169 -11.55 16.02 1.80
CA GLN B 169 -12.95 16.12 1.38
C GLN B 169 -13.84 15.11 2.11
N PHE B 170 -13.24 14.15 2.81
CA PHE B 170 -13.97 13.16 3.59
C PHE B 170 -13.53 13.17 5.05
N LEU B 171 -12.86 14.24 5.45
CA LEU B 171 -12.61 14.70 6.82
C LEU B 171 -11.64 13.84 7.62
N HIS B 172 -11.53 12.57 7.25
CA HIS B 172 -10.58 11.66 7.85
C HIS B 172 -10.49 10.47 6.91
N PHE B 173 -9.53 10.48 6.00
CA PHE B 173 -9.54 9.50 4.93
C PHE B 173 -9.07 8.13 5.40
N HIS B 174 -8.41 8.08 6.56
CA HIS B 174 -7.93 6.81 7.09
C HIS B 174 -9.05 5.82 7.36
N TYR B 175 -10.28 6.30 7.55
CA TYR B 175 -11.40 5.44 7.90
C TYR B 175 -12.07 4.81 6.69
N ASN B 176 -11.64 5.17 5.49
CA ASN B 176 -12.13 4.53 4.27
C ASN B 176 -11.81 3.04 4.35
N PRO B 177 -12.82 2.16 4.31
CA PRO B 177 -12.54 0.72 4.50
C PRO B 177 -11.67 0.12 3.40
N ALA B 178 -11.95 0.44 2.14
CA ALA B 178 -11.10 -0.06 1.05
C ALA B 178 -9.70 0.50 1.15
N HIS B 179 -9.57 1.75 1.60
CA HIS B 179 -8.27 2.34 1.83
C HIS B 179 -7.49 1.57 2.88
N MET B 180 -8.15 1.19 3.97
CA MET B 180 -7.51 0.38 5.01
C MET B 180 -7.05 -0.95 4.45
N LEU B 181 -7.89 -1.59 3.63
CA LEU B 181 -7.54 -2.87 3.03
C LEU B 181 -6.35 -2.72 2.08
N ALA B 182 -6.34 -1.66 1.28
CA ALA B 182 -5.26 -1.47 0.32
C ALA B 182 -3.94 -1.23 1.02
N ILE B 183 -3.94 -0.43 2.09
CA ILE B 183 -2.73 -0.17 2.85
C ILE B 183 -2.21 -1.44 3.48
N THR B 184 -3.11 -2.25 4.05
CA THR B 184 -2.72 -3.54 4.59
C THR B 184 -2.01 -4.38 3.54
N PHE B 185 -2.53 -4.40 2.31
CA PHE B 185 -1.86 -5.14 1.25
C PHE B 185 -0.53 -4.49 0.87
N PHE B 186 -0.46 -3.17 0.82
CA PHE B 186 0.80 -2.48 0.53
C PHE B 186 1.84 -2.79 1.60
N PHE B 187 1.45 -2.71 2.87
CA PHE B 187 2.38 -2.96 3.95
C PHE B 187 2.82 -4.41 4.00
N THR B 188 1.86 -5.33 3.81
CA THR B 188 2.20 -6.76 3.79
C THR B 188 3.10 -7.09 2.61
N ASN B 189 2.83 -6.50 1.45
CA ASN B 189 3.67 -6.74 0.28
C ASN B 189 5.10 -6.31 0.53
N CYS B 190 5.29 -5.15 1.16
CA CYS B 190 6.64 -4.68 1.48
C CYS B 190 7.31 -5.63 2.45
N LEU B 191 6.58 -6.11 3.45
CA LEU B 191 7.12 -7.09 4.38
C LEU B 191 7.48 -8.40 3.67
N ALA B 192 6.59 -8.87 2.79
CA ALA B 192 6.86 -10.09 2.03
C ALA B 192 8.06 -9.90 1.10
N LEU B 193 8.18 -8.73 0.49
CA LEU B 193 9.31 -8.47 -0.40
C LEU B 193 10.63 -8.48 0.36
N SER B 194 10.66 -7.84 1.52
CA SER B 194 11.88 -7.86 2.33
C SER B 194 12.22 -9.28 2.76
N MET B 195 11.21 -10.06 3.12
CA MET B 195 11.44 -11.45 3.50
C MET B 195 11.96 -12.26 2.32
N HIS B 196 11.35 -12.11 1.14
CA HIS B 196 11.78 -12.89 -0.01
C HIS B 196 13.17 -12.47 -0.48
N GLY B 197 13.42 -11.16 -0.53
CA GLY B 197 14.76 -10.70 -0.86
C GLY B 197 15.79 -11.20 0.13
N SER B 198 15.45 -11.20 1.42
CA SER B 198 16.40 -11.66 2.43
C SER B 198 16.69 -13.15 2.27
N LEU B 199 15.66 -13.96 2.08
CA LEU B 199 15.84 -15.41 2.07
C LEU B 199 16.68 -15.85 0.88
N ILE B 200 16.40 -15.31 -0.30
CA ILE B 200 17.18 -15.65 -1.49
C ILE B 200 18.62 -15.20 -1.32
N LEU B 201 18.83 -13.99 -0.82
CA LEU B 201 20.19 -13.48 -0.63
C LEU B 201 20.94 -14.26 0.44
N SER B 202 20.27 -14.60 1.54
CA SER B 202 20.96 -15.29 2.62
C SER B 202 21.27 -16.74 2.26
N VAL B 203 20.54 -17.31 1.31
CA VAL B 203 20.79 -18.70 0.91
C VAL B 203 21.89 -18.75 -0.15
N THR B 204 21.88 -17.84 -1.12
CA THR B 204 22.88 -17.82 -2.17
C THR B 204 24.15 -17.09 -1.78
N ASN B 205 24.14 -16.33 -0.69
CA ASN B 205 25.33 -15.64 -0.17
C ASN B 205 25.46 -15.99 1.31
N PRO B 206 25.74 -17.26 1.62
CA PRO B 206 25.71 -17.68 3.03
C PRO B 206 26.92 -17.20 3.79
N GLN B 207 27.05 -17.63 5.05
CA GLN B 207 28.21 -17.28 5.83
C GLN B 207 29.49 -17.74 5.14
N LYS B 208 30.60 -17.09 5.46
CA LYS B 208 31.86 -17.43 4.83
C LYS B 208 32.29 -18.83 5.21
N GLY B 209 32.87 -19.55 4.25
CA GLY B 209 33.23 -20.93 4.46
C GLY B 209 32.10 -21.93 4.26
N GLU B 210 30.96 -21.50 3.74
CA GLU B 210 29.83 -22.38 3.50
C GLU B 210 29.48 -22.40 2.02
N GLU B 211 28.90 -23.51 1.58
CA GLU B 211 28.42 -23.64 0.23
C GLU B 211 27.02 -23.01 0.11
N VAL B 212 26.58 -22.85 -1.14
CA VAL B 212 25.24 -22.34 -1.40
C VAL B 212 24.23 -23.28 -0.79
N LYS B 213 23.24 -22.71 -0.10
CA LYS B 213 22.23 -23.51 0.58
C LYS B 213 21.22 -24.06 -0.43
N THR B 214 20.18 -24.70 0.08
CA THR B 214 19.22 -25.43 -0.75
C THR B 214 17.82 -24.90 -0.53
N SER B 215 16.87 -25.42 -1.30
CA SER B 215 15.47 -25.10 -1.08
C SER B 215 14.97 -25.69 0.24
N GLU B 216 15.60 -26.77 0.70
CA GLU B 216 15.27 -27.32 2.02
C GLU B 216 15.59 -26.33 3.12
N HIS B 217 16.73 -25.63 3.00
CA HIS B 217 17.06 -24.58 3.95
C HIS B 217 16.01 -23.47 3.93
N GLU B 218 15.53 -23.11 2.73
CA GLU B 218 14.56 -22.03 2.61
C GLU B 218 13.25 -22.36 3.33
N ASN B 219 12.73 -23.57 3.10
CA ASN B 219 11.51 -23.98 3.79
C ASN B 219 11.73 -24.06 5.29
N THR B 220 12.87 -24.61 5.70
CA THR B 220 13.15 -24.79 7.12
C THR B 220 13.25 -23.45 7.84
N PHE B 221 13.86 -22.45 7.20
CA PHE B 221 14.15 -21.18 7.84
C PHE B 221 12.87 -20.50 8.33
N PHE B 222 11.87 -20.38 7.46
CA PHE B 222 10.64 -19.72 7.87
C PHE B 222 9.71 -20.65 8.64
N ARG B 223 9.83 -21.96 8.45
CA ARG B 223 9.18 -22.88 9.37
C ARG B 223 9.76 -22.73 10.78
N ASP B 224 11.06 -22.50 10.88
CA ASP B 224 11.69 -22.32 12.18
C ASP B 224 11.26 -21.00 12.82
N ILE B 225 10.86 -20.02 12.01
CA ILE B 225 10.55 -18.69 12.53
C ILE B 225 9.04 -18.56 12.79
N VAL B 226 8.22 -18.80 11.78
CA VAL B 226 6.79 -18.61 11.89
C VAL B 226 6.00 -19.90 11.77
N GLY B 227 6.67 -21.05 11.64
CA GLY B 227 6.00 -22.32 11.58
C GLY B 227 5.38 -22.66 10.24
N TYR B 228 5.60 -21.84 9.21
CA TYR B 228 5.05 -22.13 7.90
C TYR B 228 5.97 -21.55 6.85
N SER B 229 6.11 -22.27 5.74
CA SER B 229 6.84 -21.80 4.57
C SER B 229 5.92 -21.90 3.36
N ILE B 230 5.77 -20.79 2.64
CA ILE B 230 4.85 -20.80 1.51
C ILE B 230 5.46 -21.53 0.31
N GLY B 231 6.78 -21.53 0.19
CA GLY B 231 7.45 -22.22 -0.89
C GLY B 231 8.05 -21.25 -1.90
N ALA B 232 9.03 -21.77 -2.63
CA ALA B 232 9.78 -20.94 -3.58
C ALA B 232 8.88 -20.42 -4.70
N LEU B 233 7.98 -21.25 -5.20
CA LEU B 233 7.07 -20.80 -6.25
C LEU B 233 6.00 -19.88 -5.69
N ALA B 234 5.42 -20.25 -4.53
CA ALA B 234 4.24 -19.55 -4.03
C ALA B 234 4.54 -18.15 -3.53
N ILE B 235 5.76 -17.88 -3.07
CA ILE B 235 6.09 -16.53 -2.61
C ILE B 235 5.93 -15.54 -3.77
N HIS B 236 6.17 -15.98 -5.00
CA HIS B 236 5.97 -15.12 -6.15
C HIS B 236 4.50 -14.97 -6.49
N ARG B 237 3.71 -16.03 -6.27
CA ARG B 237 2.26 -15.88 -6.34
C ARG B 237 1.79 -14.88 -5.30
N LEU B 238 2.27 -15.02 -4.07
CA LEU B 238 1.86 -14.14 -2.99
C LEU B 238 2.27 -12.69 -3.26
N GLY B 239 3.52 -12.49 -3.70
CA GLY B 239 3.96 -11.14 -3.97
C GLY B 239 3.17 -10.47 -5.07
N LEU B 240 2.88 -11.21 -6.14
CA LEU B 240 2.01 -10.70 -7.19
C LEU B 240 0.60 -10.44 -6.66
N PHE B 241 0.08 -11.37 -5.85
CA PHE B 241 -1.26 -11.19 -5.30
C PHE B 241 -1.34 -9.98 -4.39
N LEU B 242 -0.35 -9.81 -3.51
CA LEU B 242 -0.37 -8.68 -2.57
C LEU B 242 -0.27 -7.35 -3.32
N ALA B 243 0.63 -7.26 -4.28
CA ALA B 243 0.81 -6.00 -5.01
C ALA B 243 -0.43 -5.68 -5.85
N LEU B 244 -0.99 -6.69 -6.51
CA LEU B 244 -2.17 -6.45 -7.34
C LEU B 244 -3.40 -6.15 -6.48
N SER B 245 -3.55 -6.83 -5.35
CA SER B 245 -4.66 -6.54 -4.45
C SER B 245 -4.55 -5.13 -3.87
N ALA B 246 -3.33 -4.69 -3.56
CA ALA B 246 -3.13 -3.34 -3.05
C ALA B 246 -3.62 -2.30 -4.05
N VAL B 247 -3.28 -2.48 -5.33
CA VAL B 247 -3.68 -1.53 -6.34
C VAL B 247 -5.16 -1.63 -6.64
N PHE B 248 -5.68 -2.86 -6.71
CA PHE B 248 -7.12 -3.04 -6.93
C PHE B 248 -7.93 -2.34 -5.84
N TRP B 249 -7.55 -2.54 -4.57
CA TRP B 249 -8.31 -1.95 -3.48
C TRP B 249 -8.04 -0.46 -3.37
N SER B 250 -6.85 0.00 -3.77
CA SER B 250 -6.62 1.44 -3.86
C SER B 250 -7.51 2.06 -4.93
N ALA B 251 -7.65 1.39 -6.07
CA ALA B 251 -8.57 1.88 -7.11
C ALA B 251 -10.00 1.90 -6.59
N VAL B 252 -10.40 0.89 -5.83
CA VAL B 252 -11.73 0.86 -5.24
C VAL B 252 -11.89 2.01 -4.25
N CYS B 253 -10.88 2.24 -3.42
CA CYS B 253 -11.00 3.23 -2.36
C CYS B 253 -11.20 4.63 -2.92
N ILE B 254 -10.50 4.97 -4.00
CA ILE B 254 -10.65 6.31 -4.56
C ILE B 254 -11.93 6.43 -5.38
N VAL B 255 -12.35 5.36 -6.06
CA VAL B 255 -13.53 5.44 -6.90
C VAL B 255 -14.81 5.44 -6.07
N ILE B 256 -14.78 4.97 -4.82
CA ILE B 256 -15.92 5.13 -3.93
C ILE B 256 -15.88 6.44 -3.16
N SER B 257 -14.76 7.16 -3.19
CA SER B 257 -14.61 8.41 -2.44
C SER B 257 -15.09 9.55 -3.32
N GLY B 258 -16.38 9.84 -3.23
CA GLY B 258 -17.00 10.93 -3.94
C GLY B 258 -18.08 10.49 -4.91
N PRO B 259 -17.81 9.49 -5.73
CA PRO B 259 -18.90 8.93 -6.55
C PRO B 259 -19.88 8.09 -5.76
N PHE B 260 -19.40 7.23 -4.87
CA PHE B 260 -20.27 6.33 -4.11
C PHE B 260 -20.27 6.62 -2.63
N TRP B 261 -19.63 7.70 -2.20
CA TRP B 261 -19.68 8.12 -0.80
C TRP B 261 -19.27 9.58 -0.74
N THR B 262 -20.15 10.43 -0.20
CA THR B 262 -19.87 11.85 -0.10
C THR B 262 -19.68 12.32 1.34
N ARG B 263 -20.02 11.51 2.32
CA ARG B 263 -19.88 11.89 3.71
C ARG B 263 -18.43 11.72 4.17
N GLY B 264 -18.17 12.11 5.41
CA GLY B 264 -16.92 11.73 6.02
C GLY B 264 -16.79 10.22 6.14
N TRP B 265 -15.59 9.73 5.93
CA TRP B 265 -15.37 8.30 5.94
C TRP B 265 -15.63 7.64 7.30
N PRO B 266 -15.27 8.24 8.45
CA PRO B 266 -15.62 7.61 9.72
C PRO B 266 -17.11 7.36 9.88
N GLU B 267 -17.95 8.23 9.32
CA GLU B 267 -19.39 8.05 9.40
C GLU B 267 -19.86 6.80 8.69
N TRP B 268 -19.12 6.32 7.69
CA TRP B 268 -19.49 5.09 7.00
C TRP B 268 -19.56 3.90 7.95
N TRP B 269 -18.74 3.90 9.00
CA TRP B 269 -18.73 2.81 9.97
C TRP B 269 -19.95 2.82 10.88
N ASN B 270 -20.85 3.79 10.71
CA ASN B 270 -22.05 3.83 11.53
C ASN B 270 -22.98 2.65 11.28
N TRP B 271 -22.83 1.96 10.15
CA TRP B 271 -23.60 0.73 9.96
C TRP B 271 -23.23 -0.30 11.02
N TRP B 272 -21.95 -0.39 11.37
CA TRP B 272 -21.52 -1.32 12.40
C TRP B 272 -21.90 -0.82 13.79
N LEU B 273 -21.78 0.49 14.01
CA LEU B 273 -22.11 1.05 15.32
C LEU B 273 -23.61 0.97 15.60
N GLU B 274 -24.45 0.98 14.57
CA GLU B 274 -25.89 0.94 14.73
C GLU B 274 -26.46 -0.46 14.59
N LEU B 275 -25.64 -1.49 14.55
CA LEU B 275 -26.16 -2.85 14.62
C LEU B 275 -26.92 -3.01 15.94
N PRO B 276 -28.12 -3.59 15.91
CA PRO B 276 -28.94 -3.66 17.13
C PRO B 276 -28.36 -4.55 18.22
N LEU B 277 -27.26 -5.25 17.97
CA LEU B 277 -26.62 -6.03 19.01
C LEU B 277 -26.04 -5.17 20.13
N TRP B 278 -25.80 -3.89 19.88
CA TRP B 278 -25.17 -3.02 20.85
C TRP B 278 -25.63 -1.58 20.69
N PRO C 2 -7.57 -21.14 -21.05
CA PRO C 2 -6.27 -20.52 -21.26
C PRO C 2 -5.11 -21.43 -20.87
N GLU C 3 -3.89 -20.97 -21.10
CA GLU C 3 -2.72 -21.69 -20.63
C GLU C 3 -2.67 -21.66 -19.11
N TYR C 4 -2.08 -22.70 -18.52
CA TYR C 4 -1.86 -22.74 -17.08
C TYR C 4 -1.11 -21.50 -16.62
N GLN C 5 -1.76 -20.70 -15.79
CA GLN C 5 -1.16 -19.49 -15.25
C GLN C 5 -0.32 -19.72 -14.01
N ASN C 6 -0.32 -20.95 -13.47
CA ASN C 6 0.46 -21.30 -12.29
C ASN C 6 0.11 -20.41 -11.10
N ILE C 7 -1.18 -20.09 -10.98
CA ILE C 7 -1.66 -19.36 -9.82
C ILE C 7 -2.08 -20.31 -8.70
N PHE C 8 -2.75 -21.40 -9.06
CA PHE C 8 -3.20 -22.41 -8.11
C PHE C 8 -2.62 -23.77 -8.51
N THR C 9 -2.18 -24.53 -7.51
CA THR C 9 -1.69 -25.88 -7.76
C THR C 9 -2.87 -26.79 -8.07
N THR C 10 -2.94 -27.28 -9.30
CA THR C 10 -4.08 -28.10 -9.71
C THR C 10 -4.06 -29.46 -9.03
N VAL C 11 -2.92 -30.15 -9.06
CA VAL C 11 -2.77 -31.47 -8.48
C VAL C 11 -1.65 -31.39 -7.45
N GLN C 12 -1.99 -31.61 -6.20
CA GLN C 12 -1.03 -31.51 -5.10
C GLN C 12 -0.37 -32.87 -4.85
N VAL C 13 0.88 -32.82 -4.41
CA VAL C 13 1.67 -34.00 -4.10
C VAL C 13 1.87 -34.08 -2.60
N ARG C 14 1.75 -35.28 -2.06
CA ARG C 14 1.91 -35.52 -0.63
C ARG C 14 3.12 -36.42 -0.40
N ALA C 15 3.95 -36.03 0.56
CA ALA C 15 5.11 -36.79 1.02
C ALA C 15 5.10 -36.77 2.54
N PRO C 16 5.91 -37.60 3.18
CA PRO C 16 6.05 -37.49 4.64
C PRO C 16 6.53 -36.10 5.02
N ALA C 17 6.02 -35.60 6.14
CA ALA C 17 6.34 -34.24 6.58
C ALA C 17 7.85 -34.08 6.77
N TYR C 18 8.40 -33.03 6.19
CA TYR C 18 9.83 -32.78 6.30
C TYR C 18 10.15 -32.19 7.67
N PRO C 19 10.98 -32.83 8.49
CA PRO C 19 11.29 -32.27 9.81
C PRO C 19 12.03 -30.95 9.75
N GLY C 20 12.72 -30.69 8.65
CA GLY C 20 13.55 -29.51 8.52
C GLY C 20 15.02 -29.88 8.53
N VAL C 21 15.83 -28.96 7.99
CA VAL C 21 17.27 -29.18 7.93
C VAL C 21 17.81 -29.36 9.36
N PRO C 22 18.62 -30.39 9.62
CA PRO C 22 19.08 -30.61 10.99
C PRO C 22 19.82 -29.41 11.56
N LEU C 23 19.50 -29.10 12.79
CA LEU C 23 20.09 -27.98 13.52
C LEU C 23 21.40 -28.42 14.16
N PRO C 24 22.26 -27.46 14.53
CA PRO C 24 23.52 -27.83 15.16
C PRO C 24 23.29 -28.57 16.48
N LYS C 25 24.25 -29.42 16.82
CA LYS C 25 24.16 -30.21 18.04
C LYS C 25 23.98 -29.31 19.26
N GLY C 26 23.10 -29.74 20.16
CA GLY C 26 22.78 -28.98 21.35
C GLY C 26 21.56 -28.09 21.24
N SER C 27 21.04 -27.88 20.04
CA SER C 27 19.87 -27.06 19.85
C SER C 27 18.61 -27.81 20.30
N LEU C 28 17.59 -27.04 20.66
CA LEU C 28 16.33 -27.64 21.05
C LEU C 28 15.62 -28.22 19.83
N PRO C 29 14.85 -29.30 20.02
CA PRO C 29 14.10 -29.87 18.90
C PRO C 29 12.95 -28.97 18.46
N ARG C 30 12.55 -29.12 17.21
CA ARG C 30 11.39 -28.42 16.71
C ARG C 30 10.11 -29.05 17.28
N ILE C 31 9.16 -28.19 17.66
CA ILE C 31 7.93 -28.65 18.26
C ILE C 31 6.82 -28.61 17.22
N GLY C 32 5.75 -29.32 17.53
CA GLY C 32 4.61 -29.40 16.63
C GLY C 32 4.73 -30.56 15.66
N LYS C 33 3.71 -31.42 15.63
CA LYS C 33 3.63 -32.46 14.62
C LYS C 33 3.13 -31.83 13.33
N PRO C 34 3.90 -31.84 12.25
CA PRO C 34 3.48 -31.13 11.04
C PRO C 34 2.24 -31.77 10.42
N ILE C 35 1.36 -30.91 9.92
CA ILE C 35 0.14 -31.34 9.26
C ILE C 35 0.09 -30.72 7.88
N PHE C 36 -0.80 -31.25 7.06
CA PHE C 36 -0.98 -30.79 5.69
C PHE C 36 -2.36 -30.17 5.54
N SER C 37 -2.40 -28.96 4.99
CA SER C 37 -3.64 -28.25 4.71
C SER C 37 -3.85 -28.24 3.20
N TYR C 38 -4.98 -28.78 2.76
CA TYR C 38 -5.23 -28.86 1.33
C TYR C 38 -5.33 -27.48 0.69
N TRP C 39 -5.98 -26.55 1.39
CA TRP C 39 -6.17 -25.21 0.82
C TRP C 39 -4.88 -24.40 0.87
N ALA C 40 -4.06 -24.59 1.90
CA ALA C 40 -2.73 -23.98 1.90
C ALA C 40 -1.89 -24.52 0.75
N GLY C 41 -2.04 -25.82 0.45
CA GLY C 41 -1.31 -26.42 -0.65
C GLY C 41 -1.84 -26.03 -2.01
N LYS C 42 -3.05 -25.49 -2.08
CA LYS C 42 -3.57 -25.02 -3.36
C LYS C 42 -2.82 -23.79 -3.86
N ILE C 43 -2.47 -22.87 -2.96
CA ILE C 43 -1.77 -21.66 -3.37
C ILE C 43 -0.28 -21.78 -3.08
N GLY C 44 0.08 -22.59 -2.09
CA GLY C 44 1.46 -22.72 -1.67
C GLY C 44 1.81 -24.10 -1.19
N ASP C 45 2.58 -24.18 -0.11
CA ASP C 45 2.97 -25.45 0.48
C ASP C 45 1.89 -25.95 1.42
N ALA C 46 1.65 -27.26 1.38
CA ALA C 46 0.64 -27.85 2.26
C ALA C 46 1.11 -27.98 3.70
N GLN C 47 2.41 -28.20 3.93
CA GLN C 47 2.89 -28.52 5.26
C GLN C 47 2.78 -27.31 6.20
N ILE C 48 2.19 -27.53 7.37
CA ILE C 48 2.11 -26.53 8.43
C ILE C 48 2.89 -27.07 9.61
N GLY C 49 3.91 -26.33 10.05
CA GLY C 49 4.81 -26.80 11.07
C GLY C 49 5.92 -27.63 10.47
N PRO C 50 6.89 -28.04 11.29
CA PRO C 50 7.03 -27.75 12.71
C PRO C 50 7.59 -26.34 12.93
N ILE C 51 7.60 -25.84 14.15
CA ILE C 51 8.19 -24.54 14.45
C ILE C 51 9.31 -24.72 15.46
N TYR C 52 10.30 -23.85 15.40
CA TYR C 52 11.34 -23.82 16.42
C TYR C 52 10.96 -22.76 17.45
N LEU C 53 10.68 -23.20 18.67
CA LEU C 53 10.38 -22.31 19.79
C LEU C 53 11.49 -22.51 20.82
N GLY C 54 12.55 -21.71 20.71
CA GLY C 54 13.69 -21.81 21.59
C GLY C 54 13.56 -20.92 22.81
N PHE C 55 14.70 -20.65 23.44
CA PHE C 55 14.70 -19.80 24.63
C PHE C 55 14.34 -18.37 24.27
N THR C 56 14.91 -17.84 23.19
CA THR C 56 14.63 -16.47 22.79
C THR C 56 13.18 -16.29 22.37
N GLY C 57 12.64 -17.24 21.59
CA GLY C 57 11.26 -17.14 21.18
C GLY C 57 10.30 -17.21 22.35
N THR C 58 10.62 -18.01 23.36
CA THR C 58 9.78 -18.10 24.54
C THR C 58 9.72 -16.77 25.27
N LEU C 59 10.87 -16.11 25.43
CA LEU C 59 10.89 -14.81 26.08
C LEU C 59 10.12 -13.77 25.25
N SER C 60 10.29 -13.81 23.94
CA SER C 60 9.56 -12.88 23.07
C SER C 60 8.06 -13.07 23.21
N ILE C 61 7.61 -14.33 23.27
CA ILE C 61 6.18 -14.60 23.42
C ILE C 61 5.68 -14.11 24.78
N ILE C 62 6.44 -14.37 25.84
CA ILE C 62 6.02 -13.97 27.18
C ILE C 62 5.97 -12.45 27.29
N PHE C 63 7.00 -11.77 26.81
CA PHE C 63 6.99 -10.31 26.78
C PHE C 63 5.86 -9.79 25.89
N GLY C 64 5.67 -10.43 24.74
CA GLY C 64 4.65 -9.97 23.80
C GLY C 64 3.25 -10.12 24.33
N PHE C 65 2.95 -11.25 24.97
CA PHE C 65 1.62 -11.44 25.53
C PHE C 65 1.33 -10.42 26.61
N MET C 66 2.33 -10.14 27.47
CA MET C 66 2.14 -9.16 28.53
C MET C 66 1.76 -7.80 27.96
N ALA C 67 2.44 -7.38 26.90
CA ALA C 67 2.11 -6.10 26.26
C ALA C 67 0.71 -6.14 25.65
N ILE C 68 0.38 -7.25 24.97
CA ILE C 68 -0.92 -7.35 24.32
C ILE C 68 -2.04 -7.44 25.35
N PHE C 69 -1.82 -8.20 26.42
CA PHE C 69 -2.81 -8.31 27.48
C PHE C 69 -3.06 -6.95 28.13
N ILE C 70 -2.01 -6.18 28.37
CA ILE C 70 -2.16 -4.87 28.99
C ILE C 70 -2.98 -3.95 28.08
N ILE C 71 -2.71 -3.98 26.77
CA ILE C 71 -3.45 -3.14 25.83
C ILE C 71 -4.92 -3.54 25.82
N GLY C 72 -5.20 -4.83 25.67
CA GLY C 72 -6.58 -5.27 25.61
C GLY C 72 -7.33 -5.06 26.91
N PHE C 73 -6.64 -5.22 28.05
CA PHE C 73 -7.25 -4.93 29.33
C PHE C 73 -7.65 -3.47 29.43
N ASN C 74 -6.78 -2.56 29.00
CA ASN C 74 -7.09 -1.14 29.09
C ASN C 74 -8.20 -0.76 28.13
N MET C 75 -8.24 -1.40 26.96
CA MET C 75 -9.36 -1.19 26.06
C MET C 75 -10.67 -1.60 26.72
N LEU C 76 -10.67 -2.75 27.38
CA LEU C 76 -11.85 -3.21 28.12
C LEU C 76 -12.20 -2.25 29.26
N ALA C 77 -11.18 -1.77 29.97
CA ALA C 77 -11.43 -0.81 31.03
C ALA C 77 -11.98 0.51 30.46
N SER C 78 -11.56 0.87 29.25
CA SER C 78 -12.03 2.12 28.66
C SER C 78 -13.52 2.09 28.34
N VAL C 79 -14.08 0.90 28.15
CA VAL C 79 -15.53 0.75 28.01
C VAL C 79 -16.17 0.28 29.32
N ASP C 80 -15.49 0.48 30.45
CA ASP C 80 -16.01 0.14 31.77
C ASP C 80 -16.39 -1.33 31.87
N TRP C 81 -15.52 -2.22 31.38
CA TRP C 81 -15.63 -3.67 31.45
C TRP C 81 -16.77 -4.25 30.62
N ASN C 82 -17.52 -3.44 29.88
CA ASN C 82 -18.64 -3.96 29.10
C ASN C 82 -18.11 -4.68 27.86
N ILE C 83 -18.14 -6.02 27.88
CA ILE C 83 -17.59 -6.80 26.79
C ILE C 83 -18.38 -6.60 25.50
N ILE C 84 -19.69 -6.34 25.62
CA ILE C 84 -20.49 -6.04 24.42
C ILE C 84 -20.04 -4.72 23.81
N GLN C 85 -19.86 -3.70 24.65
CA GLN C 85 -19.39 -2.42 24.14
C GLN C 85 -17.93 -2.51 23.70
N PHE C 86 -17.17 -3.46 24.26
CA PHE C 86 -15.81 -3.69 23.77
C PHE C 86 -15.82 -4.10 22.31
N VAL C 87 -16.72 -5.02 21.95
CA VAL C 87 -16.81 -5.49 20.57
C VAL C 87 -17.30 -4.37 19.66
N LYS C 88 -18.31 -3.61 20.11
CA LYS C 88 -18.86 -2.56 19.27
C LYS C 88 -17.81 -1.50 18.94
N HIS C 89 -17.04 -1.09 19.93
CA HIS C 89 -16.08 0.01 19.79
C HIS C 89 -14.66 -0.46 19.56
N PHE C 90 -14.43 -1.75 19.30
CA PHE C 90 -13.08 -2.30 19.34
C PHE C 90 -12.12 -1.53 18.45
N PHE C 91 -12.54 -1.18 17.24
CA PHE C 91 -11.67 -0.44 16.34
C PHE C 91 -11.34 0.95 16.88
N TRP C 92 -12.26 1.54 17.64
CA TRP C 92 -12.05 2.87 18.20
C TRP C 92 -11.30 2.85 19.53
N LEU C 93 -11.22 1.72 20.20
CA LEU C 93 -10.58 1.65 21.50
C LEU C 93 -9.06 1.69 21.36
N GLY C 94 -8.39 2.12 22.42
CA GLY C 94 -6.95 2.16 22.41
C GLY C 94 -6.37 2.35 23.78
N LEU C 95 -5.10 1.98 23.92
CA LEU C 95 -4.28 2.33 25.07
C LEU C 95 -3.56 3.63 24.75
N GLU C 96 -3.86 4.67 25.52
CA GLU C 96 -3.41 5.92 24.94
C GLU C 96 -2.17 6.43 25.66
N PRO C 97 -1.24 7.07 24.96
CA PRO C 97 0.03 7.49 25.56
C PRO C 97 -0.19 8.49 26.68
N PRO C 98 0.84 8.75 27.50
CA PRO C 98 0.70 9.72 28.60
C PRO C 98 0.34 11.10 28.10
N ALA C 99 -0.29 11.87 28.99
CA ALA C 99 -0.71 13.23 28.69
C ALA C 99 0.51 14.14 28.52
N PRO C 100 0.35 15.25 27.78
CA PRO C 100 1.50 16.13 27.53
C PRO C 100 2.17 16.68 28.78
N GLN C 101 1.41 16.95 29.85
CA GLN C 101 2.01 17.57 31.03
C GLN C 101 2.96 16.64 31.79
N TYR C 102 2.97 15.35 31.48
CA TYR C 102 3.84 14.41 32.18
C TYR C 102 5.24 14.33 31.61
N GLY C 103 5.49 14.96 30.47
CA GLY C 103 6.82 14.93 29.89
C GLY C 103 7.27 13.50 29.63
N LEU C 104 8.45 13.16 30.12
CA LEU C 104 8.98 11.80 30.03
C LEU C 104 8.83 11.03 31.33
N THR C 105 8.21 11.60 32.35
CA THR C 105 8.05 10.90 33.63
C THR C 105 6.99 9.82 33.51
N ILE C 106 7.03 8.90 34.46
CA ILE C 106 6.05 7.82 34.52
C ILE C 106 4.77 8.35 35.14
N PRO C 107 3.66 8.37 34.42
CA PRO C 107 2.40 8.86 34.99
C PRO C 107 1.65 7.74 35.67
N PRO C 108 0.54 8.04 36.35
CA PRO C 108 -0.30 6.98 36.91
C PRO C 108 -0.79 6.02 35.84
N LEU C 109 -1.28 4.86 36.29
CA LEU C 109 -1.55 3.73 35.40
C LEU C 109 -2.47 4.13 34.25
N SER C 110 -3.60 4.73 34.57
CA SER C 110 -4.59 5.08 33.56
C SER C 110 -4.30 6.42 32.88
N GLU C 111 -3.23 7.10 33.27
CA GLU C 111 -2.83 8.36 32.68
C GLU C 111 -1.57 8.22 31.84
N GLY C 112 -1.27 7.01 31.39
CA GLY C 112 -0.10 6.76 30.56
C GLY C 112 0.82 5.69 31.12
N GLY C 113 0.63 5.33 32.38
CA GLY C 113 1.48 4.32 32.99
C GLY C 113 1.37 2.96 32.31
N TRP C 114 0.14 2.53 32.03
CA TRP C 114 -0.06 1.28 31.32
C TRP C 114 0.54 1.32 29.93
N TRP C 115 0.41 2.47 29.25
CA TRP C 115 0.99 2.60 27.91
C TRP C 115 2.49 2.38 27.94
N LEU C 116 3.18 2.97 28.91
CA LEU C 116 4.63 2.80 29.01
C LEU C 116 5.01 1.33 29.21
N MET C 117 4.28 0.63 30.06
CA MET C 117 4.54 -0.79 30.26
C MET C 117 4.26 -1.59 29.00
N ALA C 118 3.14 -1.32 28.33
CA ALA C 118 2.86 -2.00 27.08
C ALA C 118 3.91 -1.66 26.02
N GLY C 119 4.34 -0.40 25.98
CA GLY C 119 5.40 -0.03 25.06
C GLY C 119 6.70 -0.74 25.35
N PHE C 120 7.09 -0.79 26.63
CA PHE C 120 8.34 -1.45 26.99
C PHE C 120 8.28 -2.95 26.70
N PHE C 121 7.19 -3.60 27.13
CA PHE C 121 7.08 -5.06 26.94
C PHE C 121 7.00 -5.42 25.46
N LEU C 122 6.27 -4.65 24.68
CA LEU C 122 6.21 -4.89 23.24
C LEU C 122 7.57 -4.69 22.59
N THR C 123 8.28 -3.64 23.00
CA THR C 123 9.62 -3.39 22.47
C THR C 123 10.56 -4.53 22.81
N MET C 124 10.50 -5.03 24.04
CA MET C 124 11.36 -6.14 24.43
C MET C 124 11.05 -7.38 23.61
N SER C 125 9.77 -7.66 23.39
CA SER C 125 9.39 -8.84 22.61
C SER C 125 9.83 -8.73 21.16
N ILE C 126 9.72 -7.52 20.58
CA ILE C 126 10.18 -7.30 19.22
C ILE C 126 11.70 -7.47 19.15
N LEU C 127 12.42 -6.91 20.13
CA LEU C 127 13.86 -7.06 20.17
C LEU C 127 14.26 -8.52 20.34
N LEU C 128 13.55 -9.25 21.21
CA LEU C 128 13.83 -10.67 21.37
C LEU C 128 13.49 -11.44 20.10
N TRP C 129 12.43 -11.04 19.41
CA TRP C 129 12.11 -11.68 18.14
C TRP C 129 13.20 -11.43 17.10
N TRP C 130 13.81 -10.25 17.13
CA TRP C 130 14.93 -9.99 16.24
C TRP C 130 16.09 -10.93 16.52
N VAL C 131 16.40 -11.17 17.80
CA VAL C 131 17.46 -12.12 18.14
C VAL C 131 17.10 -13.51 17.63
N ARG C 132 15.81 -13.87 17.70
CA ARG C 132 15.38 -15.18 17.22
C ARG C 132 15.60 -15.31 15.71
N THR C 133 15.24 -14.29 14.94
CA THR C 133 15.48 -14.34 13.50
C THR C 133 16.97 -14.43 13.20
N TYR C 134 17.78 -13.70 13.96
CA TYR C 134 19.22 -13.79 13.81
C TYR C 134 19.72 -15.20 14.12
N LYS C 135 19.23 -15.77 15.23
CA LYS C 135 19.70 -17.10 15.64
C LYS C 135 19.26 -18.18 14.66
N ARG C 136 18.04 -18.08 14.14
CA ARG C 136 17.55 -19.09 13.20
C ARG C 136 18.38 -19.10 11.92
N ALA C 137 18.73 -17.91 11.41
CA ALA C 137 19.62 -17.84 10.26
C ALA C 137 21.00 -18.40 10.60
N GLU C 138 21.52 -18.05 11.77
CA GLU C 138 22.83 -18.53 12.18
C GLU C 138 22.85 -20.04 12.33
N ALA C 139 21.77 -20.61 12.87
CA ALA C 139 21.74 -22.06 13.09
C ALA C 139 21.71 -22.83 11.79
N LEU C 140 21.28 -22.21 10.69
CA LEU C 140 21.21 -22.86 9.40
C LEU C 140 22.39 -22.51 8.51
N GLY C 141 23.39 -21.80 9.01
CA GLY C 141 24.52 -21.39 8.21
C GLY C 141 24.21 -20.34 7.18
N MET C 142 23.13 -19.59 7.39
CA MET C 142 22.65 -18.61 6.44
C MET C 142 23.15 -17.21 6.81
N SER C 143 23.13 -16.31 5.84
CA SER C 143 23.48 -14.93 6.12
C SER C 143 22.33 -14.23 6.83
N GLN C 144 22.62 -13.02 7.33
CA GLN C 144 21.72 -12.31 8.22
C GLN C 144 20.94 -11.20 7.51
N HIS C 145 20.57 -11.43 6.25
CA HIS C 145 19.83 -10.42 5.51
C HIS C 145 18.47 -10.13 6.17
N LEU C 146 17.78 -11.18 6.62
CA LEU C 146 16.49 -10.97 7.25
C LEU C 146 16.60 -10.15 8.53
N SER C 147 17.59 -10.46 9.36
CA SER C 147 17.74 -9.73 10.62
C SER C 147 18.13 -8.28 10.39
N TRP C 148 18.90 -7.98 9.34
CA TRP C 148 19.17 -6.59 8.98
C TRP C 148 17.89 -5.89 8.56
N ALA C 149 17.11 -6.52 7.68
CA ALA C 149 15.87 -5.92 7.22
C ALA C 149 14.89 -5.73 8.37
N PHE C 150 14.83 -6.71 9.27
CA PHE C 150 14.00 -6.57 10.46
C PHE C 150 14.50 -5.43 11.34
N ALA C 151 15.81 -5.30 11.49
CA ALA C 151 16.36 -4.21 12.28
C ALA C 151 15.98 -2.85 11.70
N ALA C 152 15.92 -2.76 10.37
CA ALA C 152 15.47 -1.52 9.73
C ALA C 152 14.02 -1.21 10.06
N ALA C 153 13.17 -2.23 10.05
CA ALA C 153 11.77 -2.04 10.46
C ALA C 153 11.69 -1.69 11.93
N ILE C 154 12.51 -2.32 12.76
CA ILE C 154 12.53 -2.00 14.18
C ILE C 154 13.01 -0.57 14.41
N PHE C 155 13.96 -0.11 13.58
CA PHE C 155 14.42 1.27 13.68
C PHE C 155 13.26 2.24 13.48
N PHE C 156 12.43 2.00 12.48
CA PHE C 156 11.25 2.83 12.27
C PHE C 156 10.28 2.71 13.44
N TYR C 157 10.05 1.48 13.91
CA TYR C 157 9.14 1.28 15.03
C TYR C 157 9.64 2.01 16.28
N LEU C 158 10.94 1.93 16.56
CA LEU C 158 11.50 2.62 17.71
C LEU C 158 11.46 4.13 17.54
N SER C 159 11.64 4.62 16.30
CA SER C 159 11.55 6.04 16.05
C SER C 159 10.14 6.57 16.35
N LEU C 160 9.12 5.80 16.01
CA LEU C 160 7.74 6.24 16.23
C LEU C 160 7.42 6.40 17.71
N GLY C 161 7.72 5.37 18.49
CA GLY C 161 7.20 5.31 19.84
C GLY C 161 8.19 5.62 20.94
N PHE C 162 9.49 5.52 20.67
CA PHE C 162 10.49 5.76 21.70
C PHE C 162 11.44 6.91 21.37
N ILE C 163 12.14 6.85 20.24
CA ILE C 163 13.24 7.77 20.00
C ILE C 163 12.72 9.20 19.80
N ARG C 164 11.72 9.37 18.94
CA ARG C 164 11.13 10.69 18.76
C ARG C 164 10.50 11.22 20.05
N PRO C 165 9.68 10.46 20.78
CA PRO C 165 9.17 11.00 22.05
C PRO C 165 10.25 11.42 23.02
N VAL C 166 11.36 10.67 23.09
CA VAL C 166 12.45 11.06 23.99
C VAL C 166 13.13 12.33 23.48
N MET C 167 13.33 12.44 22.16
CA MET C 167 13.95 13.63 21.61
C MET C 167 13.06 14.86 21.78
N MET C 168 11.75 14.70 21.65
CA MET C 168 10.83 15.78 21.99
C MET C 168 10.59 15.91 23.49
N GLY C 169 11.08 14.98 24.30
CA GLY C 169 10.86 15.03 25.72
C GLY C 169 9.40 14.90 26.12
N SER C 170 8.65 14.05 25.43
CA SER C 170 7.22 13.94 25.69
C SER C 170 6.72 12.59 25.20
N TRP C 171 6.23 11.77 26.12
CA TRP C 171 5.55 10.54 25.73
C TRP C 171 4.26 10.80 24.97
N ALA C 172 3.69 12.00 25.11
CA ALA C 172 2.46 12.37 24.42
C ALA C 172 2.65 12.45 22.90
N GLU C 173 3.89 12.46 22.42
CA GLU C 173 4.15 12.42 20.99
C GLU C 173 4.01 11.01 20.41
N ALA C 174 3.91 9.99 21.25
CA ALA C 174 4.00 8.61 20.80
C ALA C 174 2.63 8.09 20.33
N VAL C 175 2.66 6.88 19.76
CA VAL C 175 1.53 6.29 19.06
C VAL C 175 0.63 5.54 20.03
N PRO C 176 -0.68 5.81 20.02
CA PRO C 176 -1.61 5.01 20.81
C PRO C 176 -1.68 3.57 20.32
N PHE C 177 -1.98 2.66 21.24
CA PHE C 177 -2.16 1.25 20.92
C PHE C 177 -3.63 1.00 20.61
N GLY C 178 -3.99 1.24 19.35
CA GLY C 178 -5.35 1.03 18.91
C GLY C 178 -5.47 1.19 17.42
N ILE C 179 -6.55 0.63 16.88
CA ILE C 179 -6.71 0.55 15.43
C ILE C 179 -7.02 1.93 14.87
N PHE C 180 -8.16 2.50 15.22
CA PHE C 180 -8.47 3.86 14.80
C PHE C 180 -7.65 4.89 15.58
N PRO C 181 -7.38 4.70 16.88
CA PRO C 181 -6.53 5.66 17.58
C PRO C 181 -5.16 5.88 16.93
N HIS C 182 -4.51 4.85 16.42
CA HIS C 182 -3.20 5.06 15.80
C HIS C 182 -3.34 5.60 14.39
N LEU C 183 -4.51 5.49 13.77
CA LEU C 183 -4.79 6.21 12.55
C LEU C 183 -5.04 7.70 12.84
N ASP C 184 -5.74 7.99 13.95
CA ASP C 184 -5.90 9.37 14.37
C ASP C 184 -4.55 10.00 14.67
N TRP C 185 -3.64 9.26 15.30
CA TRP C 185 -2.29 9.75 15.54
C TRP C 185 -1.59 10.07 14.23
N THR C 186 -1.71 9.18 13.25
CA THR C 186 -1.05 9.37 11.97
C THR C 186 -1.54 10.63 11.28
N ALA C 187 -2.85 10.84 11.25
CA ALA C 187 -3.39 12.07 10.68
C ALA C 187 -2.98 13.29 11.48
N ALA C 188 -3.09 13.21 12.81
CA ALA C 188 -2.74 14.36 13.65
C ALA C 188 -1.27 14.72 13.55
N PHE C 189 -0.40 13.71 13.44
CA PHE C 189 1.01 13.97 13.24
C PHE C 189 1.24 14.82 11.99
N SER C 190 0.63 14.44 10.87
CA SER C 190 0.79 15.20 9.64
C SER C 190 0.20 16.60 9.78
N ILE C 191 -0.97 16.71 10.41
CA ILE C 191 -1.60 18.02 10.59
C ILE C 191 -0.76 18.89 11.51
N ARG C 192 -0.27 18.32 12.62
CA ARG C 192 0.44 19.11 13.62
C ARG C 192 1.72 19.72 13.03
N TYR C 193 2.44 18.97 12.21
CA TYR C 193 3.74 19.39 11.71
C TYR C 193 3.68 19.88 10.27
N GLY C 194 2.57 20.45 9.87
CA GLY C 194 2.46 21.10 8.58
C GLY C 194 2.59 20.18 7.38
N ASN C 195 1.65 19.23 7.24
CA ASN C 195 1.54 18.46 6.01
C ASN C 195 2.75 17.59 5.67
N LEU C 196 2.87 16.44 6.32
CA LEU C 196 3.97 15.49 6.09
C LEU C 196 4.20 15.15 4.62
N TYR C 197 3.27 15.47 3.72
CA TYR C 197 3.52 15.30 2.29
C TYR C 197 4.78 16.04 1.86
N TYR C 198 5.11 17.13 2.53
CA TYR C 198 6.27 17.94 2.17
C TYR C 198 7.53 17.54 2.93
N ASN C 199 7.47 16.47 3.72
CA ASN C 199 8.66 15.87 4.28
C ASN C 199 9.35 15.05 3.19
N PRO C 200 10.56 15.43 2.76
CA PRO C 200 11.18 14.69 1.65
C PRO C 200 11.45 13.24 1.95
N PHE C 201 11.71 12.90 3.22
CA PHE C 201 11.88 11.49 3.55
C PHE C 201 10.57 10.74 3.58
N HIS C 202 9.46 11.43 3.85
CA HIS C 202 8.14 10.86 3.61
C HIS C 202 7.92 10.62 2.13
N MET C 203 8.36 11.56 1.28
CA MET C 203 8.31 11.36 -0.15
C MET C 203 9.14 10.16 -0.56
N LEU C 204 10.35 10.04 -0.01
CA LEU C 204 11.19 8.89 -0.33
C LEU C 204 10.59 7.59 0.16
N SER C 205 10.06 7.59 1.39
CA SER C 205 9.46 6.39 1.92
C SER C 205 8.33 5.91 1.03
N ILE C 206 7.50 6.84 0.53
CA ILE C 206 6.43 6.47 -0.38
C ILE C 206 6.99 5.94 -1.68
N ALA C 207 8.04 6.57 -2.21
CA ALA C 207 8.65 6.09 -3.45
C ALA C 207 9.14 4.65 -3.29
N PHE C 208 9.71 4.33 -2.13
CA PHE C 208 10.15 2.96 -1.88
C PHE C 208 8.99 2.04 -1.55
N LEU C 209 7.96 2.53 -0.84
CA LEU C 209 6.78 1.69 -0.63
C LEU C 209 6.08 1.41 -1.96
N TYR C 210 5.91 2.43 -2.79
CA TYR C 210 5.38 2.22 -4.14
C TYR C 210 6.29 1.30 -4.93
N GLY C 211 7.61 1.51 -4.83
CA GLY C 211 8.55 0.66 -5.54
C GLY C 211 8.53 -0.78 -5.07
N SER C 212 8.28 -1.00 -3.79
CA SER C 212 8.17 -2.37 -3.28
C SER C 212 7.02 -3.12 -3.94
N ALA C 213 5.87 -2.46 -4.08
CA ALA C 213 4.74 -3.06 -4.78
C ALA C 213 5.05 -3.22 -6.26
N LEU C 214 5.69 -2.21 -6.86
CA LEU C 214 6.06 -2.30 -8.27
C LEU C 214 7.05 -3.43 -8.50
N LEU C 215 8.07 -3.54 -7.65
CA LEU C 215 9.09 -4.56 -7.85
C LEU C 215 8.54 -5.96 -7.61
N PHE C 216 7.74 -6.15 -6.56
CA PHE C 216 7.22 -7.48 -6.29
C PHE C 216 6.19 -7.87 -7.35
N ALA C 217 5.39 -6.92 -7.82
CA ALA C 217 4.54 -7.20 -8.97
C ALA C 217 5.37 -7.54 -10.20
N MET C 218 6.43 -6.77 -10.44
CA MET C 218 7.31 -7.08 -11.57
C MET C 218 7.97 -8.43 -11.40
N HIS C 219 8.59 -8.66 -10.24
CA HIS C 219 9.33 -9.88 -10.01
C HIS C 219 8.41 -11.08 -9.83
N GLY C 220 7.29 -10.89 -9.14
CA GLY C 220 6.33 -11.97 -8.99
C GLY C 220 5.76 -12.40 -10.32
N ALA C 221 5.36 -11.44 -11.15
CA ALA C 221 4.86 -11.76 -12.48
C ALA C 221 5.95 -12.38 -13.34
N THR C 222 7.18 -11.87 -13.23
CA THR C 222 8.28 -12.38 -14.04
C THR C 222 8.55 -13.85 -13.74
N ILE C 223 8.64 -14.21 -12.45
CA ILE C 223 8.94 -15.59 -12.09
C ILE C 223 7.80 -16.51 -12.51
N LEU C 224 6.56 -16.09 -12.30
CA LEU C 224 5.43 -16.89 -12.75
C LEU C 224 5.42 -17.02 -14.27
N ALA C 225 5.82 -15.97 -14.99
CA ALA C 225 5.85 -16.03 -16.45
C ALA C 225 6.88 -17.02 -16.96
N VAL C 226 7.96 -17.25 -16.20
CA VAL C 226 9.02 -18.17 -16.59
C VAL C 226 9.03 -19.42 -15.73
N SER C 227 8.02 -19.60 -14.88
CA SER C 227 7.93 -20.82 -14.08
C SER C 227 7.69 -22.06 -14.92
N ARG C 228 7.19 -21.89 -16.16
CA ARG C 228 7.13 -23.01 -17.10
C ARG C 228 8.51 -23.53 -17.44
N PHE C 229 9.56 -22.75 -17.21
CA PHE C 229 10.95 -23.17 -17.36
C PHE C 229 11.63 -23.45 -16.04
N GLY C 230 10.89 -23.49 -14.94
CA GLY C 230 11.50 -23.66 -13.64
C GLY C 230 12.08 -22.41 -13.04
N GLY C 231 11.55 -21.24 -13.40
CA GLY C 231 12.04 -19.99 -12.85
C GLY C 231 11.81 -19.83 -11.37
N ASP C 232 10.84 -20.57 -10.80
CA ASP C 232 10.61 -20.54 -9.36
C ASP C 232 11.83 -21.02 -8.58
N ARG C 233 12.60 -21.95 -9.16
CA ARG C 233 13.78 -22.51 -8.50
C ARG C 233 14.94 -21.54 -8.74
N GLU C 234 14.93 -20.46 -7.97
CA GLU C 234 15.84 -19.35 -8.24
C GLU C 234 17.27 -19.66 -7.84
N ILE C 235 17.47 -20.56 -6.87
CA ILE C 235 18.83 -20.98 -6.52
C ILE C 235 19.50 -21.65 -7.71
N ASP C 236 18.77 -22.55 -8.38
CA ASP C 236 19.28 -23.17 -9.60
C ASP C 236 19.63 -22.13 -10.64
N GLN C 237 18.74 -21.15 -10.85
CA GLN C 237 18.95 -20.12 -11.86
C GLN C 237 20.06 -19.17 -11.48
N ILE C 238 20.42 -19.08 -10.20
CA ILE C 238 21.52 -18.23 -9.79
C ILE C 238 22.84 -18.95 -9.98
N THR C 239 22.92 -20.20 -9.53
CA THR C 239 24.15 -20.97 -9.68
C THR C 239 24.34 -21.48 -11.10
N ASP C 240 23.26 -21.88 -11.76
CA ASP C 240 23.30 -22.43 -13.12
C ASP C 240 22.23 -21.73 -13.94
N ARG C 241 22.59 -20.62 -14.58
CA ARG C 241 21.61 -19.79 -15.28
C ARG C 241 20.89 -20.60 -16.35
N GLY C 242 19.59 -20.82 -16.14
CA GLY C 242 18.76 -21.49 -17.10
C GLY C 242 18.08 -20.51 -18.05
N THR C 243 17.25 -21.07 -18.93
CA THR C 243 16.52 -20.23 -19.86
C THR C 243 15.49 -19.35 -19.18
N ALA C 244 15.05 -19.72 -17.96
CA ALA C 244 14.11 -18.90 -17.23
C ALA C 244 14.74 -17.56 -16.84
N ALA C 245 15.93 -17.61 -16.24
CA ALA C 245 16.64 -16.38 -15.89
C ALA C 245 16.97 -15.57 -17.13
N GLU C 246 17.41 -16.24 -18.20
CA GLU C 246 17.75 -15.52 -19.43
C GLU C 246 16.54 -14.84 -20.03
N ARG C 247 15.42 -15.55 -20.14
CA ARG C 247 14.22 -14.95 -20.69
C ARG C 247 13.68 -13.86 -19.78
N ALA C 248 13.79 -14.04 -18.47
CA ALA C 248 13.40 -13.00 -17.52
C ALA C 248 14.22 -11.73 -17.75
N ALA C 249 15.54 -11.88 -17.84
CA ALA C 249 16.39 -10.71 -18.06
C ALA C 249 16.16 -10.11 -19.44
N ILE C 250 15.97 -10.97 -20.45
CA ILE C 250 15.79 -10.47 -21.80
C ILE C 250 14.46 -9.74 -21.95
N PHE C 251 13.40 -10.23 -21.28
CA PHE C 251 12.13 -9.53 -21.32
C PHE C 251 12.29 -8.09 -20.84
N TRP C 252 12.95 -7.92 -19.70
CA TRP C 252 13.07 -6.59 -19.12
C TRP C 252 14.05 -5.71 -19.88
N ARG C 253 15.10 -6.30 -20.44
CA ARG C 253 15.99 -5.53 -21.30
C ARG C 253 15.26 -5.01 -22.54
N TRP C 254 14.41 -5.85 -23.14
CA TRP C 254 13.64 -5.40 -24.30
C TRP C 254 12.57 -4.39 -23.90
N THR C 255 12.05 -4.49 -22.69
CA THR C 255 10.98 -3.59 -22.26
C THR C 255 11.53 -2.22 -21.91
N MET C 256 12.52 -2.17 -21.03
CA MET C 256 12.99 -0.90 -20.47
C MET C 256 14.47 -0.65 -20.67
N GLY C 257 15.14 -1.40 -21.55
CA GLY C 257 16.51 -1.11 -21.92
C GLY C 257 17.57 -1.64 -21.00
N PHE C 258 17.19 -2.16 -19.83
CA PHE C 258 18.16 -2.71 -18.90
C PHE C 258 17.45 -3.78 -18.07
N ASN C 259 18.24 -4.53 -17.31
CA ASN C 259 17.72 -5.69 -16.62
C ASN C 259 18.58 -5.99 -15.41
N ALA C 260 18.06 -6.83 -14.54
CA ALA C 260 18.78 -7.36 -13.41
C ALA C 260 19.19 -8.79 -13.71
N SER C 261 19.78 -9.46 -12.73
CA SER C 261 20.01 -10.89 -12.79
C SER C 261 19.08 -11.59 -11.81
N MET C 262 19.09 -12.91 -11.86
CA MET C 262 18.22 -13.67 -10.97
C MET C 262 18.54 -13.41 -9.50
N GLU C 263 19.82 -13.18 -9.19
CA GLU C 263 20.19 -12.83 -7.83
C GLU C 263 20.03 -11.34 -7.54
N SER C 264 20.44 -10.48 -8.46
CA SER C 264 20.46 -9.05 -8.19
C SER C 264 19.06 -8.46 -8.09
N ILE C 265 18.05 -9.08 -8.72
CA ILE C 265 16.69 -8.61 -8.56
C ILE C 265 16.28 -8.69 -7.09
N HIS C 266 16.81 -9.68 -6.37
CA HIS C 266 16.51 -9.80 -4.96
C HIS C 266 17.27 -8.79 -4.12
N ARG C 267 18.38 -8.25 -4.65
CA ARG C 267 19.04 -7.13 -3.98
C ARG C 267 18.26 -5.84 -4.20
N TRP C 268 17.73 -5.62 -5.41
CA TRP C 268 16.83 -4.51 -5.63
C TRP C 268 15.62 -4.61 -4.72
N ALA C 269 15.06 -5.81 -4.61
CA ALA C 269 13.89 -6.02 -3.76
C ALA C 269 14.22 -5.77 -2.29
N TRP C 270 15.37 -6.28 -1.84
CA TRP C 270 15.74 -6.12 -0.45
C TRP C 270 15.90 -4.64 -0.09
N TRP C 271 16.61 -3.90 -0.93
CA TRP C 271 16.89 -2.51 -0.62
C TRP C 271 15.64 -1.64 -0.74
N CYS C 272 14.77 -1.92 -1.71
CA CYS C 272 13.56 -1.13 -1.87
C CYS C 272 12.68 -1.23 -0.63
N ALA C 273 12.49 -2.46 -0.11
CA ALA C 273 11.69 -2.64 1.09
C ALA C 273 12.37 -2.05 2.31
N VAL C 274 13.69 -2.27 2.44
CA VAL C 274 14.42 -1.77 3.59
C VAL C 274 14.42 -0.24 3.62
N LEU C 275 14.64 0.39 2.46
CA LEU C 275 14.69 1.84 2.43
C LEU C 275 13.34 2.47 2.77
N THR C 276 12.25 1.71 2.60
CA THR C 276 10.93 2.21 2.97
C THR C 276 10.90 2.58 4.46
N VAL C 277 11.45 1.71 5.31
CA VAL C 277 11.39 1.99 6.75
C VAL C 277 12.58 2.82 7.19
N ILE C 278 13.69 2.77 6.45
CA ILE C 278 14.86 3.58 6.80
C ILE C 278 14.52 5.06 6.62
N THR C 279 13.97 5.43 5.47
CA THR C 279 13.61 6.82 5.24
C THR C 279 12.40 7.22 6.06
N ALA C 280 11.49 6.28 6.33
CA ALA C 280 10.37 6.55 7.22
C ALA C 280 10.87 6.93 8.61
N GLY C 281 11.84 6.16 9.13
CA GLY C 281 12.41 6.49 10.43
C GLY C 281 13.09 7.85 10.44
N ILE C 282 13.88 8.13 9.40
CA ILE C 282 14.57 9.42 9.32
C ILE C 282 13.58 10.56 9.24
N GLY C 283 12.55 10.41 8.41
CA GLY C 283 11.55 11.46 8.29
C GLY C 283 10.85 11.76 9.60
N ILE C 284 10.53 10.70 10.36
CA ILE C 284 9.92 10.87 11.68
C ILE C 284 10.89 11.58 12.63
N LEU C 285 12.15 11.16 12.63
CA LEU C 285 13.12 11.75 13.55
C LEU C 285 13.40 13.21 13.25
N LEU C 286 13.29 13.61 11.98
CA LEU C 286 13.49 15.01 11.62
C LEU C 286 12.29 15.89 11.95
N THR C 287 11.11 15.30 12.12
CA THR C 287 9.89 16.06 12.26
C THR C 287 9.70 16.51 13.71
N GLY C 288 9.53 17.81 13.90
CA GLY C 288 9.37 18.38 15.21
C GLY C 288 10.67 18.66 15.94
N THR C 289 11.79 18.12 15.46
CA THR C 289 13.09 18.31 16.06
C THR C 289 13.93 19.33 15.31
N VAL C 290 14.09 19.16 13.99
CA VAL C 290 14.77 20.13 13.15
C VAL C 290 13.84 20.84 12.18
N VAL C 291 12.62 20.35 12.00
CA VAL C 291 11.62 21.01 11.15
C VAL C 291 10.32 21.08 11.93
N GLU C 292 9.74 22.27 12.02
CA GLU C 292 8.47 22.48 12.69
C GLU C 292 7.28 22.36 11.74
N ASN C 293 7.37 22.97 10.56
CA ASN C 293 6.31 22.98 9.56
C ASN C 293 6.93 22.51 8.25
N TRP C 294 6.53 21.32 7.80
CA TRP C 294 7.14 20.75 6.60
C TRP C 294 6.77 21.56 5.36
N TYR C 295 5.53 22.03 5.28
CA TYR C 295 5.15 22.87 4.15
C TYR C 295 5.97 24.15 4.12
N LEU C 296 6.19 24.78 5.27
CA LEU C 296 6.99 26.00 5.31
C LEU C 296 8.46 25.69 5.03
N TRP C 297 8.94 24.52 5.43
CA TRP C 297 10.27 24.10 5.01
C TRP C 297 10.34 23.94 3.50
N ALA C 298 9.27 23.40 2.90
CA ALA C 298 9.24 23.25 1.44
C ALA C 298 9.21 24.59 0.75
N ILE C 299 8.47 25.56 1.30
CA ILE C 299 8.46 26.90 0.73
C ILE C 299 9.85 27.52 0.77
N LYS C 300 10.54 27.37 1.90
CA LYS C 300 11.89 27.91 2.05
C LYS C 300 12.84 27.30 1.02
N HIS C 301 12.66 26.03 0.69
CA HIS C 301 13.55 25.34 -0.23
C HIS C 301 12.94 25.22 -1.64
N GLY C 302 11.88 25.95 -1.92
CA GLY C 302 11.30 25.99 -3.25
C GLY C 302 10.75 24.67 -3.74
N VAL C 303 10.11 23.91 -2.87
CA VAL C 303 9.51 22.63 -3.23
C VAL C 303 8.01 22.74 -3.43
N ALA C 304 7.35 23.56 -2.64
CA ALA C 304 5.90 23.69 -2.70
C ALA C 304 5.51 24.55 -3.91
N PRO C 305 4.62 24.06 -4.77
CA PRO C 305 4.14 24.90 -5.88
C PRO C 305 3.24 26.01 -5.39
N ALA C 306 3.21 27.09 -6.16
CA ALA C 306 2.35 28.23 -5.89
C ALA C 306 1.14 28.17 -6.81
N TYR C 307 -0.02 28.50 -6.27
CA TYR C 307 -1.21 28.52 -7.10
C TYR C 307 -1.72 29.93 -7.26
N PRO C 308 -2.38 30.24 -8.38
CA PRO C 308 -3.01 31.55 -8.52
C PRO C 308 -4.06 31.76 -7.43
N GLU C 309 -4.10 32.97 -6.90
CA GLU C 309 -4.99 33.29 -5.79
C GLU C 309 -6.40 33.52 -6.31
N VAL C 310 -7.18 32.44 -6.39
CA VAL C 310 -8.58 32.55 -6.73
C VAL C 310 -9.46 32.61 -5.49
N VAL C 311 -8.94 32.19 -4.34
CA VAL C 311 -9.68 32.21 -3.08
C VAL C 311 -8.70 32.58 -1.97
N THR C 312 -9.17 33.38 -1.03
CA THR C 312 -8.33 33.81 0.08
C THR C 312 -9.22 34.21 1.25
N ALA C 313 -8.60 34.25 2.43
CA ALA C 313 -9.29 34.58 3.67
C ALA C 313 -8.62 35.77 4.32
N VAL C 314 -9.42 36.73 4.76
CA VAL C 314 -8.91 37.79 5.62
C VAL C 314 -8.45 37.17 6.94
N ASP C 315 -7.24 37.49 7.36
CA ASP C 315 -6.71 36.94 8.58
C ASP C 315 -7.27 37.72 9.77
N PRO C 316 -8.09 37.10 10.61
CA PRO C 316 -8.68 37.82 11.74
C PRO C 316 -7.68 38.25 12.79
N TYR C 317 -6.50 37.63 12.82
CA TYR C 317 -5.46 38.01 13.75
C TYR C 317 -4.68 39.25 13.31
N ALA C 318 -4.85 39.67 12.06
CA ALA C 318 -4.16 40.84 11.54
C ALA C 318 -4.90 42.14 11.85
N THR C 319 -6.05 42.07 12.52
CA THR C 319 -6.86 43.26 12.82
C THR C 319 -6.06 44.37 13.48
N FME D 1 24.28 23.08 19.36
CN FME D 1 24.45 24.31 19.82
O1 FME D 1 24.20 25.34 19.21
CA FME D 1 23.83 22.78 18.01
CB FME D 1 23.88 21.27 17.76
CG FME D 1 23.02 20.47 18.72
SD FME D 1 23.23 18.69 18.55
CE FME D 1 22.01 18.10 19.72
C FME D 1 22.41 23.31 17.74
O FME D 1 21.73 23.70 18.71
N SER D 2 21.99 23.36 16.48
CA SER D 2 20.66 23.83 16.13
C SER D 2 20.23 23.28 14.78
N ALA D 3 19.02 23.63 14.34
CA ALA D 3 18.53 23.13 13.05
C ALA D 3 19.08 23.90 11.87
N ALA D 4 19.51 25.14 12.08
CA ALA D 4 19.98 26.01 11.00
C ALA D 4 21.47 25.84 10.82
N ILE D 5 21.88 25.32 9.66
CA ILE D 5 23.30 25.22 9.33
C ILE D 5 23.84 26.57 8.87
N THR D 6 23.16 27.18 7.91
CA THR D 6 23.45 28.56 7.50
C THR D 6 22.15 29.34 7.56
N GLU D 7 22.12 30.55 6.99
CA GLU D 7 20.86 31.28 6.88
C GLU D 7 19.83 30.51 6.08
N TYR D 8 20.27 29.71 5.11
CA TYR D 8 19.39 28.91 4.27
C TYR D 8 19.50 27.42 4.52
N MET D 9 20.72 26.92 4.73
CA MET D 9 20.92 25.50 4.96
C MET D 9 20.41 25.08 6.32
N ASP D 10 19.70 23.95 6.35
CA ASP D 10 19.19 23.39 7.60
C ASP D 10 19.46 21.90 7.61
N VAL D 11 19.23 21.28 8.77
CA VAL D 11 19.61 19.89 8.98
C VAL D 11 18.83 18.97 8.04
N ALA D 12 17.53 19.21 7.87
CA ALA D 12 16.73 18.35 7.00
C ALA D 12 17.22 18.42 5.56
N GLN D 13 17.59 19.63 5.10
CA GLN D 13 18.16 19.75 3.76
C GLN D 13 19.47 18.98 3.64
N LEU D 14 20.30 19.01 4.69
CA LEU D 14 21.52 18.21 4.66
C LEU D 14 21.22 16.72 4.65
N THR D 15 20.24 16.29 5.45
CA THR D 15 19.92 14.87 5.53
C THR D 15 19.44 14.34 4.19
N ILE D 16 18.61 15.10 3.47
CA ILE D 16 18.09 14.63 2.19
C ILE D 16 19.21 14.58 1.15
N TRP D 17 20.13 15.53 1.18
CA TRP D 17 21.28 15.48 0.28
C TRP D 17 22.19 14.30 0.62
N ALA D 18 22.36 14.01 1.91
CA ALA D 18 23.16 12.85 2.29
C ALA D 18 22.55 11.56 1.76
N PHE D 19 21.22 11.47 1.75
CA PHE D 19 20.56 10.30 1.19
C PHE D 19 20.84 10.17 -0.31
N TRP D 20 20.83 11.30 -1.02
CA TRP D 20 21.03 11.24 -2.47
C TRP D 20 22.42 10.69 -2.81
N PHE D 21 23.43 11.01 -2.00
CA PHE D 21 24.76 10.47 -2.23
C PHE D 21 24.80 8.98 -1.92
N PHE D 22 24.20 8.56 -0.81
CA PHE D 22 24.12 7.13 -0.53
C PHE D 22 23.33 6.41 -1.61
N PHE D 23 22.19 6.98 -2.01
CA PHE D 23 21.35 6.33 -3.00
C PHE D 23 22.07 6.20 -4.33
N ALA D 24 22.85 7.21 -4.71
CA ALA D 24 23.65 7.12 -5.94
C ALA D 24 24.63 5.96 -5.85
N GLY D 25 25.29 5.81 -4.70
CA GLY D 25 26.18 4.67 -4.51
C GLY D 25 25.44 3.35 -4.53
N LEU D 26 24.22 3.32 -3.96
CA LEU D 26 23.44 2.10 -3.96
C LEU D 26 23.02 1.70 -5.37
N ILE D 27 22.61 2.67 -6.19
CA ILE D 27 22.22 2.37 -7.56
C ILE D 27 23.42 1.86 -8.35
N ILE D 28 24.58 2.48 -8.14
CA ILE D 28 25.79 2.01 -8.80
C ILE D 28 26.10 0.58 -8.36
N TYR D 29 25.97 0.30 -7.07
CA TYR D 29 26.19 -1.05 -6.57
C TYR D 29 25.19 -2.04 -7.18
N LEU D 30 23.92 -1.68 -7.20
CA LEU D 30 22.90 -2.59 -7.72
C LEU D 30 23.10 -2.86 -9.20
N ARG D 31 23.41 -1.83 -9.97
CA ARG D 31 23.64 -2.01 -11.40
C ARG D 31 24.84 -2.91 -11.65
N ARG D 32 25.90 -2.76 -10.85
CA ARG D 32 27.05 -3.65 -10.96
C ARG D 32 26.66 -5.08 -10.64
N GLU D 33 25.82 -5.28 -9.63
CA GLU D 33 25.32 -6.61 -9.34
C GLU D 33 24.48 -7.16 -10.50
N ASP D 34 23.67 -6.30 -11.12
CA ASP D 34 22.86 -6.71 -12.28
C ASP D 34 23.74 -7.27 -13.38
N LYS D 35 24.95 -6.74 -13.53
CA LYS D 35 25.83 -7.03 -14.66
C LYS D 35 26.72 -8.24 -14.43
N ARG D 36 26.47 -9.04 -13.39
CA ARG D 36 27.21 -10.28 -13.21
C ARG D 36 26.80 -11.35 -14.21
N GLU D 37 25.73 -11.15 -14.95
CA GLU D 37 25.29 -12.08 -15.99
C GLU D 37 25.08 -11.33 -17.30
N GLY D 38 25.56 -11.93 -18.38
CA GLY D 38 25.32 -11.40 -19.71
C GLY D 38 26.22 -10.25 -20.13
N TYR D 39 27.29 -9.97 -19.39
CA TYR D 39 28.20 -8.90 -19.72
C TYR D 39 29.63 -9.45 -19.81
N PRO D 40 30.48 -8.89 -20.69
CA PRO D 40 30.25 -7.76 -21.61
C PRO D 40 29.19 -8.08 -22.67
N LEU D 41 28.58 -7.06 -23.24
CA LEU D 41 27.45 -7.25 -24.13
C LEU D 41 27.90 -7.74 -25.51
N ASP D 42 27.02 -8.50 -26.14
CA ASP D 42 27.18 -8.94 -27.53
C ASP D 42 26.75 -7.78 -28.42
N SER D 43 27.71 -7.07 -28.99
CA SER D 43 27.47 -5.82 -29.70
C SER D 43 28.20 -5.82 -31.03
N ASP D 44 27.63 -5.06 -31.98
CA ASP D 44 28.38 -4.74 -33.19
C ASP D 44 29.58 -3.86 -32.87
N ARG D 45 29.47 -3.02 -31.83
CA ARG D 45 30.58 -2.18 -31.42
C ARG D 45 31.83 -3.00 -31.15
N THR D 46 31.68 -4.12 -30.45
CA THR D 46 32.79 -5.04 -30.23
C THR D 46 33.20 -5.73 -31.52
N GLU D 47 32.23 -6.09 -32.36
CA GLU D 47 32.52 -6.89 -33.55
C GLU D 47 33.38 -6.13 -34.55
N ARG D 48 33.03 -4.88 -34.86
CA ARG D 48 33.86 -4.12 -35.79
C ARG D 48 35.19 -3.73 -35.17
N SER D 49 35.25 -3.55 -33.85
CA SER D 49 36.50 -3.24 -33.19
C SER D 49 37.40 -4.45 -33.02
N GLY D 50 37.00 -5.61 -33.51
CA GLY D 50 37.78 -6.83 -33.36
C GLY D 50 37.93 -7.28 -31.92
N GLY D 51 36.93 -7.02 -31.08
CA GLY D 51 37.02 -7.36 -29.68
C GLY D 51 37.82 -6.42 -28.82
N ARG D 52 38.29 -5.30 -29.38
CA ARG D 52 39.11 -4.35 -28.65
C ARG D 52 38.32 -3.40 -27.78
N VAL D 53 36.99 -3.37 -27.93
CA VAL D 53 36.11 -2.52 -27.13
C VAL D 53 35.03 -3.39 -26.53
N LYS D 54 35.15 -3.68 -25.24
CA LYS D 54 34.16 -4.48 -24.53
C LYS D 54 33.03 -3.56 -24.08
N VAL D 55 31.80 -3.94 -24.43
CA VAL D 55 30.63 -3.11 -24.15
C VAL D 55 30.09 -3.51 -22.77
N VAL D 56 30.32 -2.65 -21.78
CA VAL D 56 29.85 -2.90 -20.43
C VAL D 56 28.91 -1.82 -19.92
N GLY D 57 28.91 -0.62 -20.51
CA GLY D 57 28.11 0.46 -19.99
C GLY D 57 28.66 0.96 -18.66
N PHE D 58 27.82 1.69 -17.95
CA PHE D 58 28.18 2.25 -16.67
C PHE D 58 27.16 1.80 -15.63
N PRO D 59 27.62 1.30 -14.47
CA PRO D 59 29.01 1.08 -14.07
C PRO D 59 29.64 -0.12 -14.74
N ASP D 60 30.97 -0.23 -14.68
CA ASP D 60 31.67 -1.37 -15.25
C ASP D 60 31.40 -2.62 -14.42
N LEU D 61 31.97 -3.74 -14.85
CA LEU D 61 31.67 -5.01 -14.22
C LEU D 61 32.36 -5.13 -12.87
N ALA D 62 31.76 -5.94 -12.00
CA ALA D 62 32.32 -6.22 -10.68
C ALA D 62 33.30 -7.38 -10.75
N GLU D 63 34.16 -7.47 -9.74
CA GLU D 63 35.09 -8.58 -9.65
C GLU D 63 34.30 -9.87 -9.40
N PRO D 64 34.72 -10.99 -10.01
CA PRO D 64 33.92 -12.21 -9.92
C PRO D 64 33.74 -12.69 -8.49
N LYS D 65 32.48 -12.94 -8.12
CA LYS D 65 32.13 -13.55 -6.85
C LYS D 65 32.05 -15.07 -7.02
N THR D 66 32.15 -15.78 -5.90
CA THR D 66 32.28 -17.22 -5.90
C THR D 66 31.04 -17.87 -5.31
N PHE D 67 30.43 -18.78 -6.07
CA PHE D 67 29.34 -19.63 -5.59
C PHE D 67 29.88 -21.05 -5.45
N VAL D 68 30.06 -21.50 -4.21
CA VAL D 68 30.48 -22.86 -3.94
C VAL D 68 29.23 -23.73 -3.88
N LEU D 69 29.14 -24.68 -4.81
CA LEU D 69 27.96 -25.51 -4.91
C LEU D 69 27.96 -26.61 -3.85
N PRO D 70 26.78 -27.05 -3.41
CA PRO D 70 26.72 -28.16 -2.45
C PRO D 70 27.03 -29.50 -3.12
N HIS D 71 27.42 -30.46 -2.28
CA HIS D 71 27.75 -31.82 -2.68
C HIS D 71 28.87 -31.86 -3.73
N ASN D 72 29.83 -30.94 -3.59
CA ASN D 72 31.02 -30.89 -4.45
C ASN D 72 30.63 -30.83 -5.93
N ALA D 73 29.51 -30.18 -6.22
CA ALA D 73 29.12 -29.99 -7.61
C ALA D 73 30.01 -28.98 -8.33
N GLY D 74 30.81 -28.22 -7.60
CA GLY D 74 31.78 -27.33 -8.19
C GLY D 74 31.65 -25.92 -7.64
N THR D 75 32.35 -25.00 -8.30
CA THR D 75 32.35 -23.60 -7.95
C THR D 75 32.11 -22.79 -9.21
N VAL D 76 31.16 -21.87 -9.17
CA VAL D 76 30.86 -21.03 -10.32
C VAL D 76 31.17 -19.58 -9.94
N MET D 77 31.64 -18.83 -10.92
CA MET D 77 31.91 -17.41 -10.78
C MET D 77 30.77 -16.65 -11.43
N ALA D 78 30.13 -15.74 -10.66
CA ALA D 78 28.94 -15.07 -11.20
C ALA D 78 29.28 -14.26 -12.44
N PRO D 79 30.23 -13.31 -12.40
CA PRO D 79 30.79 -12.79 -13.66
C PRO D 79 31.80 -13.79 -14.21
N ARG D 80 31.47 -14.41 -15.33
CA ARG D 80 32.32 -15.42 -15.94
C ARG D 80 32.44 -15.13 -17.43
N VAL D 81 33.54 -15.59 -17.99
CA VAL D 81 33.74 -15.51 -19.44
C VAL D 81 33.04 -16.68 -20.09
N GLU D 82 32.19 -16.39 -21.07
CA GLU D 82 31.38 -17.40 -21.75
C GLU D 82 31.77 -17.45 -23.21
N ALA D 83 32.00 -18.65 -23.71
CA ALA D 83 32.35 -18.82 -25.11
C ALA D 83 31.18 -18.42 -26.00
N PRO D 84 31.42 -17.71 -27.10
CA PRO D 84 30.31 -17.38 -28.02
C PRO D 84 29.61 -18.63 -28.51
N THR D 85 28.30 -18.55 -28.67
CA THR D 85 27.48 -19.64 -29.17
C THR D 85 26.85 -19.22 -30.49
N SER D 86 27.01 -20.05 -31.52
CA SER D 86 26.38 -19.79 -32.80
C SER D 86 24.87 -19.97 -32.68
N ILE D 87 24.14 -19.24 -33.52
CA ILE D 87 22.69 -19.27 -33.51
C ILE D 87 22.20 -19.92 -34.80
N ASN D 88 21.26 -20.86 -34.66
CA ASN D 88 20.65 -21.52 -35.80
C ASN D 88 19.58 -20.64 -36.43
N ALA D 89 20.01 -19.45 -36.84
CA ALA D 89 19.12 -18.48 -37.46
C ALA D 89 19.95 -17.52 -38.29
N THR D 90 19.27 -16.80 -39.17
CA THR D 90 19.88 -15.79 -40.02
C THR D 90 19.08 -14.51 -39.95
N PRO D 91 19.73 -13.35 -40.05
CA PRO D 91 19.01 -12.08 -39.98
C PRO D 91 17.99 -11.94 -41.10
N VAL D 92 16.81 -11.43 -40.75
CA VAL D 92 15.78 -11.20 -41.75
C VAL D 92 16.06 -9.93 -42.56
N ALA D 93 16.97 -9.09 -42.09
CA ALA D 93 17.40 -7.89 -42.81
C ALA D 93 18.78 -7.51 -42.31
N PRO D 94 19.56 -6.78 -43.11
CA PRO D 94 20.95 -6.52 -42.74
C PRO D 94 21.18 -5.30 -41.87
N PHE D 95 20.13 -4.66 -41.36
CA PHE D 95 20.36 -3.49 -40.52
C PHE D 95 20.49 -3.89 -39.05
N PRO D 96 21.17 -3.09 -38.24
CA PRO D 96 21.30 -3.43 -36.82
C PRO D 96 19.94 -3.39 -36.13
N GLY D 97 19.76 -4.29 -35.18
CA GLY D 97 18.49 -4.44 -34.51
C GLY D 97 17.47 -5.28 -35.25
N ALA D 98 17.80 -5.81 -36.42
CA ALA D 98 16.86 -6.64 -37.15
CA ALA D 98 16.86 -6.64 -37.15
C ALA D 98 16.76 -8.02 -36.50
N PRO D 99 15.58 -8.63 -36.52
CA PRO D 99 15.42 -9.96 -35.94
C PRO D 99 15.98 -11.04 -36.88
N PHE D 100 16.06 -12.25 -36.35
CA PHE D 100 16.57 -13.39 -37.08
C PHE D 100 15.45 -14.38 -37.37
N GLU D 101 15.53 -15.04 -38.50
CA GLU D 101 14.62 -16.12 -38.86
C GLU D 101 15.29 -17.45 -38.58
N PRO D 102 14.64 -18.35 -37.84
CA PRO D 102 15.24 -19.66 -37.57
C PRO D 102 15.46 -20.46 -38.83
N ASN D 103 16.49 -21.30 -38.80
CA ASN D 103 16.86 -22.14 -39.91
C ASN D 103 16.28 -23.54 -39.75
N GLY D 104 15.77 -24.09 -40.86
CA GLY D 104 15.14 -25.40 -40.81
C GLY D 104 13.76 -25.33 -40.17
N ASP D 105 13.36 -26.44 -39.56
CA ASP D 105 12.09 -26.47 -38.85
C ASP D 105 12.22 -25.63 -37.58
N PRO D 106 11.42 -24.58 -37.41
CA PRO D 106 11.61 -23.70 -36.25
C PRO D 106 11.44 -24.41 -34.92
N MET D 107 10.56 -25.42 -34.85
CA MET D 107 10.41 -26.18 -33.61
C MET D 107 11.67 -26.94 -33.24
N LEU D 108 12.51 -27.27 -34.23
CA LEU D 108 13.74 -28.00 -33.99
C LEU D 108 14.98 -27.11 -34.08
N SER D 109 14.80 -25.82 -34.34
CA SER D 109 15.93 -24.93 -34.57
C SER D 109 16.74 -24.64 -33.31
N GLY D 110 16.13 -24.74 -32.13
CA GLY D 110 16.79 -24.28 -30.93
C GLY D 110 17.05 -22.78 -30.94
N PHE D 111 16.17 -22.02 -31.56
CA PHE D 111 16.31 -20.58 -31.67
C PHE D 111 15.00 -19.91 -31.28
N GLY D 112 15.10 -18.67 -30.82
CA GLY D 112 13.94 -17.93 -30.38
C GLY D 112 13.36 -18.48 -29.11
N PRO D 113 12.04 -18.64 -29.06
CA PRO D 113 11.42 -19.24 -27.87
C PRO D 113 11.83 -20.69 -27.63
N SER D 114 12.36 -21.36 -28.64
CA SER D 114 12.84 -22.73 -28.50
C SER D 114 14.32 -22.79 -28.12
N ALA D 115 14.98 -21.64 -27.93
CA ALA D 115 16.38 -21.61 -27.54
C ALA D 115 16.53 -21.83 -26.04
N SER D 116 17.69 -22.36 -25.65
CA SER D 116 18.02 -22.54 -24.24
C SER D 116 19.52 -22.60 -24.11
N PRO D 117 20.06 -22.15 -22.97
CA PRO D 117 21.49 -22.36 -22.71
C PRO D 117 21.76 -23.82 -22.36
N ASP D 118 23.02 -24.20 -22.50
CA ASP D 118 23.48 -25.52 -22.07
C ASP D 118 23.80 -25.44 -20.57
N ARG D 119 22.91 -25.97 -19.75
CA ARG D 119 23.16 -26.05 -18.33
C ARG D 119 24.05 -27.26 -18.02
N ALA D 120 24.42 -27.40 -16.75
CA ALA D 120 25.26 -28.52 -16.35
C ALA D 120 24.55 -29.84 -16.60
N LYS D 121 25.30 -30.84 -17.02
CA LYS D 121 24.75 -32.17 -17.23
C LYS D 121 24.76 -32.98 -15.93
N HIS D 122 24.20 -32.38 -14.89
CA HIS D 122 24.04 -33.04 -13.60
C HIS D 122 22.64 -32.72 -13.08
N CYS D 123 22.08 -33.67 -12.33
CA CYS D 123 20.76 -33.49 -11.76
C CYS D 123 20.82 -32.52 -10.58
N ASP D 124 19.77 -31.71 -10.45
CA ASP D 124 19.60 -30.93 -9.23
C ASP D 124 19.37 -31.89 -8.06
N LEU D 125 20.02 -31.59 -6.94
CA LEU D 125 20.08 -32.52 -5.83
C LEU D 125 19.30 -31.99 -4.63
N THR D 126 18.71 -32.93 -3.87
CA THR D 126 18.14 -32.59 -2.58
C THR D 126 19.26 -32.30 -1.57
N PHE D 127 18.85 -31.85 -0.39
CA PHE D 127 19.82 -31.58 0.67
C PHE D 127 20.59 -32.83 1.07
N GLU D 128 20.00 -34.00 0.86
CA GLU D 128 20.64 -35.28 1.18
C GLU D 128 21.43 -35.87 0.02
N GLY D 129 21.51 -35.17 -1.12
CA GLY D 129 22.28 -35.64 -2.25
C GLY D 129 21.55 -36.50 -3.26
N LEU D 130 20.28 -36.78 -3.05
CA LEU D 130 19.50 -37.52 -4.02
C LEU D 130 19.03 -36.61 -5.15
N PRO D 131 18.77 -37.16 -6.34
CA PRO D 131 18.19 -36.34 -7.41
C PRO D 131 16.85 -35.76 -6.99
N LYS D 132 16.62 -34.51 -7.37
CA LYS D 132 15.45 -33.80 -6.87
C LYS D 132 14.20 -34.10 -7.69
N ILE D 133 14.30 -34.07 -9.01
CA ILE D 133 13.17 -34.35 -9.88
C ILE D 133 13.25 -35.82 -10.27
N VAL D 134 12.27 -36.61 -9.80
CA VAL D 134 12.25 -38.04 -10.06
C VAL D 134 10.82 -38.48 -10.32
N PRO D 135 10.65 -39.58 -11.05
CA PRO D 135 9.31 -40.14 -11.23
C PRO D 135 8.73 -40.64 -9.91
N LEU D 136 7.39 -40.73 -9.88
CA LEU D 136 6.72 -41.30 -8.72
C LEU D 136 7.10 -42.77 -8.50
N ARG D 137 7.55 -43.47 -9.54
CA ARG D 137 7.92 -44.87 -9.41
C ARG D 137 9.24 -45.08 -8.69
N VAL D 138 10.04 -44.03 -8.50
CA VAL D 138 11.22 -44.12 -7.66
C VAL D 138 11.06 -43.34 -6.36
N ALA D 139 10.25 -42.28 -6.34
CA ALA D 139 9.90 -41.59 -5.10
C ALA D 139 8.64 -42.23 -4.53
N THR D 140 8.84 -43.43 -3.96
CA THR D 140 7.72 -44.26 -3.54
C THR D 140 6.94 -43.66 -2.38
N ASP D 141 7.58 -42.85 -1.54
CA ASP D 141 6.89 -42.24 -0.41
C ASP D 141 5.99 -41.09 -0.81
N PHE D 142 6.09 -40.61 -2.04
CA PHE D 142 5.27 -39.50 -2.51
C PHE D 142 3.97 -40.04 -3.10
N SER D 143 2.93 -39.22 -3.03
CA SER D 143 1.62 -39.61 -3.53
C SER D 143 0.84 -38.38 -3.95
N ILE D 144 -0.19 -38.60 -4.75
CA ILE D 144 -1.13 -37.56 -5.13
C ILE D 144 -2.13 -37.37 -3.99
N ALA D 145 -2.44 -36.11 -3.68
CA ALA D 145 -3.43 -35.83 -2.65
C ALA D 145 -4.78 -36.45 -3.01
N GLU D 146 -5.51 -36.87 -1.98
CA GLU D 146 -6.75 -37.62 -2.21
C GLU D 146 -7.78 -36.77 -2.95
N ARG D 147 -7.89 -35.48 -2.60
CA ARG D 147 -8.89 -34.61 -3.20
C ARG D 147 -8.57 -34.24 -4.65
N ASP D 148 -7.36 -34.50 -5.11
CA ASP D 148 -7.01 -34.16 -6.47
C ASP D 148 -6.94 -35.42 -7.33
N PRO D 149 -7.27 -35.31 -8.62
CA PRO D 149 -7.22 -36.49 -9.49
C PRO D 149 -5.77 -36.91 -9.73
N ASP D 150 -5.60 -38.20 -9.95
CA ASP D 150 -4.29 -38.74 -10.30
C ASP D 150 -4.01 -38.44 -11.77
N PRO D 151 -2.94 -37.73 -12.10
CA PRO D 151 -2.64 -37.48 -13.52
C PRO D 151 -2.40 -38.75 -14.31
N ARG D 152 -1.92 -39.81 -13.67
CA ARG D 152 -1.59 -41.02 -14.39
C ARG D 152 -2.83 -41.63 -15.02
N GLY D 153 -2.71 -41.98 -16.31
CA GLY D 153 -3.84 -42.48 -17.08
C GLY D 153 -4.55 -41.44 -17.90
N MET D 154 -4.39 -40.15 -17.59
CA MET D 154 -5.08 -39.11 -18.33
C MET D 154 -4.58 -39.03 -19.77
N THR D 155 -5.49 -38.69 -20.69
CA THR D 155 -5.16 -38.53 -22.09
C THR D 155 -4.53 -37.16 -22.31
N VAL D 156 -3.36 -37.15 -22.93
CA VAL D 156 -2.66 -35.90 -23.25
C VAL D 156 -3.10 -35.45 -24.62
N VAL D 157 -3.54 -34.20 -24.72
CA VAL D 157 -4.13 -33.65 -25.93
C VAL D 157 -3.34 -32.41 -26.35
N GLY D 158 -2.94 -32.38 -27.62
CA GLY D 158 -2.18 -31.27 -28.15
C GLY D 158 -3.05 -30.04 -28.37
N LEU D 159 -2.42 -29.01 -28.94
CA LEU D 159 -3.11 -27.74 -29.12
C LEU D 159 -4.29 -27.86 -30.09
N ASP D 160 -4.22 -28.80 -31.03
CA ASP D 160 -5.28 -28.97 -32.03
C ASP D 160 -6.43 -29.83 -31.53
N GLY D 161 -6.34 -30.39 -30.33
CA GLY D 161 -7.35 -31.28 -29.81
C GLY D 161 -7.09 -32.74 -30.08
N GLU D 162 -6.22 -33.05 -31.04
CA GLU D 162 -5.87 -34.43 -31.33
C GLU D 162 -5.11 -35.04 -30.16
N VAL D 163 -5.38 -36.33 -29.93
CA VAL D 163 -4.77 -37.01 -28.80
C VAL D 163 -3.29 -37.24 -29.06
N ALA D 164 -2.46 -36.87 -28.09
CA ALA D 164 -1.02 -36.99 -28.20
C ALA D 164 -0.44 -38.20 -27.48
N GLY D 165 -1.12 -38.67 -26.43
CA GLY D 165 -0.63 -39.82 -25.68
C GLY D 165 -1.37 -39.95 -24.37
N THR D 166 -0.74 -40.65 -23.44
CA THR D 166 -1.29 -40.87 -22.11
C THR D 166 -0.19 -40.60 -21.08
N VAL D 167 -0.63 -40.26 -19.86
CA VAL D 167 0.30 -39.95 -18.78
C VAL D 167 0.71 -41.26 -18.12
N SER D 168 1.97 -41.65 -18.30
CA SER D 168 2.46 -42.86 -17.66
C SER D 168 2.85 -42.63 -16.22
N ASP D 169 3.68 -41.62 -15.95
CA ASP D 169 4.13 -41.36 -14.60
C ASP D 169 4.12 -39.85 -14.35
N VAL D 170 4.29 -39.50 -13.08
CA VAL D 170 4.37 -38.10 -12.65
C VAL D 170 5.74 -37.90 -12.00
N TRP D 171 6.46 -36.89 -12.48
CA TRP D 171 7.74 -36.53 -11.89
C TRP D 171 7.51 -35.46 -10.84
N VAL D 172 8.07 -35.66 -9.66
CA VAL D 172 7.82 -34.78 -8.53
C VAL D 172 9.14 -34.19 -8.06
N ASP D 173 9.05 -33.04 -7.39
CA ASP D 173 10.19 -32.40 -6.76
C ASP D 173 10.28 -32.92 -5.33
N ARG D 174 11.38 -33.61 -5.01
CA ARG D 174 11.53 -34.22 -3.71
C ARG D 174 11.92 -33.24 -2.62
N SER D 175 12.30 -32.02 -2.97
CA SER D 175 12.59 -31.01 -1.96
C SER D 175 11.32 -30.26 -1.54
N GLU D 176 10.67 -29.61 -2.50
CA GLU D 176 9.35 -29.03 -2.27
C GLU D 176 8.35 -29.91 -2.99
N PRO D 177 7.59 -30.75 -2.28
CA PRO D 177 6.73 -31.73 -2.95
C PRO D 177 5.72 -31.09 -3.89
N GLN D 178 5.91 -31.30 -5.20
CA GLN D 178 5.04 -30.76 -6.21
C GLN D 178 5.36 -31.43 -7.54
N ILE D 179 4.38 -31.42 -8.44
CA ILE D 179 4.59 -31.95 -9.79
C ILE D 179 5.43 -30.96 -10.59
N ARG D 180 6.42 -31.48 -11.30
CA ARG D 180 7.19 -30.67 -12.23
C ARG D 180 7.09 -31.15 -13.67
N TYR D 181 6.93 -32.45 -13.89
CA TYR D 181 6.85 -33.01 -15.23
C TYR D 181 5.81 -34.12 -15.27
N LEU D 182 5.23 -34.32 -16.45
CA LEU D 182 4.33 -35.43 -16.71
C LEU D 182 4.94 -36.31 -17.79
N GLU D 183 5.24 -37.55 -17.43
CA GLU D 183 5.78 -38.50 -18.40
C GLU D 183 4.64 -38.99 -19.29
N VAL D 184 4.76 -38.72 -20.59
CA VAL D 184 3.71 -39.03 -21.55
C VAL D 184 4.17 -40.19 -22.41
N LYS D 185 3.32 -41.21 -22.54
CA LYS D 185 3.54 -42.27 -23.51
C LYS D 185 2.96 -41.83 -24.84
N VAL D 186 3.84 -41.47 -25.78
CA VAL D 186 3.40 -40.86 -27.03
C VAL D 186 2.61 -41.88 -27.85
N ALA D 187 1.45 -41.46 -28.35
CA ALA D 187 0.57 -42.37 -29.06
C ALA D 187 1.21 -42.87 -30.36
N ALA D 188 1.90 -41.98 -31.08
CA ALA D 188 2.52 -42.38 -32.34
C ALA D 188 3.64 -43.40 -32.12
N GLY D 189 4.72 -42.98 -31.45
CA GLY D 189 5.89 -43.81 -31.35
C GLY D 189 5.91 -44.74 -30.16
N GLY D 190 5.43 -44.28 -29.02
CA GLY D 190 5.49 -45.02 -27.78
C GLY D 190 6.64 -44.65 -26.88
N LYS D 191 7.63 -43.94 -27.41
CA LYS D 191 8.76 -43.48 -26.59
C LYS D 191 8.27 -42.45 -25.58
N ASN D 192 8.65 -42.62 -24.33
CA ASN D 192 8.21 -41.72 -23.28
C ASN D 192 8.93 -40.38 -23.39
N VAL D 193 8.16 -39.30 -23.26
CA VAL D 193 8.69 -37.95 -23.26
C VAL D 193 8.14 -37.22 -22.04
N LEU D 194 8.87 -36.18 -21.63
CA LEU D 194 8.44 -35.39 -20.49
C LEU D 194 7.64 -34.19 -20.96
N LEU D 195 6.70 -33.76 -20.12
CA LEU D 195 5.86 -32.60 -20.40
C LEU D 195 5.84 -31.75 -19.13
N PRO D 196 6.43 -30.55 -19.15
CA PRO D 196 6.44 -29.72 -17.94
C PRO D 196 5.04 -29.36 -17.50
N ILE D 197 4.86 -29.28 -16.17
CA ILE D 197 3.55 -28.94 -15.62
C ILE D 197 3.12 -27.54 -16.05
N GLY D 198 4.08 -26.66 -16.33
CA GLY D 198 3.74 -25.31 -16.75
C GLY D 198 3.08 -25.24 -18.10
N PHE D 199 3.22 -26.27 -18.93
CA PHE D 199 2.58 -26.35 -20.22
C PHE D 199 1.35 -27.25 -20.21
N SER D 200 0.95 -27.74 -19.04
CA SER D 200 -0.15 -28.69 -18.92
C SER D 200 -1.33 -28.01 -18.23
N ARG D 201 -2.47 -27.98 -18.90
CA ARG D 201 -3.72 -27.50 -18.34
C ARG D 201 -4.61 -28.70 -18.10
N PHE D 202 -4.94 -28.95 -16.84
CA PHE D 202 -5.71 -30.13 -16.45
C PHE D 202 -7.19 -29.89 -16.69
N ASP D 203 -7.87 -30.89 -17.26
CA ASP D 203 -9.31 -30.92 -17.36
C ASP D 203 -9.79 -32.06 -16.47
N LYS D 204 -10.14 -31.73 -15.23
CA LYS D 204 -10.44 -32.75 -14.23
C LYS D 204 -11.67 -33.58 -14.63
N LYS D 205 -12.70 -32.94 -15.17
CA LYS D 205 -13.90 -33.65 -15.56
C LYS D 205 -13.61 -34.64 -16.68
N ALA D 206 -12.94 -34.19 -17.74
CA ALA D 206 -12.68 -35.02 -18.90
C ALA D 206 -11.48 -35.95 -18.74
N ARG D 207 -10.73 -35.82 -17.65
CA ARG D 207 -9.50 -36.59 -17.44
C ARG D 207 -8.55 -36.42 -18.62
N LYS D 208 -8.38 -35.17 -19.03
CA LYS D 208 -7.55 -34.81 -20.17
C LYS D 208 -6.52 -33.79 -19.72
N VAL D 209 -5.33 -33.87 -20.32
CA VAL D 209 -4.27 -32.89 -20.11
C VAL D 209 -4.12 -32.14 -21.43
N LYS D 210 -4.46 -30.86 -21.44
CA LYS D 210 -4.42 -30.06 -22.66
C LYS D 210 -3.12 -29.28 -22.73
N VAL D 211 -2.40 -29.44 -23.83
CA VAL D 211 -1.12 -28.78 -24.06
C VAL D 211 -1.31 -27.83 -25.23
N ALA D 212 -1.48 -26.55 -24.94
CA ALA D 212 -1.66 -25.56 -25.99
C ALA D 212 -0.36 -25.20 -26.71
N ALA D 213 0.79 -25.56 -26.14
CA ALA D 213 2.06 -25.15 -26.72
C ALA D 213 2.28 -25.81 -28.09
N ILE D 214 2.11 -27.13 -28.16
CA ILE D 214 2.48 -27.88 -29.35
C ILE D 214 1.34 -28.79 -29.76
N LYS D 215 1.37 -29.22 -31.01
CA LYS D 215 0.40 -30.17 -31.54
C LYS D 215 0.73 -31.58 -31.04
N ALA D 216 -0.17 -32.51 -31.34
CA ALA D 216 0.07 -33.90 -30.99
C ALA D 216 1.27 -34.47 -31.74
N ALA D 217 1.45 -34.06 -33.00
CA ALA D 217 2.57 -34.54 -33.79
C ALA D 217 3.91 -34.03 -33.26
N HIS D 218 3.90 -32.86 -32.61
CA HIS D 218 5.14 -32.28 -32.12
C HIS D 218 5.70 -33.04 -30.92
N PHE D 219 4.90 -33.90 -30.29
CA PHE D 219 5.36 -34.60 -29.10
C PHE D 219 6.46 -35.60 -29.41
N ALA D 220 6.50 -36.11 -30.63
CA ALA D 220 7.50 -37.10 -31.00
C ALA D 220 8.92 -36.54 -30.94
N ASN D 221 9.08 -35.22 -31.09
CA ASN D 221 10.39 -34.59 -31.14
C ASN D 221 10.81 -33.97 -29.83
N VAL D 222 10.08 -34.21 -28.75
CA VAL D 222 10.48 -33.67 -27.45
C VAL D 222 11.83 -34.28 -27.06
N PRO D 223 12.80 -33.50 -26.59
CA PRO D 223 14.10 -34.08 -26.22
C PRO D 223 13.94 -35.15 -25.15
N THR D 224 14.68 -36.23 -25.31
CA THR D 224 14.57 -37.39 -24.44
C THR D 224 15.63 -37.36 -23.35
N LEU D 225 15.39 -38.14 -22.30
CA LEU D 225 16.28 -38.21 -21.16
C LEU D 225 17.31 -39.31 -21.36
N ALA D 226 18.55 -39.04 -20.94
CA ALA D 226 19.59 -40.06 -20.96
C ALA D 226 19.22 -41.23 -20.06
N LYS D 227 19.16 -40.98 -18.77
CA LYS D 227 18.67 -41.96 -17.83
C LYS D 227 17.16 -41.86 -17.71
N PRO D 228 16.47 -42.99 -17.54
CA PRO D 228 14.99 -42.94 -17.49
C PRO D 228 14.42 -42.41 -16.19
N ASP D 229 15.18 -42.43 -15.10
CA ASP D 229 14.63 -42.13 -13.78
C ASP D 229 15.14 -40.81 -13.21
N GLN D 230 15.85 -40.01 -13.99
CA GLN D 230 16.36 -38.74 -13.52
C GLN D 230 16.56 -37.81 -14.71
N ILE D 231 16.67 -36.52 -14.41
CA ILE D 231 16.82 -35.50 -15.44
C ILE D 231 17.87 -34.50 -14.98
N THR D 232 18.81 -34.19 -15.85
CA THR D 232 19.84 -33.21 -15.54
C THR D 232 19.29 -31.79 -15.73
N LEU D 233 20.00 -30.82 -15.16
CA LEU D 233 19.61 -29.42 -15.36
C LEU D 233 19.66 -29.06 -16.84
N TYR D 234 20.62 -29.62 -17.56
CA TYR D 234 20.70 -29.39 -19.01
C TYR D 234 19.45 -29.93 -19.71
N GLU D 235 19.03 -31.14 -19.36
CA GLU D 235 17.88 -31.74 -20.03
C GLU D 235 16.60 -31.01 -19.67
N GLU D 236 16.49 -30.51 -18.43
CA GLU D 236 15.31 -29.76 -18.03
C GLU D 236 15.10 -28.55 -18.92
N ASP D 237 16.18 -27.80 -19.18
CA ASP D 237 16.09 -26.64 -20.04
C ASP D 237 15.72 -27.04 -21.47
N LYS D 238 16.30 -28.13 -21.97
CA LYS D 238 16.01 -28.57 -23.33
C LYS D 238 14.54 -28.92 -23.51
N VAL D 239 13.96 -29.61 -22.52
CA VAL D 239 12.57 -30.02 -22.62
C VAL D 239 11.65 -28.81 -22.56
N CYS D 240 11.85 -27.95 -21.57
CA CYS D 240 10.96 -26.80 -21.41
C CYS D 240 11.06 -25.86 -22.60
N ALA D 241 12.27 -25.64 -23.11
CA ALA D 241 12.45 -24.73 -24.25
C ALA D 241 11.74 -25.27 -25.48
N TYR D 242 11.72 -26.59 -25.67
CA TYR D 242 11.08 -27.15 -26.85
C TYR D 242 9.59 -26.83 -26.88
N TYR D 243 8.90 -27.00 -25.75
CA TYR D 243 7.48 -26.67 -25.69
C TYR D 243 7.25 -25.18 -25.89
N ALA D 244 8.14 -24.35 -25.33
CA ALA D 244 8.01 -22.91 -25.48
C ALA D 244 8.11 -22.48 -26.94
N GLY D 245 8.95 -23.15 -27.72
CA GLY D 245 9.04 -22.85 -29.13
C GLY D 245 7.70 -23.01 -29.85
N GLY D 246 6.85 -23.92 -29.35
CA GLY D 246 5.54 -24.10 -29.93
C GLY D 246 4.60 -22.94 -29.73
N LYS D 247 4.81 -22.14 -28.68
CA LYS D 247 3.96 -20.96 -28.47
C LYS D 247 4.10 -19.96 -29.61
N LEU D 248 5.20 -20.01 -30.35
CA LEU D 248 5.42 -19.16 -31.50
C LEU D 248 5.49 -19.90 -32.82
N TYR D 249 5.90 -21.17 -32.82
CA TYR D 249 6.19 -21.90 -34.04
C TYR D 249 5.18 -22.96 -34.42
N ALA D 250 4.39 -23.46 -33.47
CA ALA D 250 3.57 -24.65 -33.73
C ALA D 250 2.58 -24.42 -34.86
N THR D 251 1.88 -23.28 -34.84
CA THR D 251 0.94 -22.93 -35.88
C THR D 251 1.38 -21.66 -36.56
N ALA D 252 1.06 -21.55 -37.86
CA ALA D 252 1.51 -20.41 -38.65
C ALA D 252 0.92 -19.11 -38.15
N GLU D 253 -0.33 -19.13 -37.70
CA GLU D 253 -0.96 -17.92 -37.19
C GLU D 253 -0.35 -17.45 -35.88
N ARG D 254 0.30 -18.35 -35.13
CA ARG D 254 0.93 -17.94 -33.88
C ARG D 254 2.06 -16.94 -34.08
N ALA D 255 2.61 -16.85 -35.30
CA ALA D 255 3.62 -15.85 -35.58
C ALA D 255 3.05 -14.43 -35.53
N GLY D 256 1.77 -14.27 -35.83
CA GLY D 256 1.17 -12.96 -35.91
C GLY D 256 1.46 -12.30 -37.25
N PRO D 257 1.01 -11.06 -37.41
CA PRO D 257 0.24 -10.24 -36.46
C PRO D 257 -1.24 -10.61 -36.44
N LEU D 258 -1.99 -10.07 -35.48
CA LEU D 258 -3.42 -10.35 -35.41
C LEU D 258 -4.14 -9.77 -36.63
N LEU D 259 -3.90 -8.50 -36.92
CA LEU D 259 -4.60 -7.83 -38.00
C LEU D 259 -3.63 -6.95 -38.79
N FME E 1 42.54 15.46 -35.91
CN FME E 1 43.52 14.57 -36.09
O1 FME E 1 43.51 13.42 -35.68
CA FME E 1 41.34 15.17 -35.14
CB FME E 1 40.49 16.44 -34.95
CG FME E 1 41.10 17.41 -33.97
SD FME E 1 41.02 16.82 -32.26
CE FME E 1 39.24 16.64 -32.08
C FME E 1 40.50 14.07 -35.80
O FME E 1 39.55 13.59 -35.13
N HIS E 2 40.79 13.69 -37.04
CA HIS E 2 40.04 12.65 -37.73
C HIS E 2 40.24 11.28 -37.06
N LYS E 3 41.18 11.22 -36.12
CA LYS E 3 41.43 10.00 -35.37
C LYS E 3 40.45 9.81 -34.23
N ILE E 4 39.67 10.84 -33.88
CA ILE E 4 38.59 10.66 -32.92
C ILE E 4 37.60 9.60 -33.39
N TRP E 5 37.51 9.39 -34.70
CA TRP E 5 36.62 8.38 -35.26
C TRP E 5 37.25 7.00 -35.28
N GLN E 6 38.49 6.86 -34.83
CA GLN E 6 39.10 5.57 -34.56
C GLN E 6 38.93 5.14 -33.11
N ILE E 7 38.45 6.02 -32.24
CA ILE E 7 38.21 5.69 -30.84
C ILE E 7 36.72 5.74 -30.54
N PHE E 8 36.00 6.62 -31.22
CA PHE E 8 34.57 6.78 -31.01
C PHE E 8 33.83 6.31 -32.26
N ASP E 9 32.83 5.47 -32.08
CA ASP E 9 32.06 4.97 -33.20
C ASP E 9 31.24 6.11 -33.79
N PRO E 10 31.44 6.45 -35.07
CA PRO E 10 30.69 7.58 -35.64
C PRO E 10 29.18 7.42 -35.57
N ARG E 11 28.66 6.20 -35.70
CA ARG E 11 27.22 5.99 -35.66
C ARG E 11 26.65 6.35 -34.30
N ARG E 12 27.26 5.84 -33.22
CA ARG E 12 26.76 6.16 -31.90
C ARG E 12 27.01 7.62 -31.54
N THR E 13 28.12 8.17 -32.02
CA THR E 13 28.40 9.59 -31.78
C THR E 13 27.35 10.47 -32.44
N LEU E 14 27.01 10.18 -33.69
CA LEU E 14 26.02 10.99 -34.40
C LEU E 14 24.64 10.87 -33.74
N VAL E 15 24.29 9.66 -33.28
CA VAL E 15 23.01 9.50 -32.57
C VAL E 15 23.00 10.33 -31.30
N ALA E 16 24.07 10.24 -30.52
CA ALA E 16 24.17 11.02 -29.30
C ALA E 16 24.21 12.51 -29.59
N LEU E 17 24.94 12.90 -30.64
CA LEU E 17 25.08 14.31 -30.95
C LEU E 17 23.78 14.89 -31.49
N PHE E 18 23.13 14.20 -32.43
CA PHE E 18 21.88 14.69 -32.97
C PHE E 18 20.80 14.77 -31.88
N GLY E 19 20.77 13.78 -30.99
CA GLY E 19 19.81 13.81 -29.90
C GLY E 19 20.05 14.95 -28.95
N PHE E 20 21.32 15.17 -28.57
CA PHE E 20 21.63 16.26 -27.66
C PHE E 20 21.29 17.61 -28.27
N LEU E 21 21.61 17.79 -29.55
CA LEU E 21 21.35 19.05 -30.22
C LEU E 21 19.85 19.33 -30.33
N PHE E 22 19.06 18.30 -30.62
CA PHE E 22 17.62 18.48 -30.70
C PHE E 22 17.03 18.86 -29.35
N VAL E 23 17.48 18.19 -28.29
CA VAL E 23 17.03 18.53 -26.94
C VAL E 23 17.50 19.94 -26.57
N LEU E 24 18.74 20.28 -26.93
CA LEU E 24 19.26 21.61 -26.64
C LEU E 24 18.45 22.69 -27.37
N GLY E 25 18.14 22.45 -28.65
CA GLY E 25 17.36 23.42 -29.40
C GLY E 25 15.97 23.61 -28.82
N LEU E 26 15.32 22.51 -28.44
CA LEU E 26 14.04 22.61 -27.75
C LEU E 26 14.18 23.36 -26.44
N LEU E 27 15.25 23.06 -25.69
CA LEU E 27 15.45 23.68 -24.38
C LEU E 27 15.61 25.19 -24.49
N ILE E 28 16.41 25.65 -25.45
CA ILE E 28 16.66 27.08 -25.57
C ILE E 28 15.41 27.81 -26.04
N HIS E 29 14.70 27.24 -27.01
CA HIS E 29 13.45 27.84 -27.46
C HIS E 29 12.43 27.91 -26.32
N PHE E 30 12.34 26.83 -25.53
CA PHE E 30 11.41 26.81 -24.41
C PHE E 30 11.76 27.88 -23.37
N ILE E 31 13.06 28.04 -23.08
CA ILE E 31 13.48 29.07 -22.13
C ILE E 31 13.09 30.45 -22.63
N LEU E 32 13.30 30.72 -23.92
CA LEU E 32 12.95 32.03 -24.46
C LEU E 32 11.44 32.26 -24.41
N LEU E 33 10.64 31.23 -24.70
CA LEU E 33 9.20 31.39 -24.64
C LEU E 33 8.73 31.60 -23.20
N SER E 34 9.43 31.04 -22.23
CA SER E 34 9.06 31.22 -20.83
C SER E 34 9.40 32.61 -20.32
N SER E 35 10.28 33.35 -20.99
CA SER E 35 10.58 34.71 -20.62
C SER E 35 9.70 35.65 -21.42
N PRO E 36 8.85 36.46 -20.78
CA PRO E 36 8.03 37.41 -21.55
C PRO E 36 8.86 38.42 -22.32
N ALA E 37 10.09 38.67 -21.91
CA ALA E 37 10.96 39.58 -22.66
C ALA E 37 11.36 39.02 -24.01
N PHE E 38 11.24 37.71 -24.23
CA PHE E 38 11.67 37.11 -25.48
C PHE E 38 10.66 36.16 -26.10
N ASN E 39 9.47 36.02 -25.54
CA ASN E 39 8.42 35.23 -26.17
C ASN E 39 7.95 35.95 -27.43
N TRP E 40 8.26 35.38 -28.59
CA TRP E 40 7.95 36.03 -29.85
C TRP E 40 6.51 35.83 -30.29
N LEU E 41 5.73 35.02 -29.57
CA LEU E 41 4.33 34.81 -29.89
C LEU E 41 3.41 35.66 -29.03
N SER E 42 3.96 36.61 -28.28
CA SER E 42 3.15 37.55 -27.51
C SER E 42 2.93 38.78 -28.39
N GLY E 43 1.93 38.67 -29.25
CA GLY E 43 1.62 39.73 -30.20
C GLY E 43 2.32 39.58 -31.53
N ASN F 3 46.10 -4.83 -37.07
CA ASN F 3 44.94 -5.01 -36.21
C ASN F 3 43.97 -3.84 -36.36
N SER F 4 42.68 -4.14 -36.26
CA SER F 4 41.65 -3.12 -36.41
C SER F 4 41.74 -2.11 -35.27
N SER F 5 41.30 -0.89 -35.55
CA SER F 5 41.29 0.15 -34.53
C SER F 5 40.15 -0.08 -33.55
N MET F 6 39.97 0.86 -32.63
CA MET F 6 38.94 0.74 -31.61
C MET F 6 37.53 0.89 -32.17
N THR F 7 37.38 1.27 -33.44
CA THR F 7 36.08 1.39 -34.06
C THR F 7 35.93 0.57 -35.34
N GLY F 8 37.01 0.00 -35.87
CA GLY F 8 36.96 -0.74 -37.10
C GLY F 8 37.12 0.09 -38.35
N LEU F 9 37.01 1.41 -38.25
CA LEU F 9 37.27 2.27 -39.40
C LEU F 9 38.75 2.29 -39.72
N THR F 10 39.06 2.26 -41.01
CA THR F 10 40.45 2.36 -41.46
C THR F 10 40.90 3.81 -41.37
N GLU F 11 42.08 4.10 -41.92
CA GLU F 11 42.57 5.48 -41.93
C GLU F 11 41.77 6.31 -42.93
N GLN F 12 41.56 5.79 -44.14
CA GLN F 12 40.82 6.55 -45.14
C GLN F 12 39.37 6.74 -44.73
N GLU F 13 38.78 5.73 -44.10
CA GLU F 13 37.38 5.85 -43.66
C GLU F 13 37.23 6.94 -42.60
N ALA F 14 38.13 6.97 -41.62
CA ALA F 14 38.06 8.00 -40.59
C ALA F 14 38.25 9.39 -41.19
N GLN F 15 39.18 9.53 -42.13
CA GLN F 15 39.35 10.79 -42.84
C GLN F 15 38.12 11.13 -43.67
N GLU F 16 37.52 10.13 -44.32
CA GLU F 16 36.34 10.38 -45.13
C GLU F 16 35.15 10.82 -44.27
N PHE F 17 34.94 10.14 -43.13
CA PHE F 17 33.88 10.57 -42.24
C PHE F 17 34.16 11.96 -41.67
N HIS F 18 35.40 12.20 -41.26
CA HIS F 18 35.75 13.47 -40.64
C HIS F 18 35.50 14.64 -41.60
N GLY F 19 35.82 14.45 -42.88
CA GLY F 19 35.61 15.52 -43.85
C GLY F 19 34.14 15.89 -44.00
N ILE F 20 33.28 14.88 -44.12
CA ILE F 20 31.85 15.15 -44.20
C ILE F 20 31.32 15.68 -42.87
N PHE F 21 31.85 15.16 -41.77
CA PHE F 21 31.41 15.62 -40.46
C PHE F 21 31.72 17.10 -40.27
N VAL F 22 32.92 17.55 -40.63
CA VAL F 22 33.27 18.95 -40.43
C VAL F 22 32.53 19.82 -41.44
N GLN F 23 32.31 19.34 -42.66
CA GLN F 23 31.51 20.11 -43.62
C GLN F 23 30.08 20.25 -43.14
N SER F 24 29.51 19.17 -42.59
CA SER F 24 28.18 19.26 -42.00
C SER F 24 28.20 20.14 -40.75
N MET F 25 29.24 20.02 -39.92
CA MET F 25 29.37 20.89 -38.76
C MET F 25 29.50 22.35 -39.17
N THR F 26 30.32 22.63 -40.18
CA THR F 26 30.53 24.02 -40.60
C THR F 26 29.23 24.63 -41.13
N ALA F 27 28.48 23.88 -41.92
CA ALA F 27 27.21 24.37 -42.44
C ALA F 27 26.21 24.61 -41.32
N PHE F 28 26.15 23.69 -40.35
CA PHE F 28 25.26 23.86 -39.21
C PHE F 28 25.66 25.08 -38.39
N PHE F 29 26.95 25.24 -38.12
CA PHE F 29 27.40 26.38 -37.33
C PHE F 29 27.22 27.69 -38.10
N GLY F 30 27.42 27.65 -39.42
CA GLY F 30 27.20 28.84 -40.22
C GLY F 30 25.75 29.29 -40.22
N ILE F 31 24.83 28.34 -40.35
CA ILE F 31 23.41 28.67 -40.23
C ILE F 31 23.11 29.19 -38.83
N VAL F 32 23.75 28.62 -37.82
CA VAL F 32 23.57 29.07 -36.44
C VAL F 32 24.03 30.51 -36.30
N VAL F 33 25.18 30.85 -36.88
CA VAL F 33 25.69 32.22 -36.78
C VAL F 33 24.73 33.19 -37.45
N ILE F 34 24.22 32.81 -38.62
CA ILE F 34 23.25 33.67 -39.31
C ILE F 34 22.01 33.88 -38.45
N ALA F 35 21.51 32.80 -37.84
CA ALA F 35 20.32 32.92 -37.01
C ALA F 35 20.57 33.84 -35.82
N HIS F 36 21.74 33.75 -35.20
CA HIS F 36 22.02 34.60 -34.04
C HIS F 36 22.21 36.05 -34.43
N ILE F 37 22.79 36.31 -35.60
CA ILE F 37 22.87 37.68 -36.09
C ILE F 37 21.48 38.25 -36.32
N LEU F 38 20.59 37.46 -36.94
CA LEU F 38 19.22 37.91 -37.14
C LEU F 38 18.50 38.07 -35.81
N ALA F 39 18.76 37.17 -34.86
CA ALA F 39 18.16 37.30 -33.54
C ALA F 39 18.66 38.55 -32.82
N TRP F 40 19.94 38.87 -32.98
CA TRP F 40 20.48 40.07 -32.35
C TRP F 40 19.85 41.34 -32.91
N LEU F 41 19.66 41.40 -34.23
CA LEU F 41 19.01 42.56 -34.83
C LEU F 41 17.56 42.66 -34.38
N TRP F 42 16.87 41.52 -34.26
CA TRP F 42 15.49 41.52 -33.82
C TRP F 42 15.36 41.97 -32.37
N ARG F 43 16.18 41.40 -31.48
CA ARG F 43 16.09 41.72 -30.07
C ARG F 43 17.42 41.44 -29.38
N PRO F 44 18.29 42.44 -29.24
CA PRO F 44 19.55 42.21 -28.52
C PRO F 44 19.28 41.80 -27.09
N TRP F 45 20.01 40.78 -26.62
CA TRP F 45 19.78 40.27 -25.28
C TRP F 45 20.76 40.81 -24.26
N LEU F 46 21.89 41.38 -24.68
CA LEU F 46 22.88 41.93 -23.77
C LEU F 46 23.04 43.44 -23.96
N SER G 2 54.03 16.60 -15.01
CA SER G 2 55.06 15.61 -15.26
C SER G 2 55.20 15.33 -16.76
N PRO G 3 56.43 15.13 -17.23
CA PRO G 3 56.63 14.71 -18.62
C PRO G 3 56.18 13.29 -18.88
N ASP G 4 55.87 12.53 -17.83
CA ASP G 4 55.27 11.20 -17.96
C ASP G 4 53.81 11.20 -17.50
N LEU G 5 53.11 12.31 -17.70
CA LEU G 5 51.67 12.35 -17.44
C LEU G 5 50.89 11.62 -18.53
N TRP G 6 51.51 11.38 -19.68
CA TRP G 6 50.90 10.59 -20.74
C TRP G 6 50.59 9.18 -20.31
N LYS G 7 51.21 8.70 -19.24
CA LYS G 7 51.03 7.32 -18.78
C LYS G 7 49.64 7.08 -18.22
N ILE G 8 48.86 8.14 -18.01
CA ILE G 8 47.48 7.97 -17.53
C ILE G 8 46.64 7.20 -18.53
N TRP G 9 47.00 7.27 -19.81
CA TRP G 9 46.22 6.60 -20.85
C TRP G 9 46.59 5.13 -21.01
N LEU G 10 47.57 4.65 -20.24
CA LEU G 10 47.78 3.21 -20.11
C LEU G 10 46.97 2.61 -18.98
N LEU G 11 46.51 3.42 -18.02
CA LEU G 11 45.72 2.94 -16.89
C LEU G 11 44.23 3.15 -17.10
N VAL G 12 43.82 4.34 -17.50
CA VAL G 12 42.41 4.66 -17.70
C VAL G 12 42.06 4.54 -19.17
N ASP G 13 40.84 4.10 -19.43
CA ASP G 13 40.36 3.97 -20.80
C ASP G 13 40.05 5.34 -21.36
N PRO G 14 40.76 5.81 -22.40
CA PRO G 14 40.48 7.15 -22.93
C PRO G 14 39.07 7.32 -23.44
N ARG G 15 38.51 6.27 -24.05
CA ARG G 15 37.17 6.35 -24.59
C ARG G 15 36.14 6.61 -23.49
N ARG G 16 36.23 5.86 -22.39
CA ARG G 16 35.29 6.06 -21.29
C ARG G 16 35.56 7.36 -20.55
N ILE G 17 36.82 7.75 -20.47
CA ILE G 17 37.17 9.01 -19.79
C ILE G 17 36.63 10.20 -20.56
N LEU G 18 36.77 10.19 -21.89
CA LEU G 18 36.23 11.29 -22.69
C LEU G 18 34.72 11.36 -22.61
N ILE G 19 34.05 10.21 -22.62
CA ILE G 19 32.59 10.20 -22.47
C ILE G 19 32.20 10.80 -21.13
N ALA G 20 32.92 10.40 -20.07
CA ALA G 20 32.61 10.91 -18.73
C ALA G 20 32.85 12.40 -18.63
N VAL G 21 33.99 12.89 -19.15
CA VAL G 21 34.29 14.31 -19.03
C VAL G 21 33.34 15.14 -19.89
N PHE G 22 33.00 14.65 -21.08
CA PHE G 22 32.06 15.40 -21.93
C PHE G 22 30.68 15.46 -21.28
N ALA G 23 30.22 14.35 -20.71
CA ALA G 23 28.96 14.35 -19.99
C ALA G 23 29.03 15.25 -18.76
N PHE G 24 30.12 15.18 -18.01
CA PHE G 24 30.26 16.04 -16.85
C PHE G 24 30.29 17.51 -17.24
N LEU G 25 31.06 17.84 -18.28
CA LEU G 25 31.17 19.23 -18.70
C LEU G 25 29.84 19.76 -19.22
N THR G 26 29.12 18.96 -20.00
CA THR G 26 27.82 19.40 -20.51
C THR G 26 26.85 19.65 -19.38
N VAL G 27 26.78 18.73 -18.41
CA VAL G 27 25.87 18.92 -17.29
C VAL G 27 26.28 20.13 -16.47
N LEU G 28 27.59 20.30 -16.23
CA LEU G 28 28.08 21.44 -15.48
C LEU G 28 27.76 22.75 -16.19
N GLY G 29 27.95 22.79 -17.51
CA GLY G 29 27.62 24.00 -18.26
C GLY G 29 26.14 24.31 -18.22
N LEU G 30 25.30 23.29 -18.35
CA LEU G 30 23.86 23.49 -18.19
C LEU G 30 23.52 23.96 -16.79
N ALA G 31 24.13 23.34 -15.77
CA ALA G 31 23.82 23.68 -14.39
C ALA G 31 24.19 25.13 -14.08
N ILE G 32 25.36 25.57 -14.53
CA ILE G 32 25.79 26.93 -14.24
C ILE G 32 24.88 27.94 -14.94
N HIS G 33 24.55 27.69 -16.21
CA HIS G 33 23.64 28.57 -16.93
C HIS G 33 22.28 28.62 -16.25
N MET G 34 21.76 27.46 -15.84
CA MET G 34 20.47 27.41 -15.16
C MET G 34 20.52 28.13 -13.83
N ILE G 35 21.62 27.98 -13.09
CA ILE G 35 21.77 28.70 -11.83
C ILE G 35 21.82 30.20 -12.07
N LEU G 36 22.57 30.62 -13.08
CA LEU G 36 22.66 32.05 -13.40
C LEU G 36 21.31 32.62 -13.79
N LEU G 37 20.56 31.89 -14.63
CA LEU G 37 19.22 32.33 -15.00
C LEU G 37 18.27 32.33 -13.82
N SER G 38 18.55 31.53 -12.79
CA SER G 38 17.69 31.48 -11.61
C SER G 38 17.93 32.63 -10.63
N THR G 39 18.95 33.44 -10.86
CA THR G 39 19.22 34.59 -10.00
C THR G 39 18.71 35.86 -10.68
N ALA G 40 18.22 36.81 -9.87
CA ALA G 40 17.77 38.07 -10.43
C ALA G 40 18.92 38.85 -11.05
N GLU G 41 20.12 38.75 -10.48
CA GLU G 41 21.22 39.62 -10.87
C GLU G 41 21.84 39.22 -12.20
N PHE G 42 21.98 37.91 -12.47
CA PHE G 42 22.69 37.45 -13.64
C PHE G 42 21.80 36.84 -14.71
N ASN G 43 20.48 36.88 -14.55
CA ASN G 43 19.59 36.43 -15.63
C ASN G 43 19.64 37.48 -16.73
N TRP G 44 20.36 37.16 -17.81
CA TRP G 44 20.55 38.10 -18.91
C TRP G 44 19.32 38.24 -19.79
N LEU G 45 18.31 37.40 -19.61
CA LEU G 45 17.07 37.53 -20.36
C LEU G 45 16.05 38.42 -19.67
N GLU G 46 15.98 38.37 -18.35
CA GLU G 46 15.03 39.15 -17.57
C GLU G 46 15.60 40.45 -17.03
N ASP G 47 16.87 40.75 -17.27
CA ASP G 47 17.45 41.94 -16.66
C ASP G 47 16.97 43.23 -17.30
N GLY G 48 16.30 43.16 -18.46
CA GLY G 48 15.81 44.36 -19.10
C GLY G 48 16.87 45.20 -19.78
N VAL G 49 18.09 44.69 -19.90
CA VAL G 49 19.19 45.40 -20.54
C VAL G 49 19.50 44.68 -21.85
N PRO G 50 19.42 45.34 -23.00
CA PRO G 50 19.13 46.77 -23.16
C PRO G 50 17.65 47.10 -23.06
N MET H 7 45.44 -2.41 -17.93
CA MET H 7 45.71 -2.15 -19.34
C MET H 7 44.40 -1.86 -20.06
N THR H 8 44.39 -0.83 -20.90
CA THR H 8 43.19 -0.37 -21.58
C THR H 8 43.12 -0.83 -23.03
N GLY H 9 43.99 -1.74 -23.43
CA GLY H 9 44.02 -2.21 -24.80
C GLY H 9 44.73 -1.31 -25.78
N LEU H 10 45.29 -0.19 -25.32
CA LEU H 10 45.95 0.78 -26.20
C LEU H 10 47.44 0.49 -26.29
N THR H 11 48.00 0.71 -27.47
CA THR H 11 49.44 0.61 -27.64
C THR H 11 50.14 1.76 -26.92
N GLU H 12 51.43 1.57 -26.62
CA GLU H 12 52.16 2.60 -25.89
C GLU H 12 52.36 3.86 -26.74
N GLU H 13 52.46 3.71 -28.05
CA GLU H 13 52.55 4.90 -28.91
C GLU H 13 51.23 5.62 -29.00
N GLU H 14 50.11 4.88 -28.90
CA GLU H 14 48.80 5.53 -28.91
C GLU H 14 48.60 6.41 -27.69
N ALA H 15 49.19 6.02 -26.55
CA ALA H 15 49.08 6.84 -25.35
C ALA H 15 49.78 8.18 -25.52
N LYS H 16 50.99 8.17 -26.10
CA LYS H 16 51.66 9.44 -26.39
C LYS H 16 50.83 10.27 -27.35
N GLU H 17 50.33 9.65 -28.41
CA GLU H 17 49.61 10.39 -29.44
C GLU H 17 48.27 10.90 -28.93
N PHE H 18 47.56 10.09 -28.15
CA PHE H 18 46.30 10.56 -27.58
C PHE H 18 46.54 11.71 -26.61
N HIS H 19 47.57 11.60 -25.77
CA HIS H 19 47.82 12.64 -24.76
C HIS H 19 48.10 13.99 -25.42
N GLY H 20 48.85 14.00 -26.52
CA GLY H 20 49.12 15.25 -27.20
C GLY H 20 47.84 15.89 -27.74
N ILE H 21 47.00 15.09 -28.41
CA ILE H 21 45.74 15.64 -28.93
C ILE H 21 44.81 16.01 -27.78
N PHE H 22 44.84 15.24 -26.70
CA PHE H 22 43.99 15.54 -25.55
C PHE H 22 44.33 16.91 -24.97
N THR H 23 45.63 17.20 -24.83
CA THR H 23 46.04 18.50 -24.30
C THR H 23 45.69 19.63 -25.25
N GLN H 24 45.89 19.43 -26.56
CA GLN H 24 45.57 20.48 -27.53
C GLN H 24 44.10 20.82 -27.50
N SER H 25 43.24 19.79 -27.43
CA SER H 25 41.80 20.03 -27.35
C SER H 25 41.42 20.62 -26.00
N MET H 26 42.15 20.26 -24.94
CA MET H 26 41.83 20.76 -23.61
C MET H 26 42.21 22.23 -23.46
N THR H 27 43.40 22.61 -23.94
CA THR H 27 43.80 24.01 -23.86
C THR H 27 42.97 24.88 -24.80
N MET H 28 42.60 24.34 -25.97
CA MET H 28 41.74 25.08 -26.87
C MET H 28 40.37 25.32 -26.24
N PHE H 29 39.82 24.29 -25.60
CA PHE H 29 38.60 24.45 -24.82
C PHE H 29 38.81 25.43 -23.67
N PHE H 30 39.93 25.32 -22.96
CA PHE H 30 40.19 26.20 -21.83
C PHE H 30 40.37 27.65 -22.30
N GLY H 31 41.02 27.84 -23.45
CA GLY H 31 41.20 29.20 -23.96
C GLY H 31 39.88 29.87 -24.31
N ILE H 32 38.95 29.13 -24.91
CA ILE H 32 37.63 29.68 -25.19
C ILE H 32 36.91 30.01 -23.89
N VAL H 33 37.06 29.16 -22.88
CA VAL H 33 36.44 29.41 -21.58
C VAL H 33 37.00 30.67 -20.95
N ILE H 34 38.32 30.85 -21.00
CA ILE H 34 38.93 32.02 -20.39
C ILE H 34 38.47 33.29 -21.09
N ILE H 35 38.39 33.26 -22.42
CA ILE H 35 37.87 34.42 -23.16
C ILE H 35 36.42 34.67 -22.79
N ALA H 36 35.64 33.61 -22.63
CA ALA H 36 34.23 33.77 -22.24
C ALA H 36 34.10 34.44 -20.89
N HIS H 37 34.95 34.06 -19.94
CA HIS H 37 34.89 34.64 -18.61
C HIS H 37 35.38 36.08 -18.60
N ILE H 38 36.39 36.39 -19.43
CA ILE H 38 36.82 37.79 -19.57
C ILE H 38 35.69 38.62 -20.16
N LEU H 39 35.02 38.10 -21.19
CA LEU H 39 33.85 38.78 -21.74
C LEU H 39 32.75 38.87 -20.71
N ALA H 40 32.52 37.80 -19.95
CA ALA H 40 31.48 37.82 -18.93
C ALA H 40 31.84 38.79 -17.80
N TRP H 41 33.13 38.87 -17.44
CA TRP H 41 33.54 39.82 -16.41
C TRP H 41 33.34 41.25 -16.86
N LEU H 42 33.70 41.56 -18.11
CA LEU H 42 33.47 42.90 -18.63
C LEU H 42 31.98 43.21 -18.69
N TRP H 43 31.17 42.20 -19.02
CA TRP H 43 29.72 42.39 -19.08
C TRP H 43 29.14 42.69 -17.71
N ARG H 44 29.44 41.87 -16.72
CA ARG H 44 28.86 42.01 -15.40
C ARG H 44 29.75 41.34 -14.36
N PRO H 45 30.67 42.07 -13.74
CA PRO H 45 31.56 41.45 -12.75
C PRO H 45 30.77 40.96 -11.55
N TRP H 46 31.22 39.84 -10.98
CA TRP H 46 30.52 39.22 -9.87
C TRP H 46 31.25 39.37 -8.54
N LEU H 47 32.46 39.91 -8.54
CA LEU H 47 33.20 40.15 -7.30
C LEU H 47 33.60 41.61 -7.19
N SER I 2 58.05 9.89 5.33
CA SER I 2 58.08 8.44 5.18
C SER I 2 58.68 8.05 3.84
N PRO I 3 59.78 7.29 3.89
CA PRO I 3 60.47 6.90 2.65
C PRO I 3 59.77 5.80 1.86
N ASP I 4 58.65 5.28 2.35
CA ASP I 4 57.97 4.17 1.69
C ASP I 4 56.47 4.45 1.59
N LEU I 5 56.10 5.71 1.36
CA LEU I 5 54.71 6.03 1.09
C LEU I 5 54.26 5.48 -0.26
N TRP I 6 55.20 5.19 -1.16
CA TRP I 6 54.86 4.73 -2.50
C TRP I 6 54.21 3.35 -2.47
N LYS I 7 54.32 2.64 -1.36
CA LYS I 7 53.80 1.28 -1.28
C LYS I 7 52.27 1.25 -1.21
N ILE I 8 51.61 2.40 -1.11
CA ILE I 8 50.15 2.43 -1.13
C ILE I 8 49.62 1.90 -2.46
N TRP I 9 50.41 2.01 -3.52
CA TRP I 9 49.99 1.60 -4.85
C TRP I 9 50.25 0.13 -5.15
N LEU I 10 50.71 -0.64 -4.16
CA LEU I 10 50.88 -2.08 -4.35
C LEU I 10 49.64 -2.87 -3.97
N LEU I 11 48.77 -2.32 -3.13
CA LEU I 11 47.60 -3.03 -2.62
C LEU I 11 46.30 -2.65 -3.29
N VAL I 12 46.16 -1.41 -3.76
CA VAL I 12 44.92 -0.93 -4.34
C VAL I 12 45.21 -0.34 -5.72
N ASP I 13 44.34 -0.63 -6.68
CA ASP I 13 44.59 -0.35 -8.09
C ASP I 13 44.70 1.17 -8.28
N PRO I 14 45.79 1.68 -8.85
CA PRO I 14 45.93 3.14 -9.02
C PRO I 14 44.86 3.76 -9.90
N ARG I 15 44.35 3.03 -10.90
CA ARG I 15 43.32 3.56 -11.77
C ARG I 15 42.04 3.89 -11.00
N ARG I 16 41.66 3.01 -10.07
CA ARG I 16 40.47 3.26 -9.28
C ARG I 16 40.64 4.50 -8.39
N ILE I 17 41.84 4.68 -7.83
CA ILE I 17 42.10 5.86 -7.00
C ILE I 17 41.99 7.13 -7.82
N LEU I 18 42.50 7.13 -9.05
CA LEU I 18 42.47 8.33 -9.87
C LEU I 18 41.04 8.77 -10.11
N ILE I 19 40.17 7.84 -10.49
CA ILE I 19 38.77 8.20 -10.72
C ILE I 19 38.08 8.53 -9.41
N ALA I 20 38.35 7.75 -8.36
CA ALA I 20 37.71 8.00 -7.07
C ALA I 20 38.12 9.35 -6.49
N VAL I 21 39.41 9.69 -6.58
CA VAL I 21 39.87 10.98 -6.05
C VAL I 21 39.26 12.13 -6.84
N PHE I 22 39.22 12.02 -8.16
CA PHE I 22 38.64 13.07 -8.99
C PHE I 22 37.14 13.20 -8.75
N ALA I 23 36.45 12.06 -8.64
CA ALA I 23 35.01 12.10 -8.34
C ALA I 23 34.75 12.67 -6.95
N PHE I 24 35.55 12.27 -5.96
CA PHE I 24 35.37 12.76 -4.60
C PHE I 24 35.65 14.26 -4.51
N LEU I 25 36.72 14.72 -5.16
CA LEU I 25 37.07 16.13 -5.09
C LEU I 25 36.03 16.99 -5.79
N THR I 26 35.49 16.51 -6.92
CA THR I 26 34.45 17.24 -7.61
C THR I 26 33.21 17.40 -6.73
N VAL I 27 32.81 16.32 -6.05
CA VAL I 27 31.68 16.38 -5.15
C VAL I 27 31.97 17.33 -3.98
N LEU I 28 33.17 17.21 -3.41
CA LEU I 28 33.53 18.09 -2.29
C LEU I 28 33.56 19.55 -2.72
N GLY I 29 34.10 19.83 -3.91
CA GLY I 29 34.10 21.18 -4.40
C GLY I 29 32.71 21.71 -4.68
N LEU I 30 31.84 20.87 -5.25
CA LEU I 30 30.46 21.28 -5.47
C LEU I 30 29.75 21.56 -4.16
N ALA I 31 29.96 20.71 -3.15
CA ALA I 31 29.27 20.87 -1.88
C ALA I 31 29.68 22.16 -1.18
N ILE I 32 30.97 22.48 -1.17
CA ILE I 32 31.42 23.69 -0.49
C ILE I 32 30.88 24.94 -1.19
N HIS I 33 30.86 24.92 -2.52
CA HIS I 33 30.27 26.04 -3.25
C HIS I 33 28.79 26.19 -2.93
N MET I 34 28.07 25.08 -2.83
CA MET I 34 26.67 25.12 -2.44
C MET I 34 26.50 25.70 -1.04
N ILE I 35 27.38 25.31 -0.11
CA ILE I 35 27.28 25.81 1.25
C ILE I 35 27.51 27.31 1.28
N LEU I 36 28.52 27.80 0.56
CA LEU I 36 28.83 29.22 0.55
C LEU I 36 27.71 30.02 -0.11
N LEU I 37 27.15 29.51 -1.21
CA LEU I 37 26.03 30.19 -1.85
C LEU I 37 24.84 30.29 -0.90
N SER I 38 24.64 29.27 -0.08
CA SER I 38 23.54 29.28 0.88
C SER I 38 23.72 30.30 1.98
N THR I 39 24.92 30.84 2.16
CA THR I 39 25.17 31.87 3.16
C THR I 39 24.95 33.25 2.56
N ALA I 40 24.35 34.14 3.34
CA ALA I 40 24.18 35.52 2.88
C ALA I 40 25.54 36.22 2.80
N GLU I 41 26.50 35.78 3.60
CA GLU I 41 27.80 36.46 3.70
C GLU I 41 28.69 36.16 2.50
N PHE I 42 28.67 34.92 2.01
CA PHE I 42 29.60 34.48 0.99
C PHE I 42 28.94 34.17 -0.36
N ASN I 43 27.69 34.60 -0.56
CA ASN I 43 27.01 34.38 -1.83
C ASN I 43 27.46 35.44 -2.82
N TRP I 44 28.26 35.03 -3.80
CA TRP I 44 28.83 35.97 -4.76
C TRP I 44 27.89 36.29 -5.91
N LEU I 45 26.74 35.62 -6.01
CA LEU I 45 25.78 35.90 -7.07
C LEU I 45 24.64 36.81 -6.65
N GLU I 46 24.30 36.83 -5.35
CA GLU I 46 23.19 37.62 -4.83
C GLU I 46 23.64 38.49 -3.66
N ASP I 47 24.79 39.14 -3.80
CA ASP I 47 25.29 40.06 -2.77
C ASP I 47 25.32 41.51 -3.21
N GLY I 48 25.19 41.79 -4.51
CA GLY I 48 25.23 43.14 -5.00
C GLY I 48 26.61 43.74 -5.12
N VAL I 49 27.66 42.95 -4.90
CA VAL I 49 29.04 43.41 -4.99
C VAL I 49 29.66 42.78 -6.23
N PRO I 50 29.98 43.57 -7.27
CA PRO I 50 29.72 45.01 -7.30
C PRO I 50 28.37 45.36 -7.91
N THR J 8 50.68 -7.19 -5.62
CA THR J 8 49.40 -7.57 -6.22
C THR J 8 49.05 -6.66 -7.39
N GLY J 9 49.45 -7.07 -8.59
CA GLY J 9 49.19 -6.28 -9.78
C GLY J 9 50.35 -5.39 -10.18
N LEU J 10 50.29 -4.11 -9.81
CA LEU J 10 51.36 -3.19 -10.10
C LEU J 10 52.65 -3.65 -9.43
N THR J 11 53.76 -3.61 -10.17
CA THR J 11 55.04 -4.04 -9.63
C THR J 11 55.62 -2.93 -8.75
N GLU J 12 56.91 -3.06 -8.40
CA GLU J 12 57.51 -2.13 -7.46
C GLU J 12 58.00 -0.86 -8.15
N GLU J 13 58.62 -1.00 -9.32
CA GLU J 13 59.20 0.16 -9.98
C GLU J 13 58.13 1.13 -10.46
N GLU J 14 57.06 0.63 -11.08
CA GLU J 14 55.99 1.51 -11.51
C GLU J 14 55.18 2.04 -10.32
N ALA J 15 55.25 1.36 -9.18
CA ALA J 15 54.65 1.91 -7.96
C ALA J 15 55.41 3.15 -7.49
N LYS J 16 56.74 3.11 -7.55
CA LYS J 16 57.53 4.30 -7.24
C LYS J 16 57.24 5.41 -8.22
N GLU J 17 57.20 5.08 -9.52
CA GLU J 17 57.02 6.11 -10.53
C GLU J 17 55.64 6.75 -10.44
N PHE J 18 54.61 5.94 -10.18
CA PHE J 18 53.27 6.49 -10.03
C PHE J 18 53.24 7.54 -8.93
N HIS J 19 53.96 7.30 -7.83
CA HIS J 19 53.99 8.25 -6.73
C HIS J 19 54.60 9.58 -7.17
N GLY J 20 55.58 9.53 -8.07
CA GLY J 20 56.21 10.75 -8.55
C GLY J 20 55.26 11.70 -9.25
N ILE J 21 54.46 11.19 -10.18
CA ILE J 21 53.45 12.03 -10.83
C ILE J 21 52.29 12.30 -9.89
N PHE J 22 51.94 11.33 -9.04
CA PHE J 22 50.87 11.56 -8.08
C PHE J 22 51.21 12.67 -7.11
N THR J 23 52.42 12.62 -6.54
CA THR J 23 52.83 13.63 -5.56
C THR J 23 52.94 15.00 -6.22
N GLN J 24 53.50 15.07 -7.43
CA GLN J 24 53.69 16.37 -8.07
C GLN J 24 52.36 16.95 -8.54
N SER J 25 51.50 16.13 -9.13
CA SER J 25 50.21 16.63 -9.60
C SER J 25 49.33 17.06 -8.44
N MET J 26 49.32 16.27 -7.37
CA MET J 26 48.58 16.65 -6.17
C MET J 26 49.14 17.94 -5.57
N THR J 27 50.46 18.07 -5.56
CA THR J 27 51.08 19.30 -5.08
C THR J 27 50.69 20.49 -5.95
N MET J 28 50.62 20.30 -7.26
CA MET J 28 50.14 21.37 -8.14
C MET J 28 48.71 21.74 -7.80
N PHE J 29 47.85 20.75 -7.57
CA PHE J 29 46.48 21.03 -7.16
C PHE J 29 46.45 21.76 -5.82
N PHE J 30 47.27 21.32 -4.88
CA PHE J 30 47.31 21.96 -3.57
C PHE J 30 47.75 23.41 -3.67
N GLY J 31 48.77 23.68 -4.48
CA GLY J 31 49.25 25.03 -4.64
C GLY J 31 48.21 25.96 -5.23
N ILE J 32 47.46 25.48 -6.23
CA ILE J 32 46.37 26.27 -6.80
C ILE J 32 45.29 26.50 -5.76
N VAL J 33 45.04 25.49 -4.92
CA VAL J 33 44.07 25.65 -3.83
C VAL J 33 44.52 26.74 -2.87
N ILE J 34 45.81 26.73 -2.50
CA ILE J 34 46.32 27.74 -1.58
C ILE J 34 46.18 29.13 -2.18
N ILE J 35 46.49 29.27 -3.47
CA ILE J 35 46.34 30.56 -4.14
C ILE J 35 44.88 30.99 -4.14
N ALA J 36 43.98 30.07 -4.46
CA ALA J 36 42.55 30.39 -4.46
C ALA J 36 42.09 30.81 -3.08
N HIS J 37 42.56 30.12 -2.04
CA HIS J 37 42.16 30.47 -0.68
C HIS J 37 42.80 31.78 -0.23
N ILE J 38 44.03 32.07 -0.68
CA ILE J 38 44.62 33.38 -0.40
C ILE J 38 43.78 34.47 -1.05
N LEU J 39 43.38 34.25 -2.31
CA LEU J 39 42.51 35.21 -2.99
C LEU J 39 41.18 35.33 -2.29
N ALA J 40 40.59 34.20 -1.86
CA ALA J 40 39.31 34.24 -1.17
C ALA J 40 39.42 34.97 0.17
N TRP J 41 40.52 34.80 0.89
CA TRP J 41 40.69 35.52 2.15
C TRP J 41 40.78 37.02 1.93
N LEU J 42 41.50 37.45 0.90
CA LEU J 42 41.55 38.87 0.58
C LEU J 42 40.19 39.37 0.12
N TRP J 43 39.44 38.52 -0.59
CA TRP J 43 38.12 38.92 -1.06
C TRP J 43 37.14 39.06 0.09
N ARG J 44 37.10 38.07 0.97
CA ARG J 44 36.10 38.05 2.04
C ARG J 44 36.57 37.15 3.16
N PRO J 45 37.35 37.66 4.12
CA PRO J 45 37.86 36.80 5.19
C PRO J 45 36.73 36.26 6.06
N TRP J 46 36.90 35.03 6.52
CA TRP J 46 35.84 34.33 7.25
C TRP J 46 36.10 34.16 8.73
N LEU J 47 37.29 34.50 9.21
CA LEU J 47 37.61 34.34 10.63
C LEU J 47 37.91 35.68 11.28
N FME K 1 51.55 -4.45 18.71
CN FME K 1 52.09 -5.66 18.64
O1 FME K 1 51.68 -6.58 17.93
CA FME K 1 50.37 -4.07 17.96
CB FME K 1 50.02 -2.59 18.20
CG FME K 1 49.37 -2.35 19.55
SD FME K 1 47.58 -2.05 19.45
CE FME K 1 47.00 -3.64 18.85
C FME K 1 50.54 -4.33 16.45
O FME K 1 49.54 -4.62 15.79
N HIS K 2 51.78 -4.22 15.95
CA HIS K 2 52.07 -4.41 14.53
C HIS K 2 51.44 -5.63 13.87
N LYS K 3 51.15 -6.66 14.67
CA LYS K 3 50.60 -7.90 14.15
C LYS K 3 49.07 -7.90 14.02
N ILE K 4 48.43 -6.73 14.14
CA ILE K 4 46.98 -6.65 13.98
C ILE K 4 46.55 -7.09 12.58
N TRP K 5 47.31 -6.68 11.56
CA TRP K 5 46.91 -6.85 10.16
C TRP K 5 46.81 -8.30 9.72
N GLN K 6 47.01 -9.27 10.62
CA GLN K 6 46.81 -10.67 10.26
C GLN K 6 45.35 -10.97 9.95
N ILE K 7 44.44 -10.39 10.72
CA ILE K 7 43.00 -10.66 10.55
C ILE K 7 42.35 -9.56 9.74
N PHE K 8 42.66 -8.30 10.07
CA PHE K 8 42.10 -7.15 9.36
C PHE K 8 42.92 -6.91 8.09
N ASP K 9 42.24 -6.86 6.96
CA ASP K 9 42.90 -6.58 5.68
C ASP K 9 43.38 -5.13 5.65
N PRO K 10 44.67 -4.88 5.37
CA PRO K 10 45.12 -3.49 5.26
C PRO K 10 44.32 -2.65 4.28
N ARG K 11 43.96 -3.20 3.12
CA ARG K 11 43.33 -2.40 2.08
C ARG K 11 41.91 -1.99 2.46
N ARG K 12 41.09 -2.94 2.89
CA ARG K 12 39.70 -2.62 3.19
C ARG K 12 39.59 -1.78 4.46
N THR K 13 40.56 -1.92 5.37
CA THR K 13 40.56 -1.12 6.58
C THR K 13 40.80 0.35 6.25
N LEU K 14 41.68 0.63 5.30
CA LEU K 14 42.01 2.01 4.97
C LEU K 14 40.81 2.74 4.36
N VAL K 15 40.13 2.11 3.40
CA VAL K 15 38.97 2.75 2.79
C VAL K 15 37.84 2.89 3.80
N ALA K 16 37.65 1.87 4.64
CA ALA K 16 36.65 1.95 5.70
C ALA K 16 37.00 3.03 6.71
N LEU K 17 38.29 3.13 7.08
CA LEU K 17 38.70 4.13 8.05
C LEU K 17 38.68 5.54 7.47
N PHE K 18 39.18 5.70 6.24
CA PHE K 18 39.15 7.00 5.59
C PHE K 18 37.71 7.47 5.37
N GLY K 19 36.84 6.56 4.91
CA GLY K 19 35.44 6.91 4.78
C GLY K 19 34.81 7.27 6.11
N PHE K 20 35.14 6.52 7.17
CA PHE K 20 34.63 6.86 8.49
C PHE K 20 35.13 8.22 8.95
N LEU K 21 36.42 8.49 8.77
CA LEU K 21 36.98 9.76 9.21
C LEU K 21 36.39 10.92 8.42
N PHE K 22 36.14 10.71 7.12
CA PHE K 22 35.60 11.79 6.29
C PHE K 22 34.20 12.19 6.74
N VAL K 23 33.32 11.22 6.93
CA VAL K 23 31.96 11.55 7.37
C VAL K 23 31.98 12.06 8.81
N LEU K 24 32.94 11.61 9.62
CA LEU K 24 33.10 12.18 10.95
C LEU K 24 33.51 13.64 10.87
N GLY K 25 34.41 13.98 9.95
CA GLY K 25 34.80 15.37 9.77
C GLY K 25 33.66 16.23 9.28
N LEU K 26 32.86 15.70 8.34
CA LEU K 26 31.68 16.42 7.88
C LEU K 26 30.70 16.66 9.03
N LEU K 27 30.47 15.63 9.83
CA LEU K 27 29.51 15.74 10.93
C LEU K 27 29.94 16.80 11.93
N ILE K 28 31.23 16.81 12.30
CA ILE K 28 31.71 17.78 13.28
C ILE K 28 31.67 19.19 12.71
N HIS K 29 32.08 19.36 11.45
CA HIS K 29 31.99 20.67 10.82
C HIS K 29 30.55 21.15 10.76
N PHE K 30 29.62 20.25 10.42
CA PHE K 30 28.21 20.63 10.30
C PHE K 30 27.61 20.92 11.67
N ILE K 31 28.03 20.21 12.71
CA ILE K 31 27.54 20.51 14.05
C ILE K 31 27.97 21.91 14.47
N LEU K 32 29.22 22.27 14.20
CA LEU K 32 29.70 23.61 14.54
C LEU K 32 28.97 24.68 13.74
N LEU K 33 28.70 24.41 12.46
CA LEU K 33 27.96 25.37 11.64
C LEU K 33 26.55 25.59 12.18
N SER K 34 25.94 24.53 12.70
CA SER K 34 24.64 24.63 13.35
C SER K 34 24.69 25.40 14.66
N SER K 35 25.88 25.61 15.22
CA SER K 35 26.01 26.37 16.45
C SER K 35 26.27 27.84 16.14
N PRO K 36 25.39 28.76 16.55
CA PRO K 36 25.66 30.18 16.30
C PRO K 36 26.95 30.67 16.93
N ALA K 37 27.36 30.07 18.04
CA ALA K 37 28.61 30.47 18.69
C ALA K 37 29.85 29.97 17.96
N PHE K 38 29.70 29.09 16.97
CA PHE K 38 30.85 28.56 16.25
C PHE K 38 30.68 28.58 14.74
N ASN K 39 29.55 29.06 14.22
CA ASN K 39 29.38 29.20 12.79
C ASN K 39 30.29 30.30 12.26
N TRP K 40 31.21 29.94 11.38
CA TRP K 40 32.17 30.89 10.84
C TRP K 40 31.73 31.49 9.51
N LEU K 41 30.55 31.12 9.02
CA LEU K 41 30.06 31.59 7.73
C LEU K 41 29.05 32.73 7.85
N SER K 42 28.81 33.22 9.06
CA SER K 42 27.90 34.33 9.28
C SER K 42 28.68 35.64 9.36
N GLY K 43 27.97 36.72 9.65
CA GLY K 43 28.56 38.04 9.79
C GLY K 43 29.57 38.13 10.92
N GLY L 8 45.55 -13.34 5.57
CA GLY L 8 46.12 -13.57 4.26
C GLY L 8 47.34 -12.72 3.99
N LEU L 9 47.69 -11.89 4.98
CA LEU L 9 48.84 -10.99 4.91
C LEU L 9 49.90 -11.52 5.87
N THR L 10 51.09 -11.80 5.35
CA THR L 10 52.13 -12.42 6.16
C THR L 10 52.68 -11.43 7.19
N GLU L 11 53.62 -11.91 8.00
CA GLU L 11 54.13 -11.10 9.11
C GLU L 11 55.09 -10.01 8.64
N GLN L 12 55.94 -10.30 7.67
CA GLN L 12 56.95 -9.32 7.28
C GLN L 12 56.31 -8.07 6.69
N GLU L 13 55.41 -8.26 5.71
CA GLU L 13 54.67 -7.12 5.17
C GLU L 13 53.76 -6.50 6.22
N ALA L 14 53.45 -7.24 7.29
CA ALA L 14 52.73 -6.65 8.41
C ALA L 14 53.62 -5.68 9.19
N GLN L 15 54.89 -6.03 9.38
CA GLN L 15 55.82 -5.13 10.07
C GLN L 15 55.97 -3.81 9.31
N GLU L 16 56.07 -3.88 7.98
CA GLU L 16 56.23 -2.67 7.21
C GLU L 16 54.97 -1.83 7.23
N PHE L 17 53.80 -2.46 7.11
CA PHE L 17 52.54 -1.72 7.07
C PHE L 17 52.32 -0.95 8.37
N HIS L 18 52.56 -1.57 9.51
CA HIS L 18 52.28 -0.92 10.79
C HIS L 18 53.18 0.30 10.99
N GLY L 19 54.44 0.21 10.56
CA GLY L 19 55.32 1.36 10.66
C GLY L 19 54.81 2.55 9.87
N ILE L 20 54.42 2.32 8.61
CA ILE L 20 53.91 3.41 7.79
C ILE L 20 52.58 3.92 8.34
N PHE L 21 51.69 2.99 8.74
CA PHE L 21 50.39 3.39 9.28
C PHE L 21 50.55 4.22 10.54
N VAL L 22 51.47 3.84 11.41
CA VAL L 22 51.74 4.62 12.62
C VAL L 22 52.31 5.99 12.24
N GLN L 23 53.22 6.02 11.26
CA GLN L 23 53.74 7.30 10.80
C GLN L 23 52.65 8.17 10.20
N SER L 24 51.80 7.57 9.36
CA SER L 24 50.69 8.32 8.79
C SER L 24 49.71 8.79 9.86
N MET L 25 49.43 7.92 10.84
CA MET L 25 48.57 8.31 11.95
C MET L 25 49.21 9.43 12.77
N THR L 26 50.51 9.32 13.04
CA THR L 26 51.21 10.39 13.76
C THR L 26 51.23 11.67 12.95
N ALA L 27 51.44 11.57 11.64
CA ALA L 27 51.40 12.76 10.80
C ALA L 27 50.01 13.36 10.76
N PHE L 28 48.98 12.52 10.60
CA PHE L 28 47.61 13.01 10.61
C PHE L 28 47.25 13.60 11.96
N PHE L 29 47.69 12.96 13.05
CA PHE L 29 47.42 13.48 14.38
C PHE L 29 48.04 14.85 14.59
N GLY L 30 49.27 15.03 14.08
CA GLY L 30 49.96 16.30 14.29
C GLY L 30 49.24 17.48 13.64
N ILE L 31 48.76 17.30 12.41
CA ILE L 31 47.96 18.33 11.76
C ILE L 31 46.71 18.61 12.59
N VAL L 32 46.10 17.55 13.13
CA VAL L 32 44.90 17.71 13.93
C VAL L 32 45.18 18.52 15.19
N VAL L 33 46.31 18.25 15.84
CA VAL L 33 46.65 18.97 17.06
C VAL L 33 46.83 20.47 16.77
N ILE L 34 47.51 20.80 15.68
CA ILE L 34 47.72 22.21 15.34
C ILE L 34 46.38 22.89 15.05
N ALA L 35 45.51 22.22 14.29
CA ALA L 35 44.22 22.79 13.97
C ALA L 35 43.40 23.05 15.22
N HIS L 36 43.45 22.13 16.18
CA HIS L 36 42.71 22.32 17.42
C HIS L 36 43.33 23.43 18.27
N ILE L 37 44.66 23.56 18.23
CA ILE L 37 45.30 24.69 18.89
C ILE L 37 44.85 26.01 18.25
N LEU L 38 44.87 26.06 16.91
CA LEU L 38 44.45 27.28 16.22
C LEU L 38 42.97 27.57 16.48
N ALA L 39 42.13 26.53 16.47
CA ALA L 39 40.73 26.71 16.79
C ALA L 39 40.55 27.21 18.21
N TRP L 40 41.34 26.70 19.16
CA TRP L 40 41.25 27.16 20.54
C TRP L 40 41.59 28.63 20.65
N LEU L 41 42.65 29.06 19.98
CA LEU L 41 43.00 30.48 19.99
C LEU L 41 41.91 31.32 19.33
N TRP L 42 41.34 30.81 18.24
CA TRP L 42 40.30 31.55 17.54
C TRP L 42 39.06 31.71 18.40
N ARG L 43 38.56 30.61 18.97
CA ARG L 43 37.37 30.65 19.82
C ARG L 43 37.39 29.43 20.74
N PRO L 44 37.82 29.62 22.00
CA PRO L 44 37.82 28.48 22.93
C PRO L 44 36.42 28.02 23.24
N TRP L 45 36.26 26.70 23.42
CA TRP L 45 34.95 26.11 23.65
C TRP L 45 34.71 25.66 25.07
N LEU L 46 35.76 25.43 25.85
CA LEU L 46 35.59 24.97 27.23
C LEU L 46 35.87 26.09 28.21
N FME M 1 40.44 -16.58 32.40
CN FME M 1 40.81 -16.70 33.68
O1 FME M 1 40.97 -17.75 34.29
CA FME M 1 40.32 -15.32 31.73
CB FME M 1 40.73 -14.15 32.64
CG FME M 1 40.19 -12.81 32.17
SD FME M 1 38.38 -12.81 32.14
CE FME M 1 38.02 -13.28 33.82
C FME M 1 41.16 -15.31 30.44
O FME M 1 40.69 -14.75 29.43
N HIS M 2 42.33 -15.93 30.48
CA HIS M 2 43.14 -16.13 29.28
C HIS M 2 42.49 -17.13 28.33
N LYS M 3 41.34 -17.66 28.75
CA LYS M 3 40.55 -18.62 27.98
C LYS M 3 39.30 -17.98 27.39
N ILE M 4 39.37 -16.71 27.00
CA ILE M 4 38.19 -16.02 26.47
C ILE M 4 38.12 -16.08 24.94
N TRP M 5 39.26 -15.96 24.27
CA TRP M 5 39.28 -15.76 22.82
C TRP M 5 39.54 -17.05 22.04
N GLN M 6 39.46 -18.20 22.69
CA GLN M 6 39.50 -19.46 21.94
C GLN M 6 38.19 -19.78 21.26
N ILE M 7 37.12 -19.04 21.56
CA ILE M 7 35.82 -19.23 20.94
C ILE M 7 35.41 -18.02 20.12
N PHE M 8 35.52 -16.82 20.70
CA PHE M 8 35.20 -15.60 19.97
C PHE M 8 36.30 -15.29 18.96
N ASP M 9 35.91 -15.12 17.71
CA ASP M 9 36.88 -14.76 16.68
C ASP M 9 37.42 -13.37 16.97
N PRO M 10 38.74 -13.17 16.95
CA PRO M 10 39.28 -11.81 17.19
C PRO M 10 38.72 -10.76 16.25
N ARG M 11 38.55 -11.11 14.96
CA ARG M 11 38.10 -10.11 13.99
C ARG M 11 36.64 -9.74 14.22
N ARG M 12 35.78 -10.74 14.37
CA ARG M 12 34.35 -10.46 14.54
C ARG M 12 34.09 -9.70 15.82
N THR M 13 34.72 -10.12 16.92
CA THR M 13 34.43 -9.53 18.22
C THR M 13 34.91 -8.07 18.28
N LEU M 14 36.05 -7.79 17.67
CA LEU M 14 36.51 -6.40 17.59
C LEU M 14 35.59 -5.56 16.69
N VAL M 15 35.14 -6.14 15.59
CA VAL M 15 34.26 -5.40 14.68
C VAL M 15 32.96 -5.05 15.38
N ALA M 16 32.37 -6.02 16.09
CA ALA M 16 31.16 -5.74 16.85
C ALA M 16 31.43 -4.75 17.98
N LEU M 17 32.59 -4.87 18.62
CA LEU M 17 32.91 -3.99 19.74
C LEU M 17 33.18 -2.56 19.26
N PHE M 18 33.93 -2.41 18.17
CA PHE M 18 34.27 -1.08 17.69
C PHE M 18 33.02 -0.32 17.24
N GLY M 19 32.12 -1.00 16.56
CA GLY M 19 30.86 -0.37 16.17
C GLY M 19 30.02 0.04 17.36
N PHE M 20 29.95 -0.85 18.37
CA PHE M 20 29.19 -0.54 19.57
C PHE M 20 29.80 0.63 20.34
N LEU M 21 31.13 0.65 20.45
CA LEU M 21 31.79 1.71 21.21
C LEU M 21 31.60 3.07 20.54
N PHE M 22 31.66 3.10 19.20
CA PHE M 22 31.42 4.35 18.49
C PHE M 22 29.98 4.82 18.71
N VAL M 23 29.03 3.90 18.66
CA VAL M 23 27.62 4.27 18.84
C VAL M 23 27.38 4.80 20.24
N LEU M 24 27.93 4.12 21.26
CA LEU M 24 27.80 4.61 22.63
C LEU M 24 28.48 5.97 22.80
N GLY M 25 29.67 6.13 22.25
CA GLY M 25 30.33 7.42 22.32
C GLY M 25 29.57 8.51 21.59
N LEU M 26 29.03 8.20 20.41
CA LEU M 26 28.20 9.16 19.69
C LEU M 26 26.95 9.50 20.49
N LEU M 27 26.29 8.50 21.07
CA LEU M 27 25.07 8.73 21.81
C LEU M 27 25.30 9.62 23.01
N ILE M 28 26.34 9.32 23.80
CA ILE M 28 26.62 10.10 25.00
C ILE M 28 26.96 11.55 24.64
N HIS M 29 27.78 11.74 23.61
CA HIS M 29 28.14 13.09 23.19
C HIS M 29 26.89 13.87 22.78
N PHE M 30 25.97 13.22 22.06
CA PHE M 30 24.78 13.90 21.59
C PHE M 30 23.83 14.22 22.74
N ILE M 31 23.75 13.33 23.73
CA ILE M 31 22.92 13.62 24.91
C ILE M 31 23.43 14.86 25.62
N LEU M 32 24.75 14.95 25.81
CA LEU M 32 25.33 16.11 26.49
C LEU M 32 25.13 17.38 25.68
N LEU M 33 25.31 17.30 24.36
CA LEU M 33 25.04 18.46 23.51
C LEU M 33 23.58 18.86 23.58
N SER M 34 22.68 17.91 23.84
CA SER M 34 21.27 18.20 23.96
C SER M 34 20.88 18.73 25.33
N SER M 35 21.74 18.59 26.33
CA SER M 35 21.45 19.09 27.66
C SER M 35 22.07 20.46 27.83
N PRO M 36 21.29 21.50 28.11
CA PRO M 36 21.86 22.85 28.22
C PRO M 36 22.93 22.98 29.29
N ALA M 37 22.88 22.14 30.33
CA ALA M 37 23.87 22.22 31.40
C ALA M 37 25.25 21.71 30.97
N PHE M 38 25.33 20.85 29.96
CA PHE M 38 26.60 20.31 29.52
C PHE M 38 26.91 20.61 28.06
N ASN M 39 26.12 21.44 27.40
CA ASN M 39 26.40 21.85 26.02
C ASN M 39 27.62 22.76 26.01
N TRP M 40 28.71 22.30 25.41
CA TRP M 40 29.94 23.08 25.34
C TRP M 40 30.04 23.93 24.09
N LEU M 41 29.06 23.83 23.18
CA LEU M 41 29.06 24.60 21.95
C LEU M 41 28.06 25.75 21.97
N SER M 42 27.37 25.95 23.09
CA SER M 42 26.28 26.91 23.15
C SER M 42 26.74 28.35 23.34
N GLY M 43 27.98 28.58 23.77
CA GLY M 43 28.50 29.90 24.01
C GLY M 43 28.98 30.14 25.43
N SER M 44 28.49 29.39 26.40
CA SER M 44 28.98 29.45 27.76
C SER M 44 29.03 28.05 28.38
N LEU N 9 43.12 -19.48 15.97
CA LEU N 9 42.12 -20.40 16.49
C LEU N 9 42.75 -21.45 17.40
N THR N 10 44.07 -21.36 17.55
CA THR N 10 44.83 -22.27 18.41
C THR N 10 45.34 -21.51 19.64
N GLU N 11 46.12 -22.21 20.47
CA GLU N 11 46.53 -21.64 21.75
C GLU N 11 47.56 -20.52 21.56
N GLN N 12 48.51 -20.69 20.65
CA GLN N 12 49.55 -19.69 20.49
C GLN N 12 49.06 -18.45 19.75
N GLU N 13 47.86 -18.47 19.19
CA GLU N 13 47.21 -17.28 18.65
C GLU N 13 46.21 -16.69 19.63
N ALA N 14 45.39 -17.52 20.26
CA ALA N 14 44.40 -17.00 21.21
C ALA N 14 45.07 -16.37 22.43
N GLN N 15 46.09 -17.02 22.98
CA GLN N 15 46.81 -16.44 24.11
C GLN N 15 47.53 -15.16 23.70
N GLU N 16 48.09 -15.13 22.50
CA GLU N 16 48.76 -13.93 22.01
C GLU N 16 47.77 -12.77 21.88
N PHE N 17 46.56 -13.06 21.40
CA PHE N 17 45.54 -12.01 21.30
C PHE N 17 45.20 -11.42 22.66
N HIS N 18 45.05 -12.26 23.69
CA HIS N 18 44.61 -11.75 24.98
C HIS N 18 45.63 -10.77 25.55
N GLY N 19 46.91 -11.06 25.39
CA GLY N 19 47.93 -10.20 25.97
C GLY N 19 47.84 -8.78 25.44
N ILE N 20 47.85 -8.62 24.12
CA ILE N 20 47.76 -7.29 23.54
C ILE N 20 46.40 -6.67 23.81
N PHE N 21 45.34 -7.49 23.82
CA PHE N 21 44.01 -6.98 24.13
C PHE N 21 43.99 -6.30 25.49
N VAL N 22 44.75 -6.82 26.45
CA VAL N 22 44.74 -6.25 27.79
C VAL N 22 45.38 -4.87 27.80
N GLN N 23 46.58 -4.74 27.21
CA GLN N 23 47.26 -3.45 27.28
C GLN N 23 46.62 -2.43 26.36
N SER N 24 45.88 -2.89 25.35
CA SER N 24 45.09 -1.96 24.54
C SER N 24 43.82 -1.54 25.26
N MET N 25 43.18 -2.46 25.98
CA MET N 25 42.03 -2.12 26.80
C MET N 25 42.41 -1.14 27.90
N THR N 26 43.54 -1.38 28.56
CA THR N 26 43.98 -0.49 29.64
C THR N 26 44.34 0.89 29.10
N ALA N 27 44.89 0.95 27.89
CA ALA N 27 45.18 2.24 27.29
C ALA N 27 43.90 3.02 27.03
N PHE N 28 42.87 2.35 26.51
CA PHE N 28 41.59 3.02 26.31
C PHE N 28 41.02 3.49 27.64
N PHE N 29 41.06 2.62 28.65
CA PHE N 29 40.52 2.98 29.96
C PHE N 29 41.31 4.13 30.57
N GLY N 30 42.63 4.13 30.42
CA GLY N 30 43.44 5.21 30.95
C GLY N 30 43.11 6.55 30.33
N ILE N 31 42.93 6.57 29.01
CA ILE N 31 42.50 7.79 28.34
C ILE N 31 41.09 8.17 28.80
N VAL N 32 40.21 7.16 28.93
CA VAL N 32 38.83 7.42 29.32
C VAL N 32 38.78 8.04 30.71
N VAL N 33 39.59 7.53 31.63
CA VAL N 33 39.62 8.08 32.99
C VAL N 33 40.09 9.53 32.98
N ILE N 34 41.19 9.81 32.27
CA ILE N 34 41.69 11.19 32.19
C ILE N 34 40.65 12.09 31.56
N ALA N 35 39.97 11.61 30.52
CA ALA N 35 38.89 12.38 29.93
C ALA N 35 37.80 12.67 30.96
N HIS N 36 37.47 11.69 31.79
CA HIS N 36 36.43 11.90 32.79
C HIS N 36 36.92 12.76 33.95
N ILE N 37 38.19 12.62 34.32
CA ILE N 37 38.75 13.47 35.36
C ILE N 37 38.72 14.93 34.92
N LEU N 38 39.15 15.19 33.67
CA LEU N 38 39.08 16.54 33.14
C LEU N 38 37.64 17.02 33.02
N ALA N 39 36.73 16.13 32.62
CA ALA N 39 35.33 16.49 32.53
C ALA N 39 34.77 16.87 33.89
N TRP N 40 35.21 16.18 34.94
CA TRP N 40 34.79 16.54 36.30
C TRP N 40 35.30 17.91 36.69
N LEU N 41 36.56 18.21 36.37
CA LEU N 41 37.11 19.52 36.69
C LEU N 41 36.37 20.62 35.93
N TRP N 42 36.03 20.36 34.67
CA TRP N 42 35.32 21.35 33.87
C TRP N 42 33.90 21.57 34.40
N ARG N 43 33.14 20.50 34.60
CA ARG N 43 31.74 20.58 35.00
C ARG N 43 31.36 19.32 35.75
N PRO N 44 31.38 19.34 37.08
CA PRO N 44 30.97 18.16 37.85
C PRO N 44 29.49 17.89 37.68
N TRP N 45 29.14 16.65 37.36
CA TRP N 45 27.77 16.25 37.10
C TRP N 45 27.07 15.69 38.34
N LEU N 46 27.81 15.50 39.43
CA LEU N 46 27.23 14.94 40.64
C LEU N 46 27.43 15.89 41.82
N FME O 1 25.22 -26.83 42.15
CN FME O 1 25.14 -28.07 41.68
O1 FME O 1 24.77 -28.38 40.54
CA FME O 1 24.87 -25.64 41.38
CB FME O 1 24.98 -24.38 42.26
CG FME O 1 24.61 -23.11 41.53
SD FME O 1 22.87 -23.03 41.04
CE FME O 1 22.09 -22.88 42.65
C FME O 1 25.76 -25.51 40.13
O FME O 1 25.31 -24.90 39.14
N HIS O 2 26.98 -26.07 40.16
CA HIS O 2 27.90 -25.96 39.04
C HIS O 2 27.41 -26.68 37.79
N LYS O 3 26.44 -27.58 37.99
CA LYS O 3 25.94 -28.41 36.91
C LYS O 3 24.88 -27.73 36.07
N ILE O 4 24.55 -26.47 36.37
CA ILE O 4 23.70 -25.69 35.49
C ILE O 4 24.33 -25.52 34.12
N TRP O 5 25.65 -25.60 34.05
CA TRP O 5 26.37 -25.43 32.79
C TRP O 5 26.36 -26.68 31.92
N GLN O 6 25.80 -27.79 32.41
CA GLN O 6 25.54 -28.96 31.59
C GLN O 6 24.16 -28.94 30.94
N ILE O 7 23.31 -27.98 31.29
CA ILE O 7 22.02 -27.80 30.63
C ILE O 7 21.92 -26.45 29.92
N PHE O 8 22.94 -25.61 30.01
CA PHE O 8 22.98 -24.35 29.27
C PHE O 8 24.39 -24.13 28.75
N ASP O 9 24.50 -23.87 27.45
CA ASP O 9 25.81 -23.69 26.83
C ASP O 9 26.40 -22.35 27.27
N PRO O 10 27.62 -22.34 27.82
CA PRO O 10 28.18 -21.06 28.30
C PRO O 10 28.21 -19.96 27.27
N ARG O 11 28.59 -20.26 26.03
CA ARG O 11 28.65 -19.23 25.00
C ARG O 11 27.27 -18.63 24.76
N ARG O 12 26.25 -19.47 24.62
CA ARG O 12 24.90 -18.96 24.40
C ARG O 12 24.35 -18.31 25.66
N THR O 13 24.75 -18.81 26.83
CA THR O 13 24.34 -18.17 28.08
C THR O 13 25.09 -16.87 28.32
N LEU O 14 26.34 -16.79 27.84
CA LEU O 14 27.13 -15.58 28.06
C LEU O 14 26.65 -14.41 27.19
N VAL O 15 26.37 -14.67 25.92
CA VAL O 15 25.95 -13.59 25.04
C VAL O 15 24.55 -13.10 25.42
N ALA O 16 23.66 -14.03 25.77
CA ALA O 16 22.35 -13.64 26.27
C ALA O 16 22.48 -12.81 27.55
N LEU O 17 23.44 -13.14 28.40
CA LEU O 17 23.63 -12.40 29.64
C LEU O 17 24.21 -11.01 29.38
N PHE O 18 25.20 -10.91 28.49
CA PHE O 18 25.80 -9.61 28.19
C PHE O 18 24.77 -8.66 27.60
N GLY O 19 23.93 -9.15 26.68
CA GLY O 19 22.88 -8.32 26.14
C GLY O 19 21.82 -7.96 27.17
N PHE O 20 21.47 -8.93 28.02
CA PHE O 20 20.45 -8.68 29.04
C PHE O 20 20.92 -7.62 30.03
N LEU O 21 22.17 -7.69 30.47
CA LEU O 21 22.68 -6.69 31.39
C LEU O 21 22.78 -5.33 30.73
N PHE O 22 23.17 -5.29 29.45
CA PHE O 22 23.24 -4.01 28.74
C PHE O 22 21.86 -3.36 28.64
N VAL O 23 20.84 -4.15 28.28
CA VAL O 23 19.48 -3.61 28.20
C VAL O 23 19.00 -3.18 29.58
N LEU O 24 19.25 -4.01 30.60
CA LEU O 24 18.85 -3.67 31.96
C LEU O 24 19.53 -2.40 32.44
N GLY O 25 20.83 -2.27 32.17
CA GLY O 25 21.53 -1.05 32.52
C GLY O 25 21.00 0.18 31.81
N LEU O 26 20.71 0.05 30.52
CA LEU O 26 20.10 1.16 29.79
C LEU O 26 18.74 1.51 30.37
N LEU O 27 17.94 0.49 30.69
CA LEU O 27 16.61 0.74 31.22
C LEU O 27 16.66 1.50 32.53
N ILE O 28 17.52 1.07 33.45
CA ILE O 28 17.60 1.74 34.75
C ILE O 28 18.14 3.15 34.60
N HIS O 29 19.17 3.32 33.78
CA HIS O 29 19.71 4.66 33.56
C HIS O 29 18.65 5.58 32.97
N PHE O 30 17.86 5.08 32.03
CA PHE O 30 16.81 5.90 31.42
C PHE O 30 15.73 6.24 32.43
N ILE O 31 15.37 5.29 33.31
CA ILE O 31 14.36 5.56 34.32
C ILE O 31 14.83 6.68 35.26
N LEU O 32 16.10 6.62 35.66
CA LEU O 32 16.65 7.66 36.52
C LEU O 32 16.67 9.02 35.81
N LEU O 33 17.08 9.04 34.55
CA LEU O 33 17.10 10.28 33.79
C LEU O 33 15.69 10.83 33.61
N SER O 34 14.72 9.96 33.37
CA SER O 34 13.33 10.34 33.23
C SER O 34 12.69 10.77 34.53
N SER O 35 13.32 10.49 35.67
CA SER O 35 12.81 10.91 36.96
C SER O 35 13.48 12.21 37.37
N PRO O 36 12.74 13.31 37.54
CA PRO O 36 13.38 14.63 37.73
C PRO O 36 14.25 14.72 38.97
N ALA O 37 13.99 13.93 40.00
CA ALA O 37 14.78 13.99 41.21
C ALA O 37 16.14 13.32 41.05
N PHE O 38 16.35 12.55 39.98
CA PHE O 38 17.57 11.78 39.81
C PHE O 38 18.26 12.01 38.47
N ASN O 39 17.78 12.96 37.68
CA ASN O 39 18.47 13.31 36.44
C ASN O 39 19.74 14.06 36.76
N TRP O 40 20.89 13.48 36.44
CA TRP O 40 22.18 14.09 36.75
C TRP O 40 22.67 15.03 35.66
N LEU O 41 21.97 15.11 34.53
CA LEU O 41 22.34 16.02 33.45
C LEU O 41 21.58 17.34 33.51
N SER O 42 20.73 17.52 34.52
CA SER O 42 20.09 18.80 34.77
C SER O 42 21.03 19.82 35.39
N GLY O 43 22.12 19.38 36.02
CA GLY O 43 23.09 20.26 36.62
C GLY O 43 22.77 20.73 38.02
N SER O 44 21.64 20.32 38.59
CA SER O 44 21.26 20.78 39.92
C SER O 44 20.68 19.64 40.74
N SER P 5 24.01 -33.85 29.48
CA SER P 5 24.84 -33.90 28.28
C SER P 5 24.21 -33.11 27.15
N MET P 6 23.20 -32.30 27.50
CA MET P 6 22.49 -31.52 26.49
C MET P 6 23.36 -30.41 25.92
N THR P 7 24.46 -30.05 26.58
CA THR P 7 25.41 -29.10 26.04
C THR P 7 26.69 -29.76 25.53
N GLY P 8 27.10 -30.86 26.15
CA GLY P 8 28.32 -31.55 25.74
C GLY P 8 29.53 -31.12 26.55
N LEU P 9 29.34 -30.97 27.87
CA LEU P 9 30.40 -30.54 28.76
C LEU P 9 30.56 -31.57 29.87
N THR P 10 31.81 -31.96 30.13
CA THR P 10 32.10 -32.92 31.20
C THR P 10 31.95 -32.25 32.57
N GLU P 11 32.04 -33.08 33.62
CA GLU P 11 31.91 -32.57 34.98
C GLU P 11 33.01 -31.56 35.31
N GLN P 12 34.24 -31.86 34.88
CA GLN P 12 35.34 -30.91 35.10
C GLN P 12 35.09 -29.60 34.38
N GLU P 13 34.59 -29.67 33.14
CA GLU P 13 34.46 -28.45 32.34
C GLU P 13 33.35 -27.55 32.88
N ALA P 14 32.21 -28.13 33.27
CA ALA P 14 31.16 -27.32 33.89
C ALA P 14 31.63 -26.74 35.22
N GLN P 15 32.34 -27.55 36.01
CA GLN P 15 32.92 -27.03 37.25
C GLN P 15 33.98 -25.98 36.95
N GLU P 16 34.80 -26.18 35.92
CA GLU P 16 35.83 -25.21 35.58
C GLU P 16 35.22 -23.89 35.12
N PHE P 17 34.18 -23.95 34.28
CA PHE P 17 33.51 -22.72 33.88
C PHE P 17 32.86 -22.05 35.09
N HIS P 18 32.24 -22.84 35.97
CA HIS P 18 31.57 -22.26 37.12
C HIS P 18 32.56 -21.58 38.06
N GLY P 19 33.79 -22.09 38.13
CA GLY P 19 34.80 -21.45 38.96
C GLY P 19 35.15 -20.06 38.49
N ILE P 20 35.36 -19.90 37.18
CA ILE P 20 35.70 -18.57 36.66
C ILE P 20 34.46 -17.70 36.54
N PHE P 21 33.33 -18.28 36.12
CA PHE P 21 32.09 -17.52 36.00
C PHE P 21 31.71 -16.86 37.31
N VAL P 22 31.80 -17.61 38.42
CA VAL P 22 31.50 -17.04 39.73
C VAL P 22 32.47 -15.92 40.06
N GLN P 23 33.76 -16.12 39.77
CA GLN P 23 34.75 -15.07 40.01
C GLN P 23 34.44 -13.82 39.19
N SER P 24 34.11 -14.00 37.91
CA SER P 24 33.75 -12.86 37.08
C SER P 24 32.44 -12.23 37.53
N MET P 25 31.46 -13.05 37.91
CA MET P 25 30.20 -12.54 38.43
C MET P 25 30.41 -11.82 39.75
N THR P 26 31.22 -12.39 40.64
CA THR P 26 31.44 -11.78 41.96
C THR P 26 32.11 -10.42 41.84
N ALA P 27 33.11 -10.31 40.95
CA ALA P 27 33.74 -9.02 40.72
C ALA P 27 32.75 -8.01 40.17
N PHE P 28 31.92 -8.43 39.21
CA PHE P 28 30.89 -7.55 38.69
C PHE P 28 29.96 -7.09 39.80
N PHE P 29 29.57 -8.00 40.68
CA PHE P 29 28.74 -7.62 41.82
C PHE P 29 29.50 -6.73 42.79
N GLY P 30 30.82 -6.91 42.89
CA GLY P 30 31.62 -6.04 43.74
C GLY P 30 31.62 -4.60 43.26
N ILE P 31 31.84 -4.40 41.95
CA ILE P 31 31.79 -3.05 41.39
C ILE P 31 30.39 -2.48 41.47
N VAL P 32 29.37 -3.31 41.27
CA VAL P 32 27.99 -2.85 41.37
C VAL P 32 27.68 -2.37 42.77
N VAL P 33 28.13 -3.11 43.79
CA VAL P 33 27.89 -2.71 45.17
C VAL P 33 28.55 -1.37 45.48
N ILE P 34 29.80 -1.20 45.04
CA ILE P 34 30.49 0.07 45.24
C ILE P 34 29.73 1.20 44.54
N ALA P 35 29.28 0.95 43.31
CA ALA P 35 28.51 1.96 42.59
C ALA P 35 27.25 2.35 43.34
N HIS P 36 26.58 1.38 43.97
CA HIS P 36 25.34 1.68 44.68
C HIS P 36 25.61 2.38 46.00
N ILE P 37 26.70 2.01 46.68
CA ILE P 37 27.08 2.75 47.89
C ILE P 37 27.39 4.20 47.54
N LEU P 38 28.15 4.41 46.46
CA LEU P 38 28.44 5.77 46.02
C LEU P 38 27.17 6.49 45.59
N ALA P 39 26.27 5.79 44.89
CA ALA P 39 25.02 6.42 44.46
C ALA P 39 24.17 6.80 45.66
N TRP P 40 24.15 5.96 46.70
CA TRP P 40 23.37 6.27 47.90
C TRP P 40 23.90 7.50 48.62
N LEU P 41 25.23 7.62 48.73
CA LEU P 41 25.82 8.79 49.37
C LEU P 41 25.49 10.05 48.58
N TRP P 42 25.50 9.96 47.25
CA TRP P 42 25.15 11.10 46.43
C TRP P 42 23.70 11.51 46.61
N ARG P 43 22.79 10.55 46.50
CA ARG P 43 21.36 10.86 46.58
C ARG P 43 20.58 9.62 47.02
N PRO P 44 20.27 9.49 48.31
CA PRO P 44 19.50 8.33 48.77
C PRO P 44 18.10 8.32 48.17
N TRP P 45 17.63 7.13 47.81
CA TRP P 45 16.33 6.97 47.20
C TRP P 45 15.28 6.40 48.15
N LEU P 46 15.65 6.12 49.39
CA LEU P 46 14.71 5.61 50.38
C LEU P 46 14.79 6.43 51.66
N FME Q 1 7.23 -33.53 45.55
CN FME Q 1 7.76 -32.43 46.09
O1 FME Q 1 7.80 -32.18 47.30
CA FME Q 1 7.25 -33.80 44.12
CB FME Q 1 6.66 -32.61 43.34
CG FME Q 1 5.22 -32.32 43.71
SD FME Q 1 4.56 -30.89 42.81
CE FME Q 1 4.67 -31.49 41.13
C FME Q 1 8.67 -34.10 43.61
O FME Q 1 9.62 -33.97 44.42
N HIS Q 2 8.80 -34.49 42.35
CA HIS Q 2 10.09 -34.73 41.70
C HIS Q 2 9.90 -35.18 40.26
N LYS Q 3 8.68 -35.64 39.94
CA LYS Q 3 8.39 -36.11 38.60
C LYS Q 3 8.01 -35.00 37.64
N ILE Q 4 7.91 -33.76 38.11
CA ILE Q 4 7.55 -32.65 37.24
C ILE Q 4 8.62 -32.42 36.18
N TRP Q 5 9.82 -32.93 36.39
CA TRP Q 5 10.88 -32.87 35.39
C TRP Q 5 10.90 -34.09 34.48
N GLN Q 6 9.95 -35.02 34.66
CA GLN Q 6 9.83 -36.18 33.79
C GLN Q 6 8.94 -35.89 32.58
N ILE Q 7 7.95 -35.02 32.73
CA ILE Q 7 7.09 -34.61 31.62
C ILE Q 7 7.31 -33.16 31.22
N PHE Q 8 8.20 -32.45 31.90
CA PHE Q 8 8.58 -31.09 31.51
C PHE Q 8 10.08 -31.04 31.32
N ASP Q 9 10.51 -30.48 30.20
CA ASP Q 9 11.94 -30.30 29.93
C ASP Q 9 12.51 -29.30 30.92
N PRO Q 10 13.59 -29.61 31.63
CA PRO Q 10 14.19 -28.62 32.52
C PRO Q 10 14.60 -27.34 31.81
N ARG Q 11 15.13 -27.44 30.59
CA ARG Q 11 15.58 -26.24 29.88
C ARG Q 11 14.40 -25.34 29.52
N ARG Q 12 13.36 -25.92 28.90
CA ARG Q 12 12.23 -25.11 28.48
C ARG Q 12 11.48 -24.55 29.69
N THR Q 13 11.36 -25.35 30.75
CA THR Q 13 10.67 -24.89 31.96
C THR Q 13 11.41 -23.73 32.62
N LEU Q 14 12.74 -23.83 32.72
CA LEU Q 14 13.51 -22.84 33.46
C LEU Q 14 13.51 -21.49 32.76
N VAL Q 15 13.76 -21.49 31.45
CA VAL Q 15 13.77 -20.23 30.70
C VAL Q 15 12.37 -19.61 30.71
N ALA Q 16 11.33 -20.45 30.59
CA ALA Q 16 9.97 -19.92 30.67
C ALA Q 16 9.66 -19.34 32.04
N LEU Q 17 10.02 -20.07 33.11
CA LEU Q 17 9.76 -19.59 34.46
C LEU Q 17 10.55 -18.33 34.76
N PHE Q 18 11.83 -18.30 34.39
CA PHE Q 18 12.64 -17.11 34.60
C PHE Q 18 12.13 -15.95 33.76
N GLY Q 19 11.64 -16.25 32.55
CA GLY Q 19 11.05 -15.21 31.72
C GLY Q 19 9.82 -14.61 32.37
N PHE Q 20 8.93 -15.45 32.90
CA PHE Q 20 7.75 -14.93 33.59
C PHE Q 20 8.13 -14.14 34.83
N LEU Q 21 9.06 -14.67 35.62
CA LEU Q 21 9.47 -13.97 36.84
C LEU Q 21 10.10 -12.63 36.52
N PHE Q 22 10.95 -12.58 35.49
CA PHE Q 22 11.55 -11.30 35.10
C PHE Q 22 10.50 -10.33 34.59
N VAL Q 23 9.56 -10.81 33.77
CA VAL Q 23 8.48 -9.95 33.30
C VAL Q 23 7.60 -9.51 34.46
N LEU Q 24 7.27 -10.44 35.36
CA LEU Q 24 6.48 -10.10 36.54
C LEU Q 24 7.20 -9.12 37.44
N GLY Q 25 8.50 -9.34 37.68
CA GLY Q 25 9.27 -8.39 38.47
C GLY Q 25 9.30 -7.01 37.85
N LEU Q 26 9.49 -6.94 36.53
CA LEU Q 26 9.44 -5.66 35.85
C LEU Q 26 8.07 -5.03 35.99
N LEU Q 27 7.00 -5.82 35.83
CA LEU Q 27 5.65 -5.27 35.87
C LEU Q 27 5.34 -4.66 37.23
N ILE Q 28 5.74 -5.34 38.31
CA ILE Q 28 5.45 -4.82 39.64
C ILE Q 28 6.24 -3.53 39.88
N HIS Q 29 7.51 -3.51 39.51
CA HIS Q 29 8.30 -2.28 39.65
C HIS Q 29 7.69 -1.15 38.85
N PHE Q 30 7.24 -1.45 37.62
CA PHE Q 30 6.59 -0.43 36.80
C PHE Q 30 5.33 0.10 37.47
N ILE Q 31 4.52 -0.80 38.03
CA ILE Q 31 3.29 -0.40 38.70
C ILE Q 31 3.59 0.51 39.88
N LEU Q 32 4.60 0.14 40.68
CA LEU Q 32 5.00 0.95 41.82
C LEU Q 32 5.52 2.31 41.39
N LEU Q 33 6.29 2.35 40.30
CA LEU Q 33 6.76 3.63 39.76
C LEU Q 33 5.59 4.47 39.26
N SER Q 34 4.58 3.81 38.66
CA SER Q 34 3.39 4.54 38.23
C SER Q 34 2.62 5.12 39.42
N SER Q 35 2.59 4.41 40.53
CA SER Q 35 1.90 4.89 41.72
C SER Q 35 2.68 6.05 42.33
N PRO Q 36 2.07 7.23 42.47
CA PRO Q 36 2.77 8.32 43.17
C PRO Q 36 3.09 7.99 44.62
N ALA Q 37 2.30 7.13 45.26
CA ALA Q 37 2.50 6.80 46.65
C ALA Q 37 3.70 5.90 46.89
N PHE Q 38 4.21 5.25 45.85
CA PHE Q 38 5.32 4.31 46.00
C PHE Q 38 6.47 4.56 45.04
N ASN Q 39 6.43 5.62 44.25
CA ASN Q 39 7.57 6.01 43.44
C ASN Q 39 8.72 6.41 44.34
N TRP Q 40 9.78 5.60 44.37
CA TRP Q 40 10.93 5.85 45.21
C TRP Q 40 11.95 6.78 44.55
N LEU Q 41 11.71 7.17 43.31
CA LEU Q 41 12.60 8.06 42.58
C LEU Q 41 12.09 9.49 42.56
N SER Q 42 11.12 9.81 43.41
CA SER Q 42 10.61 11.15 43.57
C SER Q 42 11.40 11.86 44.67
N GLY Q 43 10.91 13.00 45.12
CA GLY Q 43 11.56 13.74 46.19
C GLY Q 43 11.52 13.03 47.53
N THR R 7 11.05 -36.88 26.55
CA THR R 7 11.56 -36.89 27.91
C THR R 7 13.03 -36.48 27.96
N GLY R 8 13.91 -37.46 27.86
CA GLY R 8 15.34 -37.23 27.92
C GLY R 8 15.90 -37.14 29.33
N LEU R 9 15.03 -37.18 30.34
CA LEU R 9 15.43 -37.14 31.73
C LEU R 9 14.85 -38.35 32.45
N THR R 10 15.70 -39.03 33.21
CA THR R 10 15.29 -40.20 33.97
C THR R 10 14.90 -39.77 35.38
N GLU R 11 14.84 -40.73 36.31
CA GLU R 11 14.53 -40.39 37.69
C GLU R 11 15.74 -39.85 38.44
N GLN R 12 16.93 -40.37 38.17
CA GLN R 12 18.10 -39.98 38.97
C GLN R 12 18.50 -38.54 38.66
N GLU R 13 18.34 -38.12 37.39
CA GLU R 13 18.50 -36.70 37.07
C GLU R 13 17.35 -35.87 37.61
N ALA R 14 16.14 -36.44 37.62
CA ALA R 14 14.98 -35.72 38.14
C ALA R 14 15.15 -35.41 39.62
N GLN R 15 15.70 -36.36 40.38
CA GLN R 15 15.97 -36.12 41.79
C GLN R 15 17.01 -35.01 41.97
N GLU R 16 18.11 -35.11 41.23
CA GLU R 16 19.20 -34.15 41.38
C GLU R 16 18.77 -32.75 40.95
N PHE R 17 18.04 -32.64 39.83
CA PHE R 17 17.55 -31.35 39.38
C PHE R 17 16.57 -30.75 40.38
N HIS R 18 15.66 -31.57 40.91
CA HIS R 18 14.62 -31.07 41.80
C HIS R 18 15.21 -30.58 43.11
N GLY R 19 16.27 -31.24 43.60
CA GLY R 19 16.94 -30.76 44.78
C GLY R 19 17.60 -29.41 44.57
N ILE R 20 18.31 -29.25 43.46
CA ILE R 20 18.97 -27.99 43.18
C ILE R 20 17.94 -26.91 42.84
N PHE R 21 16.88 -27.30 42.13
CA PHE R 21 15.81 -26.36 41.81
C PHE R 21 15.12 -25.85 43.07
N VAL R 22 14.78 -26.77 43.98
CA VAL R 22 14.12 -26.37 45.23
C VAL R 22 15.08 -25.56 46.10
N GLN R 23 16.36 -25.91 46.09
CA GLN R 23 17.35 -25.13 46.82
C GLN R 23 17.41 -23.71 46.30
N SER R 24 17.40 -23.55 44.98
CA SER R 24 17.39 -22.20 44.40
C SER R 24 16.06 -21.50 44.67
N MET R 25 14.96 -22.25 44.68
CA MET R 25 13.66 -21.67 44.98
C MET R 25 13.61 -21.09 46.39
N THR R 26 14.10 -21.85 47.37
CA THR R 26 14.10 -21.36 48.75
C THR R 26 15.00 -20.15 48.91
N ALA R 27 16.16 -20.17 48.28
CA ALA R 27 17.05 -19.02 48.33
C ALA R 27 16.42 -17.80 47.68
N PHE R 28 15.79 -17.98 46.52
CA PHE R 28 15.10 -16.86 45.88
C PHE R 28 13.95 -16.36 46.74
N PHE R 29 13.16 -17.28 47.31
CA PHE R 29 12.05 -16.88 48.16
C PHE R 29 12.53 -16.22 49.45
N GLY R 30 13.73 -16.59 49.92
CA GLY R 30 14.27 -15.96 51.11
C GLY R 30 14.57 -14.49 50.90
N ILE R 31 15.19 -14.14 49.77
CA ILE R 31 15.45 -12.74 49.47
C ILE R 31 14.13 -11.99 49.29
N VAL R 32 13.16 -12.62 48.63
CA VAL R 32 11.86 -12.00 48.42
C VAL R 32 11.21 -11.66 49.76
N VAL R 33 11.26 -12.60 50.70
CA VAL R 33 10.69 -12.36 52.02
C VAL R 33 11.43 -11.22 52.72
N ILE R 34 12.76 -11.22 52.66
CA ILE R 34 13.54 -10.15 53.27
C ILE R 34 13.23 -8.82 52.59
N ALA R 35 13.15 -8.81 51.26
CA ALA R 35 12.86 -7.58 50.54
C ALA R 35 11.50 -7.03 50.92
N HIS R 36 10.52 -7.90 51.13
CA HIS R 36 9.17 -7.46 51.45
C HIS R 36 9.06 -6.98 52.88
N ILE R 37 9.79 -7.61 53.80
CA ILE R 37 9.87 -7.08 55.17
C ILE R 37 10.49 -5.69 55.16
N LEU R 38 11.57 -5.52 54.41
CA LEU R 38 12.19 -4.20 54.28
C LEU R 38 11.25 -3.22 53.59
N ALA R 39 10.53 -3.68 52.57
CA ALA R 39 9.56 -2.81 51.91
C ALA R 39 8.46 -2.38 52.88
N TRP R 40 7.98 -3.31 53.71
CA TRP R 40 6.94 -2.96 54.68
C TRP R 40 7.45 -1.94 55.69
N LEU R 41 8.70 -2.10 56.15
CA LEU R 41 9.26 -1.15 57.09
C LEU R 41 9.43 0.23 56.46
N TRP R 42 9.86 0.27 55.20
CA TRP R 42 10.06 1.56 54.54
C TRP R 42 8.73 2.25 54.26
N ARG R 43 7.75 1.50 53.75
CA ARG R 43 6.48 2.10 53.35
C ARG R 43 5.37 1.06 53.32
N PRO R 44 4.70 0.82 54.46
CA PRO R 44 3.63 -0.18 54.46
C PRO R 44 2.48 0.23 53.53
N TRP R 45 1.92 -0.77 52.86
CA TRP R 45 0.91 -0.51 51.84
C TRP R 45 -0.50 -0.87 52.26
N LEU R 46 -0.67 -1.64 53.32
CA LEU R 46 -2.01 -2.01 53.78
C LEU R 46 -2.27 -1.47 55.18
N SER S 2 -16.48 -37.40 42.18
CA SER S 2 -16.63 -38.79 41.78
C SER S 2 -15.35 -39.59 42.07
N PRO S 3 -15.52 -40.84 42.51
CA PRO S 3 -14.34 -41.67 42.82
C PRO S 3 -13.46 -41.97 41.61
N ASP S 4 -13.96 -41.79 40.40
CA ASP S 4 -13.21 -42.10 39.19
C ASP S 4 -12.84 -40.85 38.40
N LEU S 5 -12.80 -39.69 39.06
CA LEU S 5 -12.40 -38.44 38.42
C LEU S 5 -10.91 -38.42 38.06
N TRP S 6 -10.22 -39.54 38.27
CA TRP S 6 -8.83 -39.71 37.85
C TRP S 6 -8.71 -40.06 36.36
N LYS S 7 -9.81 -40.39 35.70
CA LYS S 7 -9.75 -40.93 34.35
C LYS S 7 -9.73 -39.87 33.25
N ILE S 8 -9.87 -38.59 33.60
CA ILE S 8 -9.82 -37.55 32.57
C ILE S 8 -8.46 -37.54 31.88
N TRP S 9 -7.39 -37.80 32.63
CA TRP S 9 -6.04 -37.75 32.06
C TRP S 9 -5.80 -38.81 30.98
N LEU S 10 -6.67 -39.82 30.88
CA LEU S 10 -6.64 -40.70 29.71
C LEU S 10 -7.09 -39.98 28.44
N LEU S 11 -7.74 -38.82 28.58
CA LEU S 11 -8.29 -38.06 27.46
C LEU S 11 -7.47 -36.84 27.10
N VAL S 12 -6.82 -36.21 28.07
CA VAL S 12 -6.06 -34.99 27.86
C VAL S 12 -4.66 -35.16 28.45
N ASP S 13 -3.67 -34.66 27.74
CA ASP S 13 -2.28 -34.81 28.17
C ASP S 13 -2.02 -33.93 29.38
N PRO S 14 -1.47 -34.49 30.46
CA PRO S 14 -1.13 -33.66 31.63
C PRO S 14 -0.17 -32.51 31.33
N ARG S 15 0.80 -32.72 30.44
CA ARG S 15 1.70 -31.64 30.07
C ARG S 15 0.93 -30.47 29.46
N ARG S 16 0.07 -30.75 28.48
CA ARG S 16 -0.74 -29.72 27.86
C ARG S 16 -1.68 -29.07 28.86
N ILE S 17 -2.34 -29.90 29.68
CA ILE S 17 -3.33 -29.38 30.61
C ILE S 17 -2.68 -28.53 31.69
N LEU S 18 -1.42 -28.85 32.05
CA LEU S 18 -0.73 -28.07 33.07
C LEU S 18 -0.28 -26.72 32.53
N ILE S 19 0.25 -26.69 31.31
CA ILE S 19 0.67 -25.43 30.70
C ILE S 19 -0.53 -24.51 30.52
N ALA S 20 -1.65 -25.06 30.05
CA ALA S 20 -2.84 -24.26 29.84
C ALA S 20 -3.40 -23.74 31.17
N VAL S 21 -3.41 -24.58 32.20
CA VAL S 21 -3.96 -24.17 33.49
C VAL S 21 -3.08 -23.11 34.13
N PHE S 22 -1.77 -23.32 34.15
CA PHE S 22 -0.87 -22.35 34.76
C PHE S 22 -0.90 -21.03 34.00
N ALA S 23 -0.96 -21.09 32.66
CA ALA S 23 -1.06 -19.87 31.87
C ALA S 23 -2.38 -19.16 32.13
N PHE S 24 -3.48 -19.91 32.19
CA PHE S 24 -4.77 -19.28 32.43
C PHE S 24 -4.87 -18.68 33.83
N LEU S 25 -4.39 -19.41 34.83
CA LEU S 25 -4.45 -18.90 36.20
C LEU S 25 -3.59 -17.67 36.37
N THR S 26 -2.45 -17.61 35.69
CA THR S 26 -1.59 -16.43 35.74
C THR S 26 -2.32 -15.21 35.16
N VAL S 27 -2.92 -15.37 33.99
CA VAL S 27 -3.63 -14.25 33.36
C VAL S 27 -4.82 -13.83 34.20
N LEU S 28 -5.57 -14.81 34.71
CA LEU S 28 -6.70 -14.49 35.58
C LEU S 28 -6.24 -13.76 36.83
N GLY S 29 -5.15 -14.20 37.44
CA GLY S 29 -4.60 -13.48 38.58
C GLY S 29 -4.20 -12.07 38.23
N LEU S 30 -3.55 -11.88 37.08
CA LEU S 30 -3.22 -10.53 36.63
C LEU S 30 -4.46 -9.70 36.38
N ALA S 31 -5.49 -10.30 35.77
CA ALA S 31 -6.68 -9.55 35.42
C ALA S 31 -7.44 -9.09 36.66
N ILE S 32 -7.59 -9.96 37.65
CA ILE S 32 -8.31 -9.57 38.86
C ILE S 32 -7.56 -8.49 39.61
N HIS S 33 -6.24 -8.66 39.74
CA HIS S 33 -5.43 -7.61 40.37
C HIS S 33 -5.57 -6.29 39.61
N MET S 34 -5.59 -6.36 38.29
CA MET S 34 -5.66 -5.14 37.48
C MET S 34 -7.04 -4.52 37.53
N ILE S 35 -8.09 -5.34 37.65
CA ILE S 35 -9.43 -4.79 37.87
C ILE S 35 -9.47 -4.02 39.17
N LEU S 36 -8.85 -4.58 40.23
CA LEU S 36 -8.85 -3.91 41.52
C LEU S 36 -7.98 -2.66 41.50
N LEU S 37 -6.88 -2.67 40.75
CA LEU S 37 -6.10 -1.46 40.57
C LEU S 37 -6.86 -0.40 39.79
N SER S 38 -7.72 -0.81 38.87
CA SER S 38 -8.55 0.10 38.11
C SER S 38 -9.77 0.59 38.89
N THR S 39 -10.02 0.04 40.07
CA THR S 39 -11.12 0.45 40.92
C THR S 39 -10.59 1.30 42.06
N ALA S 40 -11.12 2.53 42.18
CA ALA S 40 -10.61 3.45 43.20
C ALA S 40 -10.88 2.95 44.61
N GLU S 41 -11.93 2.15 44.79
CA GLU S 41 -12.29 1.66 46.10
C GLU S 41 -11.47 0.44 46.53
N PHE S 42 -10.69 -0.15 45.63
CA PHE S 42 -9.89 -1.32 45.95
C PHE S 42 -8.45 -1.23 45.46
N ASN S 43 -8.04 -0.10 44.88
CA ASN S 43 -6.63 0.10 44.55
C ASN S 43 -5.88 0.32 45.86
N TRP S 44 -5.20 -0.72 46.32
CA TRP S 44 -4.50 -0.68 47.59
C TRP S 44 -3.25 0.18 47.56
N LEU S 45 -2.80 0.61 46.38
CA LEU S 45 -1.62 1.45 46.27
C LEU S 45 -1.94 2.94 46.31
N GLU S 46 -3.14 3.36 45.91
CA GLU S 46 -3.49 4.76 45.89
C GLU S 46 -4.49 5.15 46.97
N ASP S 47 -4.99 4.22 47.76
CA ASP S 47 -6.03 4.52 48.73
C ASP S 47 -5.53 5.40 49.87
N GLY S 48 -4.22 5.59 49.99
CA GLY S 48 -3.68 6.44 51.05
C GLY S 48 -3.68 5.80 52.42
N VAL S 49 -4.00 4.52 52.51
CA VAL S 49 -4.05 3.80 53.78
C VAL S 49 -2.88 2.83 53.82
N PRO S 50 -1.99 2.93 54.81
CA PRO S 50 -2.00 3.88 55.93
C PRO S 50 -1.49 5.26 55.52
N ALA S 51 -1.88 6.31 56.25
CA ALA S 51 -1.44 7.66 55.92
C ALA S 51 0.03 7.86 56.23
N MET T 7 -5.74 -43.22 25.44
CA MET T 7 -5.66 -42.37 24.25
C MET T 7 -4.44 -41.45 24.33
N THR T 8 -4.26 -40.81 25.47
CA THR T 8 -3.06 -39.99 25.69
C THR T 8 -1.80 -40.82 25.72
N GLY T 9 -1.91 -42.14 25.82
CA GLY T 9 -0.75 -43.01 25.93
C GLY T 9 -0.27 -43.25 27.33
N LEU T 10 -0.90 -42.64 28.33
CA LEU T 10 -0.46 -42.78 29.72
C LEU T 10 -1.15 -43.95 30.38
N THR T 11 -0.38 -44.70 31.17
CA THR T 11 -0.90 -45.90 31.81
C THR T 11 -1.93 -45.53 32.87
N GLU T 12 -2.79 -46.51 33.18
CA GLU T 12 -3.81 -46.29 34.19
C GLU T 12 -3.19 -45.96 35.54
N GLU T 13 -2.07 -46.60 35.86
CA GLU T 13 -1.37 -46.29 37.12
C GLU T 13 -0.88 -44.85 37.12
N GLU T 14 -0.26 -44.40 36.03
CA GLU T 14 0.33 -43.06 36.01
C GLU T 14 -0.74 -41.97 36.11
N ALA T 15 -1.88 -42.16 35.45
CA ALA T 15 -2.96 -41.17 35.54
C ALA T 15 -3.46 -41.06 36.97
N LYS T 16 -3.60 -42.19 37.68
CA LYS T 16 -3.93 -42.13 39.10
C LYS T 16 -2.86 -41.40 39.89
N GLU T 17 -1.59 -41.67 39.59
CA GLU T 17 -0.51 -41.03 40.33
C GLU T 17 -0.43 -39.54 40.00
N PHE T 18 -0.70 -39.17 38.75
CA PHE T 18 -0.83 -37.76 38.40
C PHE T 18 -1.98 -37.12 39.15
N HIS T 19 -3.11 -37.83 39.24
CA HIS T 19 -4.28 -37.27 39.92
C HIS T 19 -3.98 -36.97 41.37
N GLY T 20 -3.34 -37.90 42.08
CA GLY T 20 -3.08 -37.70 43.49
C GLY T 20 -2.27 -36.45 43.77
N ILE T 21 -1.21 -36.24 42.99
CA ILE T 21 -0.43 -35.02 43.13
C ILE T 21 -1.20 -33.83 42.59
N PHE T 22 -2.00 -34.04 41.53
CA PHE T 22 -2.77 -32.95 40.96
C PHE T 22 -3.73 -32.34 41.98
N THR T 23 -4.48 -33.19 42.69
CA THR T 23 -5.34 -32.67 43.75
C THR T 23 -4.53 -32.13 44.92
N GLN T 24 -3.40 -32.74 45.23
CA GLN T 24 -2.58 -32.25 46.33
C GLN T 24 -2.05 -30.85 46.04
N SER T 25 -1.49 -30.67 44.84
CA SER T 25 -1.04 -29.34 44.44
C SER T 25 -2.22 -28.38 44.33
N MET T 26 -3.36 -28.86 43.81
CA MET T 26 -4.55 -28.04 43.73
C MET T 26 -5.10 -27.69 45.10
N THR T 27 -5.10 -28.65 46.03
CA THR T 27 -5.67 -28.39 47.35
C THR T 27 -4.84 -27.36 48.12
N MET T 28 -3.51 -27.48 48.07
CA MET T 28 -2.68 -26.48 48.75
C MET T 28 -2.86 -25.12 48.11
N PHE T 29 -2.95 -25.07 46.78
CA PHE T 29 -3.22 -23.81 46.10
C PHE T 29 -4.56 -23.22 46.52
N PHE T 30 -5.58 -24.06 46.64
CA PHE T 30 -6.87 -23.59 47.10
C PHE T 30 -6.83 -23.19 48.56
N GLY T 31 -5.98 -23.85 49.36
CA GLY T 31 -5.80 -23.44 50.74
C GLY T 31 -5.17 -22.07 50.85
N ILE T 32 -4.14 -21.80 50.04
CA ILE T 32 -3.55 -20.47 50.02
C ILE T 32 -4.57 -19.44 49.56
N VAL T 33 -5.36 -19.80 48.54
CA VAL T 33 -6.37 -18.87 48.01
C VAL T 33 -7.41 -18.54 49.07
N ILE T 34 -7.89 -19.55 49.79
CA ILE T 34 -8.90 -19.32 50.82
C ILE T 34 -8.36 -18.42 51.91
N ILE T 35 -7.11 -18.65 52.34
CA ILE T 35 -6.50 -17.79 53.35
C ILE T 35 -6.36 -16.37 52.82
N ALA T 36 -5.94 -16.23 51.57
CA ALA T 36 -5.80 -14.90 50.97
C ALA T 36 -7.13 -14.17 50.96
N HIS T 37 -8.22 -14.87 50.65
CA HIS T 37 -9.52 -14.23 50.58
C HIS T 37 -10.06 -13.91 51.98
N ILE T 38 -9.77 -14.77 52.96
CA ILE T 38 -10.12 -14.46 54.34
C ILE T 38 -9.39 -13.20 54.79
N LEU T 39 -8.10 -13.11 54.48
CA LEU T 39 -7.33 -11.91 54.80
C LEU T 39 -7.87 -10.70 54.05
N ALA T 40 -8.20 -10.87 52.78
CA ALA T 40 -8.74 -9.75 52.00
C ALA T 40 -10.09 -9.31 52.55
N TRP T 41 -10.95 -10.25 52.94
CA TRP T 41 -12.25 -9.88 53.51
C TRP T 41 -12.08 -9.11 54.80
N LEU T 42 -11.15 -9.53 55.66
CA LEU T 42 -10.88 -8.80 56.89
C LEU T 42 -10.30 -7.42 56.58
N TRP T 43 -9.43 -7.34 55.57
CA TRP T 43 -8.83 -6.06 55.21
C TRP T 43 -9.87 -5.10 54.64
N ARG T 44 -10.68 -5.56 53.70
CA ARG T 44 -11.66 -4.71 53.04
C ARG T 44 -12.81 -5.56 52.50
N PRO T 45 -13.88 -5.74 53.27
CA PRO T 45 -15.02 -6.52 52.76
C PRO T 45 -15.62 -5.85 51.53
N TRP T 46 -16.04 -6.68 50.57
CA TRP T 46 -16.56 -6.16 49.31
C TRP T 46 -18.05 -6.39 49.13
N LEU T 47 -18.67 -7.22 49.96
CA LEU T 47 -20.10 -7.49 49.87
C LEU T 47 -20.84 -7.05 51.12
N SER U 2 -33.14 -39.00 28.00
CA SER U 2 -33.45 -40.31 27.42
C SER U 2 -32.50 -41.39 27.93
N PRO U 3 -32.99 -42.62 28.03
CA PRO U 3 -32.12 -43.72 28.47
C PRO U 3 -30.93 -43.96 27.56
N ASP U 4 -31.00 -43.54 26.30
CA ASP U 4 -29.85 -43.63 25.39
C ASP U 4 -29.23 -42.27 25.11
N LEU U 5 -29.14 -41.42 26.13
CA LEU U 5 -28.43 -40.15 25.99
C LEU U 5 -26.92 -40.32 26.10
N TRP U 6 -26.43 -41.50 26.50
CA TRP U 6 -25.01 -41.78 26.51
C TRP U 6 -24.44 -42.00 25.12
N LYS U 7 -25.29 -42.05 24.09
CA LYS U 7 -24.87 -42.39 22.74
C LYS U 7 -24.28 -41.21 21.98
N ILE U 8 -24.30 -40.00 22.54
CA ILE U 8 -23.75 -38.85 21.83
C ILE U 8 -22.25 -39.00 21.67
N TRP U 9 -21.55 -39.43 22.72
CA TRP U 9 -20.10 -39.48 22.72
C TRP U 9 -19.53 -40.53 21.77
N LEU U 10 -20.37 -41.41 21.23
CA LEU U 10 -19.92 -42.33 20.19
C LEU U 10 -19.59 -41.60 18.89
N LEU U 11 -20.19 -40.43 18.66
CA LEU U 11 -19.99 -39.67 17.44
C LEU U 11 -19.03 -38.51 17.63
N VAL U 12 -19.17 -37.75 18.72
CA VAL U 12 -18.27 -36.65 19.02
C VAL U 12 -17.15 -37.18 19.90
N ASP U 13 -15.93 -36.71 19.64
CA ASP U 13 -14.77 -37.15 20.43
C ASP U 13 -14.87 -36.60 21.84
N PRO U 14 -14.64 -37.42 22.87
CA PRO U 14 -14.75 -36.91 24.25
C PRO U 14 -13.76 -35.82 24.60
N ARG U 15 -12.56 -35.81 24.00
CA ARG U 15 -11.58 -34.79 24.35
C ARG U 15 -11.98 -33.43 23.80
N ARG U 16 -12.41 -33.39 22.54
CA ARG U 16 -12.68 -32.12 21.89
C ARG U 16 -13.90 -31.42 22.50
N ILE U 17 -14.89 -32.17 22.96
CA ILE U 17 -16.03 -31.55 23.62
C ILE U 17 -15.61 -30.99 24.97
N LEU U 18 -14.75 -31.70 25.69
CA LEU U 18 -14.27 -31.21 26.99
C LEU U 18 -13.54 -29.88 26.85
N ILE U 19 -12.64 -29.78 25.86
CA ILE U 19 -11.93 -28.54 25.64
C ILE U 19 -12.92 -27.44 25.24
N ALA U 20 -13.96 -27.80 24.49
CA ALA U 20 -14.94 -26.81 24.06
C ALA U 20 -15.73 -26.25 25.23
N VAL U 21 -16.27 -27.13 26.09
CA VAL U 21 -17.13 -26.65 27.16
C VAL U 21 -16.32 -25.90 28.21
N PHE U 22 -15.13 -26.40 28.54
CA PHE U 22 -14.31 -25.73 29.55
C PHE U 22 -13.94 -24.33 29.10
N ALA U 23 -13.56 -24.18 27.83
CA ALA U 23 -13.23 -22.86 27.32
C ALA U 23 -14.47 -21.98 27.19
N PHE U 24 -15.57 -22.54 26.69
CA PHE U 24 -16.79 -21.75 26.50
C PHE U 24 -17.33 -21.24 27.83
N LEU U 25 -17.40 -22.13 28.84
CA LEU U 25 -17.94 -21.72 30.13
C LEU U 25 -17.06 -20.66 30.78
N THR U 26 -15.75 -20.79 30.65
CA THR U 26 -14.85 -19.80 31.22
C THR U 26 -15.05 -18.44 30.55
N VAL U 27 -15.17 -18.43 29.22
CA VAL U 27 -15.44 -17.18 28.52
C VAL U 27 -16.80 -16.62 28.90
N LEU U 28 -17.82 -17.49 28.97
CA LEU U 28 -19.14 -17.04 29.38
C LEU U 28 -19.12 -16.50 30.79
N GLY U 29 -18.45 -17.19 31.71
CA GLY U 29 -18.32 -16.69 33.07
C GLY U 29 -17.58 -15.37 33.14
N LEU U 30 -16.51 -15.24 32.35
CA LEU U 30 -15.79 -13.97 32.30
C LEU U 30 -16.65 -12.86 31.73
N ALA U 31 -17.39 -13.15 30.66
CA ALA U 31 -18.21 -12.13 30.02
C ALA U 31 -19.34 -11.66 30.93
N ILE U 32 -20.02 -12.60 31.59
CA ILE U 32 -21.11 -12.23 32.48
C ILE U 32 -20.60 -11.40 33.65
N HIS U 33 -19.48 -11.80 34.24
CA HIS U 33 -18.88 -10.99 35.31
C HIS U 33 -18.54 -9.60 34.81
N MET U 34 -17.92 -9.51 33.63
CA MET U 34 -17.55 -8.21 33.08
CA MET U 34 -17.55 -8.21 33.08
C MET U 34 -18.78 -7.34 32.81
N ILE U 35 -19.84 -7.95 32.28
CA ILE U 35 -21.07 -7.20 32.02
C ILE U 35 -21.65 -6.66 33.32
N LEU U 36 -21.68 -7.49 34.38
CA LEU U 36 -22.18 -7.04 35.66
C LEU U 36 -21.32 -5.93 36.24
N LEU U 37 -19.99 -6.04 36.10
CA LEU U 37 -19.10 -4.96 36.54
C LEU U 37 -19.39 -3.66 35.80
N SER U 38 -19.82 -3.76 34.55
CA SER U 38 -20.10 -2.57 33.74
C SER U 38 -21.32 -1.81 34.23
N THR U 39 -22.21 -2.45 34.98
CA THR U 39 -23.40 -1.80 35.47
C THR U 39 -23.13 -1.12 36.80
N ALA U 40 -23.73 0.05 37.00
CA ALA U 40 -23.66 0.70 38.30
C ALA U 40 -24.38 -0.09 39.37
N GLU U 41 -25.48 -0.76 38.99
CA GLU U 41 -26.31 -1.45 39.97
C GLU U 41 -25.63 -2.70 40.51
N PHE U 42 -24.89 -3.41 39.66
CA PHE U 42 -24.35 -4.71 40.03
C PHE U 42 -22.83 -4.76 40.14
N ASN U 43 -22.15 -3.63 40.05
CA ASN U 43 -20.71 -3.60 40.31
C ASN U 43 -20.50 -3.68 41.81
N TRP U 44 -20.11 -4.86 42.30
CA TRP U 44 -19.91 -5.06 43.73
C TRP U 44 -18.66 -4.38 44.25
N LEU U 45 -17.79 -3.88 43.38
CA LEU U 45 -16.57 -3.20 43.83
C LEU U 45 -16.76 -1.70 44.02
N GLU U 46 -17.67 -1.08 43.26
CA GLU U 46 -17.83 0.37 43.29
C GLU U 46 -19.15 0.80 43.92
N ASP U 47 -19.93 -0.12 44.49
CA ASP U 47 -21.22 0.26 45.07
C ASP U 47 -21.09 0.88 46.45
N GLY U 48 -19.94 0.73 47.12
CA GLY U 48 -19.78 1.29 48.44
C GLY U 48 -20.38 0.48 49.57
N VAL U 49 -20.87 -0.72 49.28
CA VAL U 49 -21.42 -1.62 50.29
C VAL U 49 -20.45 -2.76 50.49
N PRO U 50 -19.94 -2.99 51.72
CA PRO U 50 -20.26 -2.26 52.95
C PRO U 50 -19.45 -0.98 53.08
N ALA U 51 -19.99 0.02 53.77
CA ALA U 51 -19.29 1.29 53.95
C ALA U 51 -18.04 1.11 54.80
N THR V 8 -16.05 -42.20 16.26
CA THR V 8 -14.92 -41.92 17.13
C THR V 8 -14.18 -43.20 17.48
N GLY V 9 -14.93 -44.24 17.82
CA GLY V 9 -14.36 -45.52 18.21
C GLY V 9 -14.68 -45.95 19.62
N LEU V 10 -15.38 -45.13 20.40
CA LEU V 10 -15.76 -45.53 21.74
C LEU V 10 -16.75 -46.69 21.68
N THR V 11 -16.84 -47.42 22.79
CA THR V 11 -17.66 -48.61 22.87
C THR V 11 -18.97 -48.31 23.59
N GLU V 12 -19.82 -49.33 23.65
CA GLU V 12 -21.08 -49.20 24.37
C GLU V 12 -20.85 -48.97 25.86
N GLU V 13 -19.76 -49.51 26.41
CA GLU V 13 -19.48 -49.32 27.82
C GLU V 13 -18.74 -48.01 28.08
N GLU V 14 -17.73 -47.70 27.25
CA GLU V 14 -16.93 -46.49 27.49
C GLU V 14 -17.79 -45.24 27.42
N ALA V 15 -18.69 -45.17 26.42
CA ALA V 15 -19.59 -44.04 26.29
C ALA V 15 -20.71 -44.06 27.32
N LYS V 16 -20.90 -45.17 28.04
CA LYS V 16 -21.86 -45.22 29.14
C LYS V 16 -21.24 -44.75 30.45
N GLU V 17 -19.98 -45.14 30.69
CA GLU V 17 -19.30 -44.66 31.90
C GLU V 17 -18.79 -43.24 31.73
N PHE V 18 -18.49 -42.82 30.49
CA PHE V 18 -18.21 -41.41 30.26
C PHE V 18 -19.41 -40.56 30.63
N HIS V 19 -20.61 -41.00 30.22
CA HIS V 19 -21.83 -40.26 30.54
C HIS V 19 -22.03 -40.13 32.05
N GLY V 20 -21.67 -41.17 32.80
CA GLY V 20 -21.88 -41.14 34.24
C GLY V 20 -21.02 -40.10 34.93
N ILE V 21 -19.70 -40.18 34.74
CA ILE V 21 -18.80 -39.23 35.39
C ILE V 21 -19.01 -37.83 34.83
N PHE V 22 -19.32 -37.72 33.53
CA PHE V 22 -19.67 -36.42 32.97
C PHE V 22 -20.88 -35.84 33.67
N THR V 23 -21.89 -36.67 33.95
CA THR V 23 -23.07 -36.19 34.67
C THR V 23 -22.74 -35.77 36.09
N GLN V 24 -21.90 -36.56 36.79
CA GLN V 24 -21.57 -36.26 38.17
C GLN V 24 -20.87 -34.90 38.28
N SER V 25 -19.89 -34.66 37.43
CA SER V 25 -19.22 -33.36 37.44
C SER V 25 -20.14 -32.26 36.93
N MET V 26 -20.93 -32.55 35.88
CA MET V 26 -21.86 -31.57 35.36
C MET V 26 -22.89 -31.19 36.40
N THR V 27 -23.50 -32.17 37.07
CA THR V 27 -24.52 -31.89 38.07
C THR V 27 -23.93 -31.12 39.25
N MET V 28 -22.74 -31.53 39.71
CA MET V 28 -22.13 -30.83 40.84
C MET V 28 -21.77 -29.40 40.47
N PHE V 29 -21.31 -29.19 39.23
CA PHE V 29 -21.06 -27.83 38.76
C PHE V 29 -22.33 -27.00 38.80
N PHE V 30 -23.44 -27.57 38.32
CA PHE V 30 -24.69 -26.84 38.37
C PHE V 30 -25.22 -26.74 39.80
N GLY V 31 -24.82 -27.65 40.68
CA GLY V 31 -25.16 -27.50 42.08
C GLY V 31 -24.62 -26.23 42.67
N ILE V 32 -23.34 -25.95 42.41
CA ILE V 32 -22.73 -24.70 42.88
C ILE V 32 -23.37 -23.52 42.19
N VAL V 33 -23.61 -23.62 40.89
CA VAL V 33 -24.18 -22.52 40.13
C VAL V 33 -25.53 -22.12 40.70
N ILE V 34 -26.38 -23.11 41.02
CA ILE V 34 -27.68 -22.83 41.60
C ILE V 34 -27.53 -22.15 42.95
N ILE V 35 -26.60 -22.65 43.78
CA ILE V 35 -26.38 -22.04 45.10
C ILE V 35 -25.91 -20.61 44.96
N ALA V 36 -24.98 -20.36 44.03
CA ALA V 36 -24.49 -18.99 43.81
C ALA V 36 -25.62 -18.08 43.36
N HIS V 37 -26.51 -18.57 42.51
CA HIS V 37 -27.59 -17.72 42.01
C HIS V 37 -28.61 -17.44 43.09
N ILE V 38 -28.88 -18.42 43.97
CA ILE V 38 -29.73 -18.15 45.12
C ILE V 38 -29.10 -17.09 46.02
N LEU V 39 -27.79 -17.23 46.27
CA LEU V 39 -27.08 -16.22 47.04
C LEU V 39 -27.13 -14.86 46.35
N ALA V 40 -26.92 -14.85 45.03
CA ALA V 40 -26.97 -13.59 44.29
C ALA V 40 -28.35 -12.95 44.35
N TRP V 41 -29.40 -13.76 44.23
CA TRP V 41 -30.75 -13.21 44.32
C TRP V 41 -31.02 -12.66 45.72
N LEU V 42 -30.57 -13.37 46.75
CA LEU V 42 -30.70 -12.85 48.11
C LEU V 42 -29.85 -11.59 48.29
N TRP V 43 -28.65 -11.57 47.71
CA TRP V 43 -27.78 -10.39 47.82
C TRP V 43 -28.41 -9.19 47.14
N ARG V 44 -28.81 -9.32 45.88
CA ARG V 44 -29.33 -8.21 45.10
C ARG V 44 -30.20 -8.72 43.96
N PRO V 45 -31.52 -8.83 44.16
CA PRO V 45 -32.39 -9.32 43.08
C PRO V 45 -32.35 -8.40 41.88
N TRP V 46 -32.44 -8.99 40.69
CA TRP V 46 -32.31 -8.24 39.45
C TRP V 46 -33.60 -8.10 38.67
N LEU V 47 -34.62 -8.88 38.99
CA LEU V 47 -35.91 -8.80 38.32
C LEU V 47 -37.02 -8.48 39.31
N SER W 2 -44.34 -34.51 10.23
CA SER W 2 -44.39 -35.55 9.21
C SER W 2 -44.01 -36.90 9.82
N PRO W 3 -44.60 -37.98 9.31
CA PRO W 3 -44.31 -39.32 9.84
C PRO W 3 -43.11 -40.01 9.22
N ASP W 4 -42.38 -39.37 8.31
CA ASP W 4 -41.25 -40.00 7.66
C ASP W 4 -40.04 -39.07 7.63
N LEU W 5 -39.87 -38.27 8.69
CA LEU W 5 -38.82 -37.26 8.69
C LEU W 5 -37.47 -37.84 9.09
N TRP W 6 -37.45 -39.07 9.62
CA TRP W 6 -36.21 -39.63 10.16
C TRP W 6 -35.18 -39.91 9.08
N LYS W 7 -35.58 -39.89 7.81
CA LYS W 7 -34.68 -40.28 6.74
C LYS W 7 -33.69 -39.18 6.38
N ILE W 8 -33.72 -38.05 7.09
CA ILE W 8 -32.74 -36.99 6.85
C ILE W 8 -31.34 -37.45 7.21
N TRP W 9 -31.20 -38.21 8.29
CA TRP W 9 -29.90 -38.52 8.88
C TRP W 9 -29.05 -39.45 8.04
N LEU W 10 -29.60 -40.04 6.98
CA LEU W 10 -28.76 -40.74 6.02
C LEU W 10 -27.96 -39.79 5.15
N LEU W 11 -28.29 -38.50 5.17
CA LEU W 11 -27.61 -37.52 4.33
C LEU W 11 -26.72 -36.57 5.12
N VAL W 12 -27.01 -36.34 6.39
CA VAL W 12 -26.22 -35.47 7.24
C VAL W 12 -25.74 -36.26 8.44
N ASP W 13 -24.44 -36.27 8.66
CA ASP W 13 -23.88 -37.03 9.78
C ASP W 13 -24.22 -36.32 11.09
N PRO W 14 -24.81 -37.03 12.06
CA PRO W 14 -25.20 -36.38 13.32
C PRO W 14 -24.07 -35.65 14.02
N ARG W 15 -22.81 -36.02 13.77
CA ARG W 15 -21.70 -35.28 14.37
C ARG W 15 -21.70 -33.83 13.91
N ARG W 16 -21.78 -33.60 12.61
CA ARG W 16 -21.81 -32.25 12.08
C ARG W 16 -23.08 -31.52 12.47
N ILE W 17 -24.22 -32.22 12.46
CA ILE W 17 -25.49 -31.60 12.80
C ILE W 17 -25.47 -31.13 14.25
N LEU W 18 -24.96 -31.96 15.15
CA LEU W 18 -24.99 -31.63 16.58
C LEU W 18 -24.11 -30.43 16.88
N ILE W 19 -22.94 -30.35 16.26
CA ILE W 19 -22.05 -29.21 16.49
C ILE W 19 -22.66 -27.95 15.91
N ALA W 20 -23.19 -28.03 14.68
CA ALA W 20 -23.79 -26.87 14.04
C ALA W 20 -25.00 -26.38 14.80
N VAL W 21 -25.86 -27.29 15.25
CA VAL W 21 -27.05 -26.90 16.00
C VAL W 21 -26.65 -26.22 17.30
N PHE W 22 -25.70 -26.81 18.02
CA PHE W 22 -25.32 -26.27 19.33
C PHE W 22 -24.60 -24.94 19.19
N ALA W 23 -23.71 -24.83 18.20
CA ALA W 23 -22.98 -23.58 18.01
C ALA W 23 -23.92 -22.46 17.55
N PHE W 24 -24.85 -22.77 16.63
CA PHE W 24 -25.77 -21.76 16.15
C PHE W 24 -26.71 -21.28 17.26
N LEU W 25 -27.26 -22.21 18.03
CA LEU W 25 -28.18 -21.82 19.10
C LEU W 25 -27.49 -20.96 20.14
N THR W 26 -26.25 -21.31 20.50
CA THR W 26 -25.52 -20.52 21.48
C THR W 26 -25.30 -19.09 21.00
N VAL W 27 -24.89 -18.94 19.74
CA VAL W 27 -24.69 -17.61 19.18
C VAL W 27 -26.01 -16.86 19.07
N LEU W 28 -27.08 -17.57 18.68
CA LEU W 28 -28.39 -16.96 18.62
C LEU W 28 -28.84 -16.47 19.99
N GLY W 29 -28.69 -17.31 21.03
CA GLY W 29 -29.04 -16.88 22.36
C GLY W 29 -28.20 -15.72 22.85
N LEU W 30 -26.89 -15.75 22.54
CA LEU W 30 -26.04 -14.62 22.88
C LEU W 30 -26.49 -13.37 22.15
N ALA W 31 -26.78 -13.48 20.85
CA ALA W 31 -27.16 -12.31 20.07
C ALA W 31 -28.46 -11.70 20.59
N ILE W 32 -29.45 -12.53 20.91
CA ILE W 32 -30.72 -12.01 21.39
C ILE W 32 -30.56 -11.33 22.74
N HIS W 33 -29.78 -11.94 23.64
CA HIS W 33 -29.51 -11.29 24.92
C HIS W 33 -28.81 -9.95 24.71
N MET W 34 -27.85 -9.89 23.79
CA MET W 34 -27.18 -8.64 23.46
C MET W 34 -28.17 -7.59 22.95
N ILE W 35 -29.09 -8.01 22.08
CA ILE W 35 -30.07 -7.08 21.53
C ILE W 35 -30.93 -6.50 22.64
N LEU W 36 -31.36 -7.33 23.58
CA LEU W 36 -32.20 -6.86 24.67
C LEU W 36 -31.42 -5.92 25.60
N LEU W 37 -30.16 -6.25 25.88
CA LEU W 37 -29.36 -5.41 26.76
C LEU W 37 -29.10 -4.03 26.16
N SER W 38 -29.06 -3.94 24.83
CA SER W 38 -28.79 -2.67 24.18
C SER W 38 -30.00 -1.74 24.18
N THR W 39 -31.17 -2.24 24.52
CA THR W 39 -32.36 -1.41 24.59
C THR W 39 -32.61 -0.97 26.03
N ALA W 40 -33.06 0.27 26.19
CA ALA W 40 -33.36 0.77 27.52
C ALA W 40 -34.50 -0.01 28.18
N GLU W 41 -35.54 -0.31 27.39
CA GLU W 41 -36.72 -0.95 27.97
C GLU W 41 -36.43 -2.36 28.49
N PHE W 42 -35.61 -3.12 27.77
CA PHE W 42 -35.43 -4.54 28.07
C PHE W 42 -34.05 -4.87 28.62
N ASN W 43 -33.26 -3.87 29.01
CA ASN W 43 -32.04 -4.14 29.75
C ASN W 43 -32.43 -4.39 31.20
N TRP W 44 -32.51 -5.67 31.57
CA TRP W 44 -32.92 -6.04 32.92
C TRP W 44 -31.87 -5.70 33.97
N LEU W 45 -30.62 -5.45 33.57
CA LEU W 45 -29.57 -5.14 34.52
C LEU W 45 -29.47 -3.66 34.84
N GLU W 46 -29.89 -2.78 33.93
CA GLU W 46 -29.75 -1.34 34.09
C GLU W 46 -31.07 -0.62 34.27
N ASP W 47 -32.18 -1.34 34.35
CA ASP W 47 -33.50 -0.70 34.35
C ASP W 47 -33.90 -0.15 35.70
N GLY W 48 -33.22 -0.53 36.78
CA GLY W 48 -33.54 -0.02 38.10
C GLY W 48 -34.62 -0.77 38.84
N VAL W 49 -35.20 -1.81 38.25
CA VAL W 49 -36.21 -2.65 38.89
C VAL W 49 -35.51 -3.92 39.37
N PRO W 50 -35.76 -4.38 40.60
CA PRO W 50 -36.65 -3.82 41.63
C PRO W 50 -35.99 -2.69 42.40
N ALA W 51 -36.80 -1.87 43.07
CA ALA W 51 -36.31 -0.76 43.89
C ALA W 51 -35.43 0.20 43.08
N MET X 7 -23.58 -42.17 2.28
CA MET X 7 -22.80 -40.93 2.20
C MET X 7 -22.43 -40.46 3.60
N THR X 8 -23.15 -40.93 4.61
CA THR X 8 -22.81 -40.68 5.99
C THR X 8 -22.61 -41.94 6.82
N GLY X 9 -22.57 -43.11 6.19
CA GLY X 9 -22.30 -44.34 6.92
C GLY X 9 -23.32 -44.70 7.96
N LEU X 10 -24.51 -44.12 7.90
CA LEU X 10 -25.56 -44.37 8.87
C LEU X 10 -26.60 -45.30 8.25
N THR X 11 -26.85 -46.44 8.91
CA THR X 11 -27.91 -47.31 8.47
C THR X 11 -29.27 -46.73 8.87
N GLU X 12 -30.33 -47.34 8.35
CA GLU X 12 -31.67 -46.87 8.66
C GLU X 12 -32.01 -47.07 10.14
N GLU X 13 -31.60 -48.21 10.72
CA GLU X 13 -31.91 -48.47 12.12
C GLU X 13 -31.23 -47.46 13.03
N GLU X 14 -30.04 -46.99 12.64
CA GLU X 14 -29.41 -45.89 13.39
C GLU X 14 -30.11 -44.57 13.12
N ALA X 15 -30.56 -44.34 11.88
CA ALA X 15 -31.27 -43.12 11.55
C ALA X 15 -32.59 -43.03 12.30
N LYS X 16 -33.33 -44.14 12.36
CA LYS X 16 -34.54 -44.15 13.18
C LYS X 16 -34.21 -43.97 14.66
N GLU X 17 -33.09 -44.56 15.11
CA GLU X 17 -32.68 -44.39 16.50
C GLU X 17 -32.32 -42.93 16.78
N PHE X 18 -31.64 -42.28 15.84
CA PHE X 18 -31.24 -40.88 16.05
C PHE X 18 -32.45 -39.97 16.18
N HIS X 19 -33.48 -40.19 15.36
CA HIS X 19 -34.64 -39.30 15.36
C HIS X 19 -35.37 -39.36 16.70
N GLY X 20 -35.22 -40.47 17.44
CA GLY X 20 -35.88 -40.64 18.71
C GLY X 20 -35.43 -39.66 19.79
N ILE X 21 -34.15 -39.74 20.17
CA ILE X 21 -33.65 -38.85 21.21
C ILE X 21 -33.59 -37.40 20.72
N PHE X 22 -33.26 -37.19 19.44
CA PHE X 22 -33.14 -35.84 18.91
C PHE X 22 -34.47 -35.09 19.00
N THR X 23 -35.56 -35.74 18.60
CA THR X 23 -36.87 -35.15 18.81
C THR X 23 -37.18 -35.02 20.29
N GLN X 24 -36.77 -36.00 21.10
CA GLN X 24 -36.99 -35.91 22.54
C GLN X 24 -36.23 -34.75 23.15
N SER X 25 -34.96 -34.58 22.77
CA SER X 25 -34.17 -33.50 23.32
C SER X 25 -34.64 -32.15 22.80
N MET X 26 -35.01 -32.07 21.53
CA MET X 26 -35.55 -30.83 20.99
C MET X 26 -36.85 -30.44 21.69
N THR X 27 -37.71 -31.42 21.98
CA THR X 27 -39.00 -31.11 22.58
C THR X 27 -38.83 -30.50 23.96
N MET X 28 -37.89 -31.02 24.75
CA MET X 28 -37.71 -30.51 26.10
C MET X 28 -37.03 -29.15 26.09
N PHE X 29 -36.06 -28.97 25.18
CA PHE X 29 -35.44 -27.66 25.01
C PHE X 29 -36.47 -26.62 24.59
N PHE X 30 -37.34 -26.98 23.65
CA PHE X 30 -38.42 -26.09 23.27
C PHE X 30 -39.36 -25.84 24.44
N GLY X 31 -39.62 -26.86 25.27
CA GLY X 31 -40.52 -26.69 26.40
C GLY X 31 -40.02 -25.65 27.38
N ILE X 32 -38.73 -25.70 27.72
CA ILE X 32 -38.15 -24.69 28.59
C ILE X 32 -38.11 -23.33 27.90
N VAL X 33 -37.87 -23.34 26.59
CA VAL X 33 -37.88 -22.09 25.83
C VAL X 33 -39.26 -21.44 25.90
N ILE X 34 -40.31 -22.24 25.73
CA ILE X 34 -41.67 -21.70 25.82
C ILE X 34 -41.95 -21.19 27.23
N ILE X 35 -41.55 -21.95 28.24
CA ILE X 35 -41.76 -21.52 29.62
C ILE X 35 -41.00 -20.23 29.89
N ALA X 36 -39.76 -20.15 29.41
CA ALA X 36 -38.98 -18.92 29.56
C ALA X 36 -39.68 -17.75 28.89
N HIS X 37 -40.25 -17.97 27.71
CA HIS X 37 -40.92 -16.89 27.00
C HIS X 37 -42.23 -16.49 27.69
N ILE X 38 -42.96 -17.46 28.22
CA ILE X 38 -44.17 -17.13 28.98
C ILE X 38 -43.82 -16.27 30.18
N LEU X 39 -42.78 -16.65 30.91
CA LEU X 39 -42.34 -15.84 32.05
C LEU X 39 -41.87 -14.47 31.59
N ALA X 40 -41.19 -14.41 30.46
CA ALA X 40 -40.73 -13.12 29.93
C ALA X 40 -41.90 -12.23 29.56
N TRP X 41 -42.95 -12.80 28.96
CA TRP X 41 -44.12 -11.99 28.61
C TRP X 41 -44.81 -11.45 29.86
N LEU X 42 -44.96 -12.30 30.88
CA LEU X 42 -45.55 -11.83 32.14
C LEU X 42 -44.67 -10.77 32.78
N TRP X 43 -43.35 -10.87 32.59
CA TRP X 43 -42.44 -9.89 33.16
C TRP X 43 -42.54 -8.55 32.42
N ARG X 44 -42.27 -8.56 31.11
CA ARG X 44 -42.26 -7.32 30.32
C ARG X 44 -42.75 -7.63 28.92
N PRO X 45 -44.05 -7.49 28.67
CA PRO X 45 -44.57 -7.73 27.32
C PRO X 45 -43.93 -6.77 26.32
N TRP X 46 -43.68 -7.29 25.11
CA TRP X 46 -43.03 -6.50 24.09
C TRP X 46 -43.95 -6.07 22.96
N LEU X 47 -45.20 -6.53 22.95
CA LEU X 47 -46.14 -6.15 21.91
C LEU X 47 -47.45 -5.64 22.52
N PRO Y 3 -45.16 -31.67 -11.61
CA PRO Y 3 -45.50 -33.08 -11.80
C PRO Y 3 -44.28 -33.99 -11.96
N ASP Y 4 -43.16 -33.44 -12.43
CA ASP Y 4 -41.93 -34.20 -12.66
C ASP Y 4 -40.74 -33.39 -12.14
N LEU Y 5 -40.97 -32.68 -11.03
CA LEU Y 5 -39.95 -31.82 -10.45
C LEU Y 5 -38.97 -32.57 -9.55
N TRP Y 6 -39.24 -33.84 -9.24
CA TRP Y 6 -38.35 -34.61 -8.38
C TRP Y 6 -37.00 -34.88 -9.04
N LYS Y 7 -36.91 -34.67 -10.35
CA LYS Y 7 -35.70 -34.98 -11.08
C LYS Y 7 -34.57 -33.99 -10.79
N ILE Y 8 -34.85 -32.92 -10.03
CA ILE Y 8 -33.81 -31.94 -9.77
C ILE Y 8 -32.73 -32.49 -8.85
N TRP Y 9 -33.09 -33.31 -7.87
CA TRP Y 9 -32.07 -33.86 -6.99
C TRP Y 9 -31.26 -34.97 -7.65
N LEU Y 10 -31.63 -35.39 -8.86
CA LEU Y 10 -30.72 -36.20 -9.67
C LEU Y 10 -29.53 -35.38 -10.16
N LEU Y 11 -29.61 -34.06 -10.11
CA LEU Y 11 -28.51 -33.18 -10.48
C LEU Y 11 -27.73 -32.67 -9.27
N VAL Y 12 -28.41 -32.42 -8.16
CA VAL Y 12 -27.79 -31.80 -6.99
C VAL Y 12 -27.86 -32.76 -5.82
N ASP Y 13 -26.75 -32.87 -5.10
CA ASP Y 13 -26.70 -33.67 -3.88
C ASP Y 13 -27.72 -33.11 -2.89
N PRO Y 14 -28.68 -33.91 -2.41
CA PRO Y 14 -29.70 -33.35 -1.53
C PRO Y 14 -29.30 -33.26 -0.07
N ARG Y 15 -28.01 -33.38 0.26
CA ARG Y 15 -27.54 -32.99 1.58
C ARG Y 15 -27.04 -31.55 1.57
N ARG Y 16 -26.27 -31.19 0.53
CA ARG Y 16 -25.73 -29.84 0.43
C ARG Y 16 -26.84 -28.82 0.24
N ILE Y 17 -27.88 -29.16 -0.52
CA ILE Y 17 -29.00 -28.26 -0.71
C ILE Y 17 -29.71 -28.01 0.62
N LEU Y 18 -29.86 -29.04 1.45
CA LEU Y 18 -30.43 -28.85 2.76
C LEU Y 18 -29.57 -27.95 3.63
N ILE Y 19 -28.25 -28.10 3.53
CA ILE Y 19 -27.35 -27.19 4.24
C ILE Y 19 -27.50 -25.78 3.71
N ALA Y 20 -27.58 -25.62 2.39
CA ALA Y 20 -27.65 -24.29 1.80
C ALA Y 20 -28.96 -23.58 2.16
N VAL Y 21 -30.08 -24.30 2.10
CA VAL Y 21 -31.36 -23.64 2.33
C VAL Y 21 -31.49 -23.21 3.79
N PHE Y 22 -31.01 -24.04 4.73
CA PHE Y 22 -31.03 -23.65 6.13
C PHE Y 22 -30.15 -22.45 6.38
N ALA Y 23 -28.92 -22.48 5.85
CA ALA Y 23 -28.00 -21.36 6.05
C ALA Y 23 -28.53 -20.10 5.39
N PHE Y 24 -29.05 -20.20 4.18
CA PHE Y 24 -29.58 -19.04 3.49
C PHE Y 24 -30.81 -18.49 4.21
N LEU Y 25 -31.74 -19.37 4.61
CA LEU Y 25 -32.94 -18.92 5.30
C LEU Y 25 -32.60 -18.29 6.64
N THR Y 26 -31.64 -18.86 7.37
CA THR Y 26 -31.24 -18.29 8.65
C THR Y 26 -30.65 -16.90 8.47
N VAL Y 27 -29.72 -16.75 7.52
CA VAL Y 27 -29.12 -15.45 7.27
C VAL Y 27 -30.17 -14.45 6.80
N LEU Y 28 -31.04 -14.89 5.89
CA LEU Y 28 -32.12 -14.02 5.43
C LEU Y 28 -33.07 -13.66 6.57
N GLY Y 29 -33.37 -14.61 7.44
CA GLY Y 29 -34.24 -14.32 8.57
C GLY Y 29 -33.62 -13.33 9.54
N LEU Y 30 -32.33 -13.50 9.83
CA LEU Y 30 -31.64 -12.56 10.70
C LEU Y 30 -31.55 -11.18 10.05
N ALA Y 31 -31.25 -11.13 8.75
CA ALA Y 31 -31.11 -9.85 8.07
C ALA Y 31 -32.41 -9.07 8.07
N ILE Y 32 -33.54 -9.75 7.79
CA ILE Y 32 -34.82 -9.06 7.81
C ILE Y 32 -35.12 -8.53 9.20
N HIS Y 33 -34.82 -9.33 10.24
CA HIS Y 33 -35.01 -8.87 11.61
C HIS Y 33 -34.14 -7.66 11.92
N MET Y 34 -32.87 -7.69 11.50
CA MET Y 34 -32.00 -6.53 11.72
C MET Y 34 -32.54 -5.29 11.02
N ILE Y 35 -33.01 -5.43 9.78
CA ILE Y 35 -33.53 -4.28 9.04
C ILE Y 35 -34.74 -3.69 9.76
N LEU Y 36 -35.63 -4.54 10.26
CA LEU Y 36 -36.78 -4.05 11.01
C LEU Y 36 -36.35 -3.39 12.30
N LEU Y 37 -35.39 -3.97 13.01
CA LEU Y 37 -34.90 -3.37 14.25
C LEU Y 37 -34.22 -2.02 13.99
N SER Y 38 -33.66 -1.84 12.79
CA SER Y 38 -32.98 -0.58 12.49
C SER Y 38 -33.94 0.55 12.16
N THR Y 39 -35.23 0.26 12.00
CA THR Y 39 -36.21 1.29 11.71
C THR Y 39 -36.93 1.72 12.97
N ALA Y 40 -37.41 2.97 12.97
CA ALA Y 40 -38.22 3.44 14.07
C ALA Y 40 -39.64 2.88 14.03
N GLU Y 41 -40.15 2.57 12.84
CA GLU Y 41 -41.54 2.14 12.73
C GLU Y 41 -41.72 0.70 13.18
N PHE Y 42 -40.75 -0.16 12.89
CA PHE Y 42 -40.91 -1.60 13.10
C PHE Y 42 -39.91 -2.17 14.10
N ASN Y 43 -39.31 -1.32 14.92
CA ASN Y 43 -38.51 -1.80 16.06
C ASN Y 43 -39.49 -2.13 17.18
N TRP Y 44 -39.78 -3.42 17.34
CA TRP Y 44 -40.79 -3.87 18.29
C TRP Y 44 -40.31 -3.81 19.73
N LEU Y 45 -39.04 -3.52 19.97
CA LEU Y 45 -38.52 -3.44 21.34
C LEU Y 45 -38.39 -2.02 21.86
N GLU Y 46 -38.34 -1.02 20.99
CA GLU Y 46 -38.10 0.35 21.41
C GLU Y 46 -39.15 1.30 20.87
N ASP Y 47 -40.35 0.79 20.58
CA ASP Y 47 -41.42 1.59 20.00
C ASP Y 47 -42.39 2.14 21.04
N GLY Y 48 -42.13 1.91 22.32
CA GLY Y 48 -42.99 2.43 23.36
C GLY Y 48 -44.11 1.48 23.72
N VAL Y 49 -44.92 1.10 22.74
CA VAL Y 49 -45.92 0.05 22.98
C VAL Y 49 -45.20 -1.21 23.41
N PRO Y 50 -45.57 -1.86 24.51
CA PRO Y 50 -46.78 -1.70 25.34
C PRO Y 50 -46.67 -0.71 26.49
N ALA Y 51 -46.36 0.57 26.23
CA ALA Y 51 -46.26 1.60 27.25
C ALA Y 51 -45.10 1.32 28.22
N ALA Y 52 -43.90 1.46 27.66
CA ALA Y 52 -42.64 1.20 28.35
C ALA Y 52 -42.59 1.80 29.75
N THR Y 53 -41.89 1.14 30.67
CA THR Y 53 -41.81 1.55 32.06
C THR Y 53 -40.43 2.03 32.48
N VAL Y 54 -39.41 1.86 31.66
CA VAL Y 54 -38.05 2.27 32.05
C VAL Y 54 -37.86 3.76 31.81
N THR Y 58 -30.79 10.21 35.90
CA THR Y 58 -29.57 10.55 35.17
C THR Y 58 -29.77 11.77 34.25
N PRO Y 59 -28.88 12.76 34.32
CA PRO Y 59 -28.90 13.84 33.30
C PRO Y 59 -28.50 13.31 31.93
N VAL Y 60 -29.01 13.96 30.89
CA VAL Y 60 -28.81 13.49 29.53
C VAL Y 60 -27.65 14.25 28.90
N VAL Y 61 -27.08 13.65 27.86
CA VAL Y 61 -26.09 14.30 27.01
C VAL Y 61 -26.76 14.51 25.65
N PRO Y 62 -27.30 15.69 25.37
CA PRO Y 62 -28.11 15.87 24.15
C PRO Y 62 -27.34 15.63 22.87
N GLN Y 63 -26.05 15.95 22.82
CA GLN Y 63 -25.29 15.84 21.58
C GLN Y 63 -24.83 14.41 21.30
N ARG Y 64 -24.87 13.52 22.27
CA ARG Y 64 -24.34 12.17 22.09
C ARG Y 64 -25.35 11.11 22.53
N MET Z 7 -24.14 -37.57 -11.10
CA MET Z 7 -25.04 -38.21 -10.14
C MET Z 7 -24.46 -38.13 -8.72
N THR Z 8 -25.35 -38.10 -7.73
CA THR Z 8 -24.92 -37.90 -6.35
C THR Z 8 -25.35 -39.08 -5.46
N GLY Z 9 -25.15 -40.30 -5.94
CA GLY Z 9 -25.40 -41.48 -5.14
C GLY Z 9 -26.85 -41.70 -4.75
N LEU Z 10 -27.77 -41.56 -5.70
CA LEU Z 10 -29.18 -41.78 -5.45
C LEU Z 10 -29.85 -42.27 -6.73
N THR Z 11 -30.98 -42.96 -6.57
CA THR Z 11 -31.74 -43.48 -7.69
C THR Z 11 -32.91 -42.55 -8.02
N GLU Z 12 -33.60 -42.85 -9.12
CA GLU Z 12 -34.77 -42.07 -9.47
C GLU Z 12 -35.92 -42.32 -8.49
N GLU Z 13 -36.03 -43.54 -7.97
CA GLU Z 13 -37.11 -43.85 -7.03
C GLU Z 13 -36.93 -43.08 -5.73
N GLU Z 14 -35.68 -42.94 -5.26
CA GLU Z 14 -35.42 -42.09 -4.10
C GLU Z 14 -35.83 -40.65 -4.38
N ALA Z 15 -35.64 -40.19 -5.61
CA ALA Z 15 -35.97 -38.81 -5.95
C ALA Z 15 -37.48 -38.56 -5.87
N LYS Z 16 -38.29 -39.55 -6.25
CA LYS Z 16 -39.73 -39.34 -6.25
C LYS Z 16 -40.24 -39.06 -4.84
N GLU Z 17 -39.89 -39.92 -3.88
CA GLU Z 17 -40.48 -39.82 -2.55
C GLU Z 17 -39.92 -38.64 -1.77
N PHE Z 18 -38.65 -38.29 -1.98
CA PHE Z 18 -38.06 -37.25 -1.16
C PHE Z 18 -38.54 -35.87 -1.58
N HIS Z 19 -38.87 -35.68 -2.86
CA HIS Z 19 -39.53 -34.45 -3.26
C HIS Z 19 -40.87 -34.31 -2.55
N GLY Z 20 -41.57 -35.41 -2.35
CA GLY Z 20 -42.86 -35.35 -1.67
C GLY Z 20 -42.73 -34.85 -0.24
N ILE Z 21 -41.78 -35.40 0.52
CA ILE Z 21 -41.59 -34.93 1.89
C ILE Z 21 -40.97 -33.54 1.89
N PHE Z 22 -40.12 -33.24 0.91
CA PHE Z 22 -39.54 -31.91 0.82
C PHE Z 22 -40.61 -30.85 0.59
N THR Z 23 -41.56 -31.13 -0.30
CA THR Z 23 -42.65 -30.20 -0.54
C THR Z 23 -43.54 -30.05 0.69
N GLN Z 24 -43.86 -31.17 1.34
CA GLN Z 24 -44.81 -31.11 2.46
C GLN Z 24 -44.20 -30.44 3.68
N SER Z 25 -42.89 -30.62 3.90
CA SER Z 25 -42.24 -29.92 5.01
C SER Z 25 -42.05 -28.44 4.67
N MET Z 26 -41.81 -28.14 3.40
CA MET Z 26 -41.65 -26.75 2.98
C MET Z 26 -42.97 -26.00 3.04
N THR Z 27 -44.06 -26.62 2.58
CA THR Z 27 -45.35 -25.94 2.64
C THR Z 27 -45.79 -25.74 4.08
N MET Z 28 -45.32 -26.57 5.00
CA MET Z 28 -45.59 -26.33 6.42
C MET Z 28 -44.67 -25.25 6.97
N PHE Z 29 -43.46 -25.15 6.42
CA PHE Z 29 -42.64 -23.96 6.69
C PHE Z 29 -43.30 -22.72 6.13
N PHE Z 30 -43.82 -22.81 4.90
CA PHE Z 30 -44.53 -21.69 4.32
C PHE Z 30 -45.78 -21.36 5.12
N GLY Z 31 -46.53 -22.38 5.52
CA GLY Z 31 -47.82 -22.15 6.16
C GLY Z 31 -47.72 -21.30 7.41
N ILE Z 32 -46.76 -21.60 8.27
CA ILE Z 32 -46.58 -20.79 9.48
C ILE Z 32 -45.98 -19.44 9.14
N VAL Z 33 -45.31 -19.33 7.98
CA VAL Z 33 -44.82 -18.03 7.53
C VAL Z 33 -45.97 -17.10 7.17
N ILE Z 34 -46.96 -17.60 6.41
CA ILE Z 34 -48.15 -16.79 6.13
C ILE Z 34 -48.87 -16.44 7.43
N ILE Z 35 -48.94 -17.40 8.35
CA ILE Z 35 -49.55 -17.11 9.65
C ILE Z 35 -48.77 -16.04 10.39
N ALA Z 36 -47.43 -16.14 10.37
CA ALA Z 36 -46.61 -15.11 11.01
C ALA Z 36 -46.82 -13.76 10.36
N HIS Z 37 -46.91 -13.73 9.03
CA HIS Z 37 -47.07 -12.46 8.32
C HIS Z 37 -48.46 -11.86 8.51
N ILE Z 38 -49.50 -12.69 8.54
CA ILE Z 38 -50.84 -12.17 8.79
C ILE Z 38 -50.91 -11.55 10.18
N LEU Z 39 -50.30 -12.20 11.17
CA LEU Z 39 -50.22 -11.62 12.51
C LEU Z 39 -49.40 -10.33 12.49
N ALA Z 40 -48.33 -10.30 11.70
CA ALA Z 40 -47.56 -9.07 11.55
C ALA Z 40 -48.38 -7.96 10.93
N TRP Z 41 -49.16 -8.28 9.89
CA TRP Z 41 -49.99 -7.26 9.26
C TRP Z 41 -51.04 -6.73 10.22
N LEU Z 42 -51.70 -7.62 10.95
CA LEU Z 42 -52.70 -7.17 11.93
C LEU Z 42 -52.05 -6.37 13.04
N TRP Z 43 -50.87 -6.79 13.49
CA TRP Z 43 -50.17 -6.04 14.52
C TRP Z 43 -49.72 -4.67 14.01
N ARG Z 44 -49.10 -4.64 12.84
CA ARG Z 44 -48.60 -3.38 12.30
C ARG Z 44 -48.48 -3.45 10.78
N PRO Z 45 -49.45 -2.93 10.03
CA PRO Z 45 -49.35 -2.95 8.57
C PRO Z 45 -48.16 -2.14 8.08
N TRP Z 46 -47.55 -2.64 7.01
CA TRP Z 46 -46.39 -1.99 6.43
C TRP Z 46 -46.66 -1.41 5.05
N LEU Z 47 -47.84 -1.64 4.49
CA LEU Z 47 -48.06 -1.32 3.10
C LEU Z 47 -49.43 -0.67 2.93
N FME AA 1 -35.73 -25.50 -28.36
CN FME AA 1 -35.62 -25.97 -29.59
O1 FME AA 1 -36.48 -26.62 -30.19
CA FME AA 1 -34.69 -24.72 -27.71
CB FME AA 1 -35.26 -23.38 -27.22
CG FME AA 1 -34.19 -22.35 -26.90
SD FME AA 1 -34.89 -20.74 -26.47
CE FME AA 1 -33.41 -19.85 -26.02
C FME AA 1 -34.08 -25.54 -26.56
O FME AA 1 -33.26 -24.99 -25.79
N HIS AA 2 -34.46 -26.80 -26.45
CA HIS AA 2 -33.98 -27.68 -25.39
C HIS AA 2 -32.49 -27.98 -25.51
N LYS AA 3 -31.93 -27.70 -26.69
CA LYS AA 3 -30.53 -27.99 -26.94
C LYS AA 3 -29.59 -27.05 -26.20
N ILE AA 4 -30.12 -25.99 -25.59
CA ILE AA 4 -29.29 -25.09 -24.80
C ILE AA 4 -28.64 -25.82 -23.63
N TRP AA 5 -29.24 -26.94 -23.21
CA TRP AA 5 -28.67 -27.72 -22.12
C TRP AA 5 -27.58 -28.66 -22.61
N GLN AA 6 -27.50 -28.91 -23.92
CA GLN AA 6 -26.32 -29.59 -24.46
C GLN AA 6 -25.12 -28.65 -24.48
N ILE AA 7 -25.36 -27.34 -24.53
CA ILE AA 7 -24.28 -26.36 -24.50
C ILE AA 7 -23.89 -26.02 -23.07
N PHE AA 8 -24.86 -25.62 -22.24
CA PHE AA 8 -24.60 -25.15 -20.88
C PHE AA 8 -24.94 -26.24 -19.89
N ASP AA 9 -24.18 -26.31 -18.80
CA ASP AA 9 -24.38 -27.33 -17.79
C ASP AA 9 -25.63 -27.04 -16.98
N PRO AA 10 -26.61 -27.94 -16.95
CA PRO AA 10 -27.81 -27.68 -16.13
C PRO AA 10 -27.52 -27.43 -14.66
N ARG AA 11 -26.56 -28.14 -14.08
CA ARG AA 11 -26.25 -27.95 -12.67
C ARG AA 11 -25.64 -26.58 -12.41
N ARG AA 12 -24.63 -26.21 -13.20
CA ARG AA 12 -23.95 -24.95 -12.99
C ARG AA 12 -24.85 -23.76 -13.31
N THR AA 13 -25.66 -23.86 -14.36
CA THR AA 13 -26.50 -22.73 -14.73
C THR AA 13 -27.65 -22.53 -13.76
N LEU AA 14 -28.13 -23.60 -13.11
CA LEU AA 14 -29.19 -23.44 -12.13
C LEU AA 14 -28.67 -22.76 -10.87
N VAL AA 15 -27.46 -23.12 -10.44
CA VAL AA 15 -26.82 -22.43 -9.33
C VAL AA 15 -26.56 -20.97 -9.71
N ALA AA 16 -26.06 -20.76 -10.94
CA ALA AA 16 -25.77 -19.40 -11.39
C ALA AA 16 -27.04 -18.58 -11.52
N LEU AA 17 -28.10 -19.16 -12.08
CA LEU AA 17 -29.34 -18.42 -12.26
C LEU AA 17 -30.03 -18.15 -10.92
N PHE AA 18 -30.03 -19.14 -10.02
CA PHE AA 18 -30.55 -18.90 -8.68
C PHE AA 18 -29.71 -17.86 -7.96
N GLY AA 19 -28.39 -17.94 -8.12
CA GLY AA 19 -27.53 -16.94 -7.48
C GLY AA 19 -27.71 -15.56 -8.05
N PHE AA 20 -27.88 -15.46 -9.38
CA PHE AA 20 -27.99 -14.15 -10.01
C PHE AA 20 -29.32 -13.49 -9.66
N LEU AA 21 -30.42 -14.25 -9.75
CA LEU AA 21 -31.72 -13.69 -9.40
C LEU AA 21 -31.77 -13.27 -7.94
N PHE AA 22 -31.20 -14.07 -7.05
CA PHE AA 22 -31.23 -13.73 -5.63
C PHE AA 22 -30.52 -12.40 -5.37
N VAL AA 23 -29.35 -12.21 -5.98
CA VAL AA 23 -28.64 -10.95 -5.83
C VAL AA 23 -29.43 -9.81 -6.46
N LEU AA 24 -30.00 -10.05 -7.65
CA LEU AA 24 -30.82 -9.04 -8.30
C LEU AA 24 -32.02 -8.67 -7.43
N GLY AA 25 -32.64 -9.65 -6.79
CA GLY AA 25 -33.74 -9.36 -5.89
C GLY AA 25 -33.29 -8.58 -4.67
N LEU AA 26 -32.10 -8.88 -4.16
CA LEU AA 26 -31.55 -8.14 -3.03
C LEU AA 26 -31.31 -6.68 -3.37
N LEU AA 27 -30.62 -6.43 -4.48
CA LEU AA 27 -30.24 -5.06 -4.81
C LEU AA 27 -31.46 -4.19 -5.08
N ILE AA 28 -32.46 -4.73 -5.78
CA ILE AA 28 -33.65 -3.94 -6.09
C ILE AA 28 -34.39 -3.57 -4.81
N HIS AA 29 -34.53 -4.52 -3.88
CA HIS AA 29 -35.14 -4.21 -2.59
C HIS AA 29 -34.32 -3.15 -1.85
N PHE AA 30 -33.00 -3.29 -1.85
CA PHE AA 30 -32.14 -2.33 -1.17
C PHE AA 30 -32.21 -0.96 -1.84
N ILE AA 31 -32.27 -0.93 -3.17
CA ILE AA 31 -32.41 0.33 -3.89
C ILE AA 31 -33.74 0.99 -3.54
N LEU AA 32 -34.82 0.22 -3.51
CA LEU AA 32 -36.13 0.77 -3.17
C LEU AA 32 -36.15 1.27 -1.73
N LEU AA 33 -35.57 0.50 -0.80
CA LEU AA 33 -35.48 0.95 0.59
C LEU AA 33 -34.70 2.25 0.68
N SER AA 34 -33.64 2.38 -0.13
CA SER AA 34 -32.85 3.61 -0.15
C SER AA 34 -33.56 4.75 -0.86
N SER AA 35 -34.65 4.48 -1.59
CA SER AA 35 -35.42 5.53 -2.23
C SER AA 35 -36.57 5.94 -1.32
N PRO AA 36 -36.65 7.19 -0.89
CA PRO AA 36 -37.77 7.60 -0.02
C PRO AA 36 -39.14 7.44 -0.66
N ALA AA 37 -39.25 7.55 -1.98
CA ALA AA 37 -40.54 7.42 -2.64
C ALA AA 37 -41.08 5.99 -2.57
N PHE AA 38 -40.24 5.01 -2.27
CA PHE AA 38 -40.65 3.61 -2.29
C PHE AA 38 -40.33 2.84 -1.01
N ASN AA 39 -39.65 3.46 -0.06
CA ASN AA 39 -39.37 2.81 1.22
C ASN AA 39 -40.68 2.53 1.94
N TRP AA 40 -40.92 1.27 2.28
CA TRP AA 40 -42.17 0.85 2.87
C TRP AA 40 -42.07 0.64 4.38
N LEU AA 41 -40.94 0.99 4.99
CA LEU AA 41 -40.70 0.81 6.41
C LEU AA 41 -40.48 2.14 7.12
N SER AA 42 -41.19 3.18 6.68
CA SER AA 42 -41.02 4.51 7.24
C SER AA 42 -42.29 5.12 7.80
N GLY AA 43 -43.47 4.60 7.47
CA GLY AA 43 -44.71 5.15 7.98
C GLY AA 43 -45.74 5.44 6.90
N MET BA 6 -20.04 -30.30 -24.72
CA MET BA 6 -20.88 -31.39 -24.24
C MET BA 6 -21.11 -31.25 -22.74
N THR BA 7 -22.34 -31.52 -22.31
CA THR BA 7 -22.73 -31.35 -20.91
C THR BA 7 -23.23 -32.64 -20.26
N GLY BA 8 -22.89 -33.80 -20.83
CA GLY BA 8 -23.19 -35.07 -20.20
C GLY BA 8 -24.65 -35.45 -20.09
N LEU BA 9 -25.41 -35.24 -21.16
CA LEU BA 9 -26.78 -35.73 -21.24
C LEU BA 9 -27.15 -35.88 -22.71
N THR BA 10 -28.24 -36.62 -22.96
CA THR BA 10 -28.64 -36.96 -24.31
C THR BA 10 -29.72 -36.01 -24.82
N GLU BA 11 -30.16 -36.26 -26.06
CA GLU BA 11 -31.25 -35.49 -26.65
C GLU BA 11 -32.55 -35.70 -25.90
N GLN BA 12 -32.82 -36.94 -25.45
CA GLN BA 12 -34.07 -37.22 -24.76
C GLN BA 12 -34.17 -36.46 -23.44
N GLU BA 13 -33.07 -36.38 -22.69
CA GLU BA 13 -33.12 -35.70 -21.40
C GLU BA 13 -33.40 -34.21 -21.57
N ALA BA 14 -32.87 -33.59 -22.62
CA ALA BA 14 -33.07 -32.16 -22.83
C ALA BA 14 -34.54 -31.84 -23.09
N GLN BA 15 -35.24 -32.73 -23.79
CA GLN BA 15 -36.65 -32.50 -24.06
C GLN BA 15 -37.44 -32.32 -22.77
N GLU BA 16 -37.28 -33.25 -21.83
CA GLU BA 16 -38.01 -33.17 -20.57
C GLU BA 16 -37.42 -32.16 -19.60
N PHE BA 17 -36.12 -31.89 -19.66
CA PHE BA 17 -35.54 -30.88 -18.80
C PHE BA 17 -36.02 -29.48 -19.20
N HIS BA 18 -35.97 -29.18 -20.51
CA HIS BA 18 -36.51 -27.93 -21.01
C HIS BA 18 -38.03 -27.99 -21.13
N GLY BA 19 -38.61 -29.19 -21.11
CA GLY BA 19 -40.06 -29.30 -21.17
C GLY BA 19 -40.75 -28.70 -19.96
N ILE BA 20 -40.21 -28.97 -18.77
CA ILE BA 20 -40.77 -28.39 -17.54
C ILE BA 20 -39.91 -27.25 -16.99
N PHE BA 21 -38.76 -26.97 -17.61
CA PHE BA 21 -38.03 -25.74 -17.29
C PHE BA 21 -38.88 -24.53 -17.63
N VAL BA 22 -39.58 -24.58 -18.77
CA VAL BA 22 -40.55 -23.54 -19.10
C VAL BA 22 -41.62 -23.46 -18.03
N GLN BA 23 -42.06 -24.61 -17.53
CA GLN BA 23 -43.11 -24.63 -16.51
C GLN BA 23 -42.65 -23.96 -15.22
N SER BA 24 -41.42 -24.25 -14.79
CA SER BA 24 -40.89 -23.58 -13.60
C SER BA 24 -40.60 -22.11 -13.90
N MET BA 25 -40.18 -21.81 -15.12
CA MET BA 25 -39.95 -20.42 -15.51
C MET BA 25 -41.25 -19.64 -15.58
N THR BA 26 -42.27 -20.18 -16.25
CA THR BA 26 -43.51 -19.42 -16.42
C THR BA 26 -44.25 -19.25 -15.10
N ALA BA 27 -44.10 -20.20 -14.18
CA ALA BA 27 -44.72 -20.03 -12.86
C ALA BA 27 -44.00 -18.95 -12.06
N PHE BA 28 -42.66 -18.93 -12.14
CA PHE BA 28 -41.91 -17.88 -11.45
C PHE BA 28 -42.19 -16.51 -12.07
N PHE BA 29 -42.33 -16.47 -13.40
CA PHE BA 29 -42.71 -15.22 -14.05
C PHE BA 29 -44.12 -14.81 -13.66
N GLY BA 30 -45.01 -15.78 -13.50
CA GLY BA 30 -46.38 -15.47 -13.11
C GLY BA 30 -46.47 -14.85 -11.73
N ILE BA 31 -45.70 -15.38 -10.78
CA ILE BA 31 -45.67 -14.77 -9.45
C ILE BA 31 -45.04 -13.38 -9.54
N VAL BA 32 -44.03 -13.21 -10.38
CA VAL BA 32 -43.41 -11.91 -10.58
C VAL BA 32 -44.42 -10.92 -11.14
N VAL BA 33 -45.19 -11.34 -12.16
CA VAL BA 33 -46.12 -10.43 -12.81
C VAL BA 33 -47.20 -9.98 -11.84
N ILE BA 34 -47.81 -10.91 -11.11
CA ILE BA 34 -48.87 -10.53 -10.18
C ILE BA 34 -48.30 -9.69 -9.04
N ALA BA 35 -47.05 -9.94 -8.66
CA ALA BA 35 -46.40 -9.10 -7.66
C ALA BA 35 -46.27 -7.66 -8.16
N HIS BA 36 -45.88 -7.48 -9.41
CA HIS BA 36 -45.78 -6.14 -9.98
C HIS BA 36 -47.14 -5.53 -10.22
N ILE BA 37 -48.13 -6.35 -10.61
CA ILE BA 37 -49.48 -5.84 -10.82
C ILE BA 37 -50.04 -5.29 -9.51
N LEU BA 38 -49.91 -6.06 -8.43
CA LEU BA 38 -50.38 -5.58 -7.13
C LEU BA 38 -49.58 -4.37 -6.67
N ALA BA 39 -48.27 -4.38 -6.92
CA ALA BA 39 -47.45 -3.22 -6.59
C ALA BA 39 -47.92 -2.00 -7.38
N TRP BA 40 -48.25 -2.18 -8.66
CA TRP BA 40 -48.78 -1.07 -9.44
C TRP BA 40 -50.16 -0.66 -8.95
N LEU BA 41 -51.05 -1.63 -8.76
CA LEU BA 41 -52.39 -1.34 -8.27
C LEU BA 41 -52.37 -0.81 -6.84
N TRP BA 42 -51.24 -0.94 -6.14
CA TRP BA 42 -51.04 -0.35 -4.83
C TRP BA 42 -50.62 1.11 -4.96
N ARG BA 43 -49.44 1.35 -5.53
CA ARG BA 43 -48.94 2.70 -5.77
C ARG BA 43 -48.13 2.62 -7.07
N PRO BA 44 -48.55 3.35 -8.11
CA PRO BA 44 -47.79 3.33 -9.36
C PRO BA 44 -46.42 3.97 -9.18
N TRP BA 45 -45.44 3.46 -9.92
CA TRP BA 45 -44.08 3.98 -9.86
C TRP BA 45 -43.69 4.79 -11.08
N LEU BA 46 -44.60 4.97 -12.03
CA LEU BA 46 -44.33 5.81 -13.18
C LEU BA 46 -45.47 6.81 -13.38
N GLN CA 4 -27.90 -18.22 -45.63
CA GLN CA 4 -26.77 -18.98 -45.14
C GLN CA 4 -25.91 -18.17 -44.17
N LEU CA 5 -26.47 -17.88 -43.00
CA LEU CA 5 -25.82 -17.05 -41.99
C LEU CA 5 -25.24 -17.87 -40.84
N TYR CA 6 -25.11 -19.19 -41.00
CA TYR CA 6 -24.53 -20.03 -39.97
C TYR CA 6 -23.03 -19.79 -39.80
N LYS CA 7 -22.37 -19.16 -40.77
CA LYS CA 7 -20.92 -19.15 -40.83
C LYS CA 7 -20.29 -18.54 -39.59
N ILE CA 8 -21.02 -17.66 -38.91
CA ILE CA 8 -20.54 -17.07 -37.65
C ILE CA 8 -20.27 -18.17 -36.63
N TRP CA 9 -21.06 -19.25 -36.68
CA TRP CA 9 -20.88 -20.34 -35.74
C TRP CA 9 -19.80 -21.32 -36.16
N LEU CA 10 -19.29 -21.21 -37.39
CA LEU CA 10 -18.09 -21.94 -37.78
C LEU CA 10 -16.81 -21.20 -37.43
N ALA CA 11 -16.90 -19.93 -37.04
CA ALA CA 11 -15.73 -19.16 -36.64
C ALA CA 11 -15.80 -18.63 -35.21
N PHE CA 12 -16.96 -18.69 -34.56
CA PHE CA 12 -17.11 -18.33 -33.17
C PHE CA 12 -17.85 -19.46 -32.46
N ASP CA 13 -17.33 -19.89 -31.32
CA ASP CA 13 -17.95 -20.98 -30.59
C ASP CA 13 -19.32 -20.52 -30.10
N PRO CA 14 -20.39 -21.28 -30.35
CA PRO CA 14 -21.68 -20.95 -29.76
C PRO CA 14 -21.63 -20.56 -28.29
N ARG CA 15 -20.83 -21.26 -27.49
CA ARG CA 15 -20.86 -21.05 -26.04
C ARG CA 15 -20.27 -19.70 -25.66
N MET CA 16 -19.11 -19.35 -26.22
CA MET CA 16 -18.48 -18.09 -25.88
C MET CA 16 -19.34 -16.91 -26.30
N ALA CA 17 -19.90 -16.96 -27.51
CA ALA CA 17 -20.72 -15.86 -27.99
C ALA CA 17 -21.95 -15.67 -27.12
N LEU CA 18 -22.63 -16.76 -26.76
CA LEU CA 18 -23.84 -16.66 -25.95
C LEU CA 18 -23.52 -16.10 -24.56
N ILE CA 19 -22.43 -16.55 -23.95
CA ILE CA 19 -22.00 -15.94 -22.70
C ILE CA 19 -21.47 -14.53 -22.93
N GLY CA 20 -20.73 -14.34 -24.02
CA GLY CA 20 -20.27 -13.00 -24.37
C GLY CA 20 -21.41 -12.05 -24.65
N LEU CA 21 -22.43 -12.52 -25.35
CA LEU CA 21 -23.59 -11.69 -25.63
C LEU CA 21 -24.35 -11.35 -24.36
N GLY CA 22 -24.51 -12.34 -23.46
CA GLY CA 22 -25.24 -12.08 -22.23
C GLY CA 22 -24.54 -11.09 -21.33
N ALA CA 23 -23.23 -11.24 -21.17
CA ALA CA 23 -22.47 -10.30 -20.36
C ALA CA 23 -22.53 -8.89 -20.96
N PHE CA 24 -22.38 -8.79 -22.28
CA PHE CA 24 -22.44 -7.48 -22.93
C PHE CA 24 -23.83 -6.87 -22.81
N LEU CA 25 -24.88 -7.66 -23.04
CA LEU CA 25 -26.23 -7.13 -22.99
C LEU CA 25 -26.62 -6.73 -21.57
N PHE CA 26 -26.26 -7.55 -20.58
CA PHE CA 26 -26.54 -7.19 -19.20
C PHE CA 26 -25.77 -5.94 -18.79
N ALA CA 27 -24.50 -5.86 -19.18
CA ALA CA 27 -23.71 -4.67 -18.84
C ALA CA 27 -24.25 -3.43 -19.52
N LEU CA 28 -24.63 -3.56 -20.80
CA LEU CA 28 -25.20 -2.42 -21.52
C LEU CA 28 -26.53 -1.99 -20.92
N ALA CA 29 -27.38 -2.95 -20.56
CA ALA CA 29 -28.66 -2.62 -19.94
C ALA CA 29 -28.47 -1.95 -18.58
N LEU CA 30 -27.53 -2.46 -17.77
CA LEU CA 30 -27.22 -1.81 -16.51
C LEU CA 30 -26.71 -0.40 -16.75
N PHE CA 31 -25.85 -0.23 -17.75
CA PHE CA 31 -25.28 1.07 -18.06
C PHE CA 31 -26.35 2.06 -18.47
N ILE CA 32 -27.27 1.67 -19.35
CA ILE CA 32 -28.30 2.59 -19.81
C ILE CA 32 -29.29 2.90 -18.70
N HIS CA 33 -29.66 1.88 -17.92
CA HIS CA 33 -30.53 2.12 -16.78
C HIS CA 33 -29.89 3.11 -15.81
N TYR CA 34 -28.58 3.01 -15.61
CA TYR CA 34 -27.89 3.94 -14.73
C TYR CA 34 -27.86 5.35 -15.33
N MET CA 35 -27.71 5.46 -16.65
CA MET CA 35 -27.66 6.77 -17.28
C MET CA 35 -28.97 7.52 -17.11
N LEU CA 36 -30.10 6.81 -17.20
CA LEU CA 36 -31.38 7.44 -16.93
C LEU CA 36 -31.49 7.88 -15.48
N LEU CA 37 -31.02 7.04 -14.56
CA LEU CA 37 -30.97 7.44 -13.16
C LEU CA 37 -30.03 8.61 -12.94
N ARG CA 38 -28.97 8.70 -13.74
CA ARG CA 38 -28.08 9.84 -13.69
C ARG CA 38 -28.82 11.14 -14.01
N SER CA 39 -29.71 11.09 -14.98
CA SER CA 39 -30.46 12.28 -15.38
C SER CA 39 -31.64 12.49 -14.44
N PRO CA 40 -31.77 13.64 -13.80
CA PRO CA 40 -32.94 13.87 -12.93
C PRO CA 40 -34.27 13.80 -13.67
N GLU CA 41 -34.27 14.04 -14.98
CA GLU CA 41 -35.52 13.98 -15.74
C GLU CA 41 -36.03 12.55 -15.86
N PHE CA 42 -35.14 11.57 -15.95
CA PHE CA 42 -35.52 10.17 -16.11
C PHE CA 42 -35.28 9.34 -14.86
N ASP CA 43 -34.97 9.98 -13.73
CA ASP CA 43 -34.78 9.27 -12.47
C ASP CA 43 -36.15 8.85 -11.95
N TRP CA 44 -36.54 7.60 -12.26
CA TRP CA 44 -37.82 7.10 -11.81
C TRP CA 44 -37.82 6.70 -10.35
N LEU CA 45 -36.64 6.56 -9.73
CA LEU CA 45 -36.58 6.23 -8.32
C LEU CA 45 -37.05 7.37 -7.43
N LEU CA 46 -37.22 8.58 -7.98
CA LEU CA 46 -37.74 9.70 -7.22
C LEU CA 46 -39.25 9.66 -7.04
N GLY CA 47 -39.95 8.81 -7.80
CA GLY CA 47 -41.37 8.68 -7.67
C GLY CA 47 -42.13 9.41 -8.77
N PRO CA 48 -43.32 8.92 -9.10
CA PRO CA 48 -44.11 9.58 -10.15
C PRO CA 48 -44.53 11.00 -9.78
N ASP CA 49 -44.97 11.19 -8.54
CA ASP CA 49 -45.34 12.52 -8.05
C ASP CA 49 -44.19 13.11 -7.22
N TYR CA 50 -43.04 13.24 -7.86
CA TYR CA 50 -41.88 13.88 -7.24
C TYR CA 50 -41.92 15.38 -7.51
N ALA CA 51 -41.82 16.16 -6.44
CA ALA CA 51 -41.77 17.61 -6.53
C ALA CA 51 -40.51 18.10 -5.82
N PRO CA 52 -39.63 18.84 -6.48
CA PRO CA 52 -38.48 19.41 -5.79
C PRO CA 52 -38.90 20.38 -4.69
N VAL CA 53 -38.06 20.48 -3.67
CA VAL CA 53 -38.36 21.37 -2.56
C VAL CA 53 -38.36 22.81 -3.05
N THR CA 54 -39.38 23.56 -2.65
CA THR CA 54 -39.46 24.96 -3.00
C THR CA 54 -38.50 25.77 -2.12
N LEU CA 55 -37.73 26.64 -2.76
CA LEU CA 55 -36.77 27.50 -2.06
C LEU CA 55 -37.33 28.91 -1.99
N SER CA 56 -37.28 29.51 -0.80
CA SER CA 56 -37.86 30.82 -0.58
C SER CA 56 -36.96 31.63 0.34
N ALA CA 57 -37.22 32.95 0.37
CA ALA CA 57 -36.56 33.86 1.32
C ALA CA 57 -35.04 33.83 1.19
N GLY CA 58 -34.55 33.81 -0.05
CA GLY CA 58 -33.12 33.86 -0.28
C GLY CA 58 -32.39 32.56 -0.03
N MET CA 59 -33.09 31.43 0.01
CA MET CA 59 -32.44 30.14 0.18
C MET CA 59 -31.59 29.78 -1.03
N SER CA 60 -30.52 29.05 -0.78
CA SER CA 60 -29.72 28.44 -1.83
C SER CA 60 -29.39 27.02 -1.43
N ALA CA 61 -29.63 26.08 -2.36
CA ALA CA 61 -29.33 24.69 -2.08
C ALA CA 61 -27.83 24.49 -1.85
N LEU CA 62 -27.01 25.13 -2.66
CA LEU CA 62 -25.58 24.93 -2.62
C LEU CA 62 -24.87 26.19 -2.12
N PRO CA 63 -23.73 26.04 -1.45
CA PRO CA 63 -22.91 27.19 -1.11
C PRO CA 63 -22.26 27.78 -2.35
N ALA CA 64 -21.81 29.03 -2.20
CA ALA CA 64 -21.22 29.75 -3.32
C ALA CA 64 -20.00 29.02 -3.87
N GLY CA 65 -19.88 29.03 -5.20
CA GLY CA 65 -18.82 28.31 -5.87
C GLY CA 65 -17.69 29.17 -6.38
N ARG CA 66 -17.14 28.83 -7.54
CA ARG CA 66 -16.02 29.57 -8.09
C ARG CA 66 -16.04 29.54 -9.61
N SER DA 5 -15.41 -25.18 -39.06
CA SER DA 5 -15.14 -26.42 -38.34
C SER DA 5 -14.20 -26.20 -37.16
N MET DA 6 -13.70 -24.97 -37.03
CA MET DA 6 -12.78 -24.63 -35.94
C MET DA 6 -13.44 -24.66 -34.57
N THR DA 7 -14.77 -24.67 -34.51
CA THR DA 7 -15.50 -24.84 -33.26
C THR DA 7 -15.84 -26.30 -33.01
N GLY DA 8 -15.37 -27.21 -33.86
CA GLY DA 8 -15.73 -28.61 -33.72
C GLY DA 8 -17.21 -28.85 -33.94
N LEU DA 9 -17.77 -28.23 -34.98
CA LEU DA 9 -19.20 -28.30 -35.26
C LEU DA 9 -19.41 -28.70 -36.71
N THR DA 10 -20.58 -29.25 -36.99
CA THR DA 10 -20.92 -29.73 -38.32
C THR DA 10 -21.86 -28.74 -39.02
N GLU DA 11 -22.37 -29.13 -40.18
CA GLU DA 11 -23.26 -28.28 -40.96
C GLU DA 11 -24.72 -28.38 -40.52
N GLN DA 12 -25.04 -29.21 -39.54
CA GLN DA 12 -26.42 -29.35 -39.09
C GLN DA 12 -26.71 -28.44 -37.90
N GLU DA 13 -25.96 -28.59 -36.81
CA GLU DA 13 -26.23 -27.82 -35.60
C GLU DA 13 -26.12 -26.33 -35.84
N ALA DA 14 -25.19 -25.91 -36.71
CA ALA DA 14 -25.05 -24.50 -37.01
C ALA DA 14 -26.31 -23.93 -37.64
N GLN DA 15 -26.95 -24.68 -38.54
CA GLN DA 15 -28.19 -24.21 -39.15
C GLN DA 15 -29.29 -24.05 -38.11
N GLU DA 16 -29.45 -25.04 -37.23
CA GLU DA 16 -30.53 -24.97 -36.25
C GLU DA 16 -30.17 -24.01 -35.11
N PHE DA 17 -28.88 -23.84 -34.81
CA PHE DA 17 -28.49 -22.84 -33.83
C PHE DA 17 -28.83 -21.45 -34.33
N HIS DA 18 -28.62 -21.19 -35.62
CA HIS DA 18 -28.95 -19.90 -36.19
C HIS DA 18 -30.44 -19.63 -36.13
N GLY DA 19 -31.26 -20.61 -36.47
CA GLY DA 19 -32.70 -20.41 -36.46
C GLY DA 19 -33.22 -20.06 -35.08
N ILE DA 20 -32.70 -20.74 -34.05
CA ILE DA 20 -33.05 -20.39 -32.68
C ILE DA 20 -32.47 -19.04 -32.30
N PHE DA 21 -31.28 -18.72 -32.82
CA PHE DA 21 -30.64 -17.45 -32.51
C PHE DA 21 -31.49 -16.27 -32.97
N VAL DA 22 -31.99 -16.32 -34.20
CA VAL DA 22 -32.84 -15.23 -34.69
C VAL DA 22 -34.21 -15.27 -34.01
N GLN DA 23 -34.72 -16.47 -33.70
CA GLN DA 23 -35.99 -16.57 -33.00
C GLN DA 23 -35.92 -15.93 -31.63
N SER DA 24 -34.83 -16.17 -30.90
CA SER DA 24 -34.63 -15.47 -29.64
C SER DA 24 -34.34 -13.98 -29.88
N MET DA 25 -33.62 -13.67 -30.97
CA MET DA 25 -33.37 -12.28 -31.30
C MET DA 25 -34.66 -11.52 -31.54
N THR DA 26 -35.58 -12.10 -32.32
CA THR DA 26 -36.80 -11.40 -32.69
C THR DA 26 -37.66 -11.13 -31.46
N ALA DA 27 -37.79 -12.12 -30.57
CA ALA DA 27 -38.57 -11.91 -29.36
C ALA DA 27 -37.92 -10.86 -28.46
N PHE DA 28 -36.60 -10.94 -28.30
CA PHE DA 28 -35.91 -9.98 -27.43
C PHE DA 28 -36.00 -8.56 -28.00
N PHE DA 29 -35.86 -8.41 -29.31
CA PHE DA 29 -36.03 -7.08 -29.90
C PHE DA 29 -37.48 -6.64 -29.86
N GLY DA 30 -38.43 -7.57 -29.98
CA GLY DA 30 -39.82 -7.20 -29.87
C GLY DA 30 -40.18 -6.65 -28.50
N ILE DA 31 -39.64 -7.25 -27.45
CA ILE DA 31 -39.81 -6.72 -26.10
C ILE DA 31 -39.13 -5.37 -25.98
N VAL DA 32 -37.96 -5.22 -26.61
CA VAL DA 32 -37.27 -3.94 -26.61
C VAL DA 32 -38.10 -2.88 -27.32
N VAL DA 33 -38.71 -3.24 -28.46
CA VAL DA 33 -39.52 -2.27 -29.18
C VAL DA 33 -40.71 -1.84 -28.33
N ILE DA 34 -41.39 -2.79 -27.70
CA ILE DA 34 -42.54 -2.45 -26.85
C ILE DA 34 -42.08 -1.63 -25.66
N ALA DA 35 -40.95 -1.99 -25.06
CA ALA DA 35 -40.44 -1.24 -23.92
C ALA DA 35 -40.17 0.21 -24.29
N HIS DA 36 -39.59 0.44 -25.47
CA HIS DA 36 -39.30 1.81 -25.89
C HIS DA 36 -40.57 2.56 -26.26
N ILE DA 37 -41.56 1.86 -26.82
CA ILE DA 37 -42.84 2.48 -27.12
C ILE DA 37 -43.50 2.97 -25.84
N LEU DA 38 -43.55 2.12 -24.82
CA LEU DA 38 -44.13 2.52 -23.55
C LEU DA 38 -43.35 3.64 -22.91
N ALA DA 39 -42.01 3.58 -22.99
CA ALA DA 39 -41.17 4.62 -22.42
C ALA DA 39 -41.41 5.96 -23.11
N TRP DA 40 -41.54 5.95 -24.44
CA TRP DA 40 -41.79 7.19 -25.17
C TRP DA 40 -43.12 7.81 -24.80
N LEU DA 41 -44.16 7.00 -24.65
CA LEU DA 41 -45.46 7.52 -24.24
C LEU DA 41 -45.40 8.06 -22.82
N TRP DA 42 -44.69 7.37 -21.94
CA TRP DA 42 -44.58 7.83 -20.56
C TRP DA 42 -43.80 9.13 -20.48
N ARG DA 43 -42.67 9.21 -21.17
CA ARG DA 43 -41.82 10.38 -21.13
C ARG DA 43 -40.91 10.43 -22.36
N PRO DA 44 -41.32 11.12 -23.43
CA PRO DA 44 -40.48 11.17 -24.63
C PRO DA 44 -39.20 11.94 -24.37
N TRP DA 45 -38.09 11.40 -24.87
CA TRP DA 45 -36.78 12.01 -24.65
C TRP DA 45 -36.37 12.95 -25.77
N LEU DA 46 -37.17 13.05 -26.83
CA LEU DA 46 -36.81 13.91 -27.94
C LEU DA 46 -37.87 14.99 -28.15
N FME EA 1 -11.14 -3.94 -55.07
CN FME EA 1 -10.16 -3.85 -55.97
O1 FME EA 1 -10.26 -3.34 -57.08
CA FME EA 1 -10.93 -4.50 -53.75
CB FME EA 1 -11.11 -3.42 -52.67
CG FME EA 1 -11.80 -2.17 -53.19
SD FME EA 1 -13.52 -2.43 -53.63
CE FME EA 1 -14.22 -2.84 -52.03
C FME EA 1 -11.88 -5.68 -53.49
O FME EA 1 -13.11 -5.49 -53.55
N HIS EA 2 -11.33 -6.87 -53.23
CA HIS EA 2 -12.12 -8.07 -53.06
C HIS EA 2 -11.28 -9.20 -52.50
N LYS EA 3 -10.07 -9.36 -53.01
CA LYS EA 3 -9.13 -10.34 -52.49
C LYS EA 3 -8.39 -9.85 -51.24
N ILE EA 4 -8.85 -8.76 -50.63
CA ILE EA 4 -8.29 -8.32 -49.36
C ILE EA 4 -8.53 -9.36 -48.28
N TRP EA 5 -9.58 -10.18 -48.42
CA TRP EA 5 -9.91 -11.19 -47.43
C TRP EA 5 -8.90 -12.33 -47.38
N GLN EA 6 -8.00 -12.42 -48.35
CA GLN EA 6 -6.85 -13.31 -48.23
C GLN EA 6 -5.69 -12.64 -47.51
N ILE EA 7 -5.52 -11.33 -47.69
CA ILE EA 7 -4.53 -10.59 -46.92
C ILE EA 7 -4.97 -10.46 -45.45
N PHE EA 8 -6.23 -10.12 -45.23
CA PHE EA 8 -6.77 -9.88 -43.89
C PHE EA 8 -7.76 -10.98 -43.53
N ASP EA 9 -7.59 -11.54 -42.34
CA ASP EA 9 -8.44 -12.65 -41.90
C ASP EA 9 -9.85 -12.16 -41.58
N PRO EA 10 -10.89 -12.70 -42.22
CA PRO EA 10 -12.25 -12.16 -42.00
C PRO EA 10 -12.72 -12.24 -40.55
N ARG EA 11 -12.36 -13.28 -39.81
CA ARG EA 11 -12.78 -13.38 -38.42
C ARG EA 11 -12.15 -12.28 -37.57
N ARG EA 12 -10.83 -12.11 -37.69
CA ARG EA 12 -10.15 -11.14 -36.84
C ARG EA 12 -10.41 -9.72 -37.29
N THR EA 13 -10.57 -9.51 -38.60
CA THR EA 13 -10.88 -8.17 -39.11
C THR EA 13 -12.22 -7.68 -38.58
N LEU EA 14 -13.25 -8.54 -38.61
CA LEU EA 14 -14.56 -8.14 -38.13
C LEU EA 14 -14.52 -7.82 -36.64
N VAL EA 15 -13.86 -8.67 -35.84
CA VAL EA 15 -13.77 -8.43 -34.40
C VAL EA 15 -13.14 -7.07 -34.14
N ALA EA 16 -12.09 -6.73 -34.89
CA ALA EA 16 -11.51 -5.41 -34.81
C ALA EA 16 -12.47 -4.34 -35.31
N LEU EA 17 -13.21 -4.64 -36.38
CA LEU EA 17 -14.12 -3.65 -36.96
C LEU EA 17 -15.26 -3.33 -36.02
N PHE EA 18 -15.95 -4.34 -35.50
CA PHE EA 18 -17.07 -4.08 -34.60
C PHE EA 18 -16.59 -3.41 -33.31
N GLY EA 19 -15.45 -3.84 -32.78
CA GLY EA 19 -14.91 -3.21 -31.59
C GLY EA 19 -14.61 -1.74 -31.82
N PHE EA 20 -14.02 -1.41 -32.98
CA PHE EA 20 -13.77 -0.01 -33.32
C PHE EA 20 -15.06 0.77 -33.43
N LEU EA 21 -16.05 0.22 -34.12
CA LEU EA 21 -17.33 0.91 -34.27
C LEU EA 21 -18.03 1.10 -32.94
N PHE EA 22 -17.95 0.09 -32.07
CA PHE EA 22 -18.58 0.22 -30.76
C PHE EA 22 -17.93 1.33 -29.94
N VAL EA 23 -16.60 1.39 -29.92
CA VAL EA 23 -15.91 2.43 -29.17
C VAL EA 23 -16.20 3.79 -29.78
N LEU EA 24 -16.18 3.89 -31.10
CA LEU EA 24 -16.51 5.15 -31.77
C LEU EA 24 -17.94 5.56 -31.48
N GLY EA 25 -18.88 4.61 -31.54
CA GLY EA 25 -20.25 4.91 -31.20
C GLY EA 25 -20.41 5.35 -29.76
N LEU EA 26 -19.71 4.68 -28.84
CA LEU EA 26 -19.75 5.08 -27.44
C LEU EA 26 -19.19 6.48 -27.25
N LEU EA 27 -18.07 6.78 -27.92
CA LEU EA 27 -17.43 8.07 -27.75
C LEU EA 27 -18.31 9.21 -28.21
N ILE EA 28 -18.98 9.04 -29.35
CA ILE EA 28 -19.81 10.11 -29.89
C ILE EA 28 -21.04 10.32 -29.03
N HIS EA 29 -21.67 9.24 -28.58
CA HIS EA 29 -22.77 9.35 -27.63
C HIS EA 29 -22.31 10.05 -26.36
N PHE EA 30 -21.12 9.69 -25.86
CA PHE EA 30 -20.57 10.34 -24.68
C PHE EA 30 -20.32 11.82 -24.95
N ILE EA 31 -19.82 12.16 -26.13
CA ILE EA 31 -19.57 13.57 -26.46
C ILE EA 31 -20.87 14.35 -26.51
N LEU EA 32 -21.92 13.76 -27.11
CA LEU EA 32 -23.22 14.44 -27.16
C LEU EA 32 -23.82 14.61 -25.76
N LEU EA 33 -23.71 13.58 -24.93
CA LEU EA 33 -24.22 13.68 -23.56
C LEU EA 33 -23.46 14.73 -22.77
N SER EA 34 -22.14 14.82 -22.99
CA SER EA 34 -21.35 15.84 -22.33
C SER EA 34 -21.67 17.24 -22.83
N SER EA 35 -22.11 17.36 -24.07
CA SER EA 35 -22.52 18.67 -24.59
C SER EA 35 -23.88 19.04 -24.03
N PRO EA 36 -24.02 20.14 -23.30
CA PRO EA 36 -25.32 20.49 -22.74
C PRO EA 36 -26.39 20.74 -23.78
N ALA EA 37 -26.01 21.27 -24.95
CA ALA EA 37 -27.01 21.61 -25.97
C ALA EA 37 -27.53 20.40 -26.70
N PHE EA 38 -26.88 19.24 -26.58
CA PHE EA 38 -27.31 18.03 -27.27
C PHE EA 38 -27.57 16.87 -26.33
N ASN EA 39 -27.64 17.12 -25.03
CA ASN EA 39 -27.93 16.08 -24.05
C ASN EA 39 -29.43 15.81 -24.06
N TRP EA 40 -29.83 14.66 -24.60
CA TRP EA 40 -31.24 14.32 -24.71
C TRP EA 40 -31.83 13.75 -23.43
N LEU EA 41 -31.01 13.51 -22.40
CA LEU EA 41 -31.51 13.00 -21.14
C LEU EA 41 -31.84 14.09 -20.15
N SER EA 42 -31.53 15.34 -20.45
CA SER EA 42 -31.95 16.47 -19.63
C SER EA 42 -33.38 16.85 -20.00
N GLY EA 43 -33.89 17.90 -19.37
CA GLY EA 43 -35.24 18.36 -19.64
C GLY EA 43 -35.43 18.89 -21.05
N LEU FA 9 -7.77 -19.39 -46.56
CA LEU FA 9 -9.06 -18.95 -47.10
C LEU FA 9 -9.02 -18.86 -48.62
N THR FA 10 -9.78 -19.74 -49.28
CA THR FA 10 -9.77 -19.81 -50.74
C THR FA 10 -10.48 -18.60 -51.33
N GLU FA 11 -10.23 -18.39 -52.63
CA GLU FA 11 -10.87 -17.31 -53.36
C GLU FA 11 -12.39 -17.47 -53.43
N GLN FA 12 -12.89 -18.70 -53.33
CA GLN FA 12 -14.34 -18.89 -53.31
C GLN FA 12 -14.94 -18.38 -52.01
N GLU FA 13 -14.27 -18.59 -50.88
CA GLU FA 13 -14.77 -18.06 -49.62
C GLU FA 13 -14.55 -16.55 -49.54
N ALA FA 14 -13.63 -16.01 -50.36
CA ALA FA 14 -13.47 -14.56 -50.41
C ALA FA 14 -14.61 -13.90 -51.18
N GLN FA 15 -15.08 -14.55 -52.25
CA GLN FA 15 -16.23 -14.02 -52.98
C GLN FA 15 -17.48 -14.00 -52.09
N GLU FA 16 -17.70 -15.07 -51.33
CA GLU FA 16 -18.87 -15.15 -50.48
C GLU FA 16 -18.82 -14.11 -49.36
N PHE FA 17 -17.66 -14.02 -48.69
CA PHE FA 17 -17.55 -13.08 -47.58
C PHE FA 17 -17.69 -11.64 -48.05
N HIS FA 18 -17.07 -11.30 -49.18
CA HIS FA 18 -17.12 -9.92 -49.66
C HIS FA 18 -18.54 -9.48 -49.97
N GLY FA 19 -19.33 -10.36 -50.59
CA GLY FA 19 -20.71 -10.01 -50.88
C GLY FA 19 -21.52 -9.74 -49.63
N ILE FA 20 -21.37 -10.59 -48.62
CA ILE FA 20 -22.08 -10.39 -47.36
C ILE FA 20 -21.52 -9.18 -46.63
N PHE FA 21 -20.20 -9.05 -46.59
CA PHE FA 21 -19.58 -7.93 -45.89
C PHE FA 21 -19.98 -6.59 -46.50
N VAL FA 22 -19.98 -6.51 -47.84
CA VAL FA 22 -20.38 -5.27 -48.49
C VAL FA 22 -21.86 -5.01 -48.27
N GLN FA 23 -22.69 -6.07 -48.35
CA GLN FA 23 -24.11 -5.90 -48.10
C GLN FA 23 -24.38 -5.40 -46.69
N SER FA 24 -23.70 -5.98 -45.70
CA SER FA 24 -23.87 -5.53 -44.32
C SER FA 24 -23.35 -4.10 -44.14
N MET FA 25 -22.24 -3.77 -44.80
CA MET FA 25 -21.72 -2.40 -44.71
C MET FA 25 -22.72 -1.41 -45.27
N THR FA 26 -23.34 -1.73 -46.41
CA THR FA 26 -24.28 -0.80 -47.03
C THR FA 26 -25.55 -0.66 -46.20
N ALA FA 27 -26.01 -1.75 -45.60
CA ALA FA 27 -27.18 -1.66 -44.72
C ALA FA 27 -26.90 -0.82 -43.49
N PHE FA 28 -25.74 -1.05 -42.86
CA PHE FA 28 -25.35 -0.22 -41.72
C PHE FA 28 -25.22 1.24 -42.12
N PHE FA 29 -24.63 1.48 -43.29
CA PHE FA 29 -24.49 2.85 -43.77
C PHE FA 29 -25.85 3.50 -43.99
N GLY FA 30 -26.79 2.78 -44.59
CA GLY FA 30 -28.10 3.34 -44.85
C GLY FA 30 -28.88 3.62 -43.59
N ILE FA 31 -28.76 2.76 -42.59
CA ILE FA 31 -29.41 3.01 -41.31
C ILE FA 31 -28.78 4.21 -40.63
N VAL FA 32 -27.45 4.35 -40.75
CA VAL FA 32 -26.74 5.50 -40.17
C VAL FA 32 -27.23 6.79 -40.79
N VAL FA 33 -27.37 6.84 -42.11
CA VAL FA 33 -27.81 8.06 -42.79
C VAL FA 33 -29.21 8.43 -42.35
N ILE FA 34 -30.09 7.45 -42.19
CA ILE FA 34 -31.44 7.71 -41.71
C ILE FA 34 -31.39 8.32 -40.31
N ALA FA 35 -30.54 7.78 -39.44
CA ALA FA 35 -30.41 8.30 -38.08
C ALA FA 35 -29.93 9.74 -38.08
N HIS FA 36 -28.96 10.06 -38.95
CA HIS FA 36 -28.43 11.42 -39.01
C HIS FA 36 -29.44 12.39 -39.57
N ILE FA 37 -30.29 11.94 -40.51
CA ILE FA 37 -31.36 12.78 -41.01
C ILE FA 37 -32.34 13.12 -39.88
N LEU FA 38 -32.73 12.11 -39.10
CA LEU FA 38 -33.66 12.35 -38.00
C LEU FA 38 -33.02 13.25 -36.95
N ALA FA 39 -31.74 13.04 -36.64
CA ALA FA 39 -31.06 13.89 -35.67
C ALA FA 39 -30.99 15.33 -36.17
N TRP FA 40 -30.76 15.53 -37.46
CA TRP FA 40 -30.73 16.88 -38.01
C TRP FA 40 -32.09 17.56 -37.89
N LEU FA 41 -33.17 16.79 -38.12
CA LEU FA 41 -34.51 17.32 -37.90
C LEU FA 41 -34.75 17.63 -36.43
N TRP FA 42 -34.25 16.77 -35.54
CA TRP FA 42 -34.42 16.99 -34.11
C TRP FA 42 -33.63 18.22 -33.66
N ARG FA 43 -32.36 18.30 -34.05
CA ARG FA 43 -31.49 19.37 -33.58
C ARG FA 43 -30.33 19.57 -34.54
N PRO FA 44 -30.44 20.50 -35.50
CA PRO FA 44 -29.30 20.78 -36.39
C PRO FA 44 -28.10 21.27 -35.62
N TRP FA 45 -26.91 20.86 -36.07
CA TRP FA 45 -25.67 21.22 -35.41
C TRP FA 45 -24.79 22.17 -36.20
N LEU FA 46 -25.12 22.44 -37.45
CA LEU FA 46 -24.32 23.34 -38.27
C LEU FA 46 -25.14 24.53 -38.74
N FME GA 1 8.57 7.02 -56.01
CN FME GA 1 9.57 6.37 -56.61
O1 FME GA 1 10.25 5.49 -56.11
CA FME GA 1 8.15 6.73 -54.65
CB FME GA 1 7.16 7.78 -54.14
CG FME GA 1 7.84 9.05 -53.65
SD FME GA 1 8.97 8.73 -52.28
CE FME GA 1 7.89 7.84 -51.15
C FME GA 1 7.53 5.32 -54.51
O FME GA 1 7.27 4.92 -53.38
N HIS GA 2 7.27 4.63 -55.62
CA HIS GA 2 6.68 3.30 -55.55
C HIS GA 2 7.59 2.33 -54.80
N LYS GA 3 8.87 2.68 -54.70
CA LYS GA 3 9.85 1.83 -54.03
C LYS GA 3 9.72 1.84 -52.51
N ILE GA 4 8.94 2.77 -51.95
CA ILE GA 4 8.75 2.80 -50.49
C ILE GA 4 8.10 1.50 -50.04
N TRP GA 5 7.31 0.87 -50.90
CA TRP GA 5 6.68 -0.40 -50.57
C TRP GA 5 7.66 -1.55 -50.59
N GLN GA 6 8.87 -1.36 -51.12
CA GLN GA 6 9.96 -2.29 -50.95
C GLN GA 6 10.74 -2.06 -49.66
N ILE GA 7 10.50 -0.94 -48.97
CA ILE GA 7 11.01 -0.74 -47.62
C ILE GA 7 9.95 -1.08 -46.58
N PHE GA 8 8.75 -0.54 -46.73
CA PHE GA 8 7.66 -0.75 -45.79
C PHE GA 8 6.59 -1.63 -46.45
N ASP GA 9 6.22 -2.69 -45.76
CA ASP GA 9 5.29 -3.68 -46.32
C ASP GA 9 3.92 -3.04 -46.44
N PRO GA 10 3.28 -3.06 -47.61
CA PRO GA 10 2.00 -2.34 -47.76
C PRO GA 10 0.88 -2.82 -46.86
N ARG GA 11 0.68 -4.14 -46.73
CA ARG GA 11 -0.44 -4.62 -45.90
C ARG GA 11 -0.26 -4.24 -44.45
N ARG GA 12 0.98 -4.16 -43.97
CA ARG GA 12 1.22 -3.69 -42.61
C ARG GA 12 1.11 -2.17 -42.51
N THR GA 13 1.53 -1.47 -43.56
CA THR GA 13 1.50 -0.01 -43.54
C THR GA 13 0.06 0.51 -43.49
N LEU GA 14 -0.86 -0.15 -44.18
CA LEU GA 14 -2.23 0.31 -44.23
C LEU GA 14 -2.87 0.32 -42.85
N VAL GA 15 -2.61 -0.71 -42.05
CA VAL GA 15 -3.12 -0.74 -40.67
C VAL GA 15 -2.51 0.38 -39.85
N ALA GA 16 -1.20 0.58 -39.96
CA ALA GA 16 -0.56 1.68 -39.25
C ALA GA 16 -1.08 3.03 -39.72
N LEU GA 17 -1.28 3.17 -41.03
CA LEU GA 17 -1.80 4.43 -41.56
C LEU GA 17 -3.23 4.67 -41.12
N PHE GA 18 -4.06 3.62 -41.07
CA PHE GA 18 -5.43 3.79 -40.61
CA PHE GA 18 -5.43 3.77 -40.60
C PHE GA 18 -5.46 4.31 -39.19
N GLY GA 19 -4.65 3.72 -38.31
CA GLY GA 19 -4.61 4.17 -36.92
C GLY GA 19 -4.11 5.59 -36.79
N PHE GA 20 -3.07 5.93 -37.56
CA PHE GA 20 -2.54 7.30 -37.52
C PHE GA 20 -3.60 8.29 -38.00
N LEU GA 21 -4.26 7.99 -39.12
CA LEU GA 21 -5.26 8.91 -39.64
C LEU GA 21 -6.43 9.06 -38.67
N PHE GA 22 -6.92 7.95 -38.13
CA PHE GA 22 -8.02 8.03 -37.18
C PHE GA 22 -7.62 8.79 -35.93
N VAL GA 23 -6.43 8.54 -35.42
CA VAL GA 23 -5.98 9.22 -34.21
C VAL GA 23 -5.77 10.71 -34.48
N LEU GA 24 -5.31 11.06 -35.68
CA LEU GA 24 -5.17 12.47 -36.03
C LEU GA 24 -6.53 13.13 -36.20
N GLY GA 25 -7.46 12.45 -36.85
CA GLY GA 25 -8.80 12.99 -36.99
C GLY GA 25 -9.49 13.18 -35.65
N LEU GA 26 -9.28 12.22 -34.74
CA LEU GA 26 -9.82 12.35 -33.39
C LEU GA 26 -9.26 13.59 -32.71
N LEU GA 27 -7.96 13.80 -32.81
CA LEU GA 27 -7.31 14.93 -32.14
C LEU GA 27 -7.84 16.25 -32.68
N ILE GA 28 -7.96 16.39 -34.00
CA ILE GA 28 -8.40 17.64 -34.58
C ILE GA 28 -9.84 17.96 -34.17
N HIS GA 29 -10.71 16.96 -34.18
CA HIS GA 29 -12.09 17.16 -33.75
C HIS GA 29 -12.12 17.63 -32.29
N PHE GA 30 -11.29 17.02 -31.44
CA PHE GA 30 -11.22 17.40 -30.04
C PHE GA 30 -10.71 18.83 -29.87
N ILE GA 31 -9.68 19.20 -30.64
CA ILE GA 31 -9.15 20.56 -30.56
C ILE GA 31 -10.21 21.56 -30.97
N LEU GA 32 -10.98 21.25 -32.01
CA LEU GA 32 -12.08 22.12 -32.42
C LEU GA 32 -13.16 22.18 -31.34
N LEU GA 33 -13.44 21.06 -30.69
CA LEU GA 33 -14.43 21.06 -29.61
C LEU GA 33 -13.94 21.85 -28.41
N SER GA 34 -12.63 21.94 -28.22
CA SER GA 34 -12.09 22.74 -27.13
C SER GA 34 -12.17 24.23 -27.41
N SER GA 35 -12.37 24.61 -28.67
CA SER GA 35 -12.45 26.01 -29.06
C SER GA 35 -13.91 26.42 -29.13
N PRO GA 36 -14.36 27.36 -28.28
CA PRO GA 36 -15.78 27.75 -28.32
C PRO GA 36 -16.22 28.31 -29.66
N ALA GA 37 -15.35 29.04 -30.36
CA ALA GA 37 -15.73 29.61 -31.64
C ALA GA 37 -15.98 28.56 -32.71
N PHE GA 38 -15.47 27.36 -32.54
CA PHE GA 38 -15.63 26.29 -33.51
C PHE GA 38 -16.27 25.04 -32.94
N ASN GA 39 -16.68 25.07 -31.67
CA ASN GA 39 -17.46 23.98 -31.11
C ASN GA 39 -18.84 23.96 -31.74
N TRP GA 40 -19.14 22.90 -32.49
CA TRP GA 40 -20.39 22.82 -33.23
C TRP GA 40 -21.53 22.21 -32.41
N LEU GA 41 -21.30 21.94 -31.14
CA LEU GA 41 -22.31 21.37 -30.24
C LEU GA 41 -22.61 22.34 -29.09
N SER GA 42 -22.72 23.62 -29.40
CA SER GA 42 -22.96 24.63 -28.37
C SER GA 42 -24.30 25.34 -28.58
N MET HA 6 14.66 -5.07 -48.19
CA MET HA 6 13.72 -5.69 -49.12
C MET HA 6 12.59 -6.40 -48.38
N THR HA 7 11.36 -6.05 -48.73
CA THR HA 7 10.18 -6.68 -48.15
C THR HA 7 9.55 -7.73 -49.06
N GLY HA 8 10.21 -8.08 -50.17
CA GLY HA 8 9.68 -9.03 -51.11
C GLY HA 8 8.80 -8.45 -52.19
N LEU HA 9 8.55 -7.15 -52.17
CA LEU HA 9 7.79 -6.50 -53.24
C LEU HA 9 8.71 -6.28 -54.44
N THR HA 10 8.40 -6.93 -55.55
CA THR HA 10 9.36 -7.04 -56.66
C THR HA 10 9.21 -5.93 -57.69
N GLU HA 11 9.15 -4.68 -57.22
CA GLU HA 11 9.30 -3.50 -58.08
C GLU HA 11 8.20 -3.39 -59.12
N GLN HA 12 7.38 -4.42 -59.24
CA GLN HA 12 6.17 -4.40 -60.05
C GLN HA 12 4.93 -4.52 -59.20
N GLU HA 13 4.96 -5.39 -58.19
CA GLU HA 13 3.93 -5.39 -57.17
C GLU HA 13 3.91 -4.06 -56.42
N ALA HA 14 5.09 -3.53 -56.09
CA ALA HA 14 5.16 -2.22 -55.47
C ALA HA 14 4.61 -1.14 -56.40
N GLN HA 15 4.96 -1.20 -57.69
CA GLN HA 15 4.39 -0.25 -58.64
C GLN HA 15 2.88 -0.45 -58.79
N GLU HA 16 2.43 -1.70 -58.82
CA GLU HA 16 1.00 -1.97 -58.95
C GLU HA 16 0.24 -1.52 -57.73
N PHE HA 17 0.77 -1.81 -56.53
CA PHE HA 17 0.13 -1.32 -55.31
C PHE HA 17 0.18 0.20 -55.24
N HIS HA 18 1.29 0.80 -55.66
CA HIS HA 18 1.42 2.25 -55.59
C HIS HA 18 0.32 2.93 -56.39
N GLY HA 19 0.01 2.40 -57.57
CA GLY HA 19 -1.06 2.99 -58.36
C GLY HA 19 -2.39 3.00 -57.64
N ILE HA 20 -2.75 1.88 -57.01
CA ILE HA 20 -3.99 1.83 -56.25
C ILE HA 20 -3.87 2.72 -55.01
N PHE HA 21 -2.68 2.80 -54.43
CA PHE HA 21 -2.49 3.60 -53.23
C PHE HA 21 -2.70 5.09 -53.50
N VAL HA 22 -2.06 5.62 -54.56
CA VAL HA 22 -2.25 7.02 -54.89
C VAL HA 22 -3.68 7.29 -55.32
N GLN HA 23 -4.31 6.34 -55.99
CA GLN HA 23 -5.70 6.51 -56.41
C GLN HA 23 -6.63 6.63 -55.21
N SER HA 24 -6.50 5.74 -54.24
CA SER HA 24 -7.32 5.83 -53.03
C SER HA 24 -6.94 7.04 -52.20
N MET HA 25 -5.64 7.34 -52.12
CA MET HA 25 -5.19 8.51 -51.37
C MET HA 25 -5.73 9.79 -51.98
N THR HA 26 -5.71 9.91 -53.31
CA THR HA 26 -6.24 11.11 -53.94
C THR HA 26 -7.77 11.19 -53.80
N ALA HA 27 -8.44 10.03 -53.74
CA ALA HA 27 -9.86 10.04 -53.44
C ALA HA 27 -10.12 10.52 -52.02
N PHE HA 28 -9.31 10.05 -51.07
CA PHE HA 28 -9.42 10.53 -49.69
C PHE HA 28 -9.10 12.01 -49.60
N PHE HA 29 -8.07 12.46 -50.31
CA PHE HA 29 -7.69 13.87 -50.26
C PHE HA 29 -8.77 14.75 -50.88
N GLY HA 30 -9.40 14.29 -51.96
CA GLY HA 30 -10.50 15.04 -52.54
C GLY HA 30 -11.69 15.15 -51.62
N ILE HA 31 -12.03 14.06 -50.93
CA ILE HA 31 -13.11 14.10 -49.95
C ILE HA 31 -12.77 15.07 -48.82
N VAL HA 32 -11.50 15.05 -48.38
CA VAL HA 32 -11.04 15.96 -47.34
C VAL HA 32 -11.14 17.41 -47.83
N VAL HA 33 -10.74 17.66 -49.08
CA VAL HA 33 -10.78 19.01 -49.62
C VAL HA 33 -12.22 19.53 -49.67
N ILE HA 34 -13.17 18.68 -50.06
CA ILE HA 34 -14.57 19.08 -50.06
C ILE HA 34 -15.02 19.44 -48.66
N ALA HA 35 -14.66 18.62 -47.67
CA ALA HA 35 -15.07 18.89 -46.30
C ALA HA 35 -14.51 20.21 -45.79
N HIS HA 36 -13.26 20.51 -46.13
CA HIS HA 36 -12.66 21.76 -45.68
C HIS HA 36 -13.27 22.97 -46.37
N ILE HA 37 -13.69 22.81 -47.62
CA ILE HA 37 -14.41 23.89 -48.30
C ILE HA 37 -15.74 24.15 -47.62
N LEU HA 38 -16.48 23.09 -47.30
CA LEU HA 38 -17.75 23.25 -46.59
C LEU HA 38 -17.52 23.80 -45.19
N ALA HA 39 -16.44 23.38 -44.53
CA ALA HA 39 -16.11 23.93 -43.23
C ALA HA 39 -15.78 25.41 -43.33
N TRP HA 40 -15.03 25.81 -44.36
CA TRP HA 40 -14.73 27.23 -44.54
C TRP HA 40 -15.98 28.04 -44.84
N LEU HA 41 -16.88 27.49 -45.67
CA LEU HA 41 -18.15 28.16 -45.92
C LEU HA 41 -18.99 28.24 -44.65
N TRP HA 42 -18.82 27.28 -43.74
CA TRP HA 42 -19.54 27.30 -42.47
C TRP HA 42 -18.94 28.33 -41.52
N ARG HA 43 -17.63 28.21 -41.24
CA ARG HA 43 -16.96 29.09 -40.29
C ARG HA 43 -15.51 29.27 -40.71
N PRO HA 44 -15.19 30.34 -41.43
CA PRO HA 44 -13.79 30.56 -41.81
C PRO HA 44 -12.90 30.77 -40.60
N TRP HA 45 -11.68 30.25 -40.68
CA TRP HA 45 -10.76 30.28 -39.56
C TRP HA 45 -9.53 31.15 -39.81
N LEU HA 46 -9.47 31.87 -40.92
CA LEU HA 46 -8.33 32.73 -41.19
C LEU HA 46 -8.80 34.06 -41.77
N FME IA 1 26.97 13.58 -48.83
CN FME IA 1 27.93 12.79 -49.29
O1 FME IA 1 27.99 11.57 -49.15
CA FME IA 1 25.83 13.04 -48.10
CB FME IA 1 24.88 14.18 -47.66
CG FME IA 1 25.53 15.13 -46.68
SD FME IA 1 26.00 14.32 -45.14
CE FME IA 1 24.42 13.63 -44.64
C FME IA 1 25.06 12.02 -48.96
O FME IA 1 24.36 12.45 -49.90
N HIS IA 2 25.24 10.75 -48.67
CA HIS IA 2 24.50 9.63 -49.24
C HIS IA 2 25.13 8.40 -48.60
N LYS IA 3 26.33 8.60 -48.08
CA LYS IA 3 26.99 7.70 -47.14
C LYS IA 3 26.22 7.57 -45.83
N ILE IA 4 25.35 8.52 -45.50
CA ILE IA 4 24.64 8.50 -44.23
C ILE IA 4 23.75 7.27 -44.15
N TRP IA 5 23.29 6.76 -45.30
CA TRP IA 5 22.48 5.55 -45.33
C TRP IA 5 23.32 4.29 -45.24
N GLN IA 6 24.64 4.42 -45.32
CA GLN IA 6 25.54 3.36 -44.89
C GLN IA 6 25.84 3.44 -43.40
N ILE IA 7 25.48 4.53 -42.74
CA ILE IA 7 25.60 4.67 -41.30
C ILE IA 7 24.26 4.51 -40.59
N PHE IA 8 23.22 5.16 -41.10
CA PHE IA 8 21.88 5.06 -40.54
C PHE IA 8 21.00 4.28 -41.49
N ASP IA 9 20.43 3.18 -41.01
CA ASP IA 9 19.65 2.33 -41.89
C ASP IA 9 18.30 2.97 -42.19
N PRO IA 10 17.87 2.96 -43.46
CA PRO IA 10 16.65 3.69 -43.84
C PRO IA 10 15.41 3.30 -43.06
N ARG IA 11 15.22 2.01 -42.78
CA ARG IA 11 13.97 1.56 -42.16
C ARG IA 11 13.80 2.15 -40.76
N ARG IA 12 14.82 1.99 -39.91
CA ARG IA 12 14.71 2.51 -38.54
C ARG IA 12 14.80 4.02 -38.52
N THR IA 13 15.67 4.60 -39.35
CA THR IA 13 15.85 6.04 -39.37
C THR IA 13 14.60 6.76 -39.84
N LEU IA 14 13.95 6.24 -40.89
CA LEU IA 14 12.75 6.89 -41.41
C LEU IA 14 11.61 6.85 -40.38
N VAL IA 15 11.47 5.75 -39.67
CA VAL IA 15 10.44 5.65 -38.64
C VAL IA 15 10.68 6.70 -37.56
N ALA IA 16 11.93 6.83 -37.11
CA ALA IA 16 12.25 7.83 -36.10
C ALA IA 16 12.04 9.23 -36.65
N LEU IA 17 12.45 9.48 -37.89
CA LEU IA 17 12.36 10.82 -38.45
C LEU IA 17 10.91 11.25 -38.60
N PHE IA 18 10.07 10.38 -39.15
CA PHE IA 18 8.68 10.75 -39.40
C PHE IA 18 7.93 11.01 -38.10
N GLY IA 19 8.13 10.16 -37.10
CA GLY IA 19 7.50 10.38 -35.81
C GLY IA 19 7.98 11.64 -35.13
N PHE IA 20 9.30 11.89 -35.18
CA PHE IA 20 9.83 13.11 -34.58
C PHE IA 20 9.30 14.34 -35.29
N LEU IA 21 9.19 14.28 -36.63
CA LEU IA 21 8.62 15.39 -37.37
C LEU IA 21 7.15 15.59 -37.03
N PHE IA 22 6.38 14.50 -36.94
CA PHE IA 22 4.97 14.61 -36.61
C PHE IA 22 4.77 15.16 -35.21
N VAL IA 23 5.55 14.68 -34.24
CA VAL IA 23 5.46 15.19 -32.88
C VAL IA 23 5.88 16.66 -32.85
N LEU IA 24 6.96 17.01 -33.56
CA LEU IA 24 7.36 18.40 -33.66
C LEU IA 24 6.28 19.25 -34.30
N GLY IA 25 5.65 18.73 -35.37
CA GLY IA 25 4.54 19.44 -35.98
C GLY IA 25 3.37 19.63 -35.03
N LEU IA 26 3.04 18.58 -34.26
CA LEU IA 26 1.99 18.71 -33.26
C LEU IA 26 2.35 19.72 -32.18
N LEU IA 27 3.60 19.69 -31.71
CA LEU IA 27 3.99 20.59 -30.64
C LEU IA 27 3.87 22.05 -31.06
N ILE IA 28 4.31 22.38 -32.27
CA ILE IA 28 4.28 23.78 -32.71
C ILE IA 28 2.84 24.26 -32.85
N HIS IA 29 1.97 23.42 -33.41
CA HIS IA 29 0.55 23.78 -33.48
C HIS IA 29 -0.03 23.98 -32.09
N PHE IA 30 0.32 23.10 -31.14
CA PHE IA 30 -0.15 23.23 -29.77
C PHE IA 30 0.40 24.48 -29.11
N ILE IA 31 1.66 24.82 -29.39
CA ILE IA 31 2.23 26.07 -28.86
C ILE IA 31 1.46 27.26 -29.42
N LEU IA 32 1.16 27.24 -30.71
CA LEU IA 32 0.39 28.34 -31.31
C LEU IA 32 -1.03 28.37 -30.78
N LEU IA 33 -1.65 27.20 -30.60
CA LEU IA 33 -2.99 27.15 -30.04
C LEU IA 33 -3.02 27.67 -28.61
N SER IA 34 -1.92 27.52 -27.88
CA SER IA 34 -1.82 28.03 -26.52
C SER IA 34 -1.50 29.52 -26.49
N SER IA 35 -1.07 30.10 -27.61
CA SER IA 35 -0.71 31.50 -27.64
C SER IA 35 -1.89 32.31 -28.15
N PRO IA 36 -2.48 33.19 -27.33
CA PRO IA 36 -3.68 33.91 -27.76
C PRO IA 36 -3.49 34.73 -29.03
N ALA IA 37 -2.29 35.27 -29.25
CA ALA IA 37 -2.05 36.09 -30.43
C ALA IA 37 -2.02 35.27 -31.71
N PHE IA 38 -1.77 33.97 -31.61
CA PHE IA 38 -1.66 33.13 -32.80
C PHE IA 38 -2.64 31.95 -32.81
N ASN IA 39 -3.55 31.86 -31.83
CA ASN IA 39 -4.59 30.86 -31.86
C ASN IA 39 -5.57 31.20 -32.99
N TRP IA 40 -5.49 30.44 -34.09
CA TRP IA 40 -6.36 30.68 -35.23
C TRP IA 40 -7.79 30.20 -35.00
N LEU IA 41 -8.04 29.49 -33.92
CA LEU IA 41 -9.36 29.00 -33.57
C LEU IA 41 -10.06 29.89 -32.55
N SER IA 42 -9.47 31.03 -32.21
CA SER IA 42 -10.02 31.88 -31.16
C SER IA 42 -11.27 32.62 -31.61
N GLY IA 43 -11.48 32.79 -32.91
CA GLY IA 43 -12.64 33.48 -33.41
C GLY IA 43 -12.45 34.98 -33.49
N SER JA 4 31.30 -5.03 -44.46
CA SER JA 4 30.30 -4.40 -45.30
C SER JA 4 30.06 -2.95 -44.86
N SER JA 5 28.81 -2.63 -44.56
CA SER JA 5 28.44 -1.35 -43.99
C SER JA 5 27.75 -1.58 -42.65
N MET JA 6 27.60 -0.49 -41.90
CA MET JA 6 26.88 -0.56 -40.64
C MET JA 6 25.42 -0.91 -40.84
N THR JA 7 24.85 -0.61 -42.00
CA THR JA 7 23.43 -0.79 -42.25
C THR JA 7 23.13 -1.91 -43.24
N GLY JA 8 24.14 -2.53 -43.84
CA GLY JA 8 23.88 -3.50 -44.88
C GLY JA 8 23.46 -2.89 -46.20
N LEU JA 9 23.82 -1.64 -46.46
CA LEU JA 9 23.51 -0.96 -47.72
C LEU JA 9 24.81 -0.71 -48.48
N THR JA 10 24.80 -1.06 -49.76
CA THR JA 10 25.99 -0.85 -50.59
C THR JA 10 26.06 0.61 -51.04
N GLU JA 11 27.10 0.90 -51.83
CA GLU JA 11 27.24 2.25 -52.39
C GLU JA 11 26.09 2.60 -53.32
N GLN JA 12 25.71 1.65 -54.18
CA GLN JA 12 24.64 1.92 -55.14
C GLN JA 12 23.30 2.07 -54.44
N GLU JA 13 23.02 1.21 -53.47
CA GLU JA 13 21.72 1.23 -52.80
C GLU JA 13 21.57 2.48 -51.94
N ALA JA 14 22.63 2.89 -51.25
CA ALA JA 14 22.56 4.09 -50.43
C ALA JA 14 22.36 5.33 -51.29
N GLN JA 15 23.08 5.42 -52.41
CA GLN JA 15 22.93 6.57 -53.29
C GLN JA 15 21.54 6.61 -53.91
N GLU JA 16 21.00 5.44 -54.25
CA GLU JA 16 19.65 5.40 -54.80
C GLU JA 16 18.61 5.81 -53.76
N PHE JA 17 18.76 5.33 -52.52
CA PHE JA 17 17.85 5.77 -51.47
C PHE JA 17 17.98 7.26 -51.20
N HIS JA 18 19.22 7.77 -51.18
CA HIS JA 18 19.44 9.17 -50.88
C HIS JA 18 18.77 10.07 -51.90
N GLY JA 19 18.79 9.67 -53.18
CA GLY JA 19 18.15 10.46 -54.20
C GLY JA 19 16.66 10.64 -53.94
N ILE JA 20 15.96 9.53 -53.69
CA ILE JA 20 14.54 9.63 -53.40
C ILE JA 20 14.30 10.33 -52.07
N PHE JA 21 15.18 10.10 -51.10
CA PHE JA 21 15.05 10.80 -49.81
C PHE JA 21 15.16 12.30 -49.98
N VAL JA 22 16.11 12.77 -50.82
CA VAL JA 22 16.34 14.19 -50.95
C VAL JA 22 15.20 14.89 -51.68
N GLN JA 23 14.68 14.28 -52.75
CA GLN JA 23 13.54 14.88 -53.45
C GLN JA 23 12.31 14.92 -52.57
N SER JA 24 12.07 13.86 -51.80
CA SER JA 24 10.97 13.88 -50.83
C SER JA 24 11.21 14.96 -49.78
N MET JA 25 12.46 15.09 -49.32
CA MET JA 25 12.80 16.15 -48.37
C MET JA 25 12.61 17.52 -48.98
N THR JA 26 13.00 17.70 -50.24
CA THR JA 26 12.88 19.00 -50.88
C THR JA 26 11.43 19.39 -51.11
N ALA JA 27 10.59 18.43 -51.53
CA ALA JA 27 9.17 18.70 -51.70
C ALA JA 27 8.52 19.06 -50.36
N PHE JA 28 8.90 18.35 -49.30
CA PHE JA 28 8.41 18.68 -47.97
C PHE JA 28 8.86 20.07 -47.56
N PHE JA 29 10.13 20.40 -47.79
CA PHE JA 29 10.61 21.73 -47.44
C PHE JA 29 9.93 22.82 -48.26
N GLY JA 30 9.66 22.53 -49.54
CA GLY JA 30 9.00 23.52 -50.38
C GLY JA 30 7.62 23.86 -49.89
N ILE JA 31 6.84 22.85 -49.49
CA ILE JA 31 5.52 23.12 -48.92
C ILE JA 31 5.65 23.87 -47.62
N VAL JA 32 6.64 23.50 -46.80
CA VAL JA 32 6.89 24.20 -45.55
C VAL JA 32 7.19 25.68 -45.79
N VAL JA 33 8.04 25.96 -46.78
CA VAL JA 33 8.41 27.34 -47.06
C VAL JA 33 7.18 28.14 -47.51
N ILE JA 34 6.36 27.56 -48.37
CA ILE JA 34 5.13 28.23 -48.79
C ILE JA 34 4.20 28.42 -47.59
N ALA JA 35 4.11 27.41 -46.73
CA ALA JA 35 3.28 27.52 -45.53
C ALA JA 35 3.74 28.67 -44.65
N HIS JA 36 5.05 28.82 -44.49
CA HIS JA 36 5.57 29.89 -43.64
C HIS JA 36 5.38 31.25 -44.29
N ILE JA 37 5.49 31.32 -45.61
CA ILE JA 37 5.21 32.58 -46.31
C ILE JA 37 3.75 32.96 -46.13
N LEU JA 38 2.84 32.00 -46.29
CA LEU JA 38 1.43 32.28 -46.05
C LEU JA 38 1.18 32.64 -44.59
N ALA JA 39 1.82 31.93 -43.67
CA ALA JA 39 1.66 32.25 -42.26
C ALA JA 39 2.19 33.65 -41.94
N TRP JA 40 3.31 34.04 -42.54
CA TRP JA 40 3.83 35.38 -42.30
C TRP JA 40 2.89 36.44 -42.84
N LEU JA 41 2.31 36.21 -44.02
CA LEU JA 41 1.32 37.14 -44.55
C LEU JA 41 0.10 37.22 -43.66
N TRP JA 42 -0.34 36.08 -43.13
CA TRP JA 42 -1.51 36.06 -42.26
C TRP JA 42 -1.25 36.81 -40.96
N ARG JA 43 -0.12 36.52 -40.30
CA ARG JA 43 0.19 37.12 -39.01
C ARG JA 43 1.69 37.09 -38.76
N PRO JA 44 2.41 38.16 -39.08
CA PRO JA 44 3.86 38.17 -38.82
C PRO JA 44 4.15 38.05 -37.33
N TRP JA 45 5.22 37.33 -37.01
CA TRP JA 45 5.58 37.05 -35.62
C TRP JA 45 6.87 37.72 -35.16
N LEU JA 46 7.70 38.21 -36.08
CA LEU JA 46 8.93 38.89 -35.70
C LEU JA 46 8.87 40.35 -36.11
CHA HEM KA . -44.30 40.08 27.00
CHB HEM KA . -48.48 38.67 25.02
CHC HEM KA . -46.38 34.50 23.62
CHD HEM KA . -42.34 35.76 25.96
C1A HEM KA . -45.60 40.04 26.57
C2A HEM KA . -46.54 41.07 26.78
C3A HEM KA . -47.71 40.68 26.22
C4A HEM KA . -47.51 39.40 25.67
CMA HEM KA . -48.98 41.47 26.19
CAA HEM KA . -46.29 42.37 27.49
CBA HEM KA . -46.65 42.15 28.96
CGA HEM KA . -46.49 43.41 29.77
O1A HEM KA . -47.49 44.07 30.10
O2A HEM KA . -45.35 43.79 30.12
C1B HEM KA . -48.22 37.42 24.45
C2B HEM KA . -49.20 36.72 23.72
C3B HEM KA . -48.64 35.55 23.31
C4B HEM KA . -47.26 35.56 23.83
CMB HEM KA . -50.61 37.18 23.44
CAB HEM KA . -49.27 34.49 22.53
CBB HEM KA . -49.55 34.71 21.24
C1C HEM KA . -45.12 34.46 24.17
C2C HEM KA . -44.27 33.35 24.13
C3C HEM KA . -43.10 33.70 24.80
C4C HEM KA . -43.27 35.04 25.24
CMC HEM KA . -44.59 32.03 23.46
CAC HEM KA . -41.90 32.86 25.02
CBC HEM KA . -41.24 32.29 24.02
C1D HEM KA . -42.59 37.06 26.39
C2D HEM KA . -41.55 37.83 27.09
C3D HEM KA . -42.09 39.03 27.37
C4D HEM KA . -43.46 38.99 26.86
CMD HEM KA . -40.16 37.40 27.42
CAD HEM KA . -41.42 40.18 28.08
CBD HEM KA . -40.79 41.05 26.99
CGD HEM KA . -39.86 42.08 27.57
O1D HEM KA . -39.63 42.12 28.80
O2D HEM KA . -39.29 42.90 26.81
NA HEM KA . -46.23 39.00 25.93
NB HEM KA . -47.09 36.71 24.50
NC HEM KA . -44.53 35.45 24.90
ND HEM KA . -43.70 37.81 26.28
FE HEM KA . -45.30 37.30 25.46
CHA HEM LA . -33.83 27.90 25.87
CHB HEM LA . -36.92 31.11 24.00
CHC HEM LA . -33.70 32.11 20.47
CHD HEM LA . -30.88 28.51 22.07
C1A HEM LA . -34.93 28.69 25.64
C2A HEM LA . -36.08 28.68 26.46
C3A HEM LA . -36.96 29.58 25.93
C4A HEM LA . -36.34 30.15 24.81
CMA HEM LA . -38.33 29.92 26.47
CAA HEM LA . -36.29 27.82 27.66
CBA HEM LA . -37.07 26.59 27.18
CGA HEM LA . -37.17 25.53 28.24
O1A HEM LA . -36.25 25.33 29.05
O2A HEM LA . -38.20 24.82 28.29
C1B HEM LA . -36.26 31.65 22.90
C2B HEM LA . -36.84 32.71 22.15
C3B HEM LA . -35.96 33.01 21.16
C4B HEM LA . -34.81 32.09 21.33
CMB HEM LA . -38.16 33.36 22.42
CAB HEM LA . -36.13 34.05 20.12
CBB HEM LA . -36.05 35.34 20.46
C1C HEM LA . -32.66 31.21 20.59
C2C HEM LA . -31.56 31.12 19.73
C3C HEM LA . -30.75 30.10 20.18
C4C HEM LA . -31.38 29.55 21.33
CMC HEM LA . -31.33 32.02 18.54
CAC HEM LA . -29.48 29.65 19.60
CBC HEM LA . -28.42 30.46 19.53
C1D HEM LA . -31.47 28.10 23.26
C2D HEM LA . -30.84 27.10 24.12
C3D HEM LA . -31.66 26.92 25.17
C4D HEM LA . -32.78 27.83 24.96
CMD HEM LA . -29.54 26.37 23.87
CAD HEM LA . -31.43 25.98 26.34
CBD HEM LA . -32.22 24.69 26.19
CGD HEM LA . -33.53 24.82 26.92
O1D HEM LA . -34.61 24.61 26.32
O2D HEM LA . -33.54 25.15 28.12
NA HEM LA . -35.13 29.55 24.61
NB HEM LA . -35.07 31.32 22.39
NC HEM LA . -32.56 30.23 21.53
ND HEM LA . -32.63 28.51 23.81
FE HEM LA . -33.81 29.80 23.15
CHA HEM MA . -8.32 25.95 12.43
CHB HEM MA . -8.12 21.53 10.50
CHC HEM MA . -12.68 22.06 8.89
CHD HEM MA . -12.47 26.75 10.08
C1A HEM MA . -7.91 24.70 12.07
C2A HEM MA . -6.66 24.14 12.41
C3A HEM MA . -6.61 22.90 11.86
C4A HEM MA . -7.81 22.68 11.17
CMA HEM MA . -5.47 21.93 11.97
CAA HEM MA . -5.58 24.79 13.23
CBA HEM MA . -4.85 25.79 12.33
CGA HEM MA . -3.56 26.23 12.97
O1A HEM MA . -2.96 25.51 13.78
O2A HEM MA . -3.07 27.34 12.66
C1B HEM MA . -9.38 21.31 9.92
C2B HEM MA . -9.74 20.07 9.34
C3B HEM MA . -11.01 20.19 8.89
C4B HEM MA . -11.43 21.56 9.21
CMB HEM MA . -8.87 18.84 9.25
CAB HEM MA . -11.82 19.16 8.21
CBB HEM MA . -12.41 18.24 8.95
C1C HEM MA . -13.01 23.41 9.02
C2C HEM MA . -14.13 24.02 8.46
C3C HEM MA . -14.08 25.36 8.80
C4C HEM MA . -12.89 25.55 9.56
CMC HEM MA . -15.20 23.32 7.66
CAC HEM MA . -15.05 26.42 8.46
CBC HEM MA . -16.35 26.30 8.73
C1D HEM MA . -11.32 26.86 10.86
C2D HEM MA . -10.97 28.12 11.51
C3D HEM MA . -9.82 27.90 12.15
C4D HEM MA . -9.47 26.51 11.90
CMD HEM MA . -11.73 29.43 11.46
CAD HEM MA . -9.05 28.90 12.97
CBD HEM MA . -9.65 28.88 14.38
CGD HEM MA . -8.93 29.85 15.29
O1D HEM MA . -9.45 30.16 16.38
O2D HEM MA . -7.82 30.32 14.97
NA HEM MA . -8.58 23.80 11.28
NB HEM MA . -10.40 22.17 9.83
NC HEM MA . -12.25 24.36 9.62
ND HEM MA . -10.40 25.93 11.12
FE HEM MA . -10.39 24.15 10.55
CHA HEM NA . -23.16 31.36 8.27
CHB HEM NA . -19.69 28.87 10.55
CHC HEM NA . -22.49 28.66 14.53
CHD HEM NA . -25.84 31.37 12.31
C1A HEM NA . -21.98 30.72 8.59
C2A HEM NA . -20.90 30.58 7.69
C3A HEM NA . -19.94 29.88 8.33
C4A HEM NA . -20.41 29.58 9.61
CMA HEM NA . -18.59 29.50 7.77
CAA HEM NA . -20.82 31.11 6.29
CBA HEM NA . -21.55 30.15 5.35
CGA HEM NA . -21.24 30.52 3.93
O1A HEM NA . -21.37 29.68 3.02
O2A HEM NA . -20.86 31.68 3.64
C1B HEM NA . -20.21 28.60 11.83
C2B HEM NA . -19.47 27.84 12.77
C3B HEM NA . -20.22 27.77 13.89
C4B HEM NA . -21.47 28.52 13.61
CMB HEM NA . -18.11 27.23 12.56
CAB HEM NA . -19.89 27.07 15.15
CBB HEM NA . -18.92 27.56 15.93
C1C HEM NA . -23.63 29.40 14.29
C2C HEM NA . -24.64 29.66 15.23
C3C HEM NA . -25.60 30.44 14.60
C4C HEM NA . -25.17 30.64 13.27
CMC HEM NA . -24.65 29.18 16.65
CAC HEM NA . -26.85 30.95 15.20
CBC HEM NA . -26.82 31.83 16.19
C1D HEM NA . -25.34 31.56 11.02
C2D HEM NA . -26.11 32.30 10.02
C3D HEM NA . -25.37 32.30 8.90
C4D HEM NA . -24.15 31.56 9.22
CMD HEM NA . -27.46 32.94 10.18
CAD HEM NA . -25.72 32.93 7.58
CBD HEM NA . -24.88 34.16 7.33
CGD HEM NA . -24.87 34.49 5.86
O1D HEM NA . -25.91 34.35 5.18
O2D HEM NA . -23.84 34.91 5.32
NA HEM NA . -21.68 30.08 9.75
NB HEM NA . -21.37 28.99 12.35
NC HEM NA . -23.97 29.99 13.11
ND HEM NA . -24.18 31.14 10.50
FE HEM NA . -22.84 30.16 11.36
MG MG OA . -5.82 9.61 20.94
C5 Z41 PA . -21.37 -1.33 -19.40
C6 Z41 PA . -20.52 -1.60 -18.19
C7 Z41 PA . -20.90 -0.81 -16.96
C8 Z41 PA . -22.25 -1.15 -16.37
C9 Z41 PA . -22.60 -0.34 -15.15
C10 Z41 PA . -22.76 1.13 -15.43
C11 Z41 PA . -22.16 2.02 -14.35
C12 Z41 PA . -22.70 1.79 -12.96
C13 Z41 PA . -22.07 2.67 -11.92
C14 Z41 PA . -22.50 2.38 -10.49
C15 Z41 PA . -23.96 2.56 -10.28
C16 Z41 PA . -24.33 2.92 -8.86
O1 Z41 PA . -24.98 3.88 -8.54
O2 Z41 PA . -23.83 2.07 -7.98
C17 Z41 PA . -24.11 2.36 -6.59
C18 Z41 PA . -23.41 1.35 -5.71
O3 Z41 PA . -21.97 1.52 -5.92
C19 Z41 PA . -21.14 0.54 -5.52
O4 Z41 PA . -21.52 -0.45 -4.95
C20 Z41 PA . -19.72 0.82 -5.91
C21 Z41 PA . -18.79 -0.34 -5.75
C22 Z41 PA . -17.51 -0.22 -6.56
C23 Z41 PA . -17.66 -0.34 -8.05
C24 Z41 PA . -17.97 0.96 -8.76
C25 Z41 PA . -18.65 0.83 -10.11
C26 Z41 PA . -17.76 0.34 -11.23
C27 Z41 PA . -16.52 1.16 -11.45
C28 Z41 PA . -15.24 0.47 -11.05
C29 Z41 PA . -14.02 1.34 -11.11
C30 Z41 PA . -12.73 0.60 -10.89
C31 Z41 PA . -12.68 -0.21 -9.61
C32 Z41 PA . -11.36 -0.88 -9.37
C33 Z41 PA . -10.87 -1.69 -10.54
C34 Z41 PA . -9.45 -2.21 -10.37
C35 Z41 PA . -23.73 1.53 -4.24
C1 PLM QA . -22.77 2.72 1.87
O2 PLM QA . -21.71 2.50 1.26
C2 PLM QA . -23.09 1.86 3.07
C3 PLM QA . -22.66 0.43 2.93
C4 PLM QA . -22.87 -0.36 4.19
C5 PLM QA . -22.37 -1.78 4.10
C6 PLM QA . -22.44 -2.53 5.40
C7 PLM QA . -21.94 -3.97 5.34
C8 PLM QA . -20.44 -4.12 5.16
C9 PLM QA . -19.99 -4.25 3.72
CA PLM QA . -18.50 -4.45 3.57
CB PLM QA . -17.96 -5.62 4.33
P PGV RA . -28.29 7.44 -3.17
C01 PGV RA . -28.37 2.45 -2.50
C02 PGV RA . -28.27 3.53 -3.57
C03 PGV RA . -28.72 4.87 -3.00
C04 PGV RA . -28.75 8.52 -0.80
C05 PGV RA . -29.19 7.91 0.52
C06 PGV RA . -28.08 7.03 1.08
O01 PGV RA . -29.09 3.19 -4.68
O02 PGV RA . -27.13 2.98 -5.88
O03 PGV RA . -28.51 1.20 -3.15
O04 PGV RA . -27.34 0.02 -1.56
O05 PGV RA . -30.36 7.12 0.30
O06 PGV RA . -26.92 7.82 1.35
O11 PGV RA . -27.89 5.92 -3.47
O12 PGV RA . -28.16 7.48 -1.57
O13 PGV RA . -29.74 7.62 -3.54
O14 PGV RA . -27.27 8.36 -3.79
C1 PGV RA . -28.35 3.06 -5.93
C2 PGV RA . -29.08 3.04 -7.24
C3 PGV RA . -28.12 2.80 -8.40
C4 PGV RA . -28.12 1.34 -8.84
C5 PGV RA . -28.32 1.23 -10.35
C6 PGV RA . -27.06 0.72 -11.04
C7 PGV RA . -26.85 -0.76 -10.76
C8 PGV RA . -25.68 -1.31 -11.56
C19 PGV RA . -27.78 0.03 -2.69
C20 PGV RA . -27.57 -1.13 -3.64
C21 PGV RA . -26.94 -2.32 -2.92
C22 PGV RA . -25.43 -2.17 -2.77
C23 PGV RA . -24.74 -2.11 -4.13
C24 PGV RA . -23.58 -3.08 -4.19
MG BCL SA . -3.99 7.28 0.94
CHA BCL SA . -4.40 6.76 -2.44
CHB BCL SA . -1.88 4.66 1.02
CHC BCL SA . -2.89 8.36 3.96
CHD BCL SA . -5.86 10.22 0.69
NA BCL SA . -3.39 5.87 -0.37
C1A BCL SA . -3.62 5.78 -1.65
C2A BCL SA . -3.04 4.56 -2.31
C3A BCL SA . -2.59 3.76 -1.12
C4A BCL SA . -2.63 4.81 -0.06
CMA BCL SA . -3.55 2.62 -0.79
CAA BCL SA . -1.86 4.92 -3.20
CBA BCL SA . -1.33 3.73 -4.00
CGA BCL SA . -2.03 3.63 -5.34
O1A BCL SA . -3.08 4.21 -5.53
O2A BCL SA . -1.48 2.85 -6.42
NB BCL SA . -2.58 6.64 2.28
C1B BCL SA . -1.81 5.53 2.19
C2B BCL SA . -0.90 5.26 3.32
C3B BCL SA . -1.20 6.39 4.21
C4B BCL SA . -2.25 7.15 3.48
CMB BCL SA . 0.06 4.10 3.43
CAB BCL SA . -0.65 6.74 5.56
OBB BCL SA . -1.24 7.53 6.27
CBB BCL SA . 0.64 6.13 6.03
NC BCL SA . -4.36 8.85 2.13
C1C BCL SA . -3.82 9.08 3.34
C2C BCL SA . -4.32 10.32 4.03
C3C BCL SA . -5.23 10.89 2.98
C4C BCL SA . -5.10 9.88 1.89
CMC BCL SA . -5.11 9.99 5.28
CAC BCL SA . -4.78 12.26 2.49
CBC BCL SA . -5.15 13.37 3.43
ND BCL SA . -4.94 8.37 -0.50
C1D BCL SA . -5.67 9.48 -0.55
C2D BCL SA . -6.17 9.82 -1.91
C3D BCL SA . -5.62 8.68 -2.64
C4D BCL SA . -4.96 7.91 -1.77
CMD BCL SA . -6.96 10.91 -2.57
CAD BCL SA . -5.54 8.10 -3.99
OBD BCL SA . -6.07 8.59 -5.05
CBD BCL SA . -4.73 6.85 -3.91
CGD BCL SA . -5.48 5.71 -4.52
O1D BCL SA . -6.04 4.88 -3.84
O2D BCL SA . -5.53 5.66 -5.97
CED BCL SA . -6.02 4.55 -6.69
C1 BCL SA . -1.90 3.16 -7.75
C2 BCL SA . -0.70 3.41 -8.63
C3 BCL SA . -0.75 4.26 -9.65
C4 BCL SA . -2.00 5.03 -9.94
C5 BCL SA . 0.48 4.46 -10.49
C6 BCL SA . 0.12 4.38 -11.97
C7 BCL SA . 1.34 3.94 -12.77
C8 BCL SA . 1.20 4.30 -14.25
C9 BCL SA . 0.26 3.35 -14.96
C10 BCL SA . 2.59 4.25 -14.87
C11 BCL SA . 3.23 5.62 -14.99
C12 BCL SA . 4.62 5.49 -15.61
C13 BCL SA . 5.39 6.79 -15.53
C14 BCL SA . 4.67 7.93 -16.24
C15 BCL SA . 6.79 6.56 -16.11
C16 BCL SA . 7.56 7.88 -16.21
C17 BCL SA . 8.81 7.72 -17.07
C18 BCL SA . 10.04 7.53 -16.20
C19 BCL SA . 11.24 8.24 -16.81
C20 BCL SA . 10.32 6.07 -15.96
O1D BPH TA . 7.96 -1.87 -17.59
CGD BPH TA . 7.41 -1.64 -16.54
O2D BPH TA . 8.05 -1.42 -15.39
CED BPH TA . 9.49 -1.40 -15.46
CBD BPH TA . 5.93 -1.59 -16.37
CHA BPH TA . 5.55 -0.68 -15.20
C4D BPH TA . 4.88 -1.51 -14.24
C3D BPH TA . 4.81 -2.85 -14.64
CAD BPH TA . 5.46 -2.99 -15.94
OBD BPH TA . 5.62 -4.00 -16.60
C2D BPH TA . 4.15 -3.54 -13.62
CMD BPH TA . 3.84 -5.02 -13.59
C1D BPH TA . 3.83 -2.61 -12.63
ND BPH TA . 4.28 -1.39 -13.04
CHD BPH TA . 3.17 -2.79 -11.42
C4C BPH TA . 2.90 -1.79 -10.48
C3C BPH TA . 2.28 -2.03 -9.12
CAC BPH TA . 1.15 -3.06 -9.11
CBC BPH TA . 0.05 -2.76 -10.11
C2C BPH TA . 1.86 -0.61 -8.70
CMC BPH TA . 2.11 -0.25 -7.25
C1C BPH TA . 2.68 0.25 -9.64
NC BPH TA . 3.20 -0.46 -10.68
CHC BPH TA . 2.84 1.62 -9.48
C4B BPH TA . 3.67 2.57 -10.19
C3B BPH TA . 3.91 3.95 -9.88
CAB BPH TA . 3.37 4.74 -8.74
CBB BPH TA . 2.73 4.05 -7.57
OBB BPH TA . 3.43 5.96 -8.74
C2B BPH TA . 4.77 4.45 -10.88
CMB BPH TA . 5.32 5.84 -11.01
C1B BPH TA . 5.04 3.40 -11.79
NB BPH TA . 4.36 2.28 -11.35
CHB BPH TA . 5.84 3.48 -12.91
C4A BPH TA . 6.05 2.52 -13.90
C3A BPH TA . 7.01 2.68 -15.06
CMA BPH TA . 8.44 2.65 -14.55
C2A BPH TA . 6.61 1.53 -15.97
C1A BPH TA . 5.84 0.64 -15.03
NA BPH TA . 5.43 1.29 -13.91
CAA BPH TA . 5.75 1.92 -17.17
CBA BPH TA . 6.53 2.77 -18.17
CGA BPH TA . 5.67 3.28 -19.28
O1A BPH TA . 4.48 3.15 -19.36
O2A BPH TA . 6.39 3.88 -20.22
C1 BPH TA . 5.68 4.59 -21.23
C2 BPH TA . 5.53 6.02 -20.84
C3 BPH TA . 6.54 6.88 -20.73
C4 BPH TA . 7.97 6.51 -21.00
C5 BPH TA . 6.31 8.30 -20.35
C6 BPH TA . 4.90 8.74 -20.56
C7 BPH TA . 4.72 10.20 -20.26
C8 BPH TA . 3.34 10.78 -20.55
C9 BPH TA . 3.01 10.77 -22.03
C10 BPH TA . 3.21 12.17 -19.93
C11 BPH TA . 3.16 12.18 -18.43
C12 BPH TA . 1.83 11.72 -17.91
C13 BPH TA . 1.75 11.50 -16.39
C14 BPH TA . 0.32 11.30 -15.93
C15 BPH TA . 2.47 12.60 -15.62
C16 BPH TA . 2.24 12.60 -14.12
C17 BPH TA . 3.39 13.20 -13.36
C18 BPH TA . 3.13 13.48 -11.88
C19 BPH TA . 4.43 13.73 -11.13
C20 BPH TA . 2.32 12.38 -11.22
C26 UQ8 UA . -4.80 -8.92 5.74
C24 UQ8 UA . -3.84 -9.44 4.70
C25 UQ8 UA . -3.28 -8.52 3.65
C23 UQ8 UA . -3.49 -10.73 4.72
C22 UQ8 UA . -2.53 -11.27 3.68
C21 UQ8 UA . -1.52 -12.17 4.37
C19 UQ8 UA . -1.13 -13.27 3.41
C20 UQ8 UA . -2.21 -14.12 2.80
C18 UQ8 UA . 0.14 -13.47 3.09
C17 UQ8 UA . 1.25 -12.64 3.68
C16 UQ8 UA . 2.01 -13.50 4.67
C14 UQ8 UA . 3.51 -13.34 4.51
C15 UQ8 UA . 4.12 -11.98 4.35
C13 UQ8 UA . 4.29 -14.43 4.53
C12 UQ8 UA . 3.65 -15.78 4.69
C11 UQ8 UA . 4.27 -16.73 3.69
C9 UQ8 UA . 5.69 -17.01 4.12
C10 UQ8 UA . 5.97 -17.59 5.47
C8 UQ8 UA . 6.69 -16.72 3.29
C7 UQ8 UA . 8.12 -16.99 3.68
C6 UQ8 UA . 8.88 -17.38 2.44
C1 UQ8 UA . 9.58 -16.35 1.63
C1M UQ8 UA . 9.53 -14.91 2.05
C2 UQ8 UA . 10.32 -16.75 0.41
O2 UQ8 UA . 10.91 -15.88 -0.27
C3 UQ8 UA . 10.36 -18.16 -0.01
O3 UQ8 UA . 11.03 -18.54 -1.15
C3M UQ8 UA . 12.45 -18.57 -1.23
C4 UQ8 UA . 9.65 -19.19 0.79
O4 UQ8 UA . 9.69 -20.49 0.40
C4M UQ8 UA . 10.81 -21.29 0.77
C5 UQ8 UA . 8.91 -18.80 2.01
O5 UQ8 UA . 8.32 -19.66 2.70
C45 UQ8 VA . 2.29 4.45 -37.42
C44 UQ8 VA . 1.71 4.29 -36.06
C46 UQ8 VA . 2.63 4.01 -34.91
C43 UQ8 VA . 0.39 4.38 -35.88
C42 UQ8 VA . -0.17 4.21 -34.48
C41 UQ8 VA . -1.51 4.90 -34.30
C39 UQ8 VA . -1.80 4.83 -32.82
C40 UQ8 VA . -2.42 6.00 -32.14
C38 UQ8 VA . -1.51 3.73 -32.13
C37 UQ8 VA . -1.80 3.68 -30.64
C36 UQ8 VA . -2.86 2.65 -30.29
C34 UQ8 VA . -3.33 2.97 -28.90
C35 UQ8 VA . -2.50 2.59 -27.71
C33 UQ8 VA . -4.51 3.60 -28.72
C32 UQ8 VA . -5.02 3.91 -27.33
C31 UQ8 VA . -6.13 4.95 -27.43
C29 UQ8 VA . -5.56 6.34 -27.51
C30 UQ8 VA . -4.92 6.95 -26.30
C28 UQ8 VA . -5.66 7.04 -28.64
C27 UQ8 VA . -5.10 8.45 -28.71
C26 UQ8 VA . -6.21 9.38 -29.14
C24 UQ8 VA . -5.66 10.75 -29.51
C25 UQ8 VA . -6.62 11.87 -29.74
C23 UQ8 VA . -4.33 10.94 -29.64
C22 UQ8 VA . -3.75 12.28 -30.01
C21 UQ8 VA . -2.23 12.22 -29.95
C19 UQ8 VA . -1.65 11.76 -31.28
C20 UQ8 VA . -1.89 12.57 -32.52
C18 UQ8 VA . -0.94 10.62 -31.36
C17 UQ8 VA . -0.37 10.19 -32.69
C16 UQ8 VA . -0.02 8.70 -32.69
C14 UQ8 VA . 1.41 8.45 -32.27
C15 UQ8 VA . 1.80 8.59 -30.83
C13 UQ8 VA . 2.33 8.08 -33.17
C12 UQ8 VA . 1.95 7.93 -34.62
C11 UQ8 VA . 2.58 9.09 -35.39
C9 UQ8 VA . 3.71 8.62 -36.26
C10 UQ8 VA . 4.93 8.01 -35.64
C8 UQ8 VA . 3.61 8.73 -37.59
C7 UQ8 VA . 4.73 8.29 -38.50
C6 UQ8 VA . 4.51 7.00 -39.25
C1 UQ8 VA . 5.69 6.12 -39.43
C1M UQ8 VA . 7.01 6.53 -38.83
C2 UQ8 VA . 5.60 4.84 -40.16
O2 UQ8 VA . 6.63 4.13 -40.28
C3 UQ8 VA . 4.30 4.43 -40.76
O3 UQ8 VA . 4.16 3.24 -41.45
C3M UQ8 VA . 5.02 2.91 -42.54
C4 UQ8 VA . 3.11 5.30 -40.59
O4 UQ8 VA . 1.93 4.91 -41.14
C4M UQ8 VA . 1.71 5.10 -42.54
C5 UQ8 VA . 3.21 6.60 -39.86
O5 UQ8 VA . 2.19 7.31 -39.74
P PGV WA . -26.41 5.32 4.74
C01 PGV WA . -27.33 2.58 7.27
C02 PGV WA . -26.35 1.83 6.37
C03 PGV WA . -25.76 2.82 5.37
C04 PGV WA . -27.95 7.44 5.04
C05 PGV WA . -29.40 7.81 5.36
C06 PGV WA . -30.23 6.54 5.50
O01 PGV WA . -26.99 0.76 5.69
O02 PGV WA . -26.40 -0.58 7.47
O03 PGV WA . -27.77 1.73 8.32
O04 PGV WA . -27.20 3.26 9.95
O05 PGV WA . -29.93 8.61 4.30
O06 PGV WA . -29.56 5.63 6.39
O11 PGV WA . -26.78 3.78 5.06
O12 PGV WA . -27.84 6.03 4.95
O13 PGV WA . -26.02 5.45 3.29
O14 PGV WA . -25.49 5.82 5.83
C1 PGV WA . -26.58 -0.51 6.27
C2 PGV WA . -26.36 -1.72 5.37
C3 PGV WA . -26.64 -3.03 6.12
C4 PGV WA . -25.48 -3.49 6.99
C5 PGV WA . -25.09 -4.94 6.70
C6 PGV WA . -24.61 -5.64 7.96
C7 PGV WA . -23.42 -6.56 7.67
C8 PGV WA . -23.76 -7.60 6.61
C19 PGV WA . -27.83 2.25 9.67
C20 PGV WA . -28.66 1.56 10.73
C21 PGV WA . -28.52 0.05 10.58
C22 PGV WA . -27.07 -0.40 10.63
P PGV XA . 13.73 28.60 -8.39
C01 PGV XA . 15.30 24.83 -8.86
C02 PGV XA . 16.34 25.89 -9.22
C03 PGV XA . 15.66 27.20 -9.58
C04 PGV XA . 14.50 30.60 -9.93
C05 PGV XA . 14.05 31.52 -11.05
C06 PGV XA . 13.95 32.94 -10.51
O01 PGV XA . 17.10 25.39 -10.32
O02 PGV XA . 18.79 26.86 -9.71
O03 PGV XA . 15.92 23.55 -8.84
O04 PGV XA . 14.07 22.51 -9.71
O05 PGV XA . 12.78 31.11 -11.56
O06 PGV XA . 13.63 33.84 -11.58
O11 PGV XA . 14.35 27.25 -9.01
O12 PGV XA . 13.51 29.61 -9.64
O13 PGV XA . 12.38 28.28 -7.82
O14 PGV XA . 14.77 29.22 -7.49
C1 PGV XA . 18.44 25.94 -10.43
C2 PGV XA . 19.39 25.36 -11.44
C3 PGV XA . 19.60 23.87 -11.16
C4 PGV XA . 20.29 23.22 -12.34
C5 PGV XA . 20.49 21.73 -12.14
C6 PGV XA . 20.98 21.11 -13.44
C7 PGV XA . 21.17 19.60 -13.32
C8 PGV XA . 21.44 19.00 -14.69
C9 PGV XA . 20.40 19.47 -15.70
C10 PGV XA . 20.64 18.85 -17.07
C19 PGV XA . 15.17 22.37 -9.22
C20 PGV XA . 15.75 20.99 -9.01
C21 PGV XA . 17.11 20.89 -9.69
C22 PGV XA . 17.89 19.68 -9.20
C23 PGV XA . 17.19 18.38 -9.59
C24 PGV XA . 17.16 18.21 -11.10
C25 PGV XA . 18.54 17.85 -11.64
C26 PGV XA . 18.96 16.45 -11.21
C1B LMT YA . -20.13 24.14 -22.93
C2B LMT YA . -20.67 25.53 -23.28
C3B LMT YA . -19.65 26.62 -23.00
C4B LMT YA . -18.98 26.44 -21.64
C5B LMT YA . -18.55 25.00 -21.42
C6B LMT YA . -18.01 24.81 -20.01
O1B LMT YA . -19.05 23.81 -23.80
O2B LMT YA . -21.01 25.55 -24.67
O3B LMT YA . -20.29 27.90 -23.03
O4' LMT YA . -17.83 27.28 -21.57
O5B LMT YA . -19.66 24.13 -21.59
O6B LMT YA . -18.73 23.73 -19.40
C1' LMT YA . -18.11 20.14 -25.62
C2' LMT YA . -19.54 20.64 -25.75
C3' LMT YA . -19.69 22.11 -25.38
C4' LMT YA . -18.99 22.41 -24.06
C5' LMT YA . -17.54 21.96 -24.16
C6' LMT YA . -16.76 22.26 -22.88
O1' LMT YA . -18.13 18.71 -25.63
O2' LMT YA . -19.97 20.47 -27.10
O3' LMT YA . -21.09 22.39 -25.28
O5' LMT YA . -17.52 20.56 -24.39
O6' LMT YA . -17.50 21.77 -21.75
C1 LMT YA . -16.84 18.18 -25.89
C2 LMT YA . -16.75 16.74 -25.40
C3 LMT YA . -15.42 16.13 -25.80
C4 LMT YA . -15.07 14.95 -24.92
C5 LMT YA . -14.07 15.34 -23.84
C6 LMT YA . -12.79 14.52 -23.94
C7 LMT YA . -13.07 13.07 -24.34
C8 LMT YA . -11.80 12.22 -24.24
C9 LMT YA . -11.41 12.02 -22.78
C10 LMT YA . -9.90 12.13 -22.57
C11 LMT YA . -9.58 12.97 -21.36
C12 LMT YA . -10.18 14.35 -21.48
MG BCL ZA . -0.47 0.64 11.17
CHA BCL ZA . -3.03 -0.11 9.11
CHB BCL ZA . -0.80 -2.28 12.73
CHC BCL ZA . 2.38 1.37 12.86
CHD BCL ZA . -0.31 3.88 9.79
NA BCL ZA . -1.67 -0.95 10.94
C1A BCL ZA . -2.54 -1.15 10.04
C2A BCL ZA . -3.09 -2.54 10.02
C3A BCL ZA . -2.74 -2.99 11.41
C4A BCL ZA . -1.66 -2.01 11.75
CMA BCL ZA . -3.92 -2.80 12.36
CAA BCL ZA . -2.46 -3.42 8.93
CBA BCL ZA . -0.93 -3.33 8.90
CGA BCL ZA . -0.29 -4.38 8.01
O1A BCL ZA . -0.55 -4.44 6.83
O2A BCL ZA . 0.65 -5.32 8.58
NB BCL ZA . 0.65 -0.29 12.59
C1B BCL ZA . 0.38 -1.50 13.12
C2B BCL ZA . 1.32 -2.01 14.15
C3B BCL ZA . 2.29 -0.89 14.18
C4B BCL ZA . 1.78 0.08 13.19
CMB BCL ZA . 1.24 -3.31 14.89
CAB BCL ZA . 3.54 -0.72 14.99
OBB BCL ZA . 4.43 -0.04 14.57
CBB BCL ZA . 3.62 -1.40 16.33
NC BCL ZA . 0.72 2.26 11.38
C1C BCL ZA . 1.81 2.34 12.17
C2C BCL ZA . 2.44 3.70 12.26
C3C BCL ZA . 1.53 4.49 11.34
C4C BCL ZA . 0.61 3.42 10.83
CMC BCL ZA . 2.37 4.27 13.66
CAC BCL ZA . 2.30 5.22 10.24
CBC BCL ZA . 3.06 4.30 9.31
ND BCL ZA . -1.38 1.78 9.75
C1D BCL ZA . -1.33 3.01 9.25
C2D BCL ZA . -2.35 3.28 8.18
C3D BCL ZA . -3.02 1.97 8.17
C4D BCL ZA . -2.42 1.20 9.08
CMD BCL ZA . -2.76 4.41 7.30
CAD BCL ZA . -4.11 1.20 7.53
OBD BCL ZA . -4.89 1.64 6.61
CBD BCL ZA . -4.14 -0.18 8.12
CGD BCL ZA . -5.43 -0.42 8.83
O1D BCL ZA . -6.33 -1.05 8.32
O2D BCL ZA . -5.60 0.11 10.17
CED BCL ZA . -6.92 0.41 10.61
C1 BCL ZA . 1.52 -6.08 7.74
C2 BCL ZA . 1.99 -7.28 8.52
C3 BCL ZA . 1.20 -8.36 8.61
C4 BCL ZA . -0.14 -8.36 7.94
C5 BCL ZA . 1.64 -9.57 9.40
C6 BCL ZA . 0.67 -9.78 10.56
C7 BCL ZA . 0.67 -8.60 11.51
C8 BCL ZA . -0.73 -8.26 12.02
C9 BCL ZA . -1.32 -7.09 11.24
C10 BCL ZA . -0.66 -8.00 13.53
C11 BCL ZA . -1.40 -6.74 13.97
C12 BCL ZA . -2.83 -7.04 14.43
C13 BCL ZA . -3.57 -5.74 14.75
C14 BCL ZA . -2.89 -5.00 15.88
C15 BCL ZA . -5.02 -6.05 15.09
C16 BCL ZA . -5.83 -6.33 13.82
C17 BCL ZA . -7.32 -6.10 14.07
C18 BCL ZA . -8.11 -5.96 12.77
C19 BCL ZA . -8.53 -7.32 12.25
C20 BCL ZA . -7.34 -5.17 11.72
C45 UQ8 AB . -18.75 -17.97 20.93
C44 UQ8 AB . -18.49 -17.59 22.35
C46 UQ8 AB . -17.60 -18.46 23.20
C43 UQ8 AB . -19.04 -16.48 22.86
C42 UQ8 AB . -18.80 -16.07 24.29
C41 UQ8 AB . -18.71 -14.55 24.39
C39 UQ8 AB . -19.75 -14.07 25.39
C40 UQ8 AB . -20.24 -15.00 26.45
C38 UQ8 AB . -20.25 -12.82 25.32
C37 UQ8 AB . -19.80 -11.84 24.27
C36 UQ8 AB . -20.86 -11.66 23.19
C34 UQ8 AB . -20.17 -11.58 21.85
C35 UQ8 AB . -18.69 -11.37 21.84
C33 UQ8 AB . -20.86 -11.70 20.71
C32 UQ8 AB . -20.21 -11.66 19.34
C31 UQ8 AB . -19.97 -10.23 18.84
C29 UQ8 AB . -19.85 -10.10 17.33
C30 UQ8 AB . -20.90 -9.31 16.61
C28 UQ8 AB . -18.85 -10.62 16.58
C27 UQ8 AB . -17.71 -11.47 17.08
C26 UQ8 AB . -16.57 -10.66 17.69
C24 UQ8 AB . -15.94 -11.57 18.72
C25 UQ8 AB . -15.37 -12.89 18.31
C23 UQ8 AB . -15.91 -11.21 20.01
C22 UQ8 AB . -15.31 -12.10 21.06
C21 UQ8 AB . -14.76 -11.24 22.19
C19 UQ8 AB . -13.26 -11.38 22.17
C20 UQ8 AB . -12.57 -12.33 23.12
C18 UQ8 AB . -12.55 -10.66 21.30
C17 UQ8 AB . -11.05 -10.77 21.22
C16 UQ8 AB . -10.73 -11.60 19.99
C14 UQ8 AB . -9.56 -10.99 19.27
C15 UQ8 AB . -8.17 -11.20 19.80
C13 UQ8 AB . -9.76 -10.28 18.14
C12 UQ8 AB . -11.16 -10.07 17.61
C11 UQ8 AB . -11.29 -8.65 17.07
C9 UQ8 AB . -12.74 -8.24 17.00
C10 UQ8 AB . -13.52 -8.00 18.27
C8 UQ8 AB . -13.33 -8.07 15.81
C7 UQ8 AB . -14.78 -7.66 15.69
C6 UQ8 AB . -14.98 -6.80 14.47
C1 UQ8 AB . -15.33 -7.42 13.17
C1M UQ8 AB . -15.49 -8.91 13.04
C2 UQ8 AB . -15.53 -6.57 11.96
O2 UQ8 AB . -15.83 -7.09 10.87
C3 UQ8 AB . -15.40 -5.09 12.06
O3 UQ8 AB . -15.59 -4.33 10.93
C3M UQ8 AB . -16.88 -4.19 10.36
C4 UQ8 AB . -15.05 -4.46 13.36
O4 UQ8 AB . -14.90 -3.11 13.48
C4M UQ8 AB . -15.93 -2.18 13.15
C5 UQ8 AB . -14.84 -5.32 14.56
O5 UQ8 AB . -14.55 -4.80 15.66
P PGV BB . 0.03 -30.14 17.44
C01 PGV BB . 2.17 -27.42 13.94
C02 PGV BB . 0.77 -27.62 14.50
C03 PGV BB . 0.63 -29.00 15.12
C04 PGV BB . -2.00 -31.12 16.05
C05 PGV BB . -2.19 -31.78 14.70
C06 PGV BB . -3.65 -32.23 14.53
O01 PGV BB . -0.15 -27.47 13.44
O02 PGV BB . -1.74 -26.61 14.88
O03 PGV BB . 3.00 -26.74 14.88
O04 PGV BB . 2.73 -24.80 16.09
O05 PGV BB . -1.32 -32.91 14.59
O06 PGV BB . -3.96 -33.21 15.51
O11 PGV BB . 0.64 -28.94 16.54
O12 PGV BB . -0.59 -31.13 16.33
O13 PGV BB . 1.18 -30.87 18.09
O14 PGV BB . -1.12 -29.62 18.27
C1 PGV BB . -1.24 -26.57 13.77
C2 PGV BB . -1.76 -25.59 12.74
C3 PGV BB . -2.54 -24.48 13.42
C4 PGV BB . -1.61 -23.53 14.16
C19 PGV BB . 2.93 -25.30 14.99
C20 PGV BB . 3.08 -24.41 13.78
C21 PGV BB . 2.77 -22.98 14.19
C22 PGV BB . 2.61 -22.05 12.98
C23 PGV BB . 1.42 -22.48 12.14
C24 PGV BB . 0.63 -21.28 11.63
C25 PGV BB . 1.34 -20.61 10.46
C26 PGV BB . 0.31 -19.87 9.61
C27 PGV BB . -0.79 -20.84 9.16
C28 PGV BB . -0.54 -21.34 7.74
C29 PGV BB . -0.84 -20.23 6.74
C30 PGV BB . -0.89 -20.75 5.31
C31 PGV BB . -1.11 -19.60 4.34
C32 PGV BB . -0.11 -18.48 4.60
C33 PGV BB . -0.44 -17.23 3.77
C34 PGV BB . -0.34 -17.52 2.29
C1 CDL CB . -2.18 -17.69 -26.17
O1 CDL CB . -0.93 -17.02 -26.02
CA2 CDL CB . -2.76 -18.00 -24.80
OA2 CDL CB . -2.41 -16.98 -23.86
PA1 CDL CB . -2.70 -17.19 -22.29
OA3 CDL CB . -4.04 -17.84 -22.14
OA4 CDL CB . -1.47 -17.85 -21.71
OA5 CDL CB . -2.77 -15.69 -21.71
CA3 CDL CB . -4.02 -15.01 -21.55
CA4 CDL CB . -4.43 -15.01 -20.09
OA6 CDL CB . -5.80 -14.59 -19.97
CA5 CDL CB . -6.10 -13.39 -19.21
OA7 CDL CB . -5.73 -12.28 -19.58
C11 CDL CB . -6.92 -13.51 -17.94
CA6 CDL CB . -3.44 -14.21 -19.25
OA8 CDL CB . -3.67 -14.57 -17.88
CA7 CDL CB . -2.87 -14.02 -16.80
OA9 CDL CB . -1.83 -13.43 -17.06
C31 CDL CB . -3.34 -14.21 -15.38
C32 CDL CB . -2.41 -13.53 -14.39
C33 CDL CB . -3.00 -13.62 -12.99
C34 CDL CB . -2.12 -12.90 -11.96
C35 CDL CB . -2.89 -12.63 -10.68
C36 CDL CB . -2.78 -13.79 -9.70
C37 CDL CB . -1.99 -13.39 -8.45
C38 CDL CB . -1.99 -14.53 -7.43
C39 CDL CB . -3.37 -14.73 -6.83
C40 CDL CB . -3.40 -15.90 -5.87
C41 CDL CB . -2.17 -15.90 -4.98
C42 CDL CB . -2.22 -16.97 -3.90
C43 CDL CB . -1.02 -16.86 -2.98
CB2 CDL CB . -3.15 -16.83 -26.97
OB2 CDL CB . -2.57 -16.45 -28.23
PB2 CDL CB . -3.46 -15.71 -29.35
OB3 CDL CB . -4.68 -16.55 -29.63
OB4 CDL CB . -2.58 -15.28 -30.50
OB5 CDL CB . -3.91 -14.39 -28.56
CB3 CDL CB . -4.01 -13.13 -29.17
CB4 CDL CB . -3.93 -12.12 -28.02
OB6 CDL CB . -3.94 -10.78 -28.50
CB5 CDL CB . -4.82 -9.96 -27.69
OB7 CDL CB . -5.58 -10.50 -26.90
C51 CDL CB . -4.80 -8.45 -27.81
C52 CDL CB . -4.33 -7.85 -26.48
C53 CDL CB . -5.50 -7.30 -25.67
C54 CDL CB . -6.13 -6.11 -26.39
C55 CDL CB . -7.29 -5.52 -25.60
C56 CDL CB . -6.80 -4.65 -24.44
C57 CDL CB . -7.15 -3.18 -24.68
C58 CDL CB . -6.35 -2.59 -25.83
C59 CDL CB . -6.61 -1.10 -25.99
C60 CDL CB . -5.88 -0.55 -27.21
C61 CDL CB . -6.32 -1.30 -28.46
C62 CDL CB . -5.33 -1.14 -29.61
C63 CDL CB . -5.46 -2.29 -30.59
C64 CDL CB . -4.74 -3.55 -30.08
C65 CDL CB . -5.73 -4.62 -29.66
C66 CDL CB . -5.51 -5.90 -30.46
C67 CDL CB . -5.80 -5.70 -31.92
CB6 CDL CB . -2.66 -12.40 -27.23
OB8 CDL CB . -2.80 -11.84 -25.93
CB7 CDL CB . -2.49 -12.64 -24.76
OB9 CDL CB . -2.00 -13.74 -24.91
C71 CDL CB . -2.79 -12.08 -23.39
C72 CDL CB . -2.29 -10.65 -23.35
C73 CDL CB . -3.10 -9.83 -22.37
C74 CDL CB . -2.42 -9.78 -21.01
C75 CDL CB . -3.18 -8.82 -20.11
C76 CDL CB . -3.43 -7.48 -20.80
C77 CDL CB . -2.16 -6.66 -20.88
C78 CDL CB . -2.49 -5.18 -20.99
C79 CDL CB . -3.01 -4.83 -22.38
C80 CDL CB . -3.43 -3.37 -22.41
C81 CDL CB . -4.66 -3.13 -21.55
C82 CDL CB . -4.37 -2.13 -20.44
C83 CDL CB . -5.38 -0.97 -20.48
C84 CDL CB . -6.62 -1.27 -19.65
C85 CDL CB . -6.28 -1.61 -18.21
C86 CDL CB . -7.54 -1.60 -17.36
C87 CDL CB . -7.45 -2.60 -16.22
FE FE DB . 12.38 -14.54 -6.34
MG BCL EB . 2.52 9.89 -7.36
CHA BCL EB . 5.07 10.35 -5.14
CHB BCL EB . 4.72 9.63 -9.85
CHC BCL EB . -0.06 9.01 -9.39
CHD BCL EB . 0.22 9.98 -4.70
NA BCL EB . 4.51 10.05 -7.51
C1A BCL EB . 5.37 10.18 -6.58
C2A BCL EB . 6.81 10.12 -7.03
C3A BCL EB . 6.64 10.32 -8.51
C4A BCL EB . 5.19 10.00 -8.67
CMA BCL EB . 6.91 11.75 -8.93
CAA BCL EB . 7.47 8.77 -6.70
CBA BCL EB . 6.62 7.57 -7.11
CGA BCL EB . 7.38 6.28 -7.15
O1A BCL EB . 8.59 6.25 -6.94
O2A BCL EB . 6.68 5.04 -7.44
NB BCL EB . 2.34 9.37 -9.32
C1B BCL EB . 3.33 9.31 -10.22
C2B BCL EB . 2.96 8.93 -11.61
C3B BCL EB . 1.51 8.75 -11.45
C4B BCL EB . 1.25 9.05 -10.02
CMB BCL EB . 3.90 8.79 -12.77
CAB BCL EB . 0.47 8.32 -12.46
OBB BCL EB . -0.61 7.91 -12.06
CBB BCL EB . 0.77 8.41 -13.92
NC BCL EB . 0.56 9.57 -7.14
C1C BCL EB . -0.32 9.30 -8.12
C2C BCL EB . -1.74 9.23 -7.67
C3C BCL EB . -1.55 9.06 -6.20
C4C BCL EB . -0.14 9.55 -6.05
CMC BCL EB . -2.47 10.54 -7.97
CAC BCL EB . -1.72 7.62 -5.73
CBC BCL EB . -0.62 6.68 -6.17
ND BCL EB . 2.50 10.07 -5.33
C1D BCL EB . 1.60 10.15 -4.34
C2D BCL EB . 2.21 10.37 -2.99
C3D BCL EB . 3.63 10.44 -3.37
C4D BCL EB . 3.69 10.29 -4.69
CMD BCL EB . 1.71 10.50 -1.59
CAD BCL EB . 5.00 10.64 -2.84
OBD BCL EB . 5.32 10.81 -1.61
CBD BCL EB . 5.97 10.57 -3.98
CGD BCL EB . 6.73 11.84 -4.13
O1D BCL EB . 7.92 11.86 -3.88
O2D BCL EB . 6.09 13.06 -4.57
CED BCL EB . 6.77 14.30 -4.44
C1 BCL EB . 7.36 3.79 -7.54
C2 BCL EB . 7.97 3.68 -8.92
C3 BCL EB . 9.29 3.62 -9.08
C4 BCL EB . 10.20 3.62 -7.90
C5 BCL EB . 9.87 3.52 -10.47
C6 BCL EB . 10.48 4.87 -10.85
C7 BCL EB . 9.44 5.98 -10.80
C8 BCL EB . 10.01 7.30 -11.31
C9 BCL EB . 10.63 8.07 -10.14
C10 BCL EB . 8.87 8.07 -11.96
C11 BCL EB . 9.10 9.56 -11.96
C12 BCL EB . 7.83 10.26 -12.42
C13 BCL EB . 8.13 11.42 -13.36
C14 BCL EB . 8.45 12.69 -12.58
C15 BCL EB . 6.93 11.61 -14.28
C16 BCL EB . 7.18 12.76 -15.23
C17 BCL EB . 8.23 12.37 -16.26
C18 BCL EB . 8.28 13.37 -17.40
C19 BCL EB . 6.89 13.56 -18.01
C20 BCL EB . 9.32 12.97 -18.43
MG BCL FB . 2.25 8.58 5.15
CHA BCL FB . 4.62 7.29 7.17
CHB BCL FB . 2.76 6.14 2.94
CHC BCL FB . -0.08 10.03 3.18
CHD BCL FB . 1.01 10.51 7.83
NA BCL FB . 3.61 7.11 4.96
C1A BCL FB . 4.53 6.79 5.79
C2A BCL FB . 5.37 5.61 5.34
C3A BCL FB . 4.70 5.22 4.05
C4A BCL FB . 3.61 6.23 3.95
CMA BCL FB . 5.66 5.25 2.88
CAA BCL FB . 5.20 4.38 6.23
CBA BCL FB . 6.27 3.32 5.98
CGA BCL FB . 5.81 1.96 6.46
O1A BCL FB . 6.07 0.96 5.83
O2A BCL FB . 5.04 1.82 7.68
NB BCL FB . 1.42 8.13 3.32
C1B BCL FB . 1.77 7.12 2.52
C2B BCL FB . 1.04 7.01 1.24
C3B BCL FB . 0.18 8.21 1.32
C4B BCL FB . 0.52 8.82 2.62
CMB BCL FB . 1.24 5.94 0.19
CAB BCL FB . -0.83 8.75 0.34
OBB BCL FB . -1.45 9.76 0.60
CBB BCL FB . -1.08 8.04 -0.96
NC BCL FB . 0.86 10.01 5.38
C1C BCL FB . 0.12 10.53 4.39
C2C BCL FB . -0.58 11.80 4.79
C3C BCL FB . -0.55 11.68 6.27
C4C BCL FB . 0.51 10.64 6.46
CMC BCL FB . 0.26 12.99 4.35
CAC BCL FB . -1.84 11.21 6.90
CBC BCL FB . -2.86 12.33 7.03
ND BCL FB . 2.60 8.90 7.13
C1D BCL FB . 2.15 9.68 8.12
C2D BCL FB . 2.91 9.51 9.40
C3D BCL FB . 3.90 8.54 8.95
C4D BCL FB . 3.67 8.26 7.67
CMD BCL FB . 2.88 10.04 10.81
CAD BCL FB . 5.05 7.72 9.41
OBD BCL FB . 5.56 7.73 10.58
CBD BCL FB . 5.58 6.97 8.25
CGD BCL FB . 6.76 7.77 7.76
O1D BCL FB . 7.34 7.52 6.73
O2D BCL FB . 7.18 8.96 8.46
CED BCL FB . 8.09 9.87 7.83
C1 BCL FB . 4.60 0.52 8.07
C2 BCL FB . 5.73 -0.22 8.75
C3 BCL FB . 5.87 -0.19 10.08
C4 BCL FB . 4.90 0.56 10.92
C5 BCL FB . 7.01 -0.94 10.74
C6 BCL FB . 6.48 -2.00 11.68
C7 BCL FB . 7.63 -2.85 12.22
C8 BCL FB . 7.37 -3.37 13.64
C9 BCL FB . 8.63 -4.06 14.16
C10 BCL FB . 6.18 -4.32 13.63
C11 BCL FB . 6.01 -5.03 14.97
C12 BCL FB . 4.62 -5.65 15.07
C13 BCL FB . 4.27 -6.08 16.50
C14 BCL FB . 5.12 -7.27 16.93
C15 BCL FB . 2.78 -6.42 16.55
C16 BCL FB . 2.20 -6.12 17.92
C17 BCL FB . 0.70 -5.91 17.82
C18 BCL FB . 0.07 -5.79 19.20
C19 BCL FB . -1.44 -6.02 19.13
C20 BCL FB . 0.39 -4.44 19.82
O1D BPH GB . 9.38 -12.59 11.90
CGD BPH GB . 9.33 -11.69 11.12
O2D BPH GB . 8.72 -11.77 9.93
CED BPH GB . 8.06 -13.02 9.64
CBD BPH GB . 9.93 -10.35 11.33
CHA BPH GB . 8.93 -9.23 11.07
C4D BPH GB . 9.46 -8.42 10.02
C3D BPH GB . 10.69 -8.91 9.53
CAD BPH GB . 11.05 -10.10 10.30
OBD BPH GB . 12.03 -10.81 10.18
C2D BPH GB . 11.09 -8.04 8.51
CMD BPH GB . 12.34 -8.15 7.68
C1D BPH GB . 10.11 -7.05 8.39
ND BPH GB . 9.14 -7.31 9.32
CHD BPH GB . 10.03 -5.96 7.52
C4C BPH GB . 8.96 -5.07 7.39
C3C BPH GB . 8.84 -3.99 6.33
CAC BPH GB . 10.10 -3.16 6.07
CBC BPH GB . 11.10 -3.85 5.18
C2C BPH GB . 7.67 -3.15 6.83
CMC BPH GB . 6.65 -2.73 5.78
C1C BPH GB . 7.08 -4.02 7.93
NC BPH GB . 7.86 -5.10 8.22
CHC BPH GB . 5.88 -3.73 8.59
C4B BPH GB . 5.13 -4.50 9.55
C3B BPH GB . 3.86 -4.18 10.13
CAB BPH GB . 3.00 -3.02 9.85
CBB BPH GB . 2.92 -2.48 8.46
OBB BPH GB . 2.39 -2.47 10.74
C2B BPH GB . 3.52 -5.22 11.01
CMB BPH GB . 2.28 -5.33 11.84
C1B BPH GB . 4.58 -6.14 11.00
NB BPH GB . 5.54 -5.69 10.12
CHB BPH GB . 4.64 -7.31 11.75
C4A BPH GB . 5.70 -8.20 11.87
C3A BPH GB . 5.64 -9.49 12.66
CMA BPH GB . 4.72 -10.48 11.95
C2A BPH GB . 7.11 -9.88 12.76
C1A BPH GB . 7.72 -9.04 11.67
NA BPH GB . 6.92 -8.02 11.28
CAA BPH GB . 7.76 -9.58 14.11
CBA BPH GB . 7.14 -10.47 15.18
CGA BPH GB . 7.46 -10.05 16.58
O1A BPH GB . 8.23 -9.19 16.89
O2A BPH GB . 6.76 -10.78 17.44
C1 BPH GB . 6.75 -10.34 18.81
C2 BPH GB . 5.70 -11.14 19.53
C3 BPH GB . 4.60 -10.61 20.04
C4 BPH GB . 4.42 -9.13 20.22
C5 BPH GB . 3.42 -11.45 20.43
C6 BPH GB . 3.78 -12.58 21.33
C7 BPH GB . 2.69 -13.02 22.30
C8 BPH GB . 1.60 -13.96 21.77
C9 BPH GB . 0.51 -13.22 20.99
C10 BPH GB . 1.00 -14.80 22.90
C11 BPH GB . -0.21 -15.64 22.58
C12 BPH GB . -0.06 -16.66 21.49
C13 BPH GB . 1.12 -17.63 21.64
C14 BPH GB . 2.24 -17.29 20.67
C15 BPH GB . 0.66 -19.09 21.50
C16 BPH GB . 1.76 -20.12 21.55
C17 BPH GB . 2.53 -20.16 22.85
C18 BPH GB . 3.58 -21.27 22.95
C19 BPH GB . 2.96 -22.64 22.81
C20 BPH GB . 4.37 -21.16 24.25
C1 MQ8 HB . 13.03 -9.95 -12.43
O1 MQ8 HB . 12.22 -10.56 -11.71
C2 MQ8 HB . 12.82 -8.50 -12.72
C2M MQ8 HB . 11.63 -7.82 -12.13
C3 MQ8 HB . 13.80 -7.77 -13.59
C4 MQ8 HB . 14.96 -8.51 -14.17
O4 MQ8 HB . 15.78 -7.91 -14.90
C5 MQ8 HB . 15.16 -9.94 -13.87
C6 MQ8 HB . 16.24 -10.64 -14.41
C7 MQ8 HB . 16.40 -11.99 -14.12
C8 MQ8 HB . 15.50 -12.67 -13.30
C9 MQ8 HB . 14.40 -12.02 -12.75
C10 MQ8 HB . 14.20 -10.67 -13.01
C11 MQ8 HB . 13.64 -6.31 -13.90
C12 MQ8 HB . 13.92 -5.47 -12.67
C13 MQ8 HB . 14.95 -4.63 -12.52
C14 MQ8 HB . 15.97 -4.45 -13.60
C15 MQ8 HB . 15.10 -3.87 -11.23
C16 MQ8 HB . 15.05 -2.37 -11.50
C17 MQ8 HB . 13.67 -2.00 -11.97
C18 MQ8 HB . 13.02 -0.95 -11.43
C19 MQ8 HB . 13.67 -0.14 -10.35
C20 MQ8 HB . 11.64 -0.60 -11.91
C21 MQ8 HB . 11.69 0.24 -13.17
C22 MQ8 HB . 11.99 1.68 -12.84
C23 MQ8 HB . 12.55 2.51 -13.73
C24 MQ8 HB . 12.82 3.93 -13.35
C25 MQ8 HB . 12.88 2.04 -15.12
C26 MQ8 HB . 12.29 3.04 -16.11
C27 MQ8 HB . 12.79 2.73 -17.50
C28 MQ8 HB . 12.01 2.87 -18.58
C29 MQ8 HB . 10.58 3.32 -18.44
C30 MQ8 HB . 12.59 2.55 -19.93
C31 MQ8 HB . 13.06 3.79 -20.67
C32 MQ8 HB . 11.92 4.26 -21.54
C33 MQ8 HB . 12.09 5.24 -22.43
C34 MQ8 HB . 13.42 5.91 -22.59
C35 MQ8 HB . 10.91 5.65 -23.25
C36 MQ8 HB . 11.27 5.56 -24.72
C37 MQ8 HB . 11.68 4.14 -25.08
C38 MQ8 HB . 10.82 3.32 -25.68
C39 MQ8 HB . 9.43 3.77 -25.99
C40 MQ8 HB . 11.23 1.91 -26.04
C41 MQ8 HB . 11.11 1.83 -27.55
C42 MQ8 HB . 12.18 2.68 -28.18
C43 MQ8 HB . 11.95 3.31 -29.34
C44 MQ8 HB . 13.05 4.16 -29.95
C45 MQ8 HB . 10.61 3.15 -29.98
C46 MQ8 HB . 12.54 5.23 -30.91
C47 MQ8 HB . 12.36 4.66 -32.31
C48 MQ8 HB . 13.30 4.78 -33.25
C49 MQ8 HB . 14.59 5.47 -32.94
C50 MQ8 HB . 13.07 4.19 -34.61
C1M CRT IB . -5.17 -12.99 23.91
O1 CRT IB . -5.22 -11.63 24.35
C1 CRT IB . -6.24 -11.18 25.24
C2 CRT IB . -7.60 -11.61 24.71
C3 CRT IB . -6.00 -11.76 26.63
C4 CRT IB . -6.15 -9.66 25.28
C5 CRT IB . -6.12 -9.15 23.86
C6 CRT IB . -6.47 -7.90 23.63
C7 CRT IB . -6.48 -7.31 22.28
C8 CRT IB . -7.39 -7.83 21.22
C9 CRT IB . -5.67 -6.27 22.05
C10 CRT IB . -5.60 -5.61 20.75
C11 CRT IB . -4.72 -4.62 20.60
C12 CRT IB . -4.56 -3.87 19.34
C13 CRT IB . -5.53 -4.06 18.22
C14 CRT IB . -3.52 -3.04 19.26
C15 CRT IB . -3.17 -2.24 18.09
C16 CRT IB . -2.00 -1.61 18.17
C17 CRT IB . -1.42 -0.78 17.11
C18 CRT IB . -2.07 -0.67 15.75
C19 CRT IB . -0.28 -0.14 17.37
C20 CRT IB . 0.38 0.68 16.37
C21 CRT IB . 1.47 1.40 16.66
C22 CRT IB . 2.04 1.49 17.99
C23 CRT IB . 3.32 1.87 18.16
C24 CRT IB . 4.18 2.20 16.98
C25 CRT IB . 3.90 2.00 19.52
C26 CRT IB . 5.21 2.05 19.72
C27 CRT IB . 5.65 2.23 21.10
C28 CRT IB . 6.92 2.16 21.53
C29 CRT IB . 8.06 1.86 20.63
C30 CRT IB . 7.14 2.41 22.96
C31 CRT IB . 8.22 2.02 23.64
C32 CRT IB . 8.22 2.42 25.04
C33 CRT IB . 9.23 2.18 25.89
C34 CRT IB . 10.47 1.45 25.50
C35 CRT IB . 9.06 2.70 27.25
C36 CRT IB . 10.11 3.21 27.86
C37 CRT IB . 9.98 3.78 29.25
C38 CRT IB . 10.63 2.87 30.26
C39 CRT IB . 11.65 3.48 31.22
C40 CRT IB . 10.09 1.45 30.51
O2 CRT IB . 9.56 3.34 31.10
C2M CRT IB . 9.41 3.08 32.51
C1 CDL JB . -6.54 -24.65 -12.06
O1 CDL JB . -6.29 -25.89 -11.41
CA2 CDL JB . -5.30 -23.76 -11.97
OA2 CDL JB . -5.55 -22.66 -12.83
PA1 CDL JB . -4.52 -21.46 -13.03
OA3 CDL JB . -3.68 -21.31 -11.78
OA4 CDL JB . -3.86 -21.59 -14.37
OA5 CDL JB . -5.58 -20.25 -13.12
CA3 CDL JB . -5.20 -18.90 -12.96
CA4 CDL JB . -6.18 -18.01 -13.74
OA6 CDL JB . -5.87 -16.63 -13.54
CA5 CDL JB . -6.41 -16.00 -12.34
OA7 CDL JB . -6.36 -16.57 -11.25
C11 CDL JB . -7.01 -14.63 -12.44
C12 CDL JB . -8.06 -14.61 -13.54
CA6 CDL JB . -7.61 -18.35 -13.36
OA8 CDL JB . -8.02 -19.54 -14.05
CA7 CDL JB . -9.14 -20.31 -13.56
OA9 CDL JB . -9.55 -20.12 -12.43
C31 CDL JB . -9.77 -21.36 -14.45
C32 CDL JB . -10.99 -21.96 -13.78
CB2 CDL JB . -7.71 -23.95 -11.39
OB2 CDL JB . -7.65 -24.18 -9.98
PB2 CDL JB . -8.92 -24.85 -9.24
OB3 CDL JB . -10.15 -24.62 -10.10
OB4 CDL JB . -8.54 -26.24 -8.84
OB5 CDL JB . -9.11 -23.97 -7.91
CB3 CDL JB . -10.40 -23.90 -7.32
CB4 CDL JB . -10.44 -22.92 -6.15
OB6 CDL JB . -11.72 -22.30 -6.10
CB5 CDL JB . -12.18 -22.16 -4.73
OB7 CDL JB . -11.68 -22.88 -3.88
C51 CDL JB . -13.24 -21.15 -4.38
C52 CDL JB . -13.70 -21.35 -2.93
C53 CDL JB . -12.73 -20.71 -1.94
C54 CDL JB . -13.19 -20.96 -0.50
C55 CDL JB . -13.12 -22.44 -0.14
CB6 CDL JB . -9.38 -21.85 -6.33
OB8 CDL JB . -8.10 -22.37 -5.97
P PGV KB . 24.31 -15.43 19.50
C01 PGV KB . 23.05 -10.93 20.57
C02 PGV KB . 22.95 -11.74 19.29
C03 PGV KB . 22.86 -13.23 19.58
O01 PGV KB . 24.12 -11.50 18.51
O02 PGV KB . 22.63 -10.89 16.88
O03 PGV KB . 22.01 -11.30 21.47
O04 PGV KB . 21.93 -9.27 22.57
O11 PGV KB . 24.10 -13.85 19.29
O12 PGV KB . 25.73 -15.71 18.79
O13 PGV KB . 23.24 -16.16 18.72
O14 PGV KB . 24.46 -15.69 20.99
C1 PGV KB . 23.78 -10.86 17.26
C2 PGV KB . 24.84 -10.15 16.46
C3 PGV KB . 24.49 -8.67 16.34
C4 PGV KB . 24.10 -8.09 17.69
C5 PGV KB . 23.78 -6.61 17.59
C19 PGV KB . 21.73 -10.46 22.63
C20 PGV KB . 21.22 -11.08 23.91
C21 PGV KB . 19.72 -11.32 23.82
C22 PGV KB . 19.01 -10.75 25.03
C23 PGV KB . 19.36 -9.27 25.20
C24 PGV KB . 18.15 -8.37 24.94
C25 PGV KB . 17.88 -8.20 23.46
C26 PGV KB . 19.07 -7.56 22.76
C27 PGV KB . 18.79 -7.36 21.27
C28 PGV KB . 19.85 -6.49 20.62
C1 CDL LB . 27.89 -12.35 2.75
O1 CDL LB . 28.10 -13.74 2.53
CA2 CDL LB . 27.89 -12.04 4.24
OA2 CDL LB . 28.06 -10.64 4.46
PA1 CDL LB . 28.53 -10.09 5.89
OA3 CDL LB . 27.97 -11.00 6.95
OA4 CDL LB . 30.01 -9.82 5.84
OA5 CDL LB . 27.79 -8.66 6.00
CA3 CDL LB . 28.35 -7.62 6.79
CA4 CDL LB . 27.32 -7.06 7.75
OA6 CDL LB . 26.98 -5.72 7.41
CA5 CDL LB . 25.86 -5.24 8.22
OA7 CDL LB . 25.07 -6.03 8.67
C11 CDL LB . 25.69 -3.76 8.50
C12 CDL LB . 25.20 -3.59 9.93
C13 CDL LB . 23.80 -3.00 10.00
C14 CDL LB . 22.75 -3.97 9.46
C15 CDL LB . 21.34 -3.49 9.75
C16 CDL LB . 21.05 -2.16 9.04
C17 CDL LB . 19.62 -1.70 9.29
C18 CDL LB . 19.37 -1.44 10.77
C19 CDL LB . 18.72 -0.08 11.00
C20 CDL LB . 19.54 1.01 10.32
C21 CDL LB . 19.06 2.41 10.72
C22 CDL LB . 19.79 3.47 9.91
C23 CDL LB . 19.43 4.88 10.39
C24 CDL LB . 19.94 5.93 9.43
CA6 CDL LB . 27.92 -7.12 9.15
OA8 CDL LB . 28.13 -8.49 9.49
CA7 CDL LB . 28.40 -8.90 10.86
OA9 CDL LB . 29.08 -8.18 11.58
C31 CDL LB . 27.84 -10.19 11.37
C32 CDL LB . 26.42 -10.39 10.85
C33 CDL LB . 25.54 -9.18 11.18
C34 CDL LB . 25.53 -8.90 12.68
C35 CDL LB . 24.92 -7.52 12.95
C36 CDL LB . 23.52 -7.41 12.36
C37 CDL LB . 23.04 -5.96 12.38
C38 CDL LB . 23.08 -5.41 13.81
C39 CDL LB . 21.74 -4.81 14.21
C40 CDL LB . 21.76 -4.43 15.68
C41 CDL LB . 20.42 -3.94 16.18
C42 CDL LB . 19.29 -4.94 15.93
C43 CDL LB . 18.02 -4.56 16.67
C44 CDL LB . 17.26 -3.45 15.96
C45 CDL LB . 17.56 -2.08 16.57
C46 CDL LB . 17.58 -1.01 15.48
C47 CDL LB . 18.14 0.29 16.01
CB2 CDL LB . 26.55 -11.94 2.13
OB2 CDL LB . 26.40 -10.54 2.21
PB2 CDL LB . 26.21 -9.64 0.89
OB3 CDL LB . 24.95 -10.04 0.19
OB4 CDL LB . 27.51 -9.62 0.13
OB5 CDL LB . 26.02 -8.18 1.53
CB3 CDL LB . 26.97 -7.17 1.22
CB4 CDL LB . 26.35 -5.80 1.46
OB6 CDL LB . 25.12 -5.98 2.17
CB5 CDL LB . 25.02 -5.11 3.32
OB7 CDL LB . 26.04 -4.64 3.80
C51 CDL LB . 23.68 -4.78 3.92
C52 CDL LB . 23.89 -4.09 5.27
C53 CDL LB . 22.69 -3.22 5.64
C54 CDL LB . 22.91 -1.77 5.21
C55 CDL LB . 24.37 -1.34 5.32
C56 CDL LB . 24.59 0.06 4.74
C57 CDL LB . 23.83 1.10 5.55
C58 CDL LB . 22.85 1.86 4.67
C59 CDL LB . 22.03 2.85 5.50
C60 CDL LB . 21.04 3.59 4.59
C61 CDL LB . 20.67 4.96 5.13
C62 CDL LB . 21.56 6.06 4.56
C63 CDL LB . 20.87 7.41 4.69
C64 CDL LB . 21.88 8.55 4.70
C65 CDL LB . 21.20 9.89 4.99
C66 CDL LB . 20.48 9.87 6.33
C67 CDL LB . 21.44 9.66 7.49
CB6 CDL LB . 26.07 -5.14 0.13
OB8 CDL LB . 26.52 -3.79 0.21
CB7 CDL LB . 25.67 -2.73 -0.29
OB9 CDL LB . 24.62 -3.02 -0.82
C71 CDL LB . 26.09 -1.28 -0.15
C72 CDL LB . 25.34 -0.48 -1.20
C73 CDL LB . 25.28 1.00 -0.86
C74 CDL LB . 26.66 1.62 -0.82
C75 CDL LB . 26.54 3.12 -0.70
C76 CDL LB . 27.89 3.80 -0.62
C77 CDL LB . 27.71 5.31 -0.58
C78 CDL LB . 29.02 6.01 -0.26
C79 CDL LB . 28.98 7.46 -0.72
C80 CDL LB . 27.76 8.20 -0.16
C81 CDL LB . 27.79 8.26 1.37
C82 CDL LB . 26.47 8.79 1.90
C83 CDL LB . 26.47 8.86 3.43
C84 CDL LB . 27.50 9.86 3.92
C85 CDL LB . 27.22 11.26 3.40
C1B LMT MB . 14.42 19.95 23.02
C2B LMT MB . 13.13 20.04 23.82
C3B LMT MB . 13.01 21.44 24.44
C4B LMT MB . 12.97 22.51 23.34
C5B LMT MB . 13.88 22.12 22.18
C6B LMT MB . 14.49 23.35 21.52
O1B LMT MB . 14.26 19.16 21.86
O2B LMT MB . 11.98 19.79 22.99
O3B LMT MB . 14.14 21.66 25.27
O4' LMT MB . 11.62 22.69 22.88
O5B LMT MB . 14.91 21.26 22.66
O6B LMT MB . 15.35 24.02 22.46
C1' LMT MB . 16.68 17.01 19.38
C2' LMT MB . 17.24 17.12 20.79
C3' LMT MB . 16.19 17.69 21.74
C4' LMT MB . 15.49 18.93 21.17
C5' LMT MB . 15.17 18.79 19.68
C6' LMT MB . 14.73 20.13 19.11
O1' LMT MB . 17.67 16.48 18.50
O2' LMT MB . 17.65 15.82 21.23
O3' LMT MB . 16.83 18.02 22.97
O5' LMT MB . 16.30 18.31 18.96
O6' LMT MB . 13.33 20.32 19.29
C1 LMT MB . 17.16 16.27 17.20
C2 LMT MB . 18.09 15.39 16.39
C3 LMT MB . 17.58 15.23 14.96
C4 LMT MB . 18.57 14.48 14.09
C5 LMT MB . 17.85 13.51 13.15
C6 LMT MB . 18.83 12.58 12.47
C7 LMT MB . 18.11 11.39 11.84
C8 LMT MB . 19.08 10.43 11.15
C9 LMT MB . 20.02 9.79 12.16
C10 LMT MB . 19.23 9.04 13.22
C11 LMT MB . 20.08 8.74 14.45
C12 LMT MB . 19.21 8.38 15.62
C1B LMT NB . -14.03 -28.31 -4.51
C2B LMT NB . -13.14 -29.51 -4.14
C3B LMT NB . -11.67 -29.24 -4.44
C4B LMT NB . -11.50 -28.71 -5.86
C5B LMT NB . -12.42 -27.52 -6.09
C6B LMT NB . -12.28 -27.01 -7.52
O1B LMT NB . -13.81 -27.22 -3.61
O2B LMT NB . -13.30 -29.80 -2.75
O3B LMT NB . -10.93 -30.46 -4.30
O4' LMT NB . -10.14 -28.33 -6.08
O5B LMT NB . -13.77 -27.91 -5.85
O6B LMT NB . -12.62 -28.05 -8.45
C1' LMT NB . -16.52 -25.43 -0.90
C2' LMT NB . -16.09 -26.87 -0.63
C3' LMT NB . -14.87 -27.30 -1.43
C4' LMT NB . -14.99 -26.87 -2.89
C5' LMT NB . -15.22 -25.37 -2.89
C6' LMT NB . -15.21 -24.79 -4.30
O1' LMT NB . -17.84 -25.29 -0.40
O2' LMT NB . -15.80 -27.02 0.78
O3' LMT NB . -14.75 -28.73 -1.36
O5' LMT NB . -16.50 -25.14 -2.29
O6' LMT NB . -13.92 -24.99 -4.87
C1 LMT NB . -18.65 -24.44 -1.22
P PGV OB . 17.75 22.33 -1.53
C01 PGV OB . 17.41 18.61 -2.79
C02 PGV OB . 16.17 19.15 -2.09
C03 PGV OB . 16.57 20.03 -0.89
C04 PGV OB . 16.37 23.33 -3.59
C05 PGV OB . 15.47 22.62 -4.58
C06 PGV OB . 16.29 21.62 -5.38
O01 PGV OB . 15.30 18.07 -1.74
O02 PGV OB . 13.56 19.52 -1.52
O03 PGV OB . 17.02 17.67 -3.78
O04 PGV OB . 18.33 18.71 -5.37
O05 PGV OB . 14.84 23.55 -5.49
O06 PGV OB . 15.84 20.30 -5.04
O11 PGV OB . 17.74 20.74 -1.29
O12 PGV OB . 17.29 22.36 -3.07
O13 PGV OB . 19.17 22.81 -1.43
O14 PGV OB . 16.67 22.97 -0.70
C1 PGV OB . 13.91 18.43 -1.93
C2 PGV OB . 12.93 17.54 -2.66
C3 PGV OB . 13.00 16.07 -2.24
C4 PGV OB . 12.10 15.25 -3.15
C5 PGV OB . 12.27 13.75 -3.02
C6 PGV OB . 12.04 13.12 -4.39
C7 PGV OB . 11.64 11.66 -4.34
C8 PGV OB . 11.53 11.10 -5.74
C9 PGV OB . 10.62 11.94 -6.62
C10 PGV OB . 10.98 11.83 -8.10
C19 PGV OB . 17.61 17.77 -5.11
C20 PGV OB . 17.32 16.72 -6.16
C21 PGV OB . 18.20 15.51 -5.91
C22 PGV OB . 18.01 14.46 -7.01
C23 PGV OB . 16.56 13.99 -7.05
C24 PGV OB . 16.39 12.96 -8.17
C25 PGV OB . 14.93 12.90 -8.59
C26 PGV OB . 14.82 12.53 -10.08
C27 PGV OB . 15.48 13.59 -10.95
C1 CDL PB . 26.21 -0.13 -22.92
O1 CDL PB . 26.05 1.26 -22.58
CA2 CDL PB . 25.57 -0.34 -24.27
OA2 CDL PB . 26.33 0.47 -25.17
PA1 CDL PB . 25.57 1.27 -26.32
OA3 CDL PB . 26.53 1.49 -27.45
OA4 CDL PB . 24.22 0.63 -26.57
OA5 CDL PB . 25.35 2.67 -25.55
CA3 CDL PB . 24.32 3.55 -25.95
CA4 CDL PB . 23.25 3.55 -24.88
OA6 CDL PB . 22.05 4.04 -25.47
CA5 CDL PB . 20.81 3.58 -24.86
OA7 CDL PB . 20.85 2.73 -23.98
C11 CDL PB . 19.50 4.15 -25.32
C12 CDL PB . 19.41 3.98 -26.84
C13 CDL PB . 18.38 4.89 -27.47
C14 CDL PB . 18.49 4.89 -28.99
C15 CDL PB . 17.49 5.83 -29.63
C16 CDL PB . 17.91 7.29 -29.55
C17 CDL PB . 16.79 8.24 -29.99
C18 CDL PB . 17.23 9.69 -29.95
C19 CDL PB . 17.45 10.28 -31.34
C20 CDL PB . 16.63 11.55 -31.54
C21 CDL PB . 17.24 12.45 -32.62
C22 CDL PB . 16.24 13.49 -33.09
CA6 CDL PB . 23.69 4.46 -23.75
OA8 CDL PB . 22.67 4.50 -22.76
CA7 CDL PB . 22.46 5.69 -21.97
OA9 CDL PB . 23.37 6.47 -21.82
C31 CDL PB . 21.10 5.95 -21.37
C32 CDL PB . 21.21 6.10 -19.86
C33 CDL PB . 21.25 7.56 -19.46
C34 CDL PB . 20.72 7.76 -18.04
CB2 CDL PB . 25.52 -0.97 -21.87
OB2 CDL PB . 24.47 -0.19 -21.32
PB2 CDL PB . 24.04 -0.35 -19.79
OB3 CDL PB . 23.65 -1.78 -19.54
OB4 CDL PB . 25.08 0.32 -18.92
OB5 CDL PB . 22.72 0.55 -19.81
CB3 CDL PB . 22.69 1.80 -19.14
CB4 CDL PB . 21.23 2.17 -18.96
OB6 CDL PB . 20.71 1.44 -17.86
CB5 CDL PB . 20.30 2.29 -16.76
OB7 CDL PB . 20.56 3.48 -16.81
C51 CDL PB . 19.57 1.71 -15.58
C52 CDL PB . 19.05 2.82 -14.67
C53 CDL PB . 18.40 2.23 -13.42
C54 CDL PB . 17.73 3.31 -12.57
C55 CDL PB . 17.08 2.71 -11.33
C56 CDL PB . 17.13 3.66 -10.14
C57 CDL PB . 15.84 4.46 -10.00
C58 CDL PB . 14.75 3.64 -9.34
C59 CDL PB . 15.04 3.43 -7.86
C60 CDL PB . 13.92 2.67 -7.17
C61 CDL PB . 14.24 1.19 -7.07
C62 CDL PB . 14.56 0.74 -5.65
C63 CDL PB . 16.02 1.01 -5.29
C64 CDL PB . 16.44 0.19 -4.08
CB6 CDL PB . 20.48 1.81 -20.23
OB8 CDL PB . 19.08 2.01 -20.00
CB7 CDL PB . 18.30 2.74 -20.97
OB9 CDL PB . 18.81 3.05 -22.03
C71 CDL PB . 16.87 3.12 -20.68
C72 CDL PB . 16.81 4.15 -19.56
C73 CDL PB . 17.03 3.49 -18.21
C74 CDL PB . 16.14 4.11 -17.15
C75 CDL PB . 16.35 5.62 -17.13
C76 CDL PB . 15.18 6.31 -16.45
C77 CDL PB . 15.25 6.19 -14.94
C78 CDL PB . 14.22 7.14 -14.32
C79 CDL PB . 14.41 7.30 -12.82
C80 CDL PB . 13.48 8.39 -12.31
C81 CDL PB . 14.15 9.21 -11.20
C82 CDL PB . 14.30 8.39 -9.93
C83 CDL PB . 14.90 9.22 -8.80
C84 CDL PB . 14.88 8.43 -7.50
C85 CDL PB . 13.48 7.93 -7.21
C86 CDL PB . 13.48 6.81 -6.17
C87 CDL PB . 14.05 7.30 -4.85
C1B LMT QB . 16.96 26.01 19.46
C2B LMT QB . 15.87 26.65 20.33
C3B LMT QB . 15.86 28.16 20.16
C4B LMT QB . 15.57 28.52 18.70
C5B LMT QB . 16.25 27.55 17.74
C6B LMT QB . 16.75 28.31 16.51
O1B LMT QB . 16.45 24.75 19.00
O2B LMT QB . 14.59 26.10 19.97
O3B LMT QB . 17.14 28.69 20.52
O4' LMT QB . 14.15 28.47 18.50
O5B LMT QB . 17.34 26.89 18.38
O6B LMT QB . 17.48 29.47 16.93
C1' LMT QB . 18.14 21.04 18.11
C2' LMT QB . 18.75 21.76 19.31
C3' LMT QB . 17.83 22.89 19.80
C4' LMT QB . 17.46 23.80 18.64
C5' LMT QB . 16.89 22.94 17.52
C6' LMT QB . 16.43 23.86 16.39
O1' LMT QB . 19.09 20.06 17.67
O2' LMT QB . 18.99 20.83 20.37
O3' LMT QB . 18.51 23.62 20.82
O5' LMT QB . 17.87 22.01 17.09
O6' LMT QB . 17.39 24.90 16.22
C1 LMT QB . 19.27 20.01 16.26
C2 LMT QB . 20.35 18.97 15.95
C3 LMT QB . 21.12 19.33 14.68
C4 LMT QB . 22.31 18.40 14.47
C5 LMT QB . 23.15 18.86 13.27
C6 LMT QB . 24.22 17.82 12.93
C7 LMT QB . 23.79 16.96 11.74
C8 LMT QB . 23.97 17.73 10.43
C9 LMT QB . 23.28 17.01 9.27
C10 LMT QB . 24.00 15.71 8.92
C11 LMT QB . 23.24 14.96 7.83
C12 LMT QB . 23.98 13.72 7.42
P PGV RB . 14.09 32.06 -17.21
C01 PGV RB . 15.71 28.14 -16.74
C02 PGV RB . 15.21 28.77 -15.45
C03 PGV RB . 15.20 30.29 -15.56
C04 PGV RB . 11.55 32.56 -17.49
C05 PGV RB . 10.72 32.15 -16.29
C06 PGV RB . 9.65 33.19 -16.03
O01 PGV RB . 16.05 28.29 -14.39
O02 PGV RB . 14.39 27.42 -13.04
O03 PGV RB . 15.30 26.78 -16.71
O04 PGV RB . 16.76 25.92 -18.25
O05 PGV RB . 11.58 31.98 -15.15
O06 PGV RB . 8.69 33.11 -17.07
O11 PGV RB . 14.70 30.61 -16.85
O12 PGV RB . 12.60 31.62 -17.59
O13 PGV RB . 14.74 32.63 -18.43
O14 PGV RB . 13.99 32.85 -15.93
C1 PGV RB . 15.41 27.20 -13.68
C2 PGV RB . 16.01 25.82 -13.71
C3 PGV RB . 15.11 24.85 -12.96
C4 PGV RB . 15.71 23.44 -12.93
C5 PGV RB . 15.64 22.77 -14.30
C6 PGV RB . 16.03 21.30 -14.22
C19 PGV RB . 15.63 25.92 -17.81
C20 PGV RB . 14.57 25.04 -18.43
C21 PGV RB . 14.35 23.85 -17.51
C22 PGV RB . 13.38 22.85 -18.11
C23 PGV RB . 13.14 21.73 -17.10
C24 PGV RB . 12.23 20.66 -17.66
C25 PGV RB . 11.93 19.65 -16.55
C26 PGV RB . 11.03 18.53 -17.04
C27 PGV RB . 9.57 18.89 -16.86
C28 PGV RB . 8.73 17.63 -16.75
C29 PGV RB . 9.12 16.81 -15.53
C30 PGV RB . 8.77 17.54 -14.24
C31 PGV RB . 7.26 17.62 -14.08
C32 PGV RB . 6.67 16.24 -13.96
C33 PGV RB . 5.17 16.31 -13.68
C34 PGV RB . 4.44 16.90 -14.85
MG BCL SB . 14.52 29.15 -34.27
CHA BCL SB . 17.62 27.77 -34.50
CHB BCL SB . 13.14 26.24 -35.17
CHC BCL SB . 11.47 30.51 -33.60
CHD BCL SB . 15.94 32.08 -32.93
NA BCL SB . 15.22 27.37 -34.85
C1A BCL SB . 16.45 26.98 -34.92
C2A BCL SB . 16.63 25.58 -35.43
C3A BCL SB . 15.22 25.21 -35.82
C4A BCL SB . 14.46 26.34 -35.26
CMA BCL SB . 15.07 25.11 -37.33
CAA BCL SB . 17.13 24.61 -34.37
CBA BCL SB . 17.45 23.29 -35.05
CGA BCL SB . 18.14 22.34 -34.09
O1A BCL SB . 18.07 22.51 -32.88
O2A BCL SB . 18.88 21.22 -34.62
NB BCL SB . 12.59 28.48 -34.34
C1B BCL SB . 12.18 27.28 -34.76
C2B BCL SB . 10.72 27.02 -34.75
C3B BCL SB . 10.22 28.32 -34.27
C4B BCL SB . 11.45 29.13 -34.08
CMB BCL SB . 10.05 25.73 -35.15
CAB BCL SB . 8.81 28.79 -34.02
OBB BCL SB . 8.62 29.86 -33.50
CBB BCL SB . 7.65 27.93 -34.44
NC BCL SB . 13.84 30.91 -33.56
C1C BCL SB . 12.54 31.24 -33.36
C2C BCL SB . 12.35 32.63 -32.82
C3C BCL SB . 13.71 33.20 -33.04
C4C BCL SB . 14.52 31.95 -33.22
CMC BCL SB . 11.30 33.40 -33.63
CAC BCL SB . 14.22 34.03 -31.87
CBC BCL SB . 13.85 33.46 -30.52
ND BCL SB . 16.34 29.89 -33.74
C1D BCL SB . 16.87 31.03 -33.28
C2D BCL SB . 18.36 31.01 -33.14
C3D BCL SB . 18.62 29.66 -33.65
C4D BCL SB . 17.44 29.12 -33.99
CMD BCL SB . 19.45 31.93 -32.67
CAD BCL SB . 19.71 28.69 -33.93
OBD BCL SB . 20.95 28.89 -33.74
CBD BCL SB . 19.09 27.44 -34.48
CGD BCL SB . 19.64 27.16 -35.85
O1D BCL SB . 19.56 27.98 -36.74
O2D BCL SB . 20.28 25.89 -36.12
CED BCL SB . 20.57 25.50 -37.46
C1 BCL SB . 19.51 20.28 -33.76
C2 BCL SB . 18.97 18.90 -34.05
C3 BCL SB . 19.63 18.06 -34.85
C4 BCL SB . 20.93 18.45 -35.48
C5 BCL SB . 19.05 16.68 -35.11
C6 BCL SB . 18.71 16.53 -36.59
C7 BCL SB . 19.30 15.25 -37.16
C8 BCL SB . 19.26 15.26 -38.68
C9 BCL SB . 18.76 13.93 -39.22
C10 BCL SB . 20.66 15.56 -39.21
C11 BCL SB . 20.81 17.03 -39.55
C12 BCL SB . 22.27 17.48 -39.55
C13 BCL SB . 22.67 18.06 -40.91
C14 BCL SB . 23.47 17.04 -41.72
C15 BCL SB . 23.47 19.33 -40.69
C16 BCL SB . 22.62 20.37 -39.96
C17 BCL SB . 22.63 21.71 -40.71
C18 BCL SB . 22.20 21.54 -42.16
C19 BCL SB . 23.01 22.44 -43.08
C20 BCL SB . 20.71 21.80 -42.31
P PGV TB . 21.40 -0.23 -32.59
C01 PGV TB . 20.58 3.35 -31.58
C02 PGV TB . 21.95 3.12 -30.93
C03 PGV TB . 22.42 1.69 -31.09
C04 PGV TB . 22.80 -2.24 -31.66
C05 PGV TB . 23.80 -3.16 -32.35
C06 PGV TB . 23.32 -4.60 -32.21
O01 PGV TB . 21.85 3.47 -29.55
O02 PGV TB . 23.84 4.59 -29.84
O03 PGV TB . 20.60 2.99 -32.96
O04 PGV TB . 20.45 4.82 -34.32
O05 PGV TB . 25.09 -3.01 -31.75
O06 PGV TB . 22.72 -4.79 -30.93
O11 PGV TB . 21.32 0.81 -31.36
O12 PGV TB . 22.80 -0.98 -32.33
O13 PGV TB . 20.31 -1.25 -32.44
O14 PGV TB . 21.54 0.56 -33.86
C1 PGV TB . 22.79 4.54 -29.25
C2 PGV TB . 22.44 5.55 -28.19
C3 PGV TB . 23.48 6.65 -28.13
C4 PGV TB . 23.30 7.48 -26.87
C5 PGV TB . 21.83 7.88 -26.65
C6 PGV TB . 21.40 8.98 -27.61
C19 PGV TB . 19.90 3.81 -33.92
C20 PGV TB . 18.51 3.45 -34.37
C21 PGV TB . 18.14 4.17 -35.66
C22 PGV TB . 17.13 5.28 -35.42
C23 PGV TB . 17.76 6.45 -34.65
C24 PGV TB . 18.77 7.19 -35.52
C25 PGV TB . 18.09 8.18 -36.45
C26 PGV TB . 17.37 9.28 -35.67
C27 PGV TB . 16.66 10.23 -36.62
C28 PGV TB . 15.74 11.18 -35.87
C1B LMT UB . 11.15 47.29 -37.19
C2B LMT UB . 10.70 48.43 -38.10
C3B LMT UB . 10.76 49.77 -37.36
C4B LMT UB . 12.10 49.96 -36.65
C5B LMT UB . 12.54 48.69 -35.92
C6B LMT UB . 13.02 48.97 -34.50
O1B LMT UB . 12.34 46.66 -37.69
O2B LMT UB . 11.52 48.47 -39.27
O3B LMT UB . 9.70 49.82 -36.40
O4' LMT UB . 13.09 50.34 -37.61
O5B LMT UB . 11.43 47.77 -35.89
O6B LMT UB . 13.97 47.99 -34.10
C1' LMT UB . 13.50 42.71 -38.14
C2' LMT UB . 12.39 43.19 -39.06
C3' LMT UB . 12.38 44.71 -39.08
C4' LMT UB . 12.25 45.25 -37.65
C5' LMT UB . 13.33 44.64 -36.76
C6' LMT UB . 13.14 45.07 -35.31
O1' LMT UB . 13.55 41.27 -38.14
O2' LMT UB . 12.62 42.70 -40.39
O3' LMT UB . 11.29 45.19 -39.88
O5' LMT UB . 13.28 43.22 -36.82
O6' LMT UB . 11.75 44.97 -34.96
C1 LMT UB . 14.78 40.78 -37.59
C2 LMT UB . 15.03 39.37 -38.10
C3 LMT UB . 14.40 38.33 -37.19
C4 LMT UB . 14.76 36.92 -37.64
C5 LMT UB . 15.03 36.01 -36.45
C6 LMT UB . 15.21 34.57 -36.91
C7 LMT UB . 16.16 33.82 -35.98
C8 LMT UB . 16.29 32.37 -36.41
C9 LMT UB . 16.53 32.25 -37.90
C10 LMT UB . 16.16 30.88 -38.44
C11 LMT UB . 16.88 29.77 -37.69
C12 LMT UB . 16.80 28.47 -38.46
MG BCL VB . 21.93 30.76 -28.82
CHA BCL VB . 21.04 27.77 -30.26
CHB BCL VB . 25.03 29.58 -28.28
CHC BCL VB . 22.58 33.56 -27.03
CHD BCL VB . 18.57 31.77 -28.94
NA BCL VB . 22.91 29.05 -29.28
C1A BCL VB . 22.45 28.01 -29.89
C2A BCL VB . 23.46 26.94 -30.12
C3A BCL VB . 24.64 27.44 -29.34
C4A BCL VB . 24.17 28.80 -28.93
CMA BCL VB . 24.93 26.57 -28.11
CAA BCL VB . 23.78 26.76 -31.59
CBA BCL VB . 24.27 25.35 -31.90
CGA BCL VB . 25.73 25.27 -31.55
O1A BCL VB . 26.20 24.27 -31.03
O2A BCL VB . 26.58 26.42 -31.81
NB BCL VB . 23.54 31.46 -27.77
C1B BCL VB . 24.75 30.89 -27.66
C2B BCL VB . 25.78 31.61 -26.87
C3B BCL VB . 25.02 32.82 -26.50
C4B BCL VB . 23.69 32.62 -27.12
CMB BCL VB . 27.19 31.14 -26.59
CAB BCL VB . 25.44 34.03 -25.69
OBB BCL VB . 24.74 35.02 -25.67
CBB BCL VB . 26.71 33.99 -24.91
NC BCL VB . 20.88 32.36 -28.21
C1C BCL VB . 21.36 33.40 -27.51
C2C BCL VB . 20.38 34.49 -27.26
C3C BCL VB . 19.13 33.91 -27.85
C4C BCL VB . 19.63 32.60 -28.37
CMC BCL VB . 20.20 34.74 -25.77
CAC BCL VB . 18.57 34.72 -29.00
CBC BCL VB . 17.56 35.74 -28.53
ND BCL VB . 20.12 30.03 -29.40
C1D BCL VB . 18.86 30.47 -29.47
C2D BCL VB . 17.91 29.49 -30.06
C3D BCL VB . 18.84 28.40 -30.39
C4D BCL VB . 20.05 28.80 -30.00
CMD BCL VB . 16.44 29.46 -30.34
CAD BCL VB . 18.91 27.04 -30.96
OBD BCL VB . 17.93 26.38 -31.44
CBD BCL VB . 20.35 26.61 -30.94
CGD BCL VB . 20.59 25.22 -30.43
O1D BCL VB . 20.69 24.96 -29.25
O2D BCL VB . 20.69 24.14 -31.42
CED BCL VB . 21.50 23.01 -31.17
C1 BCL VB . 28.00 26.34 -31.73
C2 BCL VB . 28.53 27.74 -31.94
C3 BCL VB . 28.66 28.55 -30.88
C4 BCL VB . 28.28 28.03 -29.52
C5 BCL VB . 29.17 29.95 -31.05
C6 BCL VB . 28.25 30.95 -30.36
C7 BCL VB . 26.82 30.92 -30.89
C8 BCL VB . 26.36 32.29 -31.35
C9 BCL VB . 27.40 32.93 -32.27
C10 BCL VB . 26.01 33.15 -30.15
C11 BCL VB . 26.93 34.35 -29.97
C12 BCL VB . 26.23 35.47 -29.21
C13 BCL VB . 27.22 36.57 -28.82
C14 BCL VB . 28.31 35.99 -27.93
C15 BCL VB . 26.48 37.71 -28.14
C16 BCL VB . 27.40 38.84 -27.71
C17 BCL VB . 27.68 39.80 -28.86
C18 BCL VB . 27.39 41.24 -28.47
C19 BCL VB . 27.63 42.19 -29.64
C20 BCL VB . 28.21 41.68 -27.26
C1M CRT WB . 30.15 4.57 -44.21
O1 CRT WB . 30.31 5.96 -44.44
C1 CRT WB . 31.51 6.60 -44.00
C2 CRT WB . 31.58 6.56 -42.48
C3 CRT WB . 32.70 5.87 -44.60
C4 CRT WB . 31.51 8.04 -44.50
C5 CRT WB . 30.25 8.77 -44.09
C6 CRT WB . 30.31 10.02 -43.65
C7 CRT WB . 29.10 10.75 -43.26
C8 CRT WB . 27.78 10.47 -43.92
C9 CRT WB . 29.19 11.67 -42.29
C10 CRT WB . 28.07 12.46 -41.81
C11 CRT WB . 28.38 13.45 -40.99
C12 CRT WB . 27.41 14.37 -40.36
C13 CRT WB . 25.98 14.42 -40.82
C14 CRT WB . 27.86 15.15 -39.38
C15 CRT WB . 27.06 16.12 -38.63
C16 CRT WB . 27.77 16.94 -37.85
C17 CRT WB . 27.15 17.96 -36.98
C18 CRT WB . 25.79 18.53 -37.26
C19 CRT WB . 27.88 18.35 -35.93
C20 CRT WB . 27.41 19.32 -34.95
C21 CRT WB . 28.16 19.56 -33.88
C22 CRT WB . 27.67 20.50 -32.87
C23 CRT WB . 28.20 20.53 -31.64
C24 CRT WB . 29.33 19.60 -31.27
C25 CRT WB . 27.65 21.46 -30.64
C26 CRT WB . 27.88 21.28 -29.34
C27 CRT WB . 27.25 22.23 -28.43
C28 CRT WB . 27.29 22.16 -27.10
C29 CRT WB . 28.06 21.09 -26.38
C30 CRT WB . 26.54 23.20 -26.39
C31 CRT WB . 26.29 23.21 -25.09
C32 CRT WB . 25.50 24.35 -24.66
C33 CRT WB . 25.16 24.65 -23.40
C34 CRT WB . 25.61 23.81 -22.24
C35 CRT WB . 24.33 25.86 -23.22
C36 CRT WB . 23.72 26.18 -22.09
C37 CRT WB . 22.90 27.44 -22.11
C38 CRT WB . 21.51 27.20 -21.57
C39 CRT WB . 20.86 28.53 -21.24
C40 CRT WB . 20.66 26.41 -22.55
O2 CRT WB . 21.59 26.41 -20.37
C2M CRT WB . 20.41 26.11 -19.64
C1 CDL XB . 29.73 1.45 -26.92
O1 CDL XB . 28.57 2.26 -26.74
CA2 CDL XB . 30.10 0.78 -25.60
OA2 CDL XB . 30.56 1.79 -24.71
PA1 CDL XB . 30.92 1.49 -23.17
OA3 CDL XB . 30.54 0.07 -22.84
OA4 CDL XB . 32.31 1.97 -22.87
OA5 CDL XB . 29.85 2.46 -22.48
CA3 CDL XB . 30.22 3.70 -21.89
CA4 CDL XB . 29.15 4.00 -20.84
OA6 CDL XB . 27.86 3.99 -21.45
CA5 CDL XB . 26.81 4.64 -20.69
OA7 CDL XB . 26.61 5.84 -20.81
C11 CDL XB . 25.95 3.86 -19.74
C12 CDL XB . 24.85 4.78 -19.23
C13 CDL XB . 24.81 4.81 -17.71
C14 CDL XB . 23.60 5.61 -17.24
C15 CDL XB . 23.48 5.60 -15.72
C16 CDL XB . 23.44 4.18 -15.17
C17 CDL XB . 23.04 4.17 -13.70
C18 CDL XB . 24.08 4.83 -12.81
CA6 CDL XB . 29.49 5.33 -20.18
OA8 CDL XB . 30.90 5.47 -20.07
CA7 CDL XB . 31.46 5.99 -18.83
OA9 CDL XB . 32.17 5.28 -18.15
C31 CDL XB . 31.15 7.41 -18.40
CB2 CDL XB . 30.89 2.35 -27.33
OB2 CDL XB . 30.38 3.49 -28.02
PB2 CDL XB . 31.34 4.72 -28.35
OB3 CDL XB . 31.92 4.52 -29.72
OB4 CDL XB . 32.27 4.93 -27.19
OB5 CDL XB . 30.30 5.94 -28.42
CB3 CDL XB . 30.73 7.28 -28.22
CB4 CDL XB . 29.53 8.19 -28.02
OB6 CDL XB . 29.95 9.24 -27.15
CB5 CDL XB . 29.85 10.56 -27.74
OB7 CDL XB . 29.22 10.71 -28.77
C51 CDL XB . 30.52 11.73 -27.06
C52 CDL XB . 29.50 12.43 -26.18
C53 CDL XB . 28.95 11.48 -25.13
C54 CDL XB . 27.73 12.06 -24.44
C55 CDL XB . 28.07 13.32 -23.66
C56 CDL XB . 26.83 14.17 -23.40
C57 CDL XB . 26.92 15.50 -24.15
C58 CDL XB . 26.87 15.32 -25.66
C59 CDL XB . 27.02 16.65 -26.38
C60 CDL XB . 28.46 17.16 -26.38
C61 CDL XB . 29.29 16.45 -27.44
CB6 CDL XB . 28.39 7.42 -27.37
OB8 CDL XB . 28.40 7.62 -25.97
CB7 CDL XB . 27.40 6.97 -25.14
OB9 CDL XB . 26.59 6.22 -25.67
C71 CDL XB . 27.37 7.20 -23.66
C72 CDL XB . 26.55 8.44 -23.32
C73 CDL XB . 26.72 8.80 -21.85
C74 CDL XB . 25.74 9.89 -21.43
C75 CDL XB . 25.80 10.12 -19.93
C76 CDL XB . 24.49 10.70 -19.41
MG BCL YB . 27.33 30.90 -22.50
CHA BCL YB . 30.10 28.98 -21.99
CHB BCL YB . 26.01 28.49 -24.42
CHC BCL YB . 24.43 32.68 -22.60
CHD BCL YB . 28.55 33.26 -20.20
NA BCL YB . 27.96 29.13 -23.20
C1A BCL YB . 29.06 28.51 -22.93
C2A BCL YB . 29.24 27.22 -23.67
C3A BCL YB . 28.04 27.22 -24.60
C4A BCL YB . 27.27 28.37 -24.06
CMA BCL YB . 28.45 27.45 -26.05
CAA BCL YB . 29.20 25.98 -22.78
CBA BCL YB . 29.57 24.76 -23.61
CGA BCL YB . 29.80 23.53 -22.76
O1A BCL YB . 29.23 23.38 -21.69
O2A BCL YB . 30.71 22.50 -23.23
NB BCL YB . 25.48 30.64 -23.35
C1B BCL YB . 25.10 29.61 -24.13
C2B BCL YB . 23.72 29.64 -24.67
C3B BCL YB . 23.24 30.93 -24.11
C4B BCL YB . 24.41 31.44 -23.35
CMB BCL YB . 23.09 28.60 -25.54
CAB BCL YB . 21.91 31.61 -24.25
OBB BCL YB . 21.74 32.70 -23.74
CBB BCL YB . 20.79 30.96 -25.01
NC BCL YB . 26.63 32.58 -21.63
C1C BCL YB . 25.41 33.12 -21.84
C2C BCL YB . 25.15 34.38 -21.09
C3C BCL YB . 26.39 34.48 -20.26
C4C BCL YB . 27.20 33.34 -20.76
CMC BCL YB . 25.00 35.56 -22.05
CAC BCL YB . 26.02 34.27 -18.79
CBC BCL YB . 26.89 35.04 -17.85
ND BCL YB . 28.92 31.17 -21.27
C1D BCL YB . 29.39 32.10 -20.42
C2D BCL YB . 30.73 31.76 -19.82
C3D BCL YB . 30.96 30.48 -20.49
C4D BCL YB . 29.92 30.23 -21.29
CMD BCL YB . 31.69 32.35 -18.83
CAD BCL YB . 31.94 29.37 -20.60
OBD BCL YB . 33.05 29.29 -19.96
CBD BCL YB . 31.41 28.36 -21.58
CGD BCL YB . 32.34 28.16 -22.73
O1D BCL YB . 32.74 29.11 -23.39
O2D BCL YB . 32.81 26.84 -23.06
CED BCL YB . 33.49 26.58 -24.28
C1 BCL YB . 31.05 21.36 -22.44
C2 BCL YB . 30.92 20.12 -23.29
C3 BCL YB . 31.84 19.80 -24.22
C4 BCL YB . 33.04 20.67 -24.45
C5 BCL YB . 31.66 18.55 -25.04
C6 BCL YB . 31.78 18.91 -26.51
C7 BCL YB . 32.97 18.24 -27.17
C8 BCL YB . 33.56 19.14 -28.24
C9 BCL YB . 32.90 18.87 -29.59
C10 BCL YB . 35.07 18.94 -28.30
C11 BCL YB . 35.64 19.29 -29.66
C12 BCL YB . 37.15 19.46 -29.62
C13 BCL YB . 37.58 20.80 -30.21
C14 BCL YB . 38.38 20.55 -31.48
C15 BCL YB . 38.39 21.60 -29.19
C16 BCL YB . 37.57 22.29 -28.11
C17 BCL YB . 36.84 23.53 -28.65
C18 BCL YB . 35.51 23.82 -27.96
C19 BCL YB . 34.72 22.54 -27.67
C20 BCL YB . 34.67 24.78 -28.79
CA CA ZB . 19.59 41.33 -21.14
C1B LMT AC . 27.80 48.97 -18.47
C2B LMT AC . 26.50 49.77 -18.45
C3B LMT AC . 26.69 51.19 -18.98
C4B LMT AC . 27.89 51.85 -18.33
C5B LMT AC . 29.12 50.97 -18.46
C6B LMT AC . 30.35 51.60 -17.82
O1B LMT AC . 28.17 48.69 -19.81
O2B LMT AC . 25.50 49.11 -19.23
O3B LMT AC . 25.51 51.96 -18.72
O4' LMT AC . 28.13 53.11 -18.96
O5B LMT AC . 28.85 49.70 -17.83
O6B LMT AC . 30.89 50.74 -16.83
C1' LMT AC . 28.92 45.48 -21.78
C2' LMT AC . 27.96 45.60 -20.59
C3' LMT AC . 28.60 46.34 -19.43
C4' LMT AC . 29.18 47.68 -19.86
C5' LMT AC . 29.83 47.60 -21.23
C6' LMT AC . 31.13 48.39 -21.28
O1' LMT AC . 29.24 44.12 -21.99
O2' LMT AC . 26.77 46.29 -21.01
O3' LMT AC . 29.64 45.55 -18.85
O5' LMT AC . 30.10 46.23 -21.53
O6' LMT AC . 30.88 49.76 -20.94
C1 LMT AC . 30.33 43.96 -22.90
C2 LMT AC . 30.50 42.47 -23.19
C3 LMT AC . 29.18 41.88 -23.65
C4 LMT AC . 29.33 40.43 -24.09
C5 LMT AC . 29.64 39.50 -22.92
C6 LMT AC . 29.44 38.05 -23.32
C7 LMT AC . 29.97 37.12 -22.24
C8 LMT AC . 29.54 35.68 -22.45
C9 LMT AC . 30.24 35.00 -23.62
C10 LMT AC . 30.02 33.50 -23.57
C11 LMT AC . 30.59 32.82 -24.81
C12 LMT AC . 30.48 31.32 -24.71
MG BCL BC . 32.52 30.14 -14.70
CHA BCL BC . 31.85 27.66 -16.97
CHB BCL BC . 35.12 28.38 -13.52
CHC BCL BC . 32.89 32.50 -12.28
CHD BCL BC . 29.55 31.77 -15.64
NA BCL BC . 33.40 28.41 -15.19
C1A BCL BC . 33.05 27.57 -16.11
C2A BCL BC . 33.91 26.34 -16.18
C3A BCL BC . 34.86 26.54 -15.04
C4A BCL BC . 34.45 27.87 -14.54
CMA BCL BC . 34.68 25.47 -13.98
CAA BCL BC . 34.66 26.18 -17.49
CBA BCL BC . 35.27 24.79 -17.56
CGA BCL BC . 36.76 24.93 -17.59
O1A BCL BC . 37.36 24.83 -18.64
O2A BCL BC . 37.51 25.21 -16.36
NB BCL BC . 33.78 30.40 -13.11
C1B BCL BC . 34.81 29.61 -12.76
C2B BCL BC . 35.62 30.02 -11.58
C3B BCL BC . 34.93 31.28 -11.21
C4B BCL BC . 33.86 31.40 -12.22
CMB BCL BC . 36.80 29.30 -10.98
CAB BCL BC . 35.20 32.25 -10.09
OBB BCL BC . 34.73 33.37 -10.15
CBB BCL BC . 36.06 31.85 -8.94
NC BCL BC . 31.50 31.77 -14.09
C1C BCL BC . 31.86 32.59 -13.08
C2C BCL BC . 30.93 33.74 -12.86
C3C BCL BC . 29.87 33.48 -13.90
C4C BCL BC . 30.40 32.25 -14.56
CMC BCL BC . 30.33 33.69 -11.46
CAC BCL BC . 29.77 34.60 -14.91
CBC BCL BC . 28.93 35.74 -14.36
ND BCL BC . 30.94 29.87 -15.96
C1D BCL BC . 29.84 30.53 -16.32
C2D BCL BC . 29.05 29.86 -17.38
C3D BCL BC . 29.90 28.69 -17.62
C4D BCL BC . 30.95 28.78 -16.79
CMD BCL BC . 27.77 30.14 -18.10
CAD BCL BC . 30.01 27.46 -18.42
OBD BCL BC . 29.19 27.06 -19.32
CBD BCL BC . 31.29 26.77 -18.04
CGD BCL BC . 31.06 25.32 -17.69
O1D BCL BC . 30.39 25.00 -16.73
O2D BCL BC . 31.61 24.30 -18.54
CED BCL BC . 31.77 22.97 -18.05
C1 BCL BC . 38.89 25.55 -16.44
C2 BCL BC . 39.04 27.05 -16.37
C3 BCL BC . 39.25 27.68 -15.20
C4 BCL BC . 39.34 26.89 -13.93
C5 BCL BC . 39.40 29.18 -15.17
C6 BCL BC . 38.10 29.87 -15.57
C7 BCL BC . 37.56 30.73 -14.43
C8 BCL BC . 37.80 32.23 -14.59
C9 BCL BC . 38.51 32.56 -15.90
C10 BCL BC . 38.61 32.74 -13.42
C11 BCL BC . 37.71 33.20 -12.28
C12 BCL BC . 37.20 34.62 -12.51
C13 BCL BC . 37.95 35.63 -11.64
C14 BCL BC . 37.58 35.48 -10.17
C15 BCL BC . 37.64 37.03 -12.15
C16 BCL BC . 37.99 38.09 -11.12
C17 BCL BC . 39.15 38.97 -11.59
C18 BCL BC . 39.06 40.37 -11.02
C19 BCL BC . 39.91 41.35 -11.80
C20 BCL BC . 39.42 40.38 -9.54
C1M CRT CC . 43.84 6.38 -32.54
O1 CRT CC . 43.76 7.62 -31.84
C1 CRT CC . 44.55 7.88 -30.69
C2 CRT CC . 43.77 7.53 -29.43
C3 CRT CC . 45.84 7.06 -30.74
C4 CRT CC . 44.90 9.35 -30.69
C5 CRT CC . 43.68 10.22 -30.84
C6 CRT CC . 43.47 11.13 -29.89
C7 CRT CC . 42.32 12.05 -29.91
C8 CRT CC . 41.58 12.34 -31.18
C9 CRT CC . 42.01 12.62 -28.75
C10 CRT CC . 40.91 13.56 -28.55
C11 CRT CC . 40.92 14.17 -27.38
C12 CRT CC . 39.91 15.16 -26.94
C13 CRT CC . 38.71 15.47 -27.79
C14 CRT CC . 40.14 15.73 -25.77
C15 CRT CC . 39.28 16.72 -25.14
C16 CRT CC . 39.64 17.06 -23.90
C17 CRT CC . 38.90 18.02 -23.08
C18 CRT CC . 37.79 18.88 -23.66
C19 CRT CC . 39.23 18.13 -21.79
C20 CRT CC . 38.53 19.03 -20.90
C21 CRT CC . 38.66 18.86 -19.60
C22 CRT CC . 37.94 19.74 -18.68
C23 CRT CC . 37.91 19.48 -17.38
C24 CRT CC . 38.62 18.29 -16.80
C25 CRT CC . 37.16 20.40 -16.51
C26 CRT CC . 36.96 20.13 -15.22
C27 CRT CC . 36.17 21.10 -14.47
C28 CRT CC . 35.79 20.88 -13.21
C29 CRT CC . 36.16 19.63 -12.48
C30 CRT CC . 34.98 21.93 -12.58
C31 CRT CC . 34.37 21.79 -11.41
C32 CRT CC . 33.61 22.95 -10.99
C33 CRT CC . 32.97 23.07 -9.83
C34 CRT CC . 33.01 21.97 -8.81
C35 CRT CC . 32.26 24.33 -9.59
C36 CRT CC . 31.26 24.48 -8.74
C37 CRT CC . 30.67 25.87 -8.64
C38 CRT CC . 29.24 25.88 -9.15
C39 CRT CC . 28.33 26.52 -8.14
C40 CRT CC . 29.12 26.65 -10.45
O2 CRT CC . 28.86 24.52 -9.42
C2M CRT CC . 27.67 24.24 -10.16
P PGV DC . 21.86 31.97 -5.68
C01 PGV DC . 17.86 29.79 -5.33
C02 PGV DC . 19.14 29.20 -5.91
C03 PGV DC . 19.98 30.30 -6.52
O01 PGV DC . 18.85 28.17 -6.86
O02 PGV DC . 20.98 27.35 -6.47
O03 PGV DC . 18.02 29.76 -3.91
O04 PGV DC . 16.52 31.44 -3.39
O11 PGV DC . 20.86 30.73 -5.49
O12 PGV DC . 20.85 33.20 -5.92
O13 PGV DC . 22.58 32.19 -4.38
O14 PGV DC . 22.66 31.73 -6.95
C1 PGV DC . 19.81 27.09 -6.72
C2 PGV DC . 19.37 25.66 -6.87
C3 PGV DC . 20.57 24.72 -6.80
C4 PGV DC . 20.13 23.27 -6.91
C5 PGV DC . 21.30 22.36 -7.21
C6 PGV DC . 20.83 20.94 -7.53
C7 PGV DC . 21.93 20.15 -8.22
C19 PGV DC . 17.51 30.82 -3.05
C20 PGV DC . 18.23 31.12 -1.76
C21 PGV DC . 19.73 30.94 -1.95
C22 PGV DC . 20.15 29.49 -1.71
C23 PGV DC . 21.31 29.09 -2.63
C24 PGV DC . 21.88 27.73 -2.24
C25 PGV DC . 20.83 26.63 -2.38
C26 PGV DC . 21.45 25.30 -2.78
C27 PGV DC . 22.15 24.61 -1.62
C28 PGV DC . 22.48 23.18 -2.01
C29 PGV DC . 23.03 22.38 -0.83
C30 PGV DC . 23.58 21.04 -1.30
MG BCL EC . 35.56 28.55 -7.19
CHA BCL EC . 37.96 26.30 -6.27
CHB BCL EC . 34.78 26.64 -9.84
CHC BCL EC . 32.90 30.58 -7.76
CHD BCL EC . 36.17 30.37 -4.25
NA BCL EC . 36.29 26.86 -7.99
C1A BCL EC . 37.22 26.10 -7.53
C2A BCL EC . 37.54 24.91 -8.40
C3A BCL EC . 36.71 25.20 -9.62
C4A BCL EC . 35.86 26.32 -9.13
CMA BCL EC . 37.57 25.65 -10.80
CAA BCL EC . 37.10 23.60 -7.76
CBA BCL EC . 37.05 22.48 -8.79
CGA BCL EC . 37.30 21.15 -8.14
O1A BCL EC . 36.52 20.71 -7.31
O2A BCL EC . 38.47 20.38 -8.49
NB BCL EC . 34.05 28.60 -8.57
C1B BCL EC . 33.88 27.77 -9.62
C2B BCL EC . 32.73 28.02 -10.50
C3B BCL EC . 32.16 29.22 -9.87
C4B BCL EC . 33.05 29.48 -8.71
CMB BCL EC . 32.33 27.21 -11.71
CAB BCL EC . 30.95 30.04 -10.24
OBB BCL EC . 30.48 30.82 -9.44
CBB BCL EC . 30.33 29.88 -11.59
NC BCL EC . 34.80 30.19 -6.33
C1C BCL EC . 33.72 30.88 -6.77
C2C BCL EC . 33.45 32.14 -6.00
C3C BCL EC . 34.64 32.18 -5.09
C4C BCL EC . 35.23 30.81 -5.28
CMC BCL EC . 33.44 33.35 -6.92
CAC BCL EC . 34.23 32.40 -3.64
CBC BCL EC . 33.19 31.40 -3.16
ND BCL EC . 36.74 28.46 -5.52
C1D BCL EC . 36.98 29.18 -4.43
C2D BCL EC . 38.06 28.62 -3.55
C3D BCL EC . 38.41 27.44 -4.35
C4D BCL EC . 37.65 27.45 -5.44
CMD BCL EC . 38.74 28.94 -2.23
CAD BCL EC . 39.32 26.28 -4.37
OBD BCL EC . 40.19 25.98 -3.47
CBD BCL EC . 39.05 25.50 -5.62
CGD BCL EC . 40.27 25.38 -6.48
O1D BCL EC . 40.98 26.34 -6.74
O2D BCL EC . 40.65 24.08 -7.01
CED BCL EC . 41.49 24.00 -8.15
C1 BCL EC . 38.63 19.01 -8.10
C2 BCL EC . 38.53 18.11 -9.31
C3 BCL EC . 39.58 17.86 -10.10
C4 BCL EC . 39.43 16.96 -11.29
C5 BCL EC . 40.93 18.49 -9.79
C6 BCL EC . 42.02 17.85 -10.66
C7 BCL EC . 43.39 18.16 -10.08
C8 BCL EC . 44.46 18.14 -11.18
C9 BCL EC . 45.30 16.87 -11.11
C10 BCL EC . 45.33 19.39 -11.07
C11 BCL EC . 45.50 20.07 -12.42
C12 BCL EC . 44.14 20.24 -13.10
C13 BCL EC . 44.11 19.57 -14.47
C14 BCL EC . 44.44 20.57 -15.58
C15 BCL EC . 42.75 18.92 -14.70
C16 BCL EC . 41.67 19.96 -14.93
C17 BCL EC . 40.72 20.05 -13.75
C18 BCL EC . 40.61 21.49 -13.26
C19 BCL EC . 40.29 21.56 -11.78
C20 BCL EC . 39.56 22.25 -14.08
CA CA FC . 28.89 39.46 -6.17
C1B LMT GC . 36.52 45.11 0.48
C2B LMT GC . 35.15 45.75 0.72
C3B LMT GC . 35.26 47.26 0.69
C4B LMT GC . 36.31 47.71 1.69
C5B LMT GC . 37.64 47.04 1.34
C6B LMT GC . 38.75 47.47 2.30
O1B LMT GC . 36.96 45.34 -0.86
O2B LMT GC . 34.20 45.30 -0.26
O3B LMT GC . 33.99 47.85 1.01
O4' LMT GC . 36.45 49.13 1.67
O5B LMT GC . 37.48 45.62 1.41
O6B LMT GC . 38.58 46.83 3.57
C1' LMT GC . 37.85 42.69 -3.76
C2' LMT GC . 36.64 42.73 -2.84
C3' LMT GC . 37.07 42.99 -1.40
C4' LMT GC . 37.84 44.29 -1.25
C5' LMT GC . 38.61 44.60 -2.53
C6' LMT GC . 39.87 45.39 -2.18
O1' LMT GC . 38.18 41.31 -4.00
O2' LMT GC . 35.71 43.73 -3.28
O3' LMT GC . 37.92 41.95 -0.94
O5' LMT GC . 38.96 43.37 -3.18
O6' LMT GC . 39.50 46.51 -1.37
C1 LMT GC . 39.45 41.15 -4.62
C2 LMT GC . 39.69 39.69 -4.96
C3 LMT GC . 38.70 39.20 -6.01
C4 LMT GC . 39.00 37.78 -6.47
C5 LMT GC . 38.74 36.76 -5.37
C6 LMT GC . 38.60 35.36 -5.96
C7 LMT GC . 38.76 34.30 -4.87
C8 LMT GC . 38.29 32.92 -5.33
C9 LMT GC . 38.96 32.47 -6.62
C10 LMT GC . 38.88 30.95 -6.76
C11 LMT GC . 39.35 30.49 -8.13
C12 LMT GC . 39.32 28.98 -8.26
MG BCL HC . 38.15 25.85 1.53
CHA BCL HC . 37.97 23.90 -1.28
CHB BCL HC . 39.99 23.51 3.07
CHC BCL HC . 38.01 27.73 4.37
CHD BCL HC . 35.81 28.04 0.12
NA BCL HC . 38.95 24.09 0.98
C1A BCL HC . 38.85 23.50 -0.15
C2A BCL HC . 39.60 22.20 -0.24
C3A BCL HC . 40.09 22.02 1.17
C4A BCL HC . 39.66 23.30 1.79
CMA BCL HC . 39.43 20.82 1.84
CAA BCL HC . 40.76 22.23 -1.23
CBA BCL HC . 41.01 20.83 -1.76
CGA BCL HC . 42.31 20.29 -1.20
O1A BCL HC . 43.15 19.82 -1.94
O2A BCL HC . 42.58 20.31 0.23
NB BCL HC . 38.86 25.64 3.45
C1B BCL HC . 39.62 24.64 3.92
C2B BCL HC . 40.05 24.72 5.34
C3B BCL HC . 39.44 26.01 5.72
C4B BCL HC . 38.77 26.47 4.49
CMB BCL HC . 40.88 23.71 6.09
CAB BCL HC . 39.46 26.75 7.04
OBB BCL HC . 39.15 27.92 7.09
CBB BCL HC . 39.90 26.04 8.28
NC BCL HC . 37.22 27.54 2.11
C1C BCL HC . 37.34 28.14 3.31
C2C BCL HC . 36.59 29.43 3.44
C3C BCL HC . 35.91 29.50 2.11
C4C BCL HC . 36.39 28.27 1.45
CMC BCL HC . 35.58 29.37 4.57
CAC BCL HC . 36.32 30.73 1.31
CBC BCL HC . 35.38 31.89 1.56
ND BCL HC . 37.03 26.03 -0.16
C1D BCL HC . 36.17 26.91 -0.68
C2D BCL HC . 35.69 26.54 -2.04
C3D BCL HC . 36.46 25.31 -2.25
C4D BCL HC . 37.19 25.11 -1.16
CMD BCL HC . 34.73 27.11 -3.05
CAD BCL HC . 36.68 24.21 -3.22
OBD BCL HC . 36.15 24.10 -4.38
CBD BCL HC . 37.70 23.29 -2.64
CGD BCL HC . 37.32 21.84 -2.72
O1D BCL HC . 36.45 21.35 -2.04
O2D BCL HC . 38.03 21.01 -3.67
CED BCL HC . 38.00 19.59 -3.57
C1 BCL HC . 43.93 20.22 0.70
C2 BCL HC . 44.31 21.56 1.27
C3 BCL HC . 44.24 21.79 2.59
C4 BCL HC . 43.80 20.72 3.54
C5 BCL HC . 44.63 23.15 3.13
C6 BCL HC . 44.36 24.20 2.05
C7 BCL HC . 42.98 24.84 2.20
C8 BCL HC . 43.04 26.31 2.59
C9 BCL HC . 44.41 26.93 2.29
C10 BCL HC . 42.64 26.51 4.04
C11 BCL HC . 43.23 27.80 4.61
C12 BCL HC . 42.43 28.33 5.79
C13 BCL HC . 42.74 29.79 6.10
C14 BCL HC . 43.71 30.40 5.07
C15 BCL HC . 43.30 29.89 7.51
C16 BCL HC . 44.12 31.16 7.71
C17 BCL HC . 43.29 32.30 8.31
C18 BCL HC . 44.17 33.53 8.50
C19 BCL HC . 44.52 34.17 7.17
C20 BCL HC . 45.44 33.21 9.28
C1M CRT IC . 51.19 3.19 -16.33
O1 CRT IC . 51.45 4.43 -15.68
C1 CRT IC . 52.17 4.45 -14.45
C2 CRT IC . 51.32 3.80 -13.36
C3 CRT IC . 53.44 3.63 -14.62
C4 CRT IC . 52.55 5.89 -14.09
C5 CRT IC . 51.45 6.91 -14.29
C6 CRT IC . 51.31 7.86 -13.37
C7 CRT IC . 50.30 8.95 -13.43
C8 CRT IC . 49.86 9.48 -14.74
C9 CRT IC . 49.84 9.46 -12.27
C10 CRT IC . 48.87 10.55 -12.18
C11 CRT IC . 48.56 11.00 -10.95
C12 CRT IC . 47.60 12.08 -10.65
C13 CRT IC . 46.91 12.83 -11.75
C14 CRT IC . 47.37 12.35 -9.35
C15 CRT IC . 46.45 13.39 -8.85
C16 CRT IC . 46.37 13.51 -7.52
C17 CRT IC . 45.51 14.47 -6.81
C18 CRT IC . 45.02 15.71 -7.51
C19 CRT IC . 45.17 14.22 -5.54
C20 CRT IC . 44.31 15.07 -4.73
C21 CRT IC . 44.10 14.76 -3.45
C22 CRT IC . 43.22 15.55 -2.59
C23 CRT IC . 42.91 15.16 -1.34
C24 CRT IC . 43.47 13.89 -0.78
C25 CRT IC . 41.98 15.98 -0.51
C26 CRT IC . 41.42 15.49 0.61
C27 CRT IC . 40.50 16.36 1.34
C28 CRT IC . 39.68 15.95 2.32
C29 CRT IC . 39.65 14.52 2.80
C30 CRT IC . 38.82 16.99 2.92
C31 CRT IC . 37.90 16.81 3.87
C32 CRT IC . 37.19 18.04 4.20
C33 CRT IC . 36.17 18.18 5.06
C34 CRT IC . 35.61 17.04 5.85
C35 CRT IC . 35.63 19.54 5.19
C36 CRT IC . 34.64 19.89 5.99
C37 CRT IC . 34.23 21.34 5.97
C38 CRT IC . 32.77 21.46 5.59
C39 CRT IC . 32.15 22.70 6.23
C40 CRT IC . 32.62 21.51 4.07
O2 CRT IC . 32.12 20.27 6.04
C2M CRT IC . 30.74 20.27 6.37
MG BCL JC . 38.45 22.69 9.10
CHA BCL JC . 39.94 19.82 10.20
CHB BCL JC . 38.32 21.44 5.99
CHC BCL JC . 36.34 25.22 8.25
CHD BCL JC . 38.39 23.90 12.39
NA BCL JC . 39.08 21.01 8.23
C1A BCL JC . 39.64 19.98 8.77
C2A BCL JC . 39.99 18.88 7.82
C3A BCL JC . 39.67 19.51 6.48
C4A BCL JC . 38.97 20.75 6.91
CMA BCL JC . 40.92 19.84 5.68
CAA BCL JC . 39.13 17.66 8.04
CBA BCL JC . 39.54 16.56 7.06
CGA BCL JC . 38.85 15.27 7.41
O1A BCL JC . 37.67 15.24 7.72
O2A BCL JC . 39.61 14.04 7.38
NB BCL JC . 37.45 23.25 7.39
C1B BCL JC . 37.52 22.65 6.20
C2B BCL JC . 36.75 23.26 5.08
C3B BCL JC . 36.14 24.41 5.77
C4B BCL JC . 36.66 24.30 7.16
CMB BCL JC . 36.67 22.72 3.68
CAB BCL JC . 35.21 25.47 5.25
OBB BCL JC . 34.72 26.27 6.02
CBB BCL JC . 34.91 25.56 3.79
NC BCL JC . 37.69 24.30 10.02
C1C BCL JC . 36.88 25.23 9.47
C2C BCL JC . 36.57 26.38 10.38
C3C BCL JC . 37.49 26.08 11.53
C4C BCL JC . 37.87 24.67 11.25
CMC BCL JC . 36.94 27.70 9.73
CAC BCL JC . 36.80 26.21 12.88
CBC BCL JC . 35.47 25.48 12.95
ND BCL JC . 38.97 22.09 10.97
C1D BCL JC . 38.97 22.59 12.22
C2D BCL JC . 39.56 21.67 13.24
C3D BCL JC . 39.95 20.56 12.36
C4D BCL JC . 39.60 20.88 11.12
CMD BCL JC . 39.81 21.65 14.73
CAD BCL JC . 40.57 19.21 12.36
OBD BCL JC . 41.02 18.59 13.39
CBD BCL JC . 40.59 18.70 10.96
CGD BCL JC . 41.99 18.46 10.49
O1D BCL JC . 42.88 19.28 10.69
O2D BCL JC . 42.33 17.25 9.78
CED BCL JC . 43.44 17.24 8.88
C1 BCL JC . 38.97 12.80 7.10
C2 BCL JC . 39.63 12.20 5.88
C3 BCL JC . 40.82 11.60 5.97
C4 BCL JC . 41.51 11.51 7.31
C5 BCL JC . 41.47 11.01 4.75
C6 BCL JC . 42.98 11.08 4.89
C7 BCL JC . 43.52 12.39 4.32
C8 BCL JC . 44.97 12.68 4.73
C9 BCL JC . 45.69 13.39 3.59
C10 BCL JC . 45.70 11.41 5.17
C11 BCL JC . 47.20 11.49 4.88
C12 BCL JC . 48.04 10.80 5.95
C13 BCL JC . 49.45 11.39 5.99
C14 BCL JC . 49.39 12.91 6.13
C15 BCL JC . 50.21 10.96 4.73
C16 BCL JC . 51.55 11.67 4.62
C17 BCL JC . 52.56 11.14 5.64
C18 BCL JC . 53.99 11.53 5.25
C19 BCL JC . 54.29 11.14 3.81
C20 BCL JC . 55.00 10.92 6.21
C1B LMT KC . 41.68 39.12 14.44
C2B LMT KC . 42.62 40.30 14.22
C3B LMT KC . 42.18 41.51 15.01
C4B LMT KC . 42.12 41.17 16.50
C5B LMT KC . 41.38 39.84 16.71
C6B LMT KC . 40.31 40.01 17.78
O1B LMT KC . 42.42 37.94 14.75
O2B LMT KC . 43.95 39.94 14.61
O3B LMT KC . 40.88 41.92 14.57
O4' LMT KC . 43.46 41.07 17.02
O5B LMT KC . 40.76 39.42 15.50
O6B LMT KC . 39.33 40.95 17.33
C1' LMT KC . 42.61 34.05 13.55
C2' LMT KC . 42.19 34.99 12.44
C3' LMT KC . 42.36 36.45 12.86
C4' LMT KC . 41.83 36.73 14.25
C5' LMT KC . 42.16 35.62 15.24
C6' LMT KC . 41.44 35.84 16.57
O1' LMT KC . 42.45 32.70 13.13
O2' LMT KC . 42.98 34.73 11.26
O3' LMT KC . 41.67 37.26 11.90
O5' LMT KC . 41.82 34.34 14.70
O6' LMT KC . 42.04 35.03 17.59
C1 LMT KC . 42.83 31.76 14.13
C2 LMT KC . 43.08 30.40 13.50
C3 LMT KC . 41.79 29.68 13.10
C4 LMT KC . 42.13 28.31 12.52
C5 LMT KC . 40.93 27.37 12.53
C6 LMT KC . 41.37 25.95 12.16
C7 LMT KC . 42.21 25.95 10.90
C8 LMT KC . 42.83 24.60 10.60
C9 LMT KC . 41.79 23.62 10.08
C10 LMT KC . 42.45 22.34 9.56
C11 LMT KC . 43.55 22.65 8.57
C12 LMT KC . 44.20 21.38 8.05
MG BCL LC . 37.69 18.27 17.36
CHA BCL LC . 38.07 16.76 14.29
CHB BCL LC . 38.72 15.46 18.86
CHC BCL LC . 36.80 19.65 20.33
CHD BCL LC . 36.21 21.03 15.79
NA BCL LC . 38.36 16.48 16.73
C1A BCL LC . 38.50 16.06 15.52
C2A BCL LC . 39.04 14.66 15.41
C3A BCL LC . 38.97 14.19 16.84
C4A BCL LC . 38.66 15.46 17.54
CMA BCL LC . 37.86 13.17 17.05
CAA BCL LC . 40.46 14.63 14.87
CBA BCL LC . 40.67 13.39 14.01
CGA BCL LC . 41.47 12.37 14.77
O1A BCL LC . 42.46 11.86 14.29
O2A BCL LC . 41.07 11.98 16.11
NB BCL LC . 37.72 17.64 19.31
C1B BCL LC . 38.19 16.48 19.77
C2B BCL LC . 38.14 16.27 21.23
C3B BCL LC . 37.56 17.55 21.67
C4B BCL LC . 37.37 18.31 20.42
CMB BCL LC . 38.59 15.03 21.97
CAB BCL LC . 37.22 18.04 23.05
OBB BCL LC . 37.00 19.23 23.23
CBB BCL LC . 37.17 17.07 24.20
NC BCL LC . 36.87 19.99 17.96
C1C BCL LC . 36.66 20.37 19.23
C2C BCL LC . 36.19 21.78 19.38
C3C BCL LC . 35.95 22.17 17.96
C4C BCL LC . 36.40 20.95 17.24
CMC BCL LC . 34.87 21.81 20.14
CAC BCL LC . 36.78 23.38 17.54
CBC BCL LC . 36.02 24.65 17.78
ND BCL LC . 37.17 18.87 15.49
C1D BCL LC . 36.63 19.95 14.93
C2D BCL LC . 36.51 19.86 13.44
C3D BCL LC . 37.12 18.54 13.22
C4D BCL LC . 37.47 18.07 14.42
CMD BCL LC . 35.98 20.73 12.34
CAD BCL LC . 37.46 17.56 12.17
OBD BCL LC . 37.27 17.70 10.91
CBD BCL LC . 38.12 16.38 12.84
CGD BCL LC . 37.53 15.06 12.43
O1D BCL LC . 36.53 14.61 12.95
O2D BCL LC . 38.20 14.29 11.40
CED BCL LC . 38.09 12.87 11.38
C1 BCL LC . 42.06 11.58 17.04
C2 BCL LC . 42.75 12.82 17.55
C3 BCL LC . 42.43 13.34 18.75
C4 BCL LC . 41.41 12.67 19.61
C5 BCL LC . 43.14 14.59 19.22
C6 BCL LC . 42.12 15.63 19.66
C7 BCL LC . 42.81 16.97 19.91
C8 BCL LC . 42.70 17.41 21.37
C9 BCL LC . 42.38 16.24 22.31
C10 BCL LC . 41.66 18.52 21.51
C11 BCL LC . 41.17 18.63 22.96
C12 BCL LC . 41.01 20.08 23.37
C13 BCL LC . 40.98 20.21 24.89
C14 BCL LC . 39.87 19.35 25.47
C15 BCL LC . 40.84 21.67 25.31
C16 BCL LC . 42.15 22.22 25.83
C17 BCL LC . 41.93 23.49 26.65
C18 BCL LC . 43.02 23.68 27.69
C19 BCL LC . 42.48 24.40 28.93
C20 BCL LC . 44.21 24.43 27.11
C1M CRT MC . 49.39 -3.18 2.40
O1 CRT MC . 50.54 -2.33 2.24
C1 CRT MC . 51.83 -2.94 2.28
C2 CRT MC . 52.40 -3.46 0.96
C3 CRT MC . 52.70 -2.86 3.53
C4 CRT MC . 52.47 -1.60 1.92
C5 CRT MC . 51.64 -0.35 2.11
C6 CRT MC . 51.80 0.46 3.15
C7 CRT MC . 50.99 1.69 3.29
C8 CRT MC . 51.12 2.78 2.28
C9 CRT MC . 50.18 1.87 4.34
C10 CRT MC . 49.38 3.09 4.48
C11 CRT MC . 49.02 3.50 5.70
C12 CRT MC . 48.21 4.72 5.92
C13 CRT MC . 47.98 5.70 4.82
C14 CRT MC . 47.67 4.89 7.14
C15 CRT MC . 46.81 6.00 7.55
C16 CRT MC . 46.34 5.90 8.79
C17 CRT MC . 45.44 6.88 9.43
C18 CRT MC . 45.16 8.22 8.81
C19 CRT MC . 44.86 6.52 10.58
C20 CRT MC . 43.92 7.38 11.30
C21 CRT MC . 43.29 6.90 12.37
C22 CRT MC . 42.32 7.74 13.07
C23 CRT MC . 41.54 7.23 14.04
C24 CRT MC . 41.66 5.80 14.45
C25 CRT MC . 40.56 8.13 14.68
C26 CRT MC . 39.50 7.65 15.35
C27 CRT MC . 38.57 8.62 15.90
C28 CRT MC . 37.45 8.31 16.56
C29 CRT MC . 37.05 6.88 16.80
C30 CRT MC . 36.60 9.42 17.02
C31 CRT MC . 35.39 9.30 17.56
C32 CRT MC . 34.75 10.56 17.90
C33 CRT MC . 33.50 10.74 18.36
C34 CRT MC . 32.56 9.59 18.61
C35 CRT MC . 33.09 12.12 18.63
C36 CRT MC . 31.86 12.47 18.99
C37 CRT MC . 31.64 13.94 19.20
C38 CRT MC . 30.40 14.39 18.44
C39 CRT MC . 29.93 15.75 18.95
C40 CRT MC . 30.69 14.46 16.95
O2 CRT MC . 29.39 13.40 18.64
C2M CRT MC . 28.02 13.75 18.66
C1B LMT NC . 38.62 28.93 32.88
C2B LMT NC . 39.77 29.90 32.56
C3B LMT NC . 40.37 30.49 33.84
C4B LMT NC . 40.58 29.42 34.91
C5B LMT NC . 39.31 28.60 35.14
C6B LMT NC . 38.85 28.66 36.58
O1B LMT NC . 39.01 27.59 32.60
O2B LMT NC . 40.78 29.22 31.81
O3B LMT NC . 39.54 31.53 34.34
O4' LMT NC . 41.63 28.54 34.51
O5B LMT NC . 38.28 29.05 34.26
O6B LMT NC . 37.77 27.73 36.76
C1' LMT NC . 39.27 24.29 31.97
C2' LMT NC . 39.02 25.27 30.83
C3' LMT NC . 37.79 26.11 31.13
C4' LMT NC . 37.87 26.72 32.51
C5' LMT NC . 38.03 25.60 33.54
C6' LMT NC . 36.81 25.58 34.46
O1' LMT NC . 39.36 22.98 31.43
O2' LMT NC . 40.15 26.12 30.64
O3' LMT NC . 36.63 25.26 31.08
O5' LMT NC . 38.17 24.34 32.88
O6' LMT NC . 37.16 24.95 35.70
C1 LMT NC . 38.85 22.00 32.31
C2 LMT NC . 38.89 20.64 31.61
C3 LMT NC . 38.43 20.79 30.17
C4 LMT NC . 38.36 19.43 29.47
C5 LMT NC . 37.13 18.65 29.90
C6 LMT NC . 36.77 17.58 28.88
C7 LMT NC . 37.99 16.83 28.37
C8 LMT NC . 37.59 15.64 27.51
C9 LMT NC . 38.82 14.99 26.86
C10 LMT NC . 38.41 13.92 25.85
C11 LMT NC . 39.65 13.32 25.21
C12 LMT NC . 39.30 12.27 24.19
N1 LDA OC . 15.79 19.85 28.61
O1 LDA OC . 16.14 20.44 27.57
CM1 LDA OC . 14.41 20.25 28.92
CM2 LDA OC . 16.67 20.21 29.73
C1 LDA OC . 15.84 18.40 28.39
C2 LDA OC . 17.13 18.07 27.64
C3 LDA OC . 17.23 16.58 27.36
C4 LDA OC . 16.06 16.09 26.51
C5 LDA OC . 16.46 14.87 25.70
C6 LDA OC . 17.34 15.29 24.53
C7 LDA OC . 18.35 14.20 24.16
C8 LDA OC . 17.72 12.99 23.49
C9 LDA OC . 18.82 12.19 22.79
C10 LDA OC . 18.25 11.01 22.00
C11 LDA OC . 17.81 9.88 22.92
C12 LDA OC . 17.27 8.71 22.13
MG BCL PC . 35.00 14.00 23.96
CHA BCL PC . 35.70 10.81 24.89
CHB BCL PC . 35.75 13.31 20.78
CHC BCL PC . 33.71 17.04 23.10
CHD BCL PC . 34.10 14.74 27.28
NA BCL PC . 35.65 12.38 22.99
C1A BCL PC . 35.85 11.20 23.46
C2A BCL PC . 36.21 10.18 22.45
C3A BCL PC . 36.46 11.02 21.23
C4A BCL PC . 35.93 12.35 21.68
CMA BCL PC . 37.94 11.12 20.89
CAA BCL PC . 34.99 9.28 22.27
CBA BCL PC . 34.99 8.47 20.98
CGA BCL PC . 35.70 7.15 21.17
O1A BCL PC . 36.79 7.11 21.72
O2A BCL PC . 35.08 5.92 20.71
NB BCL PC . 34.73 15.03 22.21
C1B BCL PC . 35.12 14.62 21.00
C2B BCL PC . 34.86 15.55 19.87
C3B BCL PC . 34.24 16.68 20.57
C4B BCL PC . 34.24 16.25 21.99
CMB BCL PC . 35.18 15.28 18.42
CAB BCL PC . 33.72 17.99 20.04
OBB BCL PC . 33.53 18.92 20.81
CBB BCL PC . 33.43 18.14 18.59
NC BCL PC . 34.25 15.59 24.94
C1C BCL PC . 33.81 16.74 24.39
C2C BCL PC . 33.39 17.77 25.37
C3C BCL PC . 33.87 17.15 26.65
C4C BCL PC . 34.10 15.74 26.22
CMC BCL PC . 34.11 19.10 25.12
CAC BCL PC . 32.85 17.25 27.77
CBC BCL PC . 31.46 16.81 27.34
ND BCL PC . 34.84 13.08 25.77
C1D BCL PC . 34.53 13.39 27.04
C2D BCL PC . 34.66 12.24 27.99
C3D BCL PC . 35.13 11.22 27.06
C4D BCL PC . 35.22 11.77 25.85
CMD BCL PC . 34.43 11.95 29.46
CAD BCL PC . 35.55 9.80 26.98
OBD BCL PC . 35.58 8.97 27.96
CBD BCL PC . 35.92 9.50 25.56
CGD BCL PC . 37.35 9.06 25.47
O1D BCL PC . 38.25 9.69 26.01
O2D BCL PC . 37.70 7.87 24.71
CED BCL PC . 39.07 7.59 24.45
C1 BCL PC . 35.74 5.16 19.71
C2 BCL PC . 36.62 4.09 20.31
C3 BCL PC . 36.65 2.87 19.78
C4 BCL PC . 35.81 2.57 18.57
C5 BCL PC . 37.52 1.80 20.38
C6 BCL PC . 39.00 2.09 20.15
C7 BCL PC . 39.37 2.11 18.67
C8 BCL PC . 40.88 1.92 18.45
C9 BCL PC . 41.16 1.36 17.06
C10 BCL PC . 41.49 1.05 19.54
C11 BCL PC . 42.63 1.81 20.24
C12 BCL PC . 42.92 1.22 21.62
C13 BCL PC . 43.69 2.23 22.45
C14 BCL PC . 42.95 3.57 22.49
C15 BCL PC . 45.09 2.40 21.88
C16 BCL PC . 45.94 1.18 22.14
C17 BCL PC . 47.33 1.35 21.55
C18 BCL PC . 48.41 0.74 22.45
C19 BCL PC . 48.03 -0.66 22.91
C20 BCL PC . 48.71 1.66 23.63
MG BCL QC . 31.14 8.90 30.75
CHA BCL QC . 32.22 7.80 27.71
CHB BCL QC . 31.29 5.79 31.97
CHC BCL QC . 29.68 10.04 33.60
CHD BCL QC . 30.59 12.10 29.36
NA BCL QC . 31.71 7.11 30.02
C1A BCL QC . 32.16 6.85 28.84
C2A BCL QC . 32.48 5.40 28.62
C3A BCL QC . 32.01 4.76 29.91
C4A BCL QC . 31.65 5.97 30.71
CMA BCL QC . 30.80 3.88 29.68
CAA BCL QC . 33.95 5.10 28.39
CBA BCL QC . 34.14 3.65 27.97
CGA BCL QC . 34.91 2.92 29.04
O1A BCL QC . 36.10 2.72 28.91
O2A BCL QC . 34.25 2.47 30.26
NB BCL QC . 30.54 8.05 32.51
C1B BCL QC . 30.70 6.77 32.88
C2B BCL QC . 30.21 6.39 34.23
C3B BCL QC . 29.72 7.68 34.72
C4B BCL QC . 29.99 8.62 33.60
CMB BCL QC . 30.26 5.00 34.83
CAB BCL QC . 29.11 8.05 36.03
OBB BCL QC . 28.91 9.23 36.32
CBB BCL QC . 28.75 6.99 37.02
NC BCL QC . 30.40 10.66 31.40
C1C BCL QC . 29.86 10.89 32.61
C2C BCL QC . 29.42 12.30 32.83
C3C BCL QC . 29.84 12.95 31.55
C4C BCL QC . 30.32 11.77 30.77
CMC BCL QC . 27.91 12.38 33.00
CAC BCL QC . 31.00 13.91 31.75
CBC BCL QC . 30.81 15.17 30.94
ND BCL QC . 31.29 9.86 28.96
C1D BCL QC . 31.11 11.09 28.47
C2D BCL QC . 31.45 11.23 27.02
C3D BCL QC . 31.90 9.85 26.75
C4D BCL QC . 31.79 9.17 27.89
CMD BCL QC . 31.42 12.32 26.00
CAD BCL QC . 32.42 8.98 25.68
OBD BCL QC . 32.65 9.32 24.47
CBD BCL QC . 32.66 7.63 26.27
CGD BCL QC . 31.98 6.53 25.51
O1D BCL QC . 30.78 6.42 25.47
O2D BCL QC . 32.82 5.60 24.78
CED BCL QC . 32.23 4.44 24.24
C1 BCL QC . 35.03 2.08 31.39
C2 BCL QC . 35.37 3.32 32.19
C3 BCL QC . 34.56 3.77 33.15
C4 BCL QC . 33.28 3.05 33.47
C5 BCL QC . 34.96 5.02 33.91
C6 BCL QC . 33.77 5.64 34.64
C7 BCL QC . 33.88 7.16 34.58
C8 BCL QC . 33.15 7.90 35.71
C9 BCL QC . 33.88 9.20 36.00
C10 BCL QC . 33.01 7.03 36.96
C11 BCL QC . 33.12 7.85 38.24
C12 BCL QC . 31.76 8.07 38.89
C13 BCL QC . 31.70 9.40 39.63
C14 BCL QC . 31.94 10.56 38.68
C15 BCL QC . 32.70 9.42 40.78
C16 BCL QC . 32.80 10.81 41.39
C17 BCL QC . 34.24 11.13 41.74
C18 BCL QC . 34.52 12.62 41.65
C19 BCL QC . 35.87 12.90 41.00
C20 BCL QC . 34.43 13.28 43.03
C1M CRT RC . 45.20 -12.10 14.90
O1 CRT RC . 45.91 -11.46 15.97
C1 CRT RC . 47.00 -12.09 16.61
C2 CRT RC . 46.48 -13.26 17.42
C3 CRT RC . 47.98 -12.58 15.55
C4 CRT RC . 47.68 -11.09 17.53
C5 CRT RC . 46.92 -9.78 17.55
C6 CRT RC . 46.61 -9.18 18.69
C7 CRT RC . 45.86 -7.91 18.65
C8 CRT RC . 45.86 -7.09 17.39
C9 CRT RC . 45.20 -7.48 19.72
C10 CRT RC . 44.45 -6.22 19.71
C11 CRT RC . 43.54 -6.05 20.65
C12 CRT RC . 42.71 -4.83 20.79
C13 CRT RC . 42.81 -3.70 19.81
C14 CRT RC . 41.89 -4.78 21.84
C15 CRT RC . 41.01 -3.66 22.14
C16 CRT RC . 40.25 -3.78 23.21
C17 CRT RC . 39.32 -2.71 23.64
C18 CRT RC . 39.51 -1.30 23.21
C19 CRT RC . 38.30 -3.05 24.45
C20 CRT RC . 37.33 -2.06 24.90
C21 CRT RC . 36.33 -2.47 25.67
C22 CRT RC . 35.33 -1.51 26.11
C23 CRT RC . 34.32 -1.89 26.93
C24 CRT RC . 34.25 -3.30 27.40
C25 CRT RC . 33.31 -0.90 27.34
C26 CRT RC . 32.10 -1.26 27.78
C27 CRT RC . 31.16 -0.20 28.12
C28 CRT RC . 29.93 -0.41 28.63
C29 CRT RC . 29.44 -1.80 28.91
C30 CRT RC . 29.08 0.76 28.91
C31 CRT RC . 27.77 0.70 29.15
C32 CRT RC . 27.12 1.99 29.39
C33 CRT RC . 25.83 2.20 29.69
C34 CRT RC . 24.84 1.09 29.85
C35 CRT RC . 25.44 3.61 29.87
C36 CRT RC . 24.26 4.05 30.31
C37 CRT RC . 24.13 5.56 30.40
C38 CRT RC . 22.98 6.09 29.56
C39 CRT RC . 22.19 7.12 30.35
C40 CRT RC . 23.51 6.73 28.29
O2 CRT RC . 22.13 5.01 29.20
C2M CRT RC . 20.75 5.23 28.90
N1 LDA SC . 13.86 17.61 32.25
O1 LDA SC . 13.96 18.06 31.09
CM1 LDA SC . 15.08 17.90 33.01
CM2 LDA SC . 12.70 18.25 32.90
C1 LDA SC . 13.64 16.16 32.17
C2 LDA SC . 14.64 15.55 31.18
C3 LDA SC . 14.30 14.10 30.89
C4 LDA SC . 15.19 13.52 29.81
C5 LDA SC . 15.32 12.02 29.98
C6 LDA SC . 15.89 11.37 28.71
C7 LDA SC . 17.20 12.02 28.28
C8 LDA SC . 17.86 11.19 27.19
C9 LDA SC . 18.10 9.75 27.65
C10 LDA SC . 18.64 8.89 26.53
C11 LDA SC . 18.51 7.41 26.87
C12 LDA SC . 18.89 6.53 25.70
MG BCL TC . 26.45 4.44 35.65
CHA BCL TC . 26.52 1.13 36.46
CHB BCL TC . 27.68 3.76 32.62
CHC BCL TC . 25.93 7.72 34.79
CHD BCL TC . 24.95 5.15 38.74
NA BCL TC . 27.10 2.78 34.72
C1A BCL TC . 27.05 1.56 35.14
C2A BCL TC . 27.57 0.55 34.15
C3A BCL TC . 28.25 1.44 33.15
C4A BCL TC . 27.65 2.76 33.51
CMA BCL TC . 29.75 1.46 33.34
CAA BCL TC . 26.44 -0.22 33.47
CBA BCL TC . 26.75 -1.72 33.40
CGA BCL TC . 26.30 -2.33 32.09
O1A BCL TC . 25.84 -1.63 31.20
O2A BCL TC . 26.38 -3.77 31.89
NB BCL TC . 26.73 5.57 33.97
C1B BCL TC . 27.26 5.15 32.81
C2B BCL TC . 27.39 6.17 31.73
C3B BCL TC . 26.86 7.37 32.40
C4B BCL TC . 26.50 6.88 33.75
CMB BCL TC . 27.94 5.93 30.34
CAB BCL TC . 26.69 8.77 31.90
OBB BCL TC . 25.98 9.57 32.49
CBB BCL TC . 27.41 9.23 30.66
NC BCL TC . 25.68 6.07 36.54
C1C BCL TC . 25.56 7.30 35.99
C2C BCL TC . 24.93 8.32 36.87
C3C BCL TC . 24.78 7.55 38.15
C4C BCL TC . 25.19 6.18 37.73
CMC BCL TC . 25.83 9.53 37.06
CAC BCL TC . 23.33 7.54 38.60
CBC BCL TC . 23.25 7.82 40.08
ND BCL TC . 25.79 3.46 37.30
C1D BCL TC . 25.25 3.75 38.50
C2D BCL TC . 25.02 2.57 39.37
C3D BCL TC . 25.55 1.52 38.49
C4D BCL TC . 25.98 2.10 37.37
CMD BCL TC . 24.45 2.26 40.73
CAD BCL TC . 25.80 0.07 38.40
OBD BCL TC . 25.50 -0.79 39.30
CBD BCL TC . 26.43 -0.23 37.08
CGD BCL TC . 27.77 -0.87 37.26
O1D BCL TC . 28.62 -0.36 38.00
O2D BCL TC . 28.11 -2.10 36.58
CED BCL TC . 29.45 -2.56 36.54
C1 BCL TC . 26.86 -4.27 30.64
C2 BCL TC . 28.08 -5.11 30.90
C3 BCL TC . 28.43 -6.12 30.10
C4 BCL TC . 27.63 -6.43 28.87
C5 BCL TC . 29.66 -6.94 30.42
C6 BCL TC . 29.56 -7.48 31.84
C7 BCL TC . 30.83 -8.22 32.22
C8 BCL TC . 31.56 -7.49 33.35
C9 BCL TC . 32.38 -6.33 32.79
C10 BCL TC . 32.44 -8.50 34.10
C11 BCL TC . 33.60 -7.84 34.81
C12 BCL TC . 34.94 -8.42 34.38
C13 BCL TC . 35.71 -8.92 35.60
C14 BCL TC . 35.87 -7.79 36.62
C15 BCL TC . 37.06 -9.47 35.18
C16 BCL TC . 37.85 -9.97 36.39
C17 BCL TC . 39.27 -10.34 35.99
C18 BCL TC . 40.06 -10.90 37.18
C19 BCL TC . 39.86 -10.04 38.43
C20 BCL TC . 41.53 -11.04 36.84
C1B LMT UC . 28.10 18.18 45.87
C2B LMT UC . 28.56 19.44 46.60
C3B LMT UC . 27.50 20.54 46.46
C4B LMT UC . 26.16 20.08 47.03
C5B LMT UC . 25.92 18.60 46.76
C6B LMT UC . 24.44 18.33 46.49
O1B LMT UC . 28.47 17.02 46.62
O2B LMT UC . 28.81 19.16 47.98
O3B LMT UC . 27.35 20.86 45.07
O4' LMT UC . 26.14 20.32 48.44
O5B LMT UC . 26.69 18.20 45.63
O6B LMT UC . 23.64 19.21 47.27
C1' LMT UC . 29.53 13.16 45.58
C2' LMT UC . 30.11 14.24 44.68
C3' LMT UC . 29.93 15.63 45.27
C4' LMT UC . 28.52 15.85 45.82
C5' LMT UC . 28.07 14.65 46.66
C6' LMT UC . 26.62 14.85 47.13
O1' LMT UC . 29.62 11.93 44.87
O2' LMT UC . 31.50 13.98 44.46
O3' LMT UC . 30.20 16.57 44.23
O5' LMT UC . 28.18 13.46 45.89
O6' LMT UC . 26.36 14.02 48.26
C1 LMT UC . 29.06 10.82 45.57
C2 LMT UC . 29.26 9.58 44.71
C3 LMT UC . 29.13 9.94 43.24
C4 LMT UC . 28.98 8.71 42.35
C5 LMT UC . 27.59 8.10 42.50
C6 LMT UC . 27.31 7.07 41.42
C7 LMT UC . 28.55 6.24 41.09
C8 LMT UC . 28.21 5.12 40.12
C9 LMT UC . 29.47 4.46 39.59
C10 LMT UC . 29.16 3.62 38.36
C11 LMT UC . 30.34 2.72 38.00
C12 LMT UC . 31.64 3.50 38.03
MG BCL VC . 20.40 -0.42 41.00
CHA BCL VC . 22.06 -1.50 38.21
CHB BCL VC . 19.65 -3.59 41.82
CHC BCL VC . 18.48 0.79 43.54
CHD BCL VC . 20.73 2.89 39.86
NA BCL VC . 20.85 -2.21 40.23
C1A BCL VC . 21.56 -2.48 39.20
C2A BCL VC . 21.73 -3.95 38.92
C3A BCL VC . 20.78 -4.57 39.92
C4A BCL VC . 20.39 -3.38 40.72
CMA BCL VC . 19.57 -5.18 39.23
CAA BCL VC . 23.16 -4.43 39.11
CBA BCL VC . 23.41 -5.71 38.34
CGA BCL VC . 23.12 -6.92 39.21
O1A BCL VC . 23.08 -8.04 38.74
O2A BCL VC . 22.87 -6.73 40.62
NB BCL VC . 19.21 -1.26 42.45
C1B BCL VC . 19.04 -2.57 42.68
C2B BCL VC . 18.15 -2.94 43.82
C3B BCL VC . 17.81 -1.60 44.33
C4B BCL VC . 18.53 -0.67 43.43
CMB BCL VC . 17.78 -4.33 44.25
CAB BCL VC . 16.95 -1.19 45.49
OBB BCL VC . 17.07 -0.07 45.96
CBB BCL VC . 15.95 -2.14 46.06
NC BCL VC . 19.80 1.40 41.64
C1C BCL VC . 19.05 1.65 42.71
C2C BCL VC . 18.82 3.10 42.99
C3C BCL VC . 19.48 3.74 41.80
C4C BCL VC . 20.03 2.55 41.09
CMC BCL VC . 17.34 3.44 43.01
CAC BCL VC . 20.59 4.71 42.18
CBC BCL VC . 20.03 6.06 42.53
ND BCL VC . 21.15 0.60 39.41
C1D BCL VC . 21.30 1.87 39.03
C2D BCL VC . 22.01 2.05 37.74
C3D BCL VC . 22.32 0.64 37.44
C4D BCL VC . 21.82 -0.10 38.44
CMD BCL VC . 22.41 3.19 36.87
CAD BCL VC . 22.95 -0.24 36.44
OBD BCL VC . 23.55 0.14 35.37
CBD BCL VC . 22.84 -1.65 36.93
CGD BCL VC . 22.34 -2.59 35.88
O1D BCL VC . 21.19 -2.62 35.50
O2D BCL VC . 23.30 -3.51 35.28
CED BCL VC . 22.85 -4.61 34.49
C1 BCL VC . 23.21 -7.71 41.60
C2 BCL VC . 23.53 -6.95 42.86
C3 BCL VC . 22.55 -6.59 43.69
C4 BCL VC . 21.13 -6.94 43.38
C5 BCL VC . 22.87 -5.81 44.95
C6 BCL VC . 22.92 -4.31 44.63
C7 BCL VC . 21.64 -3.60 45.05
C8 BCL VC . 21.87 -2.73 46.29
C9 BCL VC . 22.02 -3.58 47.55
C10 BCL VC . 20.76 -1.69 46.42
C11 BCL VC . 19.74 -2.06 47.49
C12 BCL VC . 19.72 -1.09 48.66
C13 BCL VC . 18.87 -1.68 49.79
C14 BCL VC . 17.44 -1.15 49.71
C15 BCL VC . 19.47 -1.40 51.16
C16 BCL VC . 19.14 0.00 51.67
C17 BCL VC . 19.66 0.18 53.09
C18 BCL VC . 20.02 1.64 53.37
C19 BCL VC . 21.10 1.74 54.42
C20 BCL VC . 18.77 2.42 53.79
C1M CRT WC . 34.49 -22.41 26.72
O1 CRT WC . 35.30 -21.69 27.65
C1 CRT WC . 36.02 -22.41 28.67
C2 CRT WC . 37.42 -22.92 28.32
C3 CRT WC . 35.50 -22.46 30.10
C4 CRT WC . 36.68 -21.08 29.04
C5 CRT WC . 35.71 -19.92 29.06
C6 CRT WC . 35.64 -19.08 30.09
C7 CRT WC . 34.67 -17.96 30.07
C8 CRT WC . 33.82 -17.76 28.85
C9 CRT WC . 34.56 -17.13 31.13
C10 CRT WC . 33.65 -16.00 31.17
C11 CRT WC . 33.28 -15.51 32.35
C12 CRT WC . 32.36 -14.36 32.49
C13 CRT WC . 32.54 -13.12 31.66
C14 CRT WC . 31.36 -14.42 33.39
C15 CRT WC . 30.42 -13.32 33.59
C16 CRT WC . 29.62 -13.36 34.65
C17 CRT WC . 28.62 -12.30 34.92
C18 CRT WC . 28.89 -10.88 34.51
C19 CRT WC . 27.48 -12.62 35.55
C20 CRT WC . 26.44 -11.64 35.85
C21 CRT WC . 25.30 -12.04 36.41
C22 CRT WC . 24.23 -11.08 36.69
C23 CRT WC . 22.97 -11.48 36.87
C24 CRT WC . 22.61 -12.93 36.79
C25 CRT WC . 21.92 -10.48 37.13
C26 CRT WC . 20.62 -10.77 37.18
C27 CRT WC . 19.70 -9.66 37.42
C28 CRT WC . 18.36 -9.73 37.42
C29 CRT WC . 17.62 -11.02 37.18
C30 CRT WC . 17.65 -8.48 37.67
C31 CRT WC . 16.35 -8.27 37.57
C32 CRT WC . 15.95 -6.89 37.87
C33 CRT WC . 14.71 -6.40 37.84
C34 CRT WC . 13.51 -7.23 37.48
C35 CRT WC . 14.60 -4.96 38.17
C36 CRT WC . 13.47 -4.28 38.20
C37 CRT WC . 13.59 -2.83 38.58
C38 CRT WC . 13.11 -1.94 37.46
C39 CRT WC . 12.73 -0.57 38.01
C40 CRT WC . 14.18 -1.81 36.40
O2 CRT WC . 11.98 -2.57 36.87
C2M CRT WC . 11.13 -1.86 35.97
C1B LMT XC . 12.43 8.03 56.31
C2B LMT XC . 12.80 9.29 57.11
C3B LMT XC . 12.13 9.26 58.48
C4B LMT XC . 10.63 9.07 58.32
C5B LMT XC . 10.34 7.82 57.49
C6B LMT XC . 8.84 7.68 57.25
O1B LMT XC . 12.98 6.87 56.95
O2B LMT XC . 14.22 9.39 57.24
O3B LMT XC . 12.37 10.50 59.16
O4' LMT XC . 10.02 8.92 59.60
O5B LMT XC . 11.01 7.90 56.22
O6B LMT XC . 8.37 8.83 56.53
C1' LMT XC . 14.58 3.32 55.53
C2' LMT XC . 15.18 4.59 54.95
C3' LMT XC . 14.80 5.80 55.80
C4' LMT XC . 13.29 5.85 55.99
C5' LMT XC . 12.77 4.51 56.49
C6' LMT XC . 11.24 4.53 56.59
O1' LMT XC . 14.91 2.21 54.70
O2' LMT XC . 16.61 4.49 54.88
O3' LMT XC . 15.26 6.99 55.14
O5' LMT XC . 13.17 3.46 55.60
O6' LMT XC . 10.79 3.36 57.27
C1 LMT XC . 14.31 1.00 55.15
C2 LMT XC . 14.71 -0.15 54.24
C3 LMT XC . 14.36 0.16 52.78
C4 LMT XC . 14.41 -1.10 51.94
C5 LMT XC . 13.48 -0.97 50.73
C6 LMT XC . 13.16 -2.33 50.12
C7 LMT XC . 14.42 -3.02 49.62
C8 LMT XC . 14.07 -4.11 48.62
C9 LMT XC . 15.30 -4.90 48.20
C10 LMT XC . 14.98 -5.73 46.96
C11 LMT XC . 16.16 -6.57 46.54
C12 LMT XC . 16.65 -7.43 47.69
P PGV YC . 8.55 -32.75 23.56
C01 PGV YC . 7.42 -28.99 25.30
C02 PGV YC . 8.82 -29.45 25.67
C03 PGV YC . 9.00 -30.95 25.42
O01 PGV YC . 9.14 -29.07 27.02
O02 PGV YC . 7.82 -30.64 28.14
O03 PGV YC . 7.37 -27.57 25.29
O04 PGV YC . 6.69 -27.52 23.09
O11 PGV YC . 8.21 -31.37 24.32
O12 PGV YC . 7.15 -33.16 22.90
O13 PGV YC . 8.90 -33.79 24.61
O14 PGV YC . 9.54 -32.44 22.46
C1 PGV YC . 8.21 -29.48 28.06
C2 PGV YC . 7.73 -28.47 29.07
C3 PGV YC . 8.06 -27.08 28.56
C4 PGV YC . 8.06 -26.04 29.69
C5 PGV YC . 6.64 -25.67 30.09
C6 PGV YC . 6.64 -24.40 30.95
C7 PGV YC . 5.30 -24.23 31.65
C8 PGV YC . 5.36 -23.11 32.68
C19 PGV YC . 6.88 -26.88 24.11
C20 PGV YC . 6.60 -25.39 24.13
C21 PGV YC . 7.23 -24.75 25.37
C22 PGV YC . 6.25 -24.72 26.53
MG BCL ZC . 13.70 -4.01 43.92
CHA BCL ZC . 12.94 -7.34 44.12
CHB BCL ZC . 15.77 -4.67 41.35
CHC BCL ZC . 14.03 -0.67 43.44
CHD BCL ZC . 11.31 -3.33 46.39
NA BCL ZC . 14.36 -5.68 42.99
C1A BCL ZC . 13.97 -6.89 43.17
C2A BCL ZC . 14.69 -7.89 42.32
C3A BCL ZC . 15.76 -7.06 41.68
C4A BCL ZC . 15.28 -5.70 42.03
CMA BCL ZC . 17.14 -7.32 42.25
CAA BCL ZC . 13.76 -8.48 41.28
CBA BCL ZC . 14.47 -9.61 40.55
CGA BCL ZC . 13.48 -10.39 39.72
O1A BCL ZC . 12.46 -9.88 39.29
O2A BCL ZC . 13.76 -11.78 39.41
NB BCL ZC . 14.71 -2.84 42.59
C1B BCL ZC . 15.53 -3.25 41.61
C2B BCL ZC . 16.18 -2.21 40.78
C3B BCL ZC . 15.65 -0.99 41.41
C4B BCL ZC . 14.79 -1.50 42.51
CMB BCL ZC . 17.10 -2.46 39.63
CAB BCL ZC . 15.88 0.46 41.09
OBB BCL ZC . 15.21 1.32 41.64
CBB BCL ZC . 16.93 0.85 40.10
NC BCL ZC . 12.90 -2.36 44.73
C1C BCL ZC . 13.19 -1.09 44.37
C2C BCL ZC . 12.45 -0.05 45.13
C3C BCL ZC . 11.60 -0.89 46.03
C4C BCL ZC . 12.01 -2.28 45.65
CMC BCL ZC . 13.37 0.87 45.91
CAC BCL ZC . 10.12 -0.65 45.74
CBC BCL ZC . 9.29 -0.68 47.01
ND BCL ZC . 12.34 -5.01 45.06
C1D BCL ZC . 11.45 -4.73 46.03
C2D BCL ZC . 10.72 -5.93 46.56
C3D BCL ZC . 11.37 -6.96 45.74
C4D BCL ZC . 12.27 -6.36 44.95
CMD BCL ZC . 9.66 -6.25 47.56
CAD BCL ZC . 11.38 -8.43 45.49
OBD BCL ZC . 10.66 -9.31 46.08
CBD BCL ZC . 12.41 -8.71 44.44
CGD BCL ZC . 13.46 -9.63 44.96
O1D BCL ZC . 14.05 -9.39 46.00
O2D BCL ZC . 13.80 -10.83 44.23
CED BCL ZC . 15.05 -11.47 44.48
C1 BCL ZC . 12.95 -12.51 38.50
C2 BCL ZC . 13.77 -12.89 37.30
C3 BCL ZC . 14.54 -13.98 37.31
C4 BCL ZC . 15.34 -14.33 36.09
C5 BCL ZC . 14.57 -14.85 38.55
C6 BCL ZC . 15.64 -15.93 38.43
C7 BCL ZC . 16.95 -15.50 39.10
C8 BCL ZC . 18.12 -16.35 38.63
C9 BCL ZC . 18.02 -16.66 37.14
C10 BCL ZC . 18.17 -17.63 39.45
C11 BCL ZC . 19.43 -17.70 40.31
C12 BCL ZC . 19.21 -18.58 41.53
C13 BCL ZC . 20.09 -18.13 42.69
C14 BCL ZC . 21.13 -19.21 43.02
C15 BCL ZC . 19.22 -17.84 43.91
C16 BCL ZC . 19.19 -16.35 44.23
C17 BCL ZC . 18.21 -15.59 43.34
C18 BCL ZC . 18.77 -14.22 42.96
C19 BCL ZC . 17.64 -13.24 42.63
C20 BCL ZC . 19.75 -14.32 41.81
MG BCL AD . 5.46 -8.04 46.11
CHA BCL AD . 7.80 -9.22 43.88
CHB BCL AD . 3.96 -11.05 46.13
CHC BCL AD . 2.98 -6.68 47.97
CHD BCL AD . 6.71 -4.80 45.66
NA BCL AD . 5.85 -9.84 45.27
C1A BCL AD . 6.83 -10.16 44.49
C2A BCL AD . 6.83 -11.60 44.06
C3A BCL AD . 5.51 -12.08 44.58
C4A BCL AD . 5.07 -10.91 45.40
CMA BCL AD . 4.53 -12.36 43.45
CAA BCL AD . 8.02 -12.38 44.63
CBA BCL AD . 8.33 -13.63 43.81
CGA BCL AD . 7.46 -14.76 44.29
O1A BCL AD . 7.15 -15.68 43.55
O2A BCL AD . 6.99 -14.74 45.67
NB BCL AD . 3.71 -8.73 46.91
C1B BCL AD . 3.25 -9.99 46.86
C2B BCL AD . 1.96 -10.24 47.56
C3B BCL AD . 1.66 -8.91 48.11
C4B BCL AD . 2.82 -8.09 47.66
CMB BCL AD . 1.21 -11.56 47.63
CAB BCL AD . 0.51 -8.41 48.94
OBB BCL AD . 0.59 -7.34 49.53
CBB BCL AD . -0.73 -9.25 49.07
NC BCL AD . 5.00 -6.21 46.78
C1C BCL AD . 3.97 -5.89 47.56
C2C BCL AD . 3.91 -4.46 48.01
C3C BCL AD . 5.09 -3.90 47.29
C4C BCL AD . 5.61 -5.09 46.56
CMC BCL AD . 2.63 -3.78 47.55
CAC BCL AD . 6.13 -3.36 48.25
CBC BCL AD . 6.07 -1.85 48.33
ND BCL AD . 6.90 -7.08 45.02
C1D BCL AD . 7.37 -5.83 44.91
C2D BCL AD . 8.51 -5.72 43.95
C3D BCL AD . 8.65 -7.13 43.57
C4D BCL AD . 7.72 -7.82 44.21
CMD BCL AD . 9.37 -4.60 43.44
CAD BCL AD . 9.44 -8.03 42.70
OBD BCL AD . 10.43 -7.69 41.95
CBD BCL AD . 8.94 -9.43 42.92
CGD BCL AD . 8.72 -10.21 41.66
O1D BCL AD . 7.77 -10.05 40.93
O2D BCL AD . 9.73 -11.19 41.30
CED BCL AD . 9.49 -12.16 40.30
C1 BCL AD . 5.92 -15.58 46.13
C2 BCL AD . 6.26 -16.07 47.52
C3 BCL AD . 6.21 -15.25 48.58
C4 BCL AD . 6.57 -15.79 49.93
C5 BCL AD . 5.82 -13.80 48.41
C6 BCL AD . 5.34 -13.18 49.73
C7 BCL AD . 4.91 -11.74 49.51
C8 BCL AD . 4.79 -10.95 50.82
C9 BCL AD . 4.94 -11.84 52.06
C10 BCL AD . 3.48 -10.17 50.83
C11 BCL AD . 2.77 -10.14 52.17
C12 BCL AD . 2.28 -8.73 52.50
C13 BCL AD . 1.28 -8.73 53.65
C14 BCL AD . -0.05 -9.34 53.22
C15 BCL AD . 1.07 -7.32 54.16
C16 BCL AD . 0.01 -7.25 55.25
C17 BCL AD . 0.62 -7.06 56.63
C18 BCL AD . -0.41 -6.61 57.67
C19 BCL AD . -1.53 -5.77 57.06
C20 BCL AD . 0.26 -5.86 58.80
C1M CRT BD . 23.28 -32.28 35.09
O1 CRT BD . 22.68 -31.65 36.21
C1 CRT BD . 21.31 -31.89 36.52
C2 CRT BD . 20.44 -31.25 35.44
C3 CRT BD . 21.06 -33.40 36.56
C4 CRT BD . 20.99 -31.29 37.89
C5 CRT BD . 21.20 -29.79 37.89
C6 CRT BD . 20.18 -29.01 38.23
C7 CRT BD . 20.27 -27.54 38.28
C8 CRT BD . 21.59 -26.86 38.09
C9 CRT BD . 19.15 -26.84 38.51
C10 CRT BD . 19.06 -25.38 38.59
C11 CRT BD . 17.93 -24.92 39.13
C12 CRT BD . 17.56 -23.52 39.35
C13 CRT BD . 18.52 -22.38 39.18
C14 CRT BD . 16.29 -23.31 39.72
C15 CRT BD . 15.66 -22.03 39.98
C16 CRT BD . 14.46 -22.07 40.56
C17 CRT BD . 13.66 -20.87 40.86
C18 CRT BD . 14.29 -19.52 40.95
C19 CRT BD . 12.35 -21.05 41.04
C20 CRT BD . 11.42 -19.96 41.30
C21 CRT BD . 10.12 -20.23 41.35
C22 CRT BD . 9.17 -19.14 41.54
C23 CRT BD . 7.85 -19.33 41.35
C24 CRT BD . 7.32 -20.67 40.93
C25 CRT BD . 6.96 -18.16 41.50
C26 CRT BD . 5.76 -18.13 40.91
C27 CRT BD . 4.99 -16.89 41.10
C28 CRT BD . 3.80 -16.65 40.54
C29 CRT BD . 3.08 -17.66 39.70
C30 CRT BD . 3.23 -15.32 40.81
C31 CRT BD . 2.20 -14.77 40.16
C32 CRT BD . 1.86 -13.43 40.61
C33 CRT BD . 0.85 -12.68 40.16
C34 CRT BD . -0.11 -13.18 39.12
C35 CRT BD . 0.70 -11.35 40.75
C36 CRT BD . -0.20 -10.45 40.36
C37 CRT BD . -0.18 -9.12 41.09
C38 CRT BD . -0.09 -7.97 40.10
C39 CRT BD . -0.41 -6.67 40.82
C40 CRT BD . 1.31 -7.90 39.49
O2 CRT BD . -1.01 -8.19 39.05
C2M CRT BD . -1.27 -7.17 38.09
C1B LMT CD . -9.90 -1.73 58.66
C2B LMT CD . -9.84 -0.31 59.21
C3B LMT CD . -11.25 0.20 59.48
C4B LMT CD . -11.97 -0.74 60.45
C5B LMT CD . -11.82 -2.18 59.99
C6B LMT CD . -13.18 -2.88 59.98
O1B LMT CD . -9.01 -2.55 59.43
O2B LMT CD . -9.09 -0.31 60.43
O3B LMT CD . -11.99 0.27 58.25
O4' LMT CD . -11.40 -0.59 61.75
O5B LMT CD . -11.23 -2.24 58.69
O6B LMT CD . -13.60 -3.15 61.31
C1' LMT CD . -5.74 -4.87 58.17
C2' LMT CD . -5.92 -3.52 57.50
C3' LMT CD . -6.82 -2.61 58.32
C4' LMT CD . -8.14 -3.33 58.60
C5' LMT CD . -7.81 -4.63 59.32
C6' LMT CD . -9.05 -5.37 59.76
O1' LMT CD . -5.03 -5.75 57.30
O2' LMT CD . -4.64 -2.88 57.32
O3' LMT CD . -7.02 -1.38 57.63
O5' LMT CD . -7.02 -5.44 58.45
O6' LMT CD . -9.81 -4.56 60.66
C1 LMT CD . -5.23 -7.13 57.64
C2 LMT CD . -4.37 -7.99 56.72
C3 LMT CD . -4.64 -7.71 55.25
C4 LMT CD . -3.53 -8.26 54.38
C5 LMT CD . -4.02 -9.35 53.42
C6 LMT CD . -4.58 -8.77 52.14
C7 LMT CD . -4.72 -9.86 51.08
C8 LMT CD . -3.45 -10.69 50.98
C9 LMT CD . -3.49 -11.66 49.81
C10 LMT CD . -2.23 -12.53 49.79
C11 LMT CD . -2.11 -13.33 48.50
C12 LMT CD . -0.98 -14.32 48.61
C1B LMT DD . 3.53 -30.66 21.88
C2B LMT DD . 5.01 -30.55 22.28
C3B LMT DD . 5.96 -30.55 21.10
C4B LMT DD . 5.71 -31.81 20.30
C5B LMT DD . 4.31 -31.73 19.73
C6B LMT DD . 3.98 -33.02 19.01
O1B LMT DD . 2.80 -29.40 21.87
O2B LMT DD . 5.25 -29.41 23.11
O3B LMT DD . 7.31 -30.50 21.54
O4' LMT DD . 6.67 -31.91 19.25
O5B LMT DD . 3.29 -31.49 20.72
O6B LMT DD . 5.14 -33.51 18.33
C1' LMT DD . 2.77 -25.76 19.70
C2' LMT DD . 2.77 -27.06 18.90
C3' LMT DD . 2.37 -28.26 19.76
C4' LMT DD . 3.20 -28.32 21.02
C5' LMT DD . 2.94 -26.99 21.73
C6' LMT DD . 3.53 -26.93 23.14
O1' LMT DD . 3.39 -24.72 18.95
O2' LMT DD . 1.84 -26.93 17.82
O3' LMT DD . 2.53 -29.44 18.99
O5' LMT DD . 3.48 -25.94 20.94
O6' LMT DD . 3.00 -25.77 23.80
C1 LMT DD . 2.85 -23.44 19.29
C2 LMT DD . 3.63 -22.33 18.60
C3 LMT DD . 2.71 -21.26 18.05
MG BCL ED . -2.33 -10.67 45.83
CHA BCL ED . -3.43 -13.82 45.20
CHB BCL ED . 0.49 -11.29 44.15
CHC BCL ED . -1.52 -7.37 46.16
CHD BCL ED . -5.43 -9.90 47.33
NA BCL ED . -1.54 -12.28 44.94
C1A BCL ED . -2.08 -13.43 44.76
C2A BCL ED . -1.18 -14.42 44.07
C3A BCL ED . 0.13 -13.69 44.01
C4A BCL ED . -0.32 -12.32 44.39
CMA BCL ED . 1.14 -14.25 45.00
CAA BCL ED . -1.65 -14.75 42.65
CBA BCL ED . -0.90 -15.99 42.17
CGA BCL ED . -1.44 -16.46 40.84
O1A BCL ED . -2.13 -15.74 40.13
O2A BCL ED . -1.13 -17.81 40.39
NB BCL ED . -0.77 -9.48 45.23
C1B BCL ED . 0.32 -9.89 44.56
C2B BCL ED . 1.35 -8.87 44.26
C3B BCL ED . 0.73 -7.67 44.87
C4B BCL ED . -0.54 -8.18 45.44
CMB BCL ED . 2.63 -9.10 43.51
CAB BCL ED . 1.23 -6.25 44.95
OBB BCL ED . 0.59 -5.42 45.55
CBB BCL ED . 2.52 -5.86 44.29
NC BCL ED . -3.19 -9.03 46.65
C1C BCL ED . -2.66 -7.80 46.68
C2C BCL ED . -3.51 -6.79 47.40
C3C BCL ED . -4.54 -7.68 48.01
C4C BCL ED . -4.32 -8.95 47.27
CMC BCL ED . -2.71 -6.08 48.48
CAC BCL ED . -5.96 -7.15 47.85
CBC BCL ED . -6.28 -6.68 46.45
ND BCL ED . -4.13 -11.55 46.21
C1D BCL ED . -5.28 -11.26 46.82
C2D BCL ED . -6.27 -12.38 46.85
C3D BCL ED . -5.46 -13.40 46.17
C4D BCL ED . -4.28 -12.87 45.87
CMD BCL ED . -7.67 -12.63 47.34
CAD BCL ED . -5.50 -14.80 45.70
OBD BCL ED . -6.47 -15.61 45.84
CBD BCL ED . -4.18 -15.13 45.07
CGD BCL ED . -3.51 -16.23 45.82
O1D BCL ED . -3.16 -16.09 46.97
O2D BCL ED . -3.29 -17.52 45.18
CED BCL ED . -2.16 -18.30 45.55
C1 BCL ED . -1.60 -18.28 39.14
C2 BCL ED . -0.44 -18.85 38.36
C3 BCL ED . -0.11 -20.15 38.44
C4 BCL ED . 1.05 -20.66 37.63
C5 BCL ED . -0.90 -21.09 39.31
C6 BCL ED . -0.14 -22.41 39.47
C7 BCL ED . -0.26 -22.95 40.89
C8 BCL ED . 1.09 -23.12 41.56
C9 BCL ED . 2.04 -21.98 41.23
C10 BCL ED . 1.70 -24.47 41.18
C11 BCL ED . 1.83 -25.40 42.38
C12 BCL ED . 3.08 -25.10 43.19
C13 BCL ED . 3.64 -26.35 43.85
C14 BCL ED . 3.99 -27.42 42.82
C15 BCL ED . 2.65 -26.90 44.87
C16 BCL ED . 3.20 -28.17 45.52
C17 BCL ED . 2.21 -28.77 46.50
C18 BCL ED . 2.91 -29.78 47.40
C19 BCL ED . 4.03 -29.10 48.19
C20 BCL ED . 3.46 -30.96 46.60
CA CA FD . -2.87 1.26 50.79
MG BCL GD . -11.02 -13.57 44.29
CHA BCL GD . -8.18 -14.78 42.81
CHB BCL GD . -12.71 -16.29 43.34
CHC BCL GD . -13.86 -12.10 45.45
CHD BCL GD . -9.39 -10.50 44.84
NA BCL GD . -10.53 -15.28 43.38
C1A BCL GD . -9.38 -15.64 42.91
C2A BCL GD . -9.37 -17.01 42.27
C3A BCL GD . -10.81 -17.43 42.40
C4A BCL GD . -11.41 -16.26 43.10
CMA BCL GD . -11.45 -17.61 41.04
CAA BCL GD . -8.38 -17.97 42.92
CBA BCL GD . -8.95 -19.36 43.17
CGA BCL GD . -9.11 -20.21 41.94
O1A BCL GD . -8.76 -19.81 40.84
O2A BCL GD . -9.65 -21.54 42.09
NB BCL GD . -13.00 -14.08 44.36
C1B BCL GD . -13.55 -15.24 43.95
C2B BCL GD . -15.01 -15.40 44.14
C3B BCL GD . -15.35 -14.12 44.78
C4B BCL GD . -14.05 -13.42 44.88
CMB BCL GD . -15.83 -16.60 43.74
CAB BCL GD . -16.66 -13.59 45.27
OBB BCL GD . -16.71 -12.61 45.98
CBB BCL GD . -17.94 -14.29 44.87
NC BCL GD . -11.52 -11.77 45.05
C1C BCL GD . -12.74 -11.39 45.48
C2C BCL GD . -12.81 -10.02 46.05
C3C BCL GD . -11.43 -9.53 45.81
C4C BCL GD . -10.78 -10.72 45.21
CMC BCL GD . -13.82 -9.17 45.30
CAC BCL GD . -10.69 -9.15 47.10
CBC BCL GD . -11.07 -7.75 47.53
ND BCL GD . -9.22 -12.69 43.93
C1D BCL GD . -8.62 -11.52 44.18
C2D BCL GD . -7.22 -11.45 43.71
C3D BCL GD . -7.07 -12.80 43.17
C4D BCL GD . -8.23 -13.44 43.34
CMD BCL GD . -6.13 -10.42 43.71
CAD BCL GD . -6.11 -13.70 42.48
OBD BCL GD . -4.90 -13.41 42.17
CBD BCL GD . -6.79 -15.02 42.27
CGD BCL GD . -6.64 -15.59 40.89
O1D BCL GD . -7.26 -15.19 39.93
O2D BCL GD . -5.68 -16.68 40.72
CED BCL GD . -5.80 -17.61 39.66
C1 BCL GD . -11.04 -21.77 42.34
C2 BCL GD . -11.30 -21.66 43.83
C3 BCL GD . -12.50 -21.26 44.30
C4 BCL GD . -13.62 -20.96 43.36
C5 BCL GD . -12.72 -21.15 45.78
C6 BCL GD . -11.77 -20.09 46.33
C7 BCL GD . -12.10 -18.70 45.81
C8 BCL GD . -12.21 -17.64 46.90
C9 BCL GD . -11.87 -18.19 48.28
C10 BCL GD . -13.61 -17.04 46.89
C11 BCL GD . -13.95 -16.33 48.19
C12 BCL GD . -15.13 -15.38 48.03
C13 BCL GD . -16.37 -15.90 48.76
C14 BCL GD . -16.86 -17.22 48.17
C15 BCL GD . -17.48 -14.85 48.72
C16 BCL GD . -17.42 -13.93 49.94
C17 BCL GD . -18.83 -13.47 50.30
C18 BCL GD . -18.93 -13.10 51.78
C19 BCL GD . -18.32 -14.18 52.66
C20 BCL GD . -20.37 -12.81 52.18
C1M CRT HD . 1.61 -37.70 34.27
O1 CRT HD . 2.65 -37.23 35.11
C1 CRT HD . 3.31 -38.15 35.99
C2 CRT HD . 2.27 -38.93 36.77
C3 CRT HD . 4.17 -39.10 35.15
C4 CRT HD . 4.20 -37.38 36.95
C5 CRT HD . 3.86 -35.91 36.95
C6 CRT HD . 3.38 -35.32 38.05
C7 CRT HD . 3.08 -33.87 38.02
C8 CRT HD . 3.74 -32.98 37.01
C9 CRT HD . 2.23 -33.36 38.91
C10 CRT HD . 1.90 -31.93 38.93
C11 CRT HD . 0.84 -31.54 39.63
C12 CRT HD . 0.45 -30.11 39.71
C13 CRT HD . 1.49 -29.04 39.82
C14 CRT HD . -0.85 -29.81 39.73
C15 CRT HD . -1.35 -28.45 39.82
C16 CRT HD . -2.66 -28.30 39.98
C17 CRT HD . -3.31 -26.98 40.08
C18 CRT HD . -2.58 -25.80 40.67
C19 CRT HD . -4.57 -26.87 39.67
C20 CRT HD . -5.31 -25.61 39.72
C21 CRT HD . -6.56 -25.59 39.27
C22 CRT HD . -7.31 -24.33 39.30
C23 CRT HD . -8.50 -24.22 38.71
C24 CRT HD . -9.13 -25.41 38.01
C25 CRT HD . -9.20 -22.93 38.75
C26 CRT HD . -10.19 -22.63 37.91
C27 CRT HD . -10.75 -21.29 38.06
C28 CRT HD . -11.59 -20.72 37.18
C29 CRT HD . -12.07 -21.42 35.95
C30 CRT HD . -12.03 -19.35 37.50
C31 CRT HD . -12.84 -18.63 36.73
C32 CRT HD . -13.12 -17.30 37.24
C33 CRT HD . -13.85 -16.39 36.60
C34 CRT HD . -14.46 -16.67 35.27
C35 CRT HD . -14.02 -15.08 37.25
C36 CRT HD . -14.47 -14.01 36.61
C37 CRT HD . -14.60 -12.73 37.38
C38 CRT HD . -13.75 -11.66 36.72
C39 CRT HD . -14.21 -11.38 35.30
C40 CRT HD . -13.80 -10.40 37.56
O2 CRT HD . -12.41 -12.14 36.68
C2M CRT HD . -11.45 -11.54 35.83
C1B LMT ID . -30.27 -8.27 51.88
C2B LMT ID . -30.30 -6.78 51.48
C3B LMT ID . -30.77 -5.88 52.60
C4B LMT ID . -32.06 -6.42 53.20
C5B LMT ID . -31.85 -7.86 53.65
C6B LMT ID . -33.12 -8.40 54.30
O1B LMT ID . -29.18 -8.57 52.75
O2B LMT ID . -28.99 -6.37 51.07
O3B LMT ID . -31.02 -4.56 52.07
O4' LMT ID . -32.45 -5.62 54.33
O5B LMT ID . -31.51 -8.65 52.51
O6B LMT ID . -33.41 -7.64 55.48
C1' LMT ID . -25.67 -10.74 51.83
C2' LMT ID . -25.69 -9.25 51.50
C3' LMT ID . -26.82 -8.50 52.18
C4' LMT ID . -28.14 -9.27 52.06
C5' LMT ID . -27.91 -10.68 52.60
C6' LMT ID . -29.17 -11.52 52.66
O1' LMT ID . -24.80 -11.39 50.91
O2' LMT ID . -24.45 -8.66 51.88
O3' LMT ID . -26.95 -7.21 51.59
O5' LMT ID . -26.97 -11.31 51.72
O6' LMT ID . -30.05 -10.97 53.66
C1 LMT ID . -25.01 -12.80 50.86
C2 LMT ID . -23.95 -13.44 49.98
C3 LMT ID . -23.68 -12.57 48.76
C4 LMT ID . -23.01 -13.37 47.64
C5 LMT ID . -23.41 -12.81 46.29
C6 LMT ID . -22.67 -13.52 45.15
C7 LMT ID . -22.71 -15.02 45.32
C8 LMT ID . -21.32 -15.61 45.41
C9 LMT ID . -21.00 -16.43 44.16
C10 LMT ID . -19.83 -17.38 44.41
C11 LMT ID . -19.42 -18.09 43.13
C12 LMT ID . -18.40 -19.17 43.41
MG BCL JD . -18.41 -15.15 41.06
CHA BCL JD . -19.66 -17.97 39.56
CHB BCL JD . -15.31 -16.08 40.13
CHC BCL JD . -17.27 -12.14 42.14
CHD BCL JD . -21.68 -13.97 41.52
NA BCL JD . -17.60 -16.77 40.21
C1A BCL JD . -18.20 -17.80 39.70
C2A BCL JD . -17.27 -18.89 39.23
C3A BCL JD . -15.92 -18.38 39.67
C4A BCL JD . -16.29 -16.97 40.04
CMA BCL JD . -15.37 -19.14 40.86
CAA BCL JD . -17.27 -19.02 37.72
CBA BCL JD . -16.91 -20.45 37.34
CGA BCL JD . -16.55 -20.51 35.88
O1A BCL JD . -16.23 -19.50 35.28
O2A BCL JD . -16.61 -21.77 35.17
NB BCL JD . -16.58 -14.23 41.11
C1B BCL JD . -15.40 -14.75 40.72
C2B BCL JD . -14.20 -13.88 40.87
C3B BCL JD . -14.80 -12.68 41.49
C4B BCL JD . -16.25 -13.02 41.58
CMB BCL JD . -12.80 -14.25 40.48
CAB BCL JD . -14.18 -11.39 41.93
OBB BCL JD . -14.88 -10.47 42.28
CBB BCL JD . -12.69 -11.23 41.94
NC BCL JD . -19.25 -13.45 41.72
C1C BCL JD . -18.57 -12.35 42.12
C2C BCL JD . -19.44 -11.23 42.60
C3C BCL JD . -20.80 -11.80 42.40
C4C BCL JD . -20.50 -13.17 41.84
CMC BCL JD . -19.18 -10.90 44.06
CAC BCL JD . -21.54 -10.98 41.36
CBC BCL JD . -23.02 -10.91 41.64
ND BCL JD . -20.32 -15.72 40.65
C1D BCL JD . -21.57 -15.26 40.86
C2D BCL JD . -22.65 -16.18 40.36
C3D BCL JD . -21.81 -17.26 39.84
C4D BCL JD . -20.54 -16.93 40.06
CMD BCL JD . -24.15 -16.23 40.27
CAD BCL JD . -21.88 -18.57 39.18
OBD BCL JD . -22.96 -19.17 38.83
CBD BCL JD . -20.49 -19.07 38.97
CGD BCL JD . -20.30 -20.38 39.67
O1D BCL JD . -20.58 -20.52 40.84
O2D BCL JD . -19.80 -21.53 38.93
CED BCL JD . -19.40 -22.70 39.63
C1 BCL JD . -15.43 -22.32 34.59
C2 BCL JD . -15.33 -23.75 35.05
C3 BCL JD . -15.25 -24.76 34.18
C4 BCL JD . -15.23 -24.45 32.71
C5 BCL JD . -15.16 -26.18 34.65
C6 BCL JD . -15.83 -26.29 36.02
C7 BCL JD . -16.78 -27.48 36.10
C8 BCL JD . -16.15 -28.63 36.87
C9 BCL JD . -15.96 -29.85 35.96
C10 BCL JD . -17.03 -28.99 38.06
C11 BCL JD . -16.69 -28.11 39.26
C12 BCL JD . -17.34 -28.62 40.55
C13 BCL JD . -16.29 -29.04 41.55
C14 BCL JD . -15.40 -30.16 41.01
C15 BCL JD . -16.94 -29.46 42.87
C16 BCL JD . -16.80 -28.36 43.91
C17 BCL JD . -16.34 -28.89 45.27
C18 BCL JD . -17.50 -29.52 46.04
C19 BCL JD . -18.06 -28.53 47.06
C20 BCL JD . -17.06 -30.81 46.72
CA CA KD . -19.38 -3.80 47.51
MG BCL LD . -26.32 -16.11 35.86
CHA BCL LD . -23.35 -17.74 35.39
CHB BCL LD . -27.86 -18.30 33.85
CHC BCL LD . -29.13 -14.20 36.09
CHD BCL LD . -24.61 -13.52 37.51
NA BCL LD . -25.77 -17.77 34.90
C1A BCL LD . -24.60 -18.33 34.87
C2A BCL LD . -24.53 -19.60 34.07
C3A BCL LD . -25.88 -19.60 33.40
C4A BCL LD . -26.57 -18.49 34.10
CMA BCL LD . -25.75 -19.34 31.90
CAA BCL LD . -24.30 -20.84 34.90
CBA BCL LD . -23.44 -21.87 34.17
CGA BCL LD . -24.25 -22.72 33.22
O1A BCL LD . -23.71 -23.56 32.53
O2A BCL LD . -25.69 -22.53 33.10
NB BCL LD . -28.22 -16.21 35.06
C1B BCL LD . -28.71 -17.19 34.28
C2B BCL LD . -30.12 -17.06 33.85
C3B BCL LD . -30.50 -15.81 34.54
C4B BCL LD . -29.26 -15.40 35.25
CMB BCL LD . -30.86 -18.02 32.96
CAB BCL LD . -31.80 -15.07 34.56
OBB BCL LD . -31.95 -14.12 35.32
CBB BCL LD . -32.92 -15.48 33.66
NC BCL LD . -26.81 -14.33 36.67
C1C BCL LD . -28.03 -13.76 36.66
C2C BCL LD . -28.11 -12.44 37.39
C3C BCL LD . -26.69 -12.24 37.77
C4C BCL LD . -26.04 -13.48 37.27
CMC BCL LD . -28.58 -11.33 36.48
CAC BCL LD . -26.47 -12.13 39.28
CBC BCL LD . -26.78 -10.73 39.77
ND BCL LD . -24.42 -15.59 36.36
C1D BCL LD . -23.80 -14.62 37.04
C2D BCL LD . -22.33 -14.80 37.16
C3D BCL LD . -22.19 -16.09 36.48
C4D BCL LD . -23.41 -16.48 36.09
CMD BCL LD . -21.20 -14.03 37.75
CAD BCL LD . -21.19 -17.10 36.07
OBD BCL LD . -19.93 -17.05 36.31
CBD BCL LD . -21.92 -18.22 35.39
CGD BCL LD . -21.30 -18.69 34.12
O1D BCL LD . -21.33 -18.04 33.09
O2D BCL LD . -20.61 -19.97 34.15
CED BCL LD . -20.25 -20.63 32.94
C1 BCL LD . -26.61 -23.61 33.04
C2 BCL LD . -27.54 -23.46 34.21
C3 BCL LD . -28.86 -23.33 34.00
C4 BCL LD . -29.39 -23.38 32.60
C5 BCL LD . -29.81 -23.18 35.17
C6 BCL LD . -29.14 -22.34 36.26
C7 BCL LD . -29.11 -20.86 35.90
C8 BCL LD . -29.40 -19.95 37.10
C9 BCL LD . -29.50 -20.75 38.40
C10 BCL LD . -30.66 -19.14 36.84
C11 BCL LD . -31.30 -18.62 38.13
C12 BCL LD . -31.92 -17.25 37.95
C13 BCL LD . -33.44 -17.32 37.86
C14 BCL LD . -33.90 -17.56 36.43
C15 BCL LD . -34.07 -16.05 38.41
C16 BCL LD . -35.59 -16.16 38.37
C17 BCL LD . -36.28 -14.85 38.70
C18 BCL LD . -36.81 -14.80 40.13
C19 BCL LD . -36.86 -16.16 40.80
C20 BCL LD . -38.18 -14.14 40.16
C1M CRT MD . -11.72 -44.93 30.64
O1 CRT MD . -12.83 -44.13 31.04
C1 CRT MD . -13.09 -42.88 30.40
C2 CRT MD . -11.91 -41.96 30.68
C3 CRT MD . -13.23 -43.10 28.90
C4 CRT MD . -14.39 -42.30 30.96
C5 CRT MD . -14.12 -41.17 31.94
C6 CRT MD . -14.84 -40.05 31.83
C7 CRT MD . -14.63 -38.90 32.73
C8 CRT MD . -13.67 -39.00 33.87
C9 CRT MD . -15.32 -37.77 32.48
C10 CRT MD . -15.25 -36.53 33.24
C11 CRT MD . -16.02 -35.56 32.78
C12 CRT MD . -16.17 -34.19 33.32
C13 CRT MD . -15.21 -33.61 34.31
C14 CRT MD . -17.21 -33.49 32.84
C15 CRT MD . -17.61 -32.13 33.17
C16 CRT MD . -18.75 -31.73 32.59
C17 CRT MD . -19.34 -30.40 32.76
C18 CRT MD . -18.95 -29.50 33.89
C19 CRT MD . -20.25 -30.00 31.86
C20 CRT MD . -20.90 -28.68 31.90
C21 CRT MD . -21.71 -28.34 30.91
C22 CRT MD . -22.33 -27.01 30.91
C23 CRT MD . -22.93 -26.53 29.80
C24 CRT MD . -22.98 -27.36 28.55
C25 CRT MD . -23.50 -25.18 29.84
C26 CRT MD . -24.09 -24.62 28.79
C27 CRT MD . -24.56 -23.26 28.95
C28 CRT MD . -25.01 -22.49 27.95
C29 CRT MD . -25.09 -23.01 26.54
C30 CRT MD . -25.41 -21.11 28.28
C31 CRT MD . -25.49 -20.14 27.39
C32 CRT MD . -25.86 -18.84 27.93
C33 CRT MD . -26.08 -17.73 27.19
C34 CRT MD . -26.03 -17.75 25.70
C35 CRT MD . -26.43 -16.52 27.95
C36 CRT MD . -26.37 -15.30 27.46
C37 CRT MD . -26.76 -14.17 28.38
C38 CRT MD . -25.59 -13.21 28.62
C39 CRT MD . -24.14 -13.72 28.46
C40 CRT MD . -25.88 -11.71 28.77
O2 CRT MD . -25.60 -13.04 27.20
C2M CRT MD . -24.76 -12.15 26.45
MG BCL ND . -31.97 -15.93 29.80
CHA BCL ND . -32.81 -18.37 27.57
CHB BCL ND . -28.89 -17.23 30.01
CHC BCL ND . -31.08 -13.30 31.73
CHD BCL ND . -35.00 -14.28 29.12
NA BCL ND . -31.08 -17.58 29.12
C1A BCL ND . -31.52 -18.45 28.28
C2A BCL ND . -30.60 -19.63 28.05
C3A BCL ND . -29.53 -19.39 29.09
C4A BCL ND . -29.83 -17.98 29.46
CMA BCL ND . -29.63 -20.31 30.29
CAA BCL ND . -29.98 -19.62 26.66
CBA BCL ND . -29.79 -21.05 26.15
CGA BCL ND . -28.70 -21.14 25.11
O1A BCL ND . -27.73 -20.42 25.15
O2A BCL ND . -28.81 -22.11 24.02
NB BCL ND . -30.24 -15.33 30.71
C1B BCL ND . -29.06 -15.97 30.74
C2B BCL ND . -27.96 -15.34 31.49
C3B BCL ND . -28.62 -14.14 32.02
C4B BCL ND . -30.01 -14.25 31.48
CMB BCL ND . -26.56 -15.88 31.63
CAB BCL ND . -28.12 -13.02 32.88
OBB BCL ND . -28.85 -12.12 33.19
CBB BCL ND . -26.69 -13.03 33.36
NC BCL ND . -32.81 -14.18 30.32
C1C BCL ND . -32.25 -13.26 31.14
C2C BCL ND . -33.09 -12.05 31.37
C3C BCL ND . -34.26 -12.32 30.47
C4C BCL ND . -33.95 -13.69 29.96
CMC BCL ND . -33.52 -11.95 32.82
CAC BCL ND . -34.27 -11.32 29.32
CBC BCL ND . -35.67 -10.92 28.91
ND BCL ND . -33.62 -16.15 28.60
C1D BCL ND . -34.78 -15.52 28.39
C2D BCL ND . -35.66 -16.19 27.39
C3D BCL ND . -34.81 -17.35 27.08
C4D BCL ND . -33.70 -17.25 27.82
CMD BCL ND . -37.00 -15.98 26.73
CAD BCL ND . -34.73 -18.58 26.25
OBD BCL ND . -35.63 -18.99 25.43
CBD BCL ND . -33.45 -19.28 26.55
CGD BCL ND . -33.77 -20.61 27.15
O1D BCL ND . -34.64 -20.71 28.00
O2D BCL ND . -33.06 -21.80 26.71
CED BCL ND . -33.37 -23.05 27.32
C1 BCL ND . -27.87 -23.17 23.91
C2 BCL ND . -28.64 -24.47 23.87
C3 BCL ND . -28.15 -25.56 23.26
C4 BCL ND . -26.81 -25.54 22.61
C5 BCL ND . -28.97 -26.83 23.25
C6 BCL ND . -29.46 -27.15 24.66
C7 BCL ND . -30.07 -28.55 24.72
C8 BCL ND . -29.35 -29.45 25.72
C9 BCL ND . -28.05 -30.02 25.14
C10 BCL ND . -30.29 -30.57 26.16
C11 BCL ND . -30.44 -30.59 27.67
C12 BCL ND . -31.86 -30.96 28.09
C13 BCL ND . -32.39 -29.92 29.06
C14 BCL ND . -32.38 -28.55 28.38
C15 BCL ND . -31.54 -29.91 30.33
C16 BCL ND . -32.26 -29.22 31.48
C17 BCL ND . -33.40 -30.07 31.99
C18 BCL ND . -33.73 -29.78 33.45
C19 BCL ND . -34.47 -30.96 34.09
C20 BCL ND . -34.54 -28.49 33.58
CA CA OD . -33.62 -5.14 36.80
C1B LMT PD . -45.38 -5.22 36.12
C2B LMT PD . -45.75 -4.04 37.02
C3B LMT PD . -46.81 -3.17 36.35
C4B LMT PD . -48.06 -3.97 36.00
C5B LMT PD . -47.68 -5.35 35.49
C6B LMT PD . -48.61 -5.77 34.34
O1B LMT PD . -45.38 -6.41 36.94
O2B LMT PD . -46.24 -4.53 38.26
O3B LMT PD . -46.27 -2.58 35.16
O4' LMT PD . -48.89 -4.10 37.16
O5B LMT PD . -46.32 -5.35 35.05
O6B LMT PD . -49.95 -5.80 34.82
C1' LMT PD . -42.95 -9.60 37.52
C2' LMT PD . -42.50 -8.13 37.58
C3' LMT PD . -43.15 -7.25 36.51
C4' LMT PD . -44.65 -7.48 36.34
C5' LMT PD . -45.11 -8.80 36.95
C6' LMT PD . -46.43 -9.26 36.36
O1' LMT PD . -41.90 -10.43 37.00
O2' LMT PD . -42.80 -7.60 38.88
O3' LMT PD . -42.50 -7.44 35.26
O5' LMT PD . -44.10 -9.78 36.70
O6' LMT PD . -47.45 -8.31 36.67
C1 LMT PD . -42.37 -11.77 36.82
C2 LMT PD . -41.40 -12.58 35.97
C3 LMT PD . -40.06 -12.75 36.68
C4 LMT PD . -39.22 -13.81 35.98
C5 LMT PD . -38.86 -13.39 34.56
C6 LMT PD . -38.34 -14.57 33.77
C7 LMT PD . -37.59 -14.12 32.51
C8 LMT PD . -37.22 -15.30 31.63
C9 LMT PD . -36.35 -16.30 32.37
C10 LMT PD . -35.49 -17.09 31.39
C11 LMT PD . -34.93 -18.35 32.01
C12 LMT PD . -33.98 -19.05 31.07
MG BCL QD . -37.29 -14.96 22.06
CHA BCL QD . -34.65 -17.12 22.49
CHB BCL QD . -38.27 -16.68 19.36
CHC BCL QD . -39.68 -12.59 21.52
CHD BCL QD . -35.96 -12.89 24.55
NA BCL QD . -36.68 -16.65 21.16
C1A BCL QD . -35.68 -17.42 21.47
C2A BCL QD . -35.52 -18.61 20.59
C3A BCL QD . -36.57 -18.38 19.54
C4A BCL QD . -37.24 -17.15 20.05
CMA BCL QD . -35.96 -18.12 18.17
CAA BCL QD . -35.75 -19.91 21.33
CBA BCL QD . -34.77 -20.97 20.83
CGA BCL QD . -35.45 -21.87 19.82
O1A BCL QD . -35.05 -23.02 19.67
O2A BCL QD . -36.55 -21.41 19.01
NB BCL QD . -38.74 -14.66 20.63
C1B BCL QD . -39.04 -15.47 19.60
C2B BCL QD . -40.16 -15.05 18.73
C3B BCL QD . -40.58 -13.80 19.39
C4B BCL QD . -39.65 -13.68 20.55
CMB BCL QD . -40.65 -15.78 17.50
CAB BCL QD . -41.68 -12.84 19.04
OBB BCL QD . -41.99 -11.95 19.81
CBB BCL QD . -42.39 -12.98 17.74
NC BCL QD . -37.77 -13.19 22.87
C1C BCL QD . -38.79 -12.40 22.51
C2C BCL QD . -38.95 -11.16 23.31
C3C BCL QD . -37.76 -11.25 24.22
C4C BCL QD . -37.17 -12.56 23.82
CMC BCL QD . -38.86 -9.92 22.45
CAC BCL QD . -38.15 -11.29 25.69
CBC BCL QD . -38.35 -9.89 26.24
ND BCL QD . -35.67 -14.88 23.29
C1D BCL QD . -35.22 -14.09 24.26
C2D BCL QD . -33.96 -14.57 24.90
C3D BCL QD . -33.77 -15.81 24.15
C4D BCL QD . -34.78 -15.92 23.29
CMD BCL QD . -33.03 -14.06 25.96
CAD BCL QD . -32.85 -16.96 24.00
OBD BCL QD . -31.79 -17.19 24.69
CBD BCL QD . -33.42 -17.87 22.96
CGD BCL QD . -32.43 -18.35 21.96
O1D BCL QD . -32.08 -17.69 20.99
O2D BCL QD . -31.83 -19.65 22.17
CED BCL QD . -31.13 -20.31 21.11
C1 BCL QD . -37.46 -22.34 18.42
C2 BCL QD . -38.87 -21.83 18.54
C3 BCL QD . -39.52 -21.37 17.46
C4 BCL QD . -38.84 -21.38 16.13
C5 BCL QD . -40.94 -20.85 17.57
C6 BCL QD . -41.25 -20.45 19.00
C7 BCL QD . -41.15 -18.93 19.22
C8 BCL QD . -41.03 -18.56 20.69
C9 BCL QD . -40.52 -19.71 21.53
C10 BCL QD . -42.39 -18.10 21.21
C11 BCL QD . -42.47 -16.58 21.22
C12 BCL QD . -43.88 -16.12 20.85
C13 BCL QD . -44.20 -14.78 21.51
C14 BCL QD . -44.34 -14.97 23.02
C15 BCL QD . -45.46 -14.19 20.90
C16 BCL QD . -45.96 -12.98 21.70
C17 BCL QD . -47.33 -12.52 21.22
C18 BCL QD . -48.25 -12.23 22.39
C19 BCL QD . -48.25 -13.38 23.39
C20 BCL QD . -49.67 -11.94 21.92
C1M CRT RD . -24.81 -43.42 15.69
O1 CRT RD . -25.43 -43.10 16.94
C1 CRT RD . -26.83 -43.28 17.10
C2 CRT RD . -27.56 -42.38 16.11
C3 CRT RD . -27.17 -44.74 16.86
C4 CRT RD . -27.20 -42.88 18.53
C5 CRT RD . -26.93 -41.42 18.75
C6 CRT RD . -27.89 -40.61 19.21
C7 CRT RD . -27.63 -39.18 19.43
C8 CRT RD . -26.33 -38.58 18.98
C9 CRT RD . -28.56 -38.41 20.02
C10 CRT RD . -28.33 -36.98 20.24
C11 CRT RD . -29.32 -36.22 20.72
C12 CRT RD . -29.13 -34.77 20.96
C13 CRT RD . -27.88 -34.26 21.59
C14 CRT RD . -30.13 -33.95 20.61
C15 CRT RD . -30.13 -32.49 20.75
C16 CRT RD . -31.09 -31.85 20.09
C17 CRT RD . -31.30 -30.40 20.07
C18 CRT RD . -30.78 -29.53 21.18
C19 CRT RD . -32.00 -29.87 19.06
C20 CRT RD . -32.27 -28.43 18.96
C21 CRT RD . -32.72 -27.91 17.82
C22 CRT RD . -32.97 -26.48 17.73
C23 CRT RD . -33.21 -25.85 16.58
C24 CRT RD . -33.23 -26.60 15.28
C25 CRT RD . -33.46 -24.40 16.60
C26 CRT RD . -33.44 -23.64 15.50
C27 CRT RD . -33.68 -22.22 15.65
C28 CRT RD . -33.79 -21.36 14.63
C29 CRT RD . -33.67 -21.83 13.21
C30 CRT RD . -34.02 -19.95 14.94
C31 CRT RD . -33.95 -18.95 14.06
C32 CRT RD . -34.22 -17.62 14.61
C33 CRT RD . -33.97 -16.47 13.99
C34 CRT RD . -33.37 -16.42 12.63
C35 CRT RD . -34.31 -15.23 14.73
C36 CRT RD . -33.99 -14.01 14.36
C37 CRT RD . -34.44 -12.89 15.26
C38 CRT RD . -33.30 -11.93 15.59
C39 CRT RD . -33.85 -10.66 16.21
C40 CRT RD . -32.31 -12.59 16.54
O2 CRT RD . -32.61 -11.63 14.38
C2M CRT RD . -31.61 -10.63 14.38
MG BCL SD . -39.94 -13.28 14.34
CHA BCL SD . -40.16 -15.34 11.64
CHB BCL SD . -37.59 -15.25 15.69
CHC BCL SD . -39.43 -10.90 16.72
CHD BCL SD . -42.22 -11.07 12.81
NA BCL SD . -39.08 -15.02 13.83
C1A BCL SD . -39.26 -15.68 12.75
C2A BCL SD . -38.36 -16.89 12.63
C3A BCL SD . -37.80 -17.00 14.02
C4A BCL SD . -38.17 -15.67 14.58
CMA BCL SD . -38.45 -18.12 14.82
CAA BCL SD . -37.21 -16.55 11.69
CBA BCL SD . -37.17 -17.45 10.46
CGA BCL SD . -36.27 -18.63 10.75
O1A BCL SD . -36.18 -19.05 11.88
O2A BCL SD . -35.52 -19.26 9.69
NB BCL SD . -38.68 -13.07 15.95
C1B BCL SD . -37.80 -13.97 16.39
C2B BCL SD . -37.02 -13.61 17.60
C3B BCL SD . -37.59 -12.28 17.90
C4B BCL SD . -38.60 -12.08 16.84
CMB BCL SD . -35.94 -14.43 18.27
CAB BCL SD . -37.28 -11.32 19.01
OBB BCL SD . -38.12 -10.51 19.34
CBB BCL SD . -35.94 -11.36 19.68
NC BCL SD . -40.73 -11.48 14.78
C1C BCL SD . -40.38 -10.70 15.81
C2C BCL SD . -41.18 -9.45 15.94
C3C BCL SD . -42.20 -9.66 14.88
C4C BCL SD . -41.65 -10.84 14.14
CMC BCL SD . -41.82 -9.35 17.32
CAC BCL SD . -42.36 -8.44 13.98
CBC BCL SD . -41.06 -7.95 13.38
ND BCL SD . -41.00 -13.09 12.61
C1D BCL SD . -41.90 -12.26 12.06
C2D BCL SD . -42.39 -12.69 10.71
C3D BCL SD . -41.65 -13.95 10.60
C4D BCL SD . -40.92 -14.10 11.69
CMD BCL SD . -43.33 -12.21 9.65
CAD BCL SD . -41.42 -15.10 9.69
OBD BCL SD . -41.98 -15.27 8.55
CBD BCL SD . -40.45 -16.02 10.34
CGD BCL SD . -41.11 -17.35 10.57
O1D BCL SD . -42.18 -17.44 11.12
O2D BCL SD . -40.45 -18.55 10.10
CED BCL SD . -40.91 -19.84 10.53
C1 BCL SD . -34.82 -20.46 10.01
C2 BCL SD . -35.49 -21.63 9.34
C3 BCL SD . -34.75 -22.61 8.82
C4 BCL SD . -33.25 -22.55 8.91
C5 BCL SD . -35.42 -23.78 8.15
C6 BCL SD . -36.78 -24.05 8.79
C7 BCL SD . -37.28 -25.44 8.44
C8 BCL SD . -37.12 -26.39 9.62
C9 BCL SD . -35.88 -27.28 9.45
C10 BCL SD . -38.36 -27.25 9.86
C11 BCL SD . -39.49 -27.01 8.85
C12 BCL SD . -40.55 -26.07 9.41
C13 BCL SD . -40.91 -26.44 10.84
C14 BCL SD . -41.96 -27.54 10.86
C15 BCL SD . -41.39 -25.20 11.58
C16 BCL SD . -41.48 -25.45 13.07
C17 BCL SD . -42.03 -24.24 13.80
C18 BCL SD . -42.64 -24.58 15.16
C19 BCL SD . -43.17 -26.00 15.21
C20 BCL SD . -43.73 -23.57 15.52
CA CA TD . -42.91 -3.18 21.57
C1B LMT UD . -53.58 -3.86 21.34
C2B LMT UD . -54.99 -3.78 21.93
C3B LMT UD . -55.82 -2.72 21.22
C4B LMT UD . -55.75 -2.92 19.71
C5B LMT UD . -54.30 -3.01 19.26
C6B LMT UD . -53.97 -2.00 18.16
O1B LMT UD . -53.39 -5.11 20.69
O2B LMT UD . -55.63 -5.05 21.78
O3B LMT UD . -55.32 -1.41 21.55
O4' LMT UD . -56.43 -4.13 19.36
O5B LMT UD . -53.44 -2.81 20.38
O6B LMT UD . -54.29 -0.67 18.60
C1' LMT UD . -50.86 -7.97 19.59
C2' LMT UD . -50.82 -7.77 21.09
C3' LMT UD . -52.00 -6.89 21.48
C4' LMT UD . -52.04 -5.58 20.69
C5' LMT UD . -51.61 -5.74 19.22
C6' LMT UD . -51.12 -4.40 18.67
O1' LMT UD . -49.88 -8.91 19.15
O2' LMT UD . -50.89 -9.03 21.77
O3' LMT UD . -51.92 -6.60 22.89
O5' LMT UD . -50.57 -6.69 19.03
O6' LMT UD . -51.00 -4.48 17.25
C1 LMT UD . -49.96 -9.06 17.74
C2 LMT UD . -49.27 -10.33 17.27
C3 LMT UD . -47.80 -10.07 17.00
C4 LMT UD . -47.30 -10.91 15.84
C5 LMT UD . -45.83 -10.62 15.56
C6 LMT UD . -45.41 -11.20 14.22
C7 LMT UD . -45.71 -12.70 14.15
C8 LMT UD . -44.86 -13.47 15.15
C9 LMT UD . -43.68 -14.13 14.45
C10 LMT UD . -43.46 -15.54 14.98
C11 LMT UD . -42.33 -16.23 14.25
C12 LMT UD . -42.22 -17.67 14.71
MG BCL VD . -41.49 -10.89 5.42
CHA BCL VD . -39.57 -13.46 6.62
CHB BCL VD . -41.50 -12.32 2.38
CHC BCL VD . -43.10 -8.15 4.25
CHD BCL VD . -41.03 -9.18 8.45
NA BCL VD . -40.78 -12.61 4.64
C1A BCL VD . -40.12 -13.54 5.25
C2A BCL VD . -39.79 -14.72 4.39
C3A BCL VD . -40.20 -14.25 3.02
C4A BCL VD . -40.89 -12.96 3.35
CMA BCL VD . -39.01 -13.99 2.13
CAA BCL VD . -40.57 -15.96 4.81
CBA BCL VD . -39.80 -17.20 4.39
CGA BCL VD . -40.63 -17.96 3.38
O1A BCL VD . -40.83 -19.15 3.52
O2A BCL VD . -41.21 -17.27 2.24
NB BCL VD . -42.17 -10.29 3.58
C1B BCL VD . -42.14 -11.00 2.44
C2B BCL VD . -42.74 -10.37 1.24
C3B BCL VD . -43.22 -9.09 1.82
C4B BCL VD . -42.83 -9.19 3.25
CMB BCL VD . -42.79 -10.95 -0.15
CAB BCL VD . -43.96 -7.93 1.18
OBB BCL VD . -44.35 -7.02 1.87
CBB BCL VD . -44.20 -7.92 -0.29
NC BCL VD . -42.03 -9.11 6.16
C1C BCL VD . -42.70 -8.14 5.51
C2C BCL VD . -43.02 -6.94 6.33
C3C BCL VD . -42.46 -7.33 7.66
C4C BCL VD . -41.83 -8.64 7.36
CMC BCL VD . -42.32 -5.69 5.81
CAC BCL VD . -43.54 -7.53 8.70
CBC BCL VD . -43.42 -6.51 9.81
ND BCL VD . -40.52 -11.13 7.19
C1D BCL VD . -40.39 -10.47 8.34
C2D BCL VD . -39.56 -11.18 9.37
C3D BCL VD . -39.26 -12.40 8.62
C4D BCL VD . -39.84 -12.29 7.42
CMD BCL VD . -39.08 -10.92 10.76
CAD BCL VD . -38.53 -13.68 8.71
OBD BCL VD . -37.87 -14.10 9.72
CBD BCL VD . -38.75 -14.42 7.42
CGD BCL VD . -37.49 -14.98 6.84
O1D BCL VD . -36.63 -14.27 6.35
O2D BCL VD . -37.29 -16.41 6.85
CED BCL VD . -36.37 -17.00 5.96
C1 BCL VD . -42.27 -17.88 1.50
C2 BCL VD . -43.52 -17.03 1.60
C3 BCL VD . -43.69 -15.97 0.79
C4 BCL VD . -42.62 -15.61 -0.20
C5 BCL VD . -44.94 -15.14 0.91
C6 BCL VD . -45.13 -14.66 2.34
C7 BCL VD . -44.81 -13.18 2.46
C8 BCL VD . -45.99 -12.33 2.94
C9 BCL VD . -47.21 -13.19 3.27
C10 BCL VD . -46.35 -11.27 1.91
C11 BCL VD . -47.52 -10.45 2.41
C12 BCL VD . -47.87 -9.29 1.48
C13 BCL VD . -48.62 -8.20 2.24
C14 BCL VD . -49.47 -8.77 3.37
C15 BCL VD . -49.48 -7.41 1.25
C16 BCL VD . -50.56 -6.61 1.99
C17 BCL VD . -51.76 -6.33 1.09
C18 BCL VD . -53.02 -6.11 1.91
C19 BCL VD . -53.24 -7.23 2.92
C20 BCL VD . -54.24 -5.96 1.00
C1M CRT WD . -32.12 -38.34 -0.45
O1 CRT WD . -33.03 -38.34 0.66
C1 CRT WD . -33.76 -39.52 0.99
C2 CRT WD . -34.49 -40.03 -0.25
C3 CRT WD . -32.76 -40.58 1.45
C4 CRT WD . -34.72 -39.21 2.13
C5 CRT WD . -34.52 -37.80 2.63
C6 CRT WD . -35.48 -37.16 3.30
C7 CRT WD . -35.25 -35.78 3.76
C8 CRT WD . -33.84 -35.27 3.79
C9 CRT WD . -36.27 -35.00 4.14
C10 CRT WD . -36.05 -33.61 4.60
C11 CRT WD . -36.94 -32.69 4.24
C12 CRT WD . -36.84 -31.27 4.63
C13 CRT WD . -36.23 -30.87 5.93
C14 CRT WD . -37.32 -30.33 3.79
C15 CRT WD . -37.28 -28.91 4.10
C16 CRT WD . -37.44 -28.04 3.09
C17 CRT WD . -37.41 -26.57 3.30
C18 CRT WD . -37.36 -25.99 4.69
C19 CRT WD . -37.43 -25.78 2.23
C20 CRT WD . -37.43 -24.32 2.34
C21 CRT WD . -37.45 -23.57 1.24
C22 CRT WD . -37.45 -22.13 1.33
C23 CRT WD . -37.27 -21.34 0.25
C24 CRT WD . -37.04 -21.94 -1.10
C25 CRT WD . -37.30 -19.88 0.43
C26 CRT WD . -36.91 -19.04 -0.54
C27 CRT WD . -36.99 -17.61 -0.24
C28 CRT WD . -36.43 -16.65 -0.99
C29 CRT WD . -35.65 -16.97 -2.23
C30 CRT WD . -36.61 -15.26 -0.55
C31 CRT WD . -35.93 -14.25 -1.07
C32 CRT WD . -36.22 -12.93 -0.51
C33 CRT WD . -35.60 -11.82 -0.91
C34 CRT WD . -34.59 -11.84 -2.01
C35 CRT WD . -35.97 -10.54 -0.28
C36 CRT WD . -35.13 -9.52 -0.19
C37 CRT WD . -35.63 -8.26 0.46
C38 CRT WD . -34.84 -7.83 1.68
C39 CRT WD . -34.25 -9.02 2.41
C40 CRT WD . -33.75 -6.84 1.29
O2 CRT WD . -35.80 -7.20 2.54
C2M CRT WD . -35.44 -6.10 3.36
P PGV XD . -33.25 2.90 5.38
C01 PGV XD . -29.29 1.29 2.52
C02 PGV XD . -30.48 0.93 3.40
C03 PGV XD . -31.09 2.18 4.02
C04 PGV XD . -35.62 2.50 6.51
O01 PGV XD . -30.01 0.06 4.44
O02 PGV XD . -32.03 -1.00 4.17
O03 PGV XD . -29.05 0.17 1.68
O04 PGV XD . -26.94 -0.19 2.57
O11 PGV XD . -32.29 1.80 4.70
O12 PGV XD . -34.57 2.03 5.66
O13 PGV XD . -33.54 3.95 4.33
O14 PGV XD . -32.66 3.32 6.71
C1 PGV XD . -30.96 -0.99 4.75
C2 PGV XD . -30.62 -2.05 5.77
C3 PGV XD . -31.16 -1.65 7.14
C4 PGV XD . -30.23 -2.09 8.28
C5 PGV XD . -29.68 -3.51 8.11
C6 PGV XD . -29.08 -4.00 9.42
C7 PGV XD . -27.91 -4.96 9.20
C8 PGV XD . -28.31 -6.17 8.37
C19 PGV XD . -27.81 -0.58 1.81
C20 PGV XD . -27.61 -1.83 0.99
C21 PGV XD . -26.88 -2.88 1.83
C22 PGV XD . -25.60 -3.31 1.15
C23 PGV XD . -25.32 -4.79 1.41
C24 PGV XD . -25.57 -5.13 2.88
MG BCL YD . -40.91 -8.22 -2.25
CHA BCL YD . -40.47 -9.91 -5.17
CHB BCL YD . -39.26 -10.62 -0.60
CHC BCL YD . -41.06 -6.28 0.53
CHD BCL YD . -42.32 -5.54 -4.05
NA BCL YD . -40.13 -10.00 -2.73
C1A BCL YD . -40.03 -10.54 -3.90
C2A BCL YD . -39.42 -11.92 -3.90
C3A BCL YD . -39.34 -12.22 -2.43
C4A BCL YD . -39.60 -10.87 -1.86
CMA BCL YD . -40.39 -13.24 -2.01
CAA BCL YD . -38.03 -11.98 -4.54
CBA BCL YD . -37.84 -13.32 -5.23
CGA BCL YD . -36.39 -13.62 -5.51
O1A BCL YD . -35.50 -13.02 -4.95
O2A BCL YD . -36.04 -14.65 -6.48
NB BCL YD . -40.24 -8.39 -0.33
C1B BCL YD . -39.61 -9.45 0.21
C2B BCL YD . -39.25 -9.37 1.64
C3B BCL YD . -39.80 -8.04 2.00
C4B BCL YD . -40.39 -7.55 0.71
CMB BCL YD . -38.52 -10.41 2.42
CAB BCL YD . -39.80 -7.29 3.30
OBB BCL YD . -40.21 -6.15 3.35
CBB BCL YD . -39.32 -7.97 4.54
NC BCL YD . -41.60 -6.39 -1.81
C1C BCL YD . -41.55 -5.79 -0.60
C2C BCL YD . -42.16 -4.43 -0.57
C3C BCL YD . -42.89 -4.43 -1.87
C4C BCL YD . -42.22 -5.55 -2.59
CMC BCL YD . -43.13 -4.28 0.58
CAC BCL YD . -42.74 -3.11 -2.62
CBC BCL YD . -41.32 -2.61 -2.69
ND BCL YD . -41.33 -7.69 -4.18
C1D BCL YD . -41.91 -6.68 -4.84
C2D BCL YD . -41.98 -6.89 -6.32
C3D BCL YD . -41.39 -8.23 -6.40
C4D BCL YD . -41.07 -8.61 -5.16
CMD BCL YD . -42.47 -6.15 -7.53
CAD BCL YD . -41.02 -9.29 -7.35
OBD BCL YD . -41.18 -9.25 -8.62
CBD BCL YD . -40.41 -10.42 -6.57
CGD BCL YD . -41.17 -11.69 -6.75
O1D BCL YD . -42.37 -11.74 -6.59
O2D BCL YD . -40.44 -12.91 -7.10
CED BCL YD . -41.04 -14.19 -6.94
C1 BCL YD . -34.84 -15.39 -6.32
C2 BCL YD . -35.22 -16.79 -5.94
C3 BCL YD . -34.98 -17.82 -6.75
C4 BCL YD . -34.29 -17.61 -8.06
C5 BCL YD . -35.39 -19.21 -6.32
C6 BCL YD . -35.77 -20.06 -7.53
C7 BCL YD . -37.13 -19.67 -8.12
C8 BCL YD . -37.82 -20.86 -8.79
C9 BCL YD . -39.29 -20.57 -9.06
C10 BCL YD . -37.67 -22.10 -7.91
C11 BCL YD . -38.66 -22.07 -6.75
C12 BCL YD . -38.82 -23.47 -6.16
C13 BCL YD . -40.04 -23.55 -5.25
C14 BCL YD . -39.75 -22.85 -3.93
C15 BCL YD . -40.43 -25.01 -5.04
C16 BCL YD . -40.79 -25.68 -6.36
C17 BCL YD . -40.42 -27.16 -6.33
C18 BCL YD . -38.91 -27.31 -6.20
C19 BCL YD . -38.18 -26.76 -7.42
C20 BCL YD . -38.51 -28.76 -5.94
C1B LMT ZD . -55.28 4.12 -2.39
C2B LMT ZD . -55.88 5.39 -1.77
C3B LMT ZD . -57.04 5.88 -2.62
C4B LMT ZD . -57.97 4.74 -2.99
C5B LMT ZD . -57.18 3.64 -3.69
C6B LMT ZD . -57.65 3.36 -5.11
O1B LMT ZD . -55.60 2.95 -1.63
O2B LMT ZD . -56.34 5.13 -0.44
O3B LMT ZD . -56.53 6.48 -3.83
O4' LMT ZD . -58.55 4.21 -1.79
O5B LMT ZD . -55.78 3.97 -3.71
O6B LMT ZD . -58.89 2.66 -5.08
C1' LMT ZD . -53.43 -0.54 -0.76
C2' LMT ZD . -52.84 0.77 -0.26
C3' LMT ZD . -53.85 1.91 -0.34
C4' LMT ZD . -54.57 1.96 -1.68
C5' LMT ZD . -55.13 0.57 -1.99
C6' LMT ZD . -55.80 0.50 -3.36
O1' LMT ZD . -52.40 -1.51 -0.95
O2' LMT ZD . -52.41 0.63 1.10
O3' LMT ZD . -53.18 3.16 -0.10
O5' LMT ZD . -54.05 -0.35 -2.02
O6' LMT ZD . -56.00 -0.87 -3.71
C1 LMT ZD . -52.90 -2.57 -1.77
C2 LMT ZD . -51.77 -3.50 -2.17
C3 LMT ZD . -50.61 -3.36 -1.20
C4 LMT ZD . -49.71 -4.59 -1.28
C5 LMT ZD . -48.69 -4.52 -2.41
C6 LMT ZD . -47.84 -5.78 -2.29
C7 LMT ZD . -46.76 -5.93 -3.35
C8 LMT ZD . -46.23 -7.35 -3.23
C9 LMT ZD . -45.15 -7.65 -4.24
C10 LMT ZD . -44.35 -8.87 -3.80
C11 LMT ZD . -45.22 -10.11 -3.67
C12 LMT ZD . -44.35 -11.33 -3.51
MG BCL AE . -39.26 -4.92 -10.76
CHA BCL AE . -37.97 -7.81 -9.47
CHB BCL AE . -38.36 -5.86 -13.84
CHC BCL AE . -40.40 -1.93 -11.90
CHD BCL AE . -39.56 -3.63 -7.52
NA BCL AE . -38.47 -6.58 -11.55
C1A BCL AE . -38.11 -7.66 -10.93
C2A BCL AE . -37.63 -8.75 -11.84
C3A BCL AE . -37.57 -8.04 -13.18
C4A BCL AE . -38.19 -6.74 -12.86
CMA BCL AE . -36.15 -7.87 -13.67
CAA BCL AE . -38.57 -9.93 -11.86
CBA BCL AE . -37.75 -11.21 -11.98
CGA BCL AE . -37.80 -11.73 -13.40
O1A BCL AE . -37.85 -12.92 -13.61
O2A BCL AE . -37.81 -10.81 -14.54
NB BCL AE . -39.35 -4.01 -12.60
C1B BCL AE . -38.96 -4.53 -13.77
C2B BCL AE . -39.15 -3.68 -14.97
C3B BCL AE . -39.77 -2.47 -14.37
C4B BCL AE . -39.85 -2.81 -12.94
CMB BCL AE . -38.79 -4.04 -16.38
CAB BCL AE . -40.26 -1.21 -15.00
OBB BCL AE . -40.88 -0.39 -14.35
CBB BCL AE . -39.97 -0.94 -16.45
NC BCL AE . -39.93 -3.21 -9.94
C1C BCL AE . -40.36 -2.12 -10.61
C2C BCL AE . -40.87 -1.01 -9.73
C3C BCL AE . -40.65 -1.59 -8.37
C4C BCL AE . -40.02 -2.91 -8.69
CMC BCL AE . -40.03 0.24 -9.93
CAC BCL AE . -41.95 -1.81 -7.61
CBC BCL AE . -42.43 -0.53 -6.97
ND BCL AE . -38.86 -5.47 -8.85
C1D BCL AE . -39.03 -4.97 -7.62
C2D BCL AE . -38.59 -5.88 -6.54
C3D BCL AE . -38.17 -7.03 -7.33
C4D BCL AE . -38.37 -6.72 -8.61
CMD BCL AE . -38.52 -5.82 -5.05
CAD BCL AE . -37.60 -8.39 -7.22
OBD BCL AE . -37.29 -9.00 -6.14
CBD BCL AE . -37.49 -8.95 -8.61
CGD BCL AE . -36.13 -9.55 -8.87
O1D BCL AE . -35.17 -8.87 -9.16
O2D BCL AE . -35.99 -10.98 -8.76
CED BCL AE . -34.88 -11.64 -9.37
C1 BCL AE . -38.32 -11.26 -15.79
C2 BCL AE . -39.79 -10.93 -15.82
C3 BCL AE . -40.23 -9.73 -16.22
C4 BCL AE . -39.23 -8.68 -16.65
C5 BCL AE . -41.71 -9.44 -16.26
C6 BCL AE . -41.98 -7.95 -16.16
C7 BCL AE . -41.93 -7.45 -14.73
C8 BCL AE . -43.02 -6.42 -14.46
C9 BCL AE . -44.35 -6.83 -15.09
C10 BCL AE . -42.54 -5.04 -14.91
C11 BCL AE . -43.48 -4.39 -15.91
C12 BCL AE . -43.58 -2.89 -15.69
C13 BCL AE . -44.72 -2.32 -16.53
C14 BCL AE . -44.38 -2.36 -18.01
C15 BCL AE . -45.04 -0.90 -16.07
C16 BCL AE . -45.91 -0.18 -17.09
C17 BCL AE . -47.10 0.51 -16.43
C18 BCL AE . -48.39 -0.27 -16.63
C19 BCL AE . -49.56 0.67 -16.83
C20 BCL AE . -48.65 -1.20 -15.45
C1M CRT BE . -32.33 -35.34 -14.17
O1 CRT BE . -33.49 -34.52 -14.34
C1 CRT BE . -33.72 -33.85 -15.57
C2 CRT BE . -32.53 -32.96 -15.87
C3 CRT BE . -33.83 -34.90 -16.68
C4 CRT BE . -35.02 -33.07 -15.49
C5 CRT BE . -35.03 -32.01 -14.39
C6 CRT BE . -35.70 -30.87 -14.63
C7 CRT BE . -35.82 -29.74 -13.67
C8 CRT BE . -36.08 -30.02 -12.23
C9 CRT BE . -35.71 -28.48 -14.12
C10 CRT BE . -35.82 -27.28 -13.28
C11 CRT BE . -35.85 -26.10 -13.90
C12 CRT BE . -35.94 -24.79 -13.20
C13 CRT BE . -36.03 -24.73 -11.71
C14 CRT BE . -35.94 -23.67 -13.94
C15 CRT BE . -36.02 -22.30 -13.42
C16 CRT BE . -36.07 -21.30 -14.31
C17 CRT BE . -36.14 -19.87 -13.93
C18 CRT BE . -36.63 -19.45 -12.58
C19 CRT BE . -35.74 -18.95 -14.83
C20 CRT BE . -35.76 -17.51 -14.53
C21 CRT BE . -35.26 -16.63 -15.41
C22 CRT BE . -35.26 -15.21 -15.10
C23 CRT BE . -34.49 -14.35 -15.80
C24 CRT BE . -33.60 -14.85 -16.90
C25 CRT BE . -34.48 -12.91 -15.44
C26 CRT BE . -33.66 -12.05 -16.03
C27 CRT BE . -33.70 -10.65 -15.61
C28 CRT BE . -32.81 -9.73 -15.99
C29 CRT BE . -31.68 -10.05 -16.92
C30 CRT BE . -32.98 -8.36 -15.45
C31 CRT BE . -32.13 -7.36 -15.65
C32 CRT BE . -32.50 -6.10 -15.00
C33 CRT BE . -31.89 -4.92 -15.18
C34 CRT BE . -30.72 -4.76 -16.10
C35 CRT BE . -32.44 -3.78 -14.42
C36 CRT BE . -31.90 -2.57 -14.37
C37 CRT BE . -32.64 -1.54 -13.55
C38 CRT BE . -31.73 -0.90 -12.50
C39 CRT BE . -32.36 -0.21 -11.29
C40 CRT BE . -30.22 -1.18 -12.53
O2 CRT BE . -31.91 -2.16 -11.83
C2M CRT BE . -31.32 -2.55 -10.59
MG BCL CE . -36.28 -1.57 -17.53
CHA BCL CE . -35.37 -3.06 -20.44
CHB BCL CE . -35.37 -4.28 -15.81
CHC BCL CE . -36.87 0.19 -14.66
CHD BCL CE . -37.10 1.39 -19.29
NA BCL CE . -35.59 -3.38 -18.01
C1A BCL CE . -35.27 -3.82 -19.17
C2A BCL CE . -34.81 -5.25 -19.17
C3A BCL CE . -35.07 -5.68 -17.76
C4A BCL CE . -35.36 -4.36 -17.13
CMA BCL CE . -36.26 -6.61 -17.63
CAA BCL CE . -33.33 -5.37 -19.47
CBA BCL CE . -33.10 -6.65 -20.27
CGA BCL CE . -31.68 -7.11 -20.08
O1A BCL CE . -30.99 -6.66 -19.18
O2A BCL CE . -31.12 -8.13 -20.95
NB BCL CE . -36.13 -1.96 -15.52
C1B BCL CE . -35.76 -3.13 -14.97
C2B BCL CE . -35.74 -3.19 -13.49
C3B BCL CE . -36.21 -1.83 -13.16
C4B BCL CE . -36.41 -1.19 -14.47
CMB BCL CE . -35.34 -4.37 -12.64
CAB BCL CE . -36.43 -1.18 -11.82
OBB BCL CE . -36.36 0.03 -11.73
CBB BCL CE . -36.75 -2.02 -10.62
NC BCL CE . -36.95 0.27 -17.06
C1C BCL CE . -37.11 0.78 -15.82
C2C BCL CE . -37.64 2.18 -15.78
C3C BCL CE . -38.13 2.28 -17.19
C4C BCL CE . -37.34 1.20 -17.86
CMC BCL CE . -38.76 2.33 -14.79
CAC BCL CE . -37.93 3.64 -17.85
CBC BCL CE . -36.60 4.26 -17.49
ND BCL CE . -36.25 -0.84 -19.43
C1D BCL CE . -36.61 0.28 -20.09
C2D BCL CE . -36.38 0.19 -21.57
C3D BCL CE . -35.89 -1.18 -21.65
C4D BCL CE . -35.87 -1.69 -20.42
CMD BCL CE . -36.54 1.06 -22.78
CAD BCL CE . -35.40 -2.19 -22.62
OBD BCL CE . -35.30 -2.01 -23.89
CBD BCL CE . -35.05 -3.44 -21.87
CGD BCL CE . -35.84 -4.62 -22.35
O1D BCL CE . -37.06 -4.58 -22.44
O2D BCL CE . -35.15 -5.84 -22.73
CED BCL CE . -35.88 -7.02 -23.05
C1 BCL CE . -29.71 -8.34 -21.00
C2 BCL CE . -29.35 -9.55 -20.17
C3 BCL CE . -29.47 -10.79 -20.67
C4 BCL CE . -29.10 -11.95 -19.81
C5 BCL CE . -29.97 -11.00 -22.09
C6 BCL CE . -30.11 -12.49 -22.38
C7 BCL CE . -29.80 -12.82 -23.84
C8 BCL CE . -28.53 -13.65 -23.95
C9 BCL CE . -28.35 -14.21 -25.36
C10 BCL CE . -28.55 -14.77 -22.92
C11 BCL CE . -27.18 -15.40 -22.75
C12 BCL CE . -27.12 -16.30 -21.53
C13 BCL CE . -25.68 -16.61 -21.15
C14 BCL CE . -25.61 -17.73 -20.12
C15 BCL CE . -24.99 -15.34 -20.64
C16 BCL CE . -25.42 -15.00 -19.22
C17 BCL CE . -24.83 -13.66 -18.76
C18 BCL CE . -23.38 -13.80 -18.27
C19 BCL CE . -23.13 -15.14 -17.59
C20 BCL CE . -23.03 -12.65 -17.34
C1B LMT DE . -49.31 9.26 -15.01
C2B LMT DE . -50.63 9.81 -14.45
C3B LMT DE . -50.37 11.04 -13.58
C4B LMT DE . -49.61 12.13 -14.33
C5B LMT DE . -48.81 11.54 -15.48
C6B LMT DE . -47.67 12.44 -15.91
O1B LMT DE . -49.51 8.67 -16.31
O2B LMT DE . -51.54 10.12 -15.51
O3B LMT DE . -49.64 10.67 -12.41
O4' LMT DE . -50.52 13.12 -14.80
O5B LMT DE . -48.30 10.27 -15.08
O6B LMT DE . -46.94 11.80 -16.96
C1' LMT DE . -47.77 5.21 -17.94
C2' LMT DE . -48.50 5.07 -16.61
C3' LMT DE . -49.40 6.26 -16.32
C4' LMT DE . -48.64 7.57 -16.52
C5' LMT DE . -48.05 7.58 -17.92
C6' LMT DE . -47.30 8.87 -18.21
O1' LMT DE . -46.77 4.20 -18.00
O2' LMT DE . -49.30 3.88 -16.66
O3' LMT DE . -49.88 6.16 -14.97
O5' LMT DE . -47.14 6.49 -18.05
O6' LMT DE . -48.24 9.93 -18.43
C1 LMT DE . -46.41 3.87 -19.34
C2 LMT DE . -45.47 2.66 -19.31
C3 LMT DE . -44.03 3.08 -19.06
C4 LMT DE . -43.10 1.87 -19.08
C5 LMT DE . -41.64 2.30 -19.07
C6 LMT DE . -40.73 1.09 -19.21
C7 LMT DE . -41.12 0.22 -20.38
C8 LMT DE . -41.35 -1.22 -19.93
C9 LMT DE . -40.06 -2.03 -19.94
C10 LMT DE . -40.37 -3.49 -20.16
C11 LMT DE . -39.17 -4.38 -19.95
C12 LMT DE . -39.59 -5.83 -19.78
MG BCL EE . -32.87 2.43 -25.43
CHA BCL EE . -31.98 -0.62 -24.15
CHB BCL EE . -31.36 1.66 -28.32
CHC BCL EE . -33.61 5.55 -26.53
CHD BCL EE . -33.85 3.47 -22.22
NA BCL EE . -31.98 0.79 -26.18
C1A BCL EE . -31.78 -0.34 -25.59
C2A BCL EE . -31.14 -1.39 -26.46
C3A BCL EE . -30.78 -0.58 -27.68
C4A BCL EE . -31.43 0.73 -27.39
CMA BCL EE . -29.27 -0.42 -27.82
CAA BCL EE . -32.06 -2.55 -26.77
CBA BCL EE . -31.34 -3.81 -27.22
CGA BCL EE . -30.92 -3.69 -28.66
O1A BCL EE . -29.92 -4.25 -29.06
O2A BCL EE . -31.70 -2.88 -29.59
NB BCL EE . -32.51 3.47 -27.16
C1B BCL EE . -31.90 3.02 -28.26
C2B BCL EE . -31.79 3.96 -29.40
C3B BCL EE . -32.48 5.14 -28.84
C4B BCL EE . -32.89 4.71 -27.48
CMB BCL EE . -31.13 3.70 -30.74
CAB BCL EE . -32.77 6.49 -29.44
OBB BCL EE . -33.63 7.19 -28.96
CBB BCL EE . -31.96 6.96 -30.60
NC BCL EE . -33.61 4.12 -24.61
C1C BCL EE . -33.81 5.27 -25.25
C2C BCL EE . -34.35 6.38 -24.40
C3C BCL EE . -34.49 5.69 -23.08
C4C BCL EE . -33.95 4.33 -23.39
CMC BCL EE . -33.36 7.52 -24.30
CAC BCL EE . -35.93 5.57 -22.63
CBC BCL EE . -36.35 6.77 -21.80
ND BCL EE . -32.91 1.72 -23.53
C1D BCL EE . -33.33 2.12 -22.32
C2D BCL EE . -33.15 1.12 -21.25
C3D BCL EE . -32.60 0.01 -22.04
C4D BCL EE . -32.52 0.43 -23.30
CMD BCL EE . -33.39 1.03 -19.77
CAD BCL EE . -32.09 -1.37 -21.93
OBD BCL EE . -32.04 -2.08 -20.87
CBD BCL EE . -31.71 -1.84 -23.31
CGD BCL EE . -30.35 -2.46 -23.38
O1D BCL EE . -29.35 -1.83 -23.67
O2D BCL EE . -30.23 -3.88 -23.12
CED BCL EE . -29.27 -4.68 -23.81
C1 BCL EE . -31.28 -2.70 -30.94
C2 BCL EE . -32.44 -2.21 -31.77
C3 BCL EE . -32.31 -1.18 -32.62
C4 BCL EE . -30.98 -0.52 -32.78
C5 BCL EE . -33.49 -0.70 -33.42
C6 BCL EE . -34.65 -0.39 -32.48
C7 BCL EE . -34.31 0.80 -31.60
C8 BCL EE . -34.88 0.68 -30.18
C9 BCL EE . -36.12 -0.20 -30.15
C10 BCL EE . -35.20 2.05 -29.60
C11 BCL EE . -35.22 3.17 -30.63
C12 BCL EE . -35.87 4.43 -30.07
C13 BCL EE . -36.28 5.35 -31.22
C14 BCL EE . -35.06 5.84 -31.98
C15 BCL EE . -37.13 6.51 -30.72
C16 BCL EE . -37.19 7.61 -31.76
C17 BCL EE . -38.23 8.68 -31.41
C18 BCL EE . -39.48 8.54 -32.26
C19 BCL EE . -39.17 7.95 -33.64
C20 BCL EE . -40.20 9.87 -32.41
C1M CRT FE . -26.33 -27.91 -29.06
O1 CRT FE . -27.38 -27.03 -29.47
C1 CRT FE . -27.52 -26.66 -30.84
C2 CRT FE . -26.34 -25.76 -31.22
C3 CRT FE . -27.50 -27.91 -31.68
C4 CRT FE . -28.86 -25.95 -31.02
C5 CRT FE . -29.12 -24.91 -29.95
C6 CRT FE . -29.66 -23.74 -30.31
C7 CRT FE . -29.96 -22.68 -29.32
C8 CRT FE . -30.51 -23.00 -27.97
C9 CRT FE . -29.74 -21.39 -29.68
C10 CRT FE . -29.99 -20.26 -28.79
C11 CRT FE . -29.85 -19.04 -29.29
C12 CRT FE . -30.07 -17.81 -28.50
C13 CRT FE . -30.47 -17.88 -27.06
C14 CRT FE . -29.89 -16.62 -29.10
C15 CRT FE . -30.06 -15.32 -28.45
C16 CRT FE . -29.82 -14.24 -29.18
C17 CRT FE . -29.93 -12.85 -28.68
C18 CRT FE . -30.75 -12.53 -27.46
C19 CRT FE . -29.30 -11.89 -29.38
C20 CRT FE . -29.29 -10.47 -29.05
C21 CRT FE . -28.56 -9.65 -29.80
C22 CRT FE . -28.51 -8.21 -29.53
C23 CRT FE . -27.54 -7.42 -30.05
C24 CRT FE . -26.50 -7.99 -30.96
C25 CRT FE . -27.55 -5.98 -29.71
C26 CRT FE . -26.54 -5.15 -29.94
C27 CRT FE . -26.72 -3.76 -29.52
C28 CRT FE . -25.79 -2.80 -29.56
C29 CRT FE . -24.40 -3.10 -30.06
C30 CRT FE . -26.21 -1.47 -29.06
C31 CRT FE . -25.60 -0.28 -28.95
C32 CRT FE . -24.26 0.13 -29.32
C33 CRT FE . -23.85 1.36 -28.95
C34 CRT FE . -22.49 1.87 -29.29
C35 CRT FE . -24.77 2.21 -28.17
C36 CRT FE . -24.37 3.38 -27.68
C37 CRT FE . -25.37 4.20 -26.89
C38 CRT FE . -24.88 4.53 -25.49
C39 CRT FE . -25.76 5.59 -24.85
C40 CRT FE . -24.87 3.26 -24.65
O2 CRT FE . -23.54 5.00 -25.58
C2M CRT FE . -22.94 5.68 -24.48
C1B LMT GE . -42.11 17.72 -29.59
C2B LMT GE . -43.14 16.91 -28.81
C3B LMT GE . -44.58 17.29 -29.14
C4B LMT GE . -44.77 18.80 -29.23
C5B LMT GE . -43.66 19.44 -30.05
C6B LMT GE . -43.84 20.95 -30.12
O1B LMT GE . -42.09 17.32 -30.95
O2B LMT GE . -42.95 15.51 -29.09
O3B LMT GE . -45.44 16.77 -28.11
O4' LMT GE . -46.03 19.09 -29.85
O5B LMT GE . -42.40 19.12 -29.48
O6B LMT GE . -42.82 21.52 -30.96
C1' LMT GE . -39.58 15.10 -32.85
C2' LMT GE . -39.91 15.07 -31.35
C3' LMT GE . -39.84 16.47 -30.76
C4' LMT GE . -40.78 17.43 -31.51
C5' LMT GE . -40.79 17.12 -33.00
C6' LMT GE . -40.91 18.40 -33.83
O1' LMT GE . -38.30 14.53 -33.08
O2' LMT GE . -41.22 14.54 -31.16
O3' LMT GE . -38.49 16.97 -30.82
O5' LMT GE . -39.59 16.44 -33.33
O6' LMT GE . -40.65 18.11 -35.20
C1 LMT GE . -38.07 14.29 -34.46
C2 LMT GE . -36.63 13.81 -34.67
C3 LMT GE . -36.36 12.48 -33.97
C4 LMT GE . -34.88 12.17 -33.97
C5 LMT GE . -34.60 10.68 -33.82
C6 LMT GE . -33.10 10.44 -33.72
C7 LMT GE . -32.76 8.95 -33.73
C8 LMT GE . -31.39 8.74 -34.34
C9 LMT GE . -30.77 7.43 -33.89
C10 LMT GE . -31.42 6.21 -34.51
C11 LMT GE . -30.59 4.98 -34.17
C12 LMT GE . -31.10 3.74 -34.88
C1B LMT HE . -24.91 16.44 -16.16
C2B LMT HE . -25.04 16.24 -14.65
C3B LMT HE . -26.52 16.10 -14.32
C4B LMT HE . -27.29 17.32 -14.83
C5B LMT HE . -27.03 17.50 -16.34
C6B LMT HE . -27.73 18.75 -16.85
O1B LMT HE . -25.45 15.27 -16.77
O2B LMT HE . -24.35 15.05 -14.25
O3B LMT HE . -26.69 15.98 -12.90
O4' LMT HE . -28.68 17.15 -14.60
O5B LMT HE . -25.63 17.60 -16.58
O6B LMT HE . -27.36 19.88 -16.06
C1' LMT HE . -23.04 12.74 -18.57
C2' LMT HE . -22.70 14.13 -19.06
C3' LMT HE . -23.36 15.10 -18.10
C4' LMT HE . -24.87 14.82 -17.99
C5' LMT HE . -25.24 13.33 -18.01
C6' LMT HE . -26.71 13.17 -18.41
O1' LMT HE . -22.22 11.71 -19.13
O2' LMT HE . -21.28 14.34 -19.10
O3' LMT HE . -23.10 16.43 -18.59
O5' LMT HE . -24.41 12.53 -18.86
O6' LMT HE . -27.50 14.03 -17.61
C1 LMT HE . -21.95 10.78 -18.08
C2 LMT HE . -21.48 9.43 -18.59
C3 LMT HE . -21.34 8.48 -17.41
C4 LMT HE . -21.08 7.06 -17.88
C5 LMT HE . -20.69 6.14 -16.73
C6 LMT HE . -19.23 5.72 -16.86
C7 LMT HE . -18.84 4.66 -15.84
C8 LMT HE . -17.45 4.12 -16.11
MG BCL IE . -28.24 6.50 -30.93
CHA BCL IE . -26.57 5.40 -33.68
CHB BCL IE . -27.84 3.54 -29.45
CHC BCL IE . -29.58 7.85 -28.09
CHD BCL IE . -28.40 9.72 -32.34
NA BCL IE . -27.46 4.75 -31.48
C1A BCL IE . -26.86 4.46 -32.57
C2A BCL IE . -26.46 3.01 -32.68
C3A BCL IE . -27.08 2.42 -31.45
C4A BCL IE . -27.50 3.65 -30.72
CMA BCL IE . -28.28 1.54 -31.78
CAA BCL IE . -24.96 2.84 -32.64
CBA BCL IE . -24.63 1.40 -32.96
CGA BCL IE . -23.13 1.20 -32.95
O1A BCL IE . -22.39 2.09 -32.56
O2A BCL IE . -22.59 -0.06 -33.41
NB BCL IE . -28.64 5.82 -29.03
C1B BCL IE . -28.44 4.57 -28.59
C2B BCL IE . -28.82 4.29 -27.18
C3B BCL IE . -29.36 5.60 -26.79
C4B BCL IE . -29.20 6.44 -28.00
CMB BCL IE . -28.68 2.98 -26.47
CAB BCL IE . -29.94 6.05 -25.47
OBB BCL IE . -30.05 7.23 -25.24
CBB BCL IE . -30.40 5.04 -24.46
NC BCL IE . -28.97 8.30 -30.37
C1C BCL IE . -29.47 8.62 -29.17
C2C BCL IE . -29.99 10.01 -29.07
C3C BCL IE . -30.00 10.38 -30.52
C4C BCL IE . -29.07 9.36 -31.09
CMC BCL IE . -31.40 10.03 -28.50
CAC BCL IE . -29.53 11.81 -30.79
CBC BCL IE . -28.31 12.20 -29.99
ND BCL IE . -27.64 7.50 -32.60
C1D BCL IE . -27.74 8.73 -33.14
C2D BCL IE . -27.11 8.84 -34.49
C3D BCL IE . -26.65 7.46 -34.66
C4D BCL IE . -27.00 6.78 -33.57
CMD BCL IE . -26.88 9.90 -35.53
CAD BCL IE . -25.93 6.57 -35.60
OBD BCL IE . -25.46 6.90 -36.74
CBD BCL IE . -25.87 5.21 -34.99
CGD BCL IE . -26.56 4.20 -35.85
O1D BCL IE . -27.69 4.41 -36.26
O2D BCL IE . -25.90 2.96 -36.19
CED BCL IE . -26.68 1.84 -36.57
C1 BCL IE . -21.19 -0.30 -33.33
C2 BCL IE . -20.99 -1.67 -32.74
C3 BCL IE . -21.10 -2.75 -33.52
C4 BCL IE . -21.45 -2.60 -34.97
C5 BCL IE . -20.88 -4.13 -32.93
C6 BCL IE . -21.28 -4.20 -31.47
C7 BCL IE . -20.95 -5.58 -30.91
C8 BCL IE . -19.84 -5.52 -29.86
C9 BCL IE . -20.00 -4.33 -28.95
C10 BCL IE . -18.47 -5.54 -30.53
C11 BCL IE . -17.63 -6.70 -30.01
C12 BCL IE . -16.91 -7.43 -31.13
C13 BCL IE . -17.69 -8.67 -31.56
C14 BCL IE . -17.47 -9.83 -30.60
C15 BCL IE . -17.33 -9.04 -32.99
C16 BCL IE . -17.79 -10.45 -33.34
C17 BCL IE . -17.85 -10.66 -34.85
C18 BCL IE . -19.28 -10.85 -35.30
C19 BCL IE . -19.97 -11.94 -34.48
C20 BCL IE . -19.36 -11.16 -36.80
MG BCL JE . -22.48 11.28 -36.51
CHA BCL JE . -22.20 8.00 -35.56
CHB BCL JE . -20.24 10.78 -38.96
CHC BCL JE . -22.52 14.61 -37.10
CHD BCL JE . -24.35 11.92 -33.60
NA BCL JE . -21.50 9.68 -37.22
C1A BCL JE . -21.55 8.47 -36.80
C2A BCL JE . -20.72 7.51 -37.58
C3A BCL JE . -19.94 8.42 -38.50
C4A BCL JE . -20.60 9.72 -38.22
CMA BCL JE . -18.47 8.47 -38.12
CAA BCL JE . -21.54 6.49 -38.36
CBA BCL JE . -20.65 5.27 -38.62
CGA BCL JE . -20.42 5.15 -40.10
O1A BCL JE . -21.04 4.33 -40.75
O2A BCL JE . -19.48 6.02 -40.77
NB BCL JE . -21.51 12.52 -37.81
C1B BCL JE . -20.64 12.17 -38.78
C2B BCL JE . -20.08 13.26 -39.62
C3B BCL JE . -20.78 14.42 -39.04
C4B BCL JE . -21.63 13.85 -37.97
CMB BCL JE . -19.08 13.13 -40.74
CAB BCL JE . -20.73 15.88 -39.41
OBB BCL JE . -21.60 16.64 -39.03
CBB BCL JE . -19.59 16.39 -40.24
NC BCL JE . -23.34 12.89 -35.66
C1C BCL JE . -23.24 14.16 -36.11
C2C BCL JE . -24.07 15.14 -35.34
C3C BCL JE . -24.67 14.28 -34.29
C4C BCL JE . -24.06 12.95 -34.60
CMC BCL JE . -23.18 16.19 -34.69
CAC BCL JE . -26.18 14.21 -34.38
CBC BCL JE . -26.81 15.13 -33.37
ND BCL JE . -23.16 10.30 -34.86
C1D BCL JE . -23.91 10.56 -33.78
C2D BCL JE . -24.14 9.38 -32.89
C3D BCL JE . -23.43 8.36 -33.67
C4D BCL JE . -22.93 8.95 -34.76
CMD BCL JE . -24.84 9.12 -31.60
CAD BCL JE . -23.06 6.93 -33.66
OBD BCL JE . -23.39 6.06 -32.77
CBD BCL JE . -22.29 6.64 -34.92
CGD BCL JE . -21.01 5.90 -34.66
O1D BCL JE . -20.03 6.42 -34.20
O2D BCL JE . -20.96 4.49 -35.01
CED BCL JE . -19.69 3.87 -35.18
C1 BCL JE . -19.69 6.29 -42.16
C2 BCL JE . -20.94 7.13 -42.22
C3 BCL JE . -20.91 8.42 -42.55
C4 BCL JE . -19.60 9.08 -42.91
C5 BCL JE . -22.21 9.18 -42.58
C6 BCL JE . -21.98 10.63 -42.16
C7 BCL JE . -23.17 11.15 -41.37
C8 BCL JE . -23.78 12.40 -42.00
C9 BCL JE . -23.47 12.49 -43.49
C10 BCL JE . -23.33 13.64 -41.23
C11 BCL JE . -23.17 14.85 -42.15
C12 BCL JE . -23.79 16.09 -41.52
C13 BCL JE . -23.82 17.25 -42.52
C14 BCL JE . -22.41 17.78 -42.76
C15 BCL JE . -24.72 18.35 -41.96
C16 BCL JE . -24.73 19.58 -42.86
C17 BCL JE . -25.78 19.44 -43.95
C18 BCL JE . -26.90 20.45 -43.78
C19 BCL JE . -28.15 20.02 -44.55
C20 BCL JE . -26.46 21.85 -44.18
C1M CRT KE . -15.63 -18.24 -41.37
O1 CRT KE . -16.75 -17.50 -41.83
C1 CRT KE . -16.60 -16.44 -42.76
C2 CRT KE . -15.83 -15.32 -42.07
C3 CRT KE . -15.85 -16.93 -43.98
C4 CRT KE . -18.01 -15.98 -43.17
C5 CRT KE . -18.47 -14.82 -42.32
C6 CRT KE . -19.38 -13.96 -42.78
C7 CRT KE . -19.77 -12.83 -41.93
C8 CRT KE . -19.73 -12.97 -40.45
C9 CRT KE . -20.15 -11.68 -42.51
C10 CRT KE . -20.51 -10.51 -41.71
C11 CRT KE . -20.34 -9.32 -42.29
C12 CRT KE . -20.63 -8.04 -41.62
C13 CRT KE . -21.54 -7.99 -40.44
C14 CRT KE . -20.03 -6.93 -42.10
C15 CRT KE . -20.19 -5.60 -41.52
C16 CRT KE . -19.52 -4.58 -42.07
C17 CRT KE . -19.59 -3.21 -41.54
C18 CRT KE . -20.65 -2.80 -40.56
C19 CRT KE . -18.66 -2.31 -41.92
C20 CRT KE . -18.63 -0.95 -41.40
C21 CRT KE . -17.52 -0.22 -41.55
C22 CRT KE . -17.42 1.12 -40.99
C23 CRT KE . -16.34 1.91 -41.18
C24 CRT KE . -15.18 1.45 -42.00
C25 CRT KE . -16.34 3.23 -40.53
C26 CRT KE . -15.24 3.98 -40.39
C27 CRT KE . -15.40 5.25 -39.69
C28 CRT KE . -14.38 6.06 -39.37
C29 CRT KE . -12.96 5.75 -39.76
C30 CRT KE . -14.72 7.28 -38.62
C31 CRT KE . -13.84 8.11 -38.08
C32 CRT KE . -14.45 9.23 -37.35
C33 CRT KE . -13.82 10.19 -36.67
C34 CRT KE . -12.32 10.27 -36.58
C35 CRT KE . -14.70 11.19 -36.03
C36 CRT KE . -14.30 12.10 -35.17
C37 CRT KE . -15.38 13.01 -34.65
C38 CRT KE . -15.36 13.12 -33.13
C39 CRT KE . -16.07 14.38 -32.70
C40 CRT KE . -16.02 11.90 -32.51
O2 CRT KE . -14.01 13.14 -32.69
C2M CRT KE . -13.73 13.48 -31.33
MG BCL LE . -16.12 15.69 -39.39
CHA BCL LE . -13.58 14.75 -41.46
CHB BCL LE . -16.55 12.51 -38.42
CHC BCL LE . -18.22 16.80 -36.97
CHD BCL LE . -15.44 19.07 -40.13
NA BCL LE . -15.31 13.93 -39.91
C1A BCL LE . -14.36 13.71 -40.74
C2A BCL LE . -14.06 12.25 -40.95
C3A BCL LE . -15.11 11.57 -40.11
C4A BCL LE . -15.71 12.74 -39.42
CMA BCL LE . -16.14 10.83 -40.96
CAA BCL LE . -12.68 11.85 -40.44
CBA BCL LE . -12.54 10.34 -40.56
CGA BCL LE . -11.09 9.92 -40.42
O1A BCL LE . -10.62 9.67 -39.33
O2A BCL LE . -10.24 9.82 -41.58
NB BCL LE . -17.20 14.81 -37.90
C1B BCL LE . -17.30 13.49 -37.64
C2B BCL LE . -18.18 13.08 -36.52
C3B BCL LE . -18.69 14.40 -36.08
C4B BCL LE . -18.04 15.35 -37.00
CMB BCL LE . -18.42 11.67 -36.06
CAB BCL LE . -19.64 14.75 -34.97
OBB BCL LE . -19.87 15.92 -34.71
CBB BCL LE . -20.33 13.66 -34.20
NC BCL LE . -16.80 17.48 -38.78
C1C BCL LE . -17.66 17.70 -37.76
C2C BCL LE . -18.01 19.13 -37.54
C3C BCL LE . -17.46 19.73 -38.81
C4C BCL LE . -16.54 18.65 -39.26
CMC BCL LE . -19.52 19.30 -37.48
CAC BCL LE . -16.73 21.05 -38.57
CBC BCL LE . -15.84 21.04 -37.34
ND BCL LE . -14.81 16.81 -40.50
C1D BCL LE . -14.59 18.09 -40.80
C2D BCL LE . -13.47 18.32 -41.75
C3D BCL LE . -13.08 16.92 -41.99
C4D BCL LE . -13.90 16.14 -41.27
CMD BCL LE . -12.77 19.47 -42.41
CAD BCL LE . -12.14 16.06 -42.75
OBD BCL LE . -11.22 16.47 -43.54
CBD BCL LE . -12.43 14.63 -42.42
CGD BCL LE . -12.80 13.85 -43.65
O1D BCL LE . -13.62 14.25 -44.44
O2D BCL LE . -12.14 12.59 -43.90
CED BCL LE . -12.87 11.49 -44.43
C1 BCL LE . -9.19 8.87 -41.53
C2 BCL LE . -9.40 7.84 -42.60
C3 BCL LE . -9.11 6.55 -42.36
C4 BCL LE . -8.62 6.16 -41.01
C5 BCL LE . -9.31 5.50 -43.42
C6 BCL LE . -8.96 6.02 -44.81
C7 BCL LE . -10.20 6.49 -45.58
C8 BCL LE . -10.39 5.67 -46.87
C9 BCL LE . -9.58 6.26 -48.02
C10 BCL LE . -11.87 5.61 -47.21
C11 BCL LE . -12.46 7.00 -47.43
C12 BCL LE . -13.96 6.91 -47.70
C13 BCL LE . -14.56 8.25 -48.07
C14 BCL LE . -14.40 9.26 -46.93
C15 BCL LE . -16.03 8.07 -48.42
C1B LMT ME . -24.92 31.80 -41.35
C2B LMT ME . -26.19 31.99 -40.53
C3B LMT ME . -27.36 32.38 -41.42
C4B LMT ME . -26.98 33.56 -42.32
C5B LMT ME . -25.64 33.32 -43.01
C6B LMT ME . -25.21 34.53 -43.81
O1B LMT ME . -25.08 30.73 -42.29
O2B LMT ME . -26.49 30.77 -39.82
O3B LMT ME . -28.49 32.76 -40.62
O4' LMT ME . -28.01 33.75 -43.29
O5B LMT ME . -24.64 33.01 -42.05
O6B LMT ME . -25.02 35.64 -42.92
C1' LMT ME . -24.35 27.24 -43.03
C2' LMT ME . -24.44 27.77 -41.61
C3' LMT ME . -23.61 29.03 -41.41
C4' LMT ME . -23.85 30.06 -42.52
C5' LMT ME . -23.82 29.40 -43.89
C6' LMT ME . -22.84 30.12 -44.81
O1' LMT ME . -23.90 25.90 -43.03
O2' LMT ME . -25.82 28.07 -41.32
O3' LMT ME . -22.22 28.70 -41.40
O5' LMT ME . -23.42 28.04 -43.79
O6' LMT ME . -22.92 29.56 -46.12
C1 LMT ME . -24.15 25.26 -44.28
C2 LMT ME . -22.91 24.48 -44.72
C3 LMT ME . -22.49 23.46 -43.68
C4 LMT ME . -21.16 22.84 -44.07
C5 LMT ME . -20.69 21.80 -43.05
C6 LMT ME . -19.20 21.94 -42.80
C7 LMT ME . -18.60 20.69 -42.19
C8 LMT ME . -18.69 19.50 -43.13
C9 LMT ME . -17.80 18.37 -42.64
C10 LMT ME . -17.93 17.11 -43.49
C11 LMT ME . -17.13 15.97 -42.90
C12 LMT ME . -17.33 14.70 -43.67
MG BCL NE . -8.05 20.14 -41.40
CHA BCL NE . -8.47 16.75 -41.16
CHB BCL NE . -5.06 19.68 -42.86
CHC BCL NE . -7.53 23.50 -41.23
CHD BCL NE . -10.86 20.62 -39.36
NA BCL NE . -7.00 18.54 -42.01
C1A BCL NE . -7.33 17.30 -41.93
C2A BCL NE . -6.32 16.35 -42.52
C3A BCL NE . -5.15 17.27 -42.77
C4A BCL NE . -5.78 18.60 -42.54
CMA BCL NE . -4.00 17.04 -41.78
CAA BCL NE . -6.78 15.66 -43.79
CBA BCL NE . -6.29 14.21 -43.78
CGA BCL NE . -5.01 14.01 -44.54
O1A BCL NE . -4.75 12.94 -45.06
O2A BCL NE . -4.03 15.08 -44.66
NB BCL NE . -6.52 21.40 -41.93
C1B BCL NE . -5.38 21.08 -42.55
C2B BCL NE . -4.43 22.17 -42.86
C3B BCL NE . -5.20 23.34 -42.35
C4B BCL NE . -6.45 22.73 -41.84
CMB BCL NE . -3.09 22.04 -43.51
CAB BCL NE . -4.87 24.80 -42.35
OBB BCL NE . -5.75 25.62 -42.26
CBB BCL NE . -3.43 25.23 -42.45
NC BCL NE . -9.03 21.73 -40.64
C1C BCL NE . -8.67 23.01 -40.75
C2C BCL NE . -9.67 23.99 -40.23
C3C BCL NE . -10.66 23.07 -39.59
C4C BCL NE . -10.11 21.73 -39.92
CMC BCL NE . -9.04 24.90 -39.18
CAC BCL NE . -12.06 23.25 -40.16
CBC BCL NE . -12.83 24.29 -39.38
ND BCL NE . -9.41 19.03 -40.39
C1D BCL NE . -10.50 19.25 -39.65
C2D BCL NE . -11.17 18.01 -39.18
C3D BCL NE . -10.31 17.01 -39.83
C4D BCL NE . -9.37 17.67 -40.49
CMD BCL NE . -12.37 17.67 -38.33
CAD BCL NE . -10.11 15.56 -39.98
OBD BCL NE . -10.87 14.64 -39.48
CBD BCL NE . -8.93 15.34 -40.89
CGD BCL NE . -7.95 14.32 -40.38
O1D BCL NE . -7.17 14.54 -39.48
O2D BCL NE . -7.95 13.02 -41.02
CED BCL NE . -6.84 12.14 -40.88
C1 BCL NE . -3.33 15.27 -45.90
C2 BCL NE . -3.69 16.64 -46.43
C3 BCL NE . -2.81 17.65 -46.34
C4 BCL NE . -1.47 17.42 -45.71
C5 BCL NE . -3.17 19.01 -46.87
C6 BCL NE . -4.61 19.34 -46.45
C7 BCL NE . -5.02 20.74 -46.89
C8 BCL NE . -6.19 21.21 -46.03
C9 BCL NE . -7.30 20.19 -46.08
C10 BCL NE . -6.70 22.56 -46.53
C11 BCL NE . -5.84 23.71 -46.02
C12 BCL NE . -6.63 25.02 -46.02
C13 BCL NE . -5.75 26.24 -46.29
C14 BCL NE . -4.28 25.99 -45.97
C15 BCL NE . -6.29 27.42 -45.50
C16 BCL NE . -7.36 28.15 -46.29
C17 BCL NE . -7.43 29.61 -45.90
C18 BCL NE . -7.53 30.51 -47.13
C19 BCL NE . -6.98 31.90 -46.83
C20 BCL NE . -8.95 30.57 -47.67
C1B LMT OE . -5.83 39.58 -42.88
C2B LMT OE . -6.83 40.71 -43.12
C3B LMT OE . -6.60 41.89 -42.18
C4B LMT OE . -5.16 42.38 -42.21
C5B LMT OE . -4.19 41.28 -42.63
C6B LMT OE . -2.79 41.56 -42.08
O1B LMT OE . -5.48 39.02 -44.16
O2B LMT OE . -6.76 41.14 -44.49
O3B LMT OE . -6.96 41.51 -40.84
O4' LMT OE . -5.03 43.50 -43.08
O5B LMT OE . -4.67 40.02 -42.17
O6B LMT OE . -2.35 42.83 -42.58
C1' LMT OE . -4.84 34.95 -45.12
C2' LMT OE . -6.11 35.31 -44.34
C3' LMT OE . -6.45 36.80 -44.36
C4' LMT OE . -5.20 37.62 -44.11
C5' LMT OE . -4.21 37.25 -45.20
C6' LMT OE . -3.00 38.18 -45.22
O1' LMT OE . -4.39 33.68 -44.64
O2' LMT OE . -7.21 34.59 -44.91
O3' LMT OE . -7.47 37.05 -43.40
O5' LMT OE . -3.79 35.91 -44.97
O6' LMT OE . -3.45 39.53 -45.26
C1 LMT OE . -3.54 33.03 -45.57
C2 LMT OE . -3.48 31.54 -45.26
C3 LMT OE . -2.55 31.23 -44.10
C4 LMT OE . -2.37 29.72 -43.98
C5 LMT OE . -1.13 29.36 -43.15
C6 LMT OE . -0.87 27.86 -43.23
C7 LMT OE . -0.76 27.42 -44.68
C8 LMT OE . -0.88 25.90 -44.81
C9 LMT OE . 0.07 25.20 -43.84
C10 LMT OE . -0.01 23.69 -43.99
C11 LMT OE . 0.17 23.25 -45.44
C12 LMT OE . 0.16 21.74 -45.54
C1M CRT PE . -5.62 -8.42 -54.64
O1 CRT PE . -5.56 -7.16 -53.97
C1 CRT PE . -6.66 -6.26 -53.97
C2 CRT PE . -6.90 -5.78 -55.40
C3 CRT PE . -7.90 -6.97 -53.44
C4 CRT PE . -6.31 -5.10 -53.06
C5 CRT PE . -5.34 -4.17 -53.75
C6 CRT PE . -5.19 -2.87 -53.51
C7 CRT PE . -5.91 -1.99 -52.55
C8 CRT PE . -7.39 -2.09 -52.26
C9 CRT PE . -5.19 -1.03 -51.95
C10 CRT PE . -5.79 -0.09 -51.00
C11 CRT PE . -5.15 1.07 -50.81
C12 CRT PE . -5.64 2.11 -49.88
C13 CRT PE . -6.95 1.92 -49.15
C14 CRT PE . -4.89 3.20 -49.70
C15 CRT PE . -5.25 4.30 -48.81
C16 CRT PE . -4.45 5.36 -48.81
C17 CRT PE . -4.66 6.54 -47.94
C18 CRT PE . -5.98 6.78 -47.27
C19 CRT PE . -3.62 7.37 -47.75
C20 CRT PE . -3.70 8.54 -46.88
C21 CRT PE . -2.59 9.19 -46.56
C22 CRT PE . -2.65 10.34 -45.66
C23 CRT PE . -1.55 10.86 -45.10
C24 CRT PE . -0.20 10.27 -45.38
C25 CRT PE . -1.69 12.00 -44.19
C26 CRT PE . -0.69 12.48 -43.43
C27 CRT PE . -1.05 13.59 -42.56
C28 CRT PE . -0.20 14.23 -41.73
C29 CRT PE . 1.24 13.85 -41.61
C30 CRT PE . -0.76 15.31 -40.90
C31 CRT PE . -0.12 15.92 -39.92
C32 CRT PE . -0.91 16.95 -39.25
C33 CRT PE . -0.50 17.73 -38.24
C34 CRT PE . 0.88 17.63 -37.67
C35 CRT PE . -1.50 18.68 -37.74
C36 CRT PE . -1.31 19.52 -36.72
C37 CRT PE . -2.49 20.40 -36.39
C38 CRT PE . -3.00 20.10 -35.00
C39 CRT PE . -3.89 21.24 -34.51
C40 CRT PE . -3.75 18.78 -34.98
O2 CRT PE . -1.88 19.96 -34.12
C2M CRT PE . -2.06 19.94 -32.71
MG BCL QE . -0.77 23.80 -40.39
CHA BCL QE . 2.28 22.76 -41.51
CHB BCL QE . -1.89 20.64 -40.43
CHC BCL QE . -3.63 24.89 -38.89
CHD BCL QE . 0.48 27.08 -40.07
NA BCL QE . 0.00 22.02 -40.95
C1A BCL QE . 1.19 21.77 -41.37
C2A BCL QE . 1.43 20.32 -41.73
C3A BCL QE . 0.06 19.71 -41.50
C4A BCL QE . -0.67 20.86 -40.91
CMA BCL QE . -0.60 19.24 -42.79
CAA BCL QE . 2.45 19.61 -40.85
CBA BCL QE . 2.70 18.20 -41.39
CGA BCL QE . 3.75 17.46 -40.60
O1A BCL QE . 3.96 17.73 -39.43
O2A BCL QE . 4.53 16.41 -41.24
NB BCL QE . -2.50 22.91 -39.73
C1B BCL QE . -2.82 21.61 -39.84
C2B BCL QE . -4.14 21.20 -39.31
C3B BCL QE . -4.67 22.49 -38.84
C4B BCL QE . -3.58 23.46 -39.17
CMB BCL QE . -4.68 19.80 -39.30
CAB BCL QE . -5.98 22.84 -38.19
OBB BCL QE . -6.23 23.99 -37.89
CBB BCL QE . -6.99 21.76 -37.91
NC BCL QE . -1.49 25.56 -39.76
C1C BCL QE . -2.69 25.78 -39.20
C2C BCL QE . -3.00 27.22 -38.92
C3C BCL QE . -1.84 27.88 -39.61
C4C BCL QE . -0.92 26.72 -39.83
CMC BCL QE . -4.30 27.65 -39.56
CAC BCL QE . -1.19 28.96 -38.76
CBC BCL QE . -0.97 28.53 -37.33
ND BCL QE . 0.96 24.83 -40.66
C1D BCL QE . 1.41 26.09 -40.56
C2D BCL QE . 2.84 26.26 -40.96
C3D BCL QE . 3.14 24.87 -41.33
C4D BCL QE . 2.04 24.14 -41.15
CMD BCL QE . 3.87 27.34 -41.05
CAD BCL QE . 4.23 24.01 -41.84
OBD BCL QE . 5.41 24.41 -42.11
CBD BCL QE . 3.70 22.62 -41.97
CGD BCL QE . 3.80 22.15 -43.39
O1D BCL QE . 3.36 22.82 -44.31
O2D BCL QE . 4.45 20.89 -43.69
CED BCL QE . 4.49 20.43 -45.03
C1 BCL QE . 5.47 15.62 -40.49
C2 BCL QE . 5.14 14.15 -40.62
C3 BCL QE . 5.68 13.38 -41.57
C4 BCL QE . 6.65 13.97 -42.56
C5 BCL QE . 5.35 11.92 -41.66
C6 BCL QE . 3.94 11.67 -41.15
C7 BCL QE . 3.58 10.20 -41.18
C8 BCL QE . 3.05 9.77 -42.54
C9 BCL QE . 1.69 9.09 -42.38
C10 BCL QE . 4.06 8.86 -43.21
C11 BCL QE . 3.41 7.85 -44.14
C12 BCL QE . 4.35 6.69 -44.44
C13 BCL QE . 3.90 5.95 -45.70
C14 BCL QE . 4.66 4.65 -45.89
C15 BCL QE . 4.09 6.87 -46.90
C16 BCL QE . 2.86 6.89 -47.80
C17 BCL QE . 3.23 7.34 -49.20
C18 BCL QE . 3.56 8.84 -49.26
C19 BCL QE . 2.56 9.65 -48.43
C20 BCL QE . 3.60 9.33 -50.70
MG BCL RE . 7.68 27.07 -38.21
CHA BCL RE . 6.84 23.80 -38.81
CHB BCL RE . 10.92 26.33 -38.58
CHC BCL RE . 8.42 30.24 -37.23
CHD BCL RE . 4.35 27.73 -37.31
NA BCL RE . 8.70 25.42 -38.71
C1A BCL RE . 8.25 24.24 -38.96
C2A BCL RE . 9.31 23.22 -39.29
C3A BCL RE . 10.56 23.98 -38.98
C4A BCL RE . 10.04 25.35 -38.74
CMA BCL RE . 11.27 23.44 -37.74
CAA BCL RE . 9.24 22.70 -40.72
CBA BCL RE . 10.57 22.78 -41.45
CGA BCL RE . 11.55 21.68 -41.10
O1A BCL RE . 11.35 20.91 -40.17
O2A BCL RE . 12.74 21.56 -41.90
NB BCL RE . 9.41 28.13 -37.91
C1B BCL RE . 10.67 27.70 -38.13
C2B BCL RE . 11.76 28.66 -37.87
C3B BCL RE . 10.99 29.85 -37.46
C4B BCL RE . 9.57 29.40 -37.54
CMB BCL RE . 13.24 28.39 -38.03
CAB BCL RE . 11.45 31.22 -37.05
OBB BCL RE . 10.65 32.14 -36.99
CBB BCL RE . 12.89 31.46 -36.74
NC BCL RE . 6.64 28.67 -37.54
C1C BCL RE . 7.15 29.87 -37.24
C2C BCL RE . 6.14 30.89 -36.84
C3C BCL RE . 4.88 30.09 -36.84
C4C BCL RE . 5.38 28.75 -37.29
CMC BCL RE . 6.45 31.42 -35.46
CAC BCL RE . 3.85 30.60 -37.84
CBC BCL RE . 2.96 31.64 -37.19
ND BCL RE . 5.92 26.08 -38.02
C1D BCL RE . 4.65 26.37 -37.71
C2D BCL RE . 3.72 25.21 -37.79
C3D BCL RE . 4.66 24.19 -38.24
C4D BCL RE . 5.86 24.76 -38.36
CMD BCL RE . 2.27 24.97 -37.54
CAD BCL RE . 4.75 22.75 -38.59
OBD BCL RE . 3.77 21.92 -38.60
CBD BCL RE . 6.17 22.47 -39.00
CGD BCL RE . 6.78 21.25 -38.35
O1D BCL RE . 7.11 21.24 -37.18
O2D BCL RE . 6.94 20.06 -39.16
CED BCL RE . 7.86 19.05 -38.78
C1 BCL RE . 13.95 22.19 -41.50
C2 BCL RE . 14.13 23.35 -42.44
C3 BCL RE . 13.94 24.61 -41.99
C4 BCL RE . 13.59 24.82 -40.55
C5 BCL RE . 14.11 25.79 -42.92
C6 BCL RE . 13.17 26.91 -42.49
C7 BCL RE . 11.73 26.61 -42.92
C8 BCL RE . 10.77 27.78 -42.67
C9 BCL RE . 10.36 28.37 -44.02
C10 BCL RE . 11.37 28.84 -41.76
C11 BCL RE . 10.69 30.19 -41.96
C12 BCL RE . 10.83 31.08 -40.74
C13 BCL RE . 11.62 32.35 -41.07
C14 BCL RE . 13.05 32.00 -41.46
C15 BCL RE . 11.58 33.28 -39.86
C16 BCL RE . 12.24 34.62 -40.15
C17 BCL RE . 11.20 35.69 -40.49
C18 BCL RE . 11.57 36.46 -41.75
C19 BCL RE . 13.06 36.45 -42.03
C20 BCL RE . 11.04 37.90 -41.66
C1M CRT SE . 14.33 -0.39 -51.15
O1 CRT SE . 14.11 0.85 -51.80
C1 CRT SE . 15.22 1.71 -52.06
C2 CRT SE . 15.86 2.10 -50.74
C3 CRT SE . 16.21 0.96 -52.92
C4 CRT SE . 14.74 2.95 -52.81
C5 CRT SE . 13.59 3.66 -52.14
C6 CRT SE . 13.78 4.86 -51.59
C7 CRT SE . 12.69 5.61 -50.94
C8 CRT SE . 11.26 5.30 -51.26
C9 CRT SE . 12.99 6.60 -50.08
C10 CRT SE . 11.98 7.41 -49.41
C11 CRT SE . 12.37 8.58 -48.92
C12 CRT SE . 11.51 9.54 -48.20
C13 CRT SE . 10.01 9.40 -48.14
C14 CRT SE . 12.12 10.56 -47.60
C15 CRT SE . 11.45 11.60 -46.82
C16 CRT SE . 12.26 12.57 -46.36
C17 CRT SE . 11.81 13.68 -45.52
C18 CRT SE . 10.38 14.15 -45.50
C19 CRT SE . 12.74 14.26 -44.77
C20 CRT SE . 12.48 15.35 -43.84
C21 CRT SE . 13.49 15.82 -43.12
C22 CRT SE . 13.25 16.88 -42.15
C23 CRT SE . 14.20 17.24 -41.29
C24 CRT SE . 15.55 16.58 -41.32
C25 CRT SE . 13.89 18.28 -40.30
C26 CRT SE . 14.66 18.54 -39.24
C27 CRT SE . 14.17 19.57 -38.35
C28 CRT SE . 14.65 19.82 -37.13
C29 CRT SE . 15.81 19.06 -36.55
C30 CRT SE . 13.97 20.88 -36.37
C31 CRT SE . 14.17 21.15 -35.08
C32 CRT SE . 13.35 22.24 -34.57
C33 CRT SE . 13.33 22.65 -33.31
C34 CRT SE . 14.19 22.02 -32.26
C35 CRT SE . 12.42 23.76 -32.99
C36 CRT SE . 12.25 24.26 -31.78
C37 CRT SE . 11.27 25.39 -31.65
C38 CRT SE . 10.22 25.11 -30.58
C39 CRT SE . 9.38 26.36 -30.37
C40 CRT SE . 9.36 23.93 -30.99
O2 CRT SE . 10.88 24.75 -29.36
C2M CRT SE . 10.16 24.71 -28.13
#